data_7L58
#
_entry.id   7L58
#
_cell.length_a   1.00
_cell.length_b   1.00
_cell.length_c   1.00
_cell.angle_alpha   90.00
_cell.angle_beta   90.00
_cell.angle_gamma   90.00
#
_symmetry.space_group_name_H-M   'P 1'
#
loop_
_entity.id
_entity.type
_entity.pdbx_description
1 polymer 'Spike glycoprotein'
2 polymer 'Fab H4 variable domain heavy chain'
3 polymer 'Fab H4 variable domain light chain'
4 branched 2-acetamido-2-deoxy-beta-D-glucopyranose-(1-4)-2-acetamido-2-deoxy-beta-D-glucopyranose
5 non-polymer 2-acetamido-2-deoxy-beta-D-glucopyranose
#
loop_
_entity_poly.entity_id
_entity_poly.type
_entity_poly.pdbx_seq_one_letter_code
_entity_poly.pdbx_strand_id
1 'polypeptide(L)'
;MFVFLVLLPLVSSQCVNLTTRTQLPPAYTNSFTRGVYYPDKVFRSSVLHSTQDLFLPFFSNVTWFHAIHVSGTNGTKRFD
NPVLPFNDGVYFASTEKSNIIRGWIFGTTLDSKTQSLLIVNNATNVVIKVCEFQFCNDPFLGVYYHKNNKSWMESEFRVY
SSANNCTFEYVSQPFLMDLEGKQGNFKNLREFVFKNIDGYFKIYSKHTPINLVRDLPQGFSALEPLVDLPIGINITRFQT
LLALHRSYLTPGDSSSGWTAGAAAYYVGYLQPRTFLLKYNENGTITDAVDCALDPLSETKCTLKSFTVEKGIYQTSNFRV
QPTESIVRFPNITNLCPFGEVFNATRFASVYAWNRKRISNCVADYSVLYNSASFSTFKCYGVSPTKLNDLCFTNVYADSF
VIRGDEVRQIAPGQTGKIADYNYKLPDDFTGCVIAWNSNNLDSKVGGNYNYLYRLFRKSNLKPFERDISTEIYQAGSTPC
NGVEGFNCYFPLQSYGFQPTNGVGYQPYRVVVLSFELLHAPATVCGPKKSTNLVKNKCVNFNFNGLTGTGVLTESNKKFL
PFQQFGRDIADTTDAVRDPQTLEILDITPCSFGGVSVITPGTNTSNQVAVLYQDVNCTEVPVAIHADQLTPTWRVYSTGS
NVFQTRAGCLIGAEHVNNSYECDIPIGAGICASYQTQTNSPGSASSVASQSIIAYTMSLGAENSVAYSNNSIAIPTNFTI
SVTTEILPVSMTKTSVDCTMYICGDSTECSNLLLQYGSFCTQLNRALTGIAVEQDKNTQEVFAQVKQIYKTPPIKDFGGF
NFSQILPDPSKPSKRSFIEDLLFNKVTLADAGFIKQYGDCLGDIAARDLICAQKFNGLTVLPPLLTDEMIAQYTSALLAG
TITSGWTFGAGAALQIPFAMQMAYRFNGIGVTQNVLYENQKLIANQFNSAIGKIQDSLSSTASALGKLQDVVNQNAQALN
TLVKQLSSNFGAISSVLNDILSRLDPPEAEVQIDRLITGRLQSLQTYVTQQLIRAAEIRASANLAATKMSECVLGQSKRV
DFCGKGYHLMSFPQSAPHGVVFLHVTYVPAQEKNFTTAPAICHDGKAHFPREGVFVSNGTHWFVTQRNFYEPQIITTDNT
FVSGNCDVVIGIVNNTVYDPLQPELDSFKEELDKYFKNHTSPDVDLGDISGINASVVNIQKEIDRLNEVAKNLNESLIDL
QELGKYEQGSGYIPEAPRDGQAYVRKDGEWVLLSTFLGRSLEVLFQGPGHHHHHHHHSAWSHPQFEKGGGSGGGGSGGSA
WSHPQFEK
;
A,B,C
2 'polypeptide(L)'
;QVQLVQSGAEVKKPGASVKVSCKASGYTFTGYYMHWVRQAPGQGLEWMGRINPNSGGTNYAQKFQGRVTMTRDTSISTAY
MELSRLRSDDTAVYYCARVPYCSSTSCHRDWYFDLWGRGTLVT
;
H
3 'polypeptide(L)'
;DIQMTQSPLSLPVTPGEPASISCRSSQSLLDSDDGNTYLDWYLQKPGQSPQLLIYTLSYRASGVPDRFSGSGSGTDFTLK
ISRVEAEDVGVYYCMQRIEFPLTFGGGTKVEI
;
L
#
loop_
_chem_comp.id
_chem_comp.type
_chem_comp.name
_chem_comp.formula
NAG D-saccharide, beta linking 2-acetamido-2-deoxy-beta-D-glucopyranose 'C8 H15 N O6'
#
# COMPACT_ATOMS: atom_id res chain seq x y z
N GLN A 14 -55.04 9.75 -47.23
CA GLN A 14 -55.24 10.95 -46.36
C GLN A 14 -55.21 10.54 -44.90
N CYS A 15 -55.05 11.50 -44.00
CA CYS A 15 -55.46 11.39 -42.62
C CYS A 15 -56.61 12.37 -42.34
N VAL A 16 -57.59 11.91 -41.54
CA VAL A 16 -58.73 12.71 -41.14
C VAL A 16 -58.99 12.47 -39.66
N ASN A 17 -59.80 13.34 -39.06
CA ASN A 17 -60.17 13.21 -37.65
C ASN A 17 -60.90 11.91 -37.39
N LEU A 18 -60.55 11.24 -36.29
CA LEU A 18 -61.46 10.31 -35.62
C LEU A 18 -62.54 11.08 -34.87
N THR A 19 -63.79 10.72 -35.11
CA THR A 19 -64.95 11.45 -34.61
C THR A 19 -65.97 10.45 -34.09
N THR A 20 -66.95 10.97 -33.35
CA THR A 20 -68.00 10.22 -32.69
C THR A 20 -67.52 9.35 -31.53
N ARG A 21 -66.27 9.47 -31.12
CA ARG A 21 -65.75 8.65 -30.03
C ARG A 21 -66.20 9.19 -28.68
N THR A 22 -66.52 8.28 -27.75
CA THR A 22 -67.01 8.61 -26.43
C THR A 22 -65.91 8.42 -25.38
N GLN A 23 -65.71 9.45 -24.57
CA GLN A 23 -64.80 9.40 -23.42
C GLN A 23 -65.41 8.62 -22.25
N LEU A 24 -64.68 7.62 -21.75
CA LEU A 24 -65.07 6.80 -20.62
C LEU A 24 -63.87 6.59 -19.70
N PRO A 25 -64.08 6.41 -18.39
CA PRO A 25 -62.95 6.50 -17.43
C PRO A 25 -62.05 5.28 -17.45
N PRO A 26 -60.89 5.34 -16.76
CA PRO A 26 -59.97 4.19 -16.71
C PRO A 26 -60.38 3.12 -15.71
N ALA A 27 -59.87 1.91 -15.95
CA ALA A 27 -59.82 0.82 -14.99
C ALA A 27 -58.41 0.67 -14.39
N TYR A 28 -58.26 -0.23 -13.42
CA TYR A 28 -56.96 -0.43 -12.78
C TYR A 28 -56.76 -1.80 -12.15
N THR A 29 -55.52 -2.30 -12.19
CA THR A 29 -55.18 -3.61 -11.64
C THR A 29 -53.77 -3.65 -11.03
N ASN A 30 -53.60 -4.48 -9.99
CA ASN A 30 -52.33 -4.59 -9.28
C ASN A 30 -51.24 -5.13 -10.18
N SER A 31 -50.00 -4.71 -9.95
CA SER A 31 -48.89 -5.20 -10.77
C SER A 31 -48.41 -6.56 -10.32
N PHE A 32 -49.02 -7.60 -10.86
CA PHE A 32 -48.65 -8.97 -10.56
C PHE A 32 -47.39 -9.48 -11.28
N THR A 33 -46.23 -8.98 -10.86
CA THR A 33 -44.90 -9.48 -11.25
C THR A 33 -44.44 -9.17 -12.68
N ARG A 34 -45.12 -8.33 -13.44
CA ARG A 34 -44.68 -7.96 -14.80
C ARG A 34 -43.58 -6.90 -14.76
N GLY A 35 -42.96 -6.70 -15.92
CA GLY A 35 -41.88 -5.72 -16.09
C GLY A 35 -40.55 -6.13 -15.49
N VAL A 36 -40.22 -7.41 -15.56
CA VAL A 36 -38.88 -7.94 -15.37
C VAL A 36 -38.48 -8.68 -16.65
N TYR A 37 -37.18 -8.70 -16.92
CA TYR A 37 -36.65 -9.11 -18.20
C TYR A 37 -35.21 -9.54 -17.99
N TYR A 38 -34.67 -10.25 -18.97
CA TYR A 38 -33.30 -10.71 -18.84
C TYR A 38 -32.36 -9.53 -18.91
N PRO A 39 -31.40 -9.39 -17.99
CA PRO A 39 -30.58 -8.17 -18.00
C PRO A 39 -29.41 -8.23 -18.97
N ASP A 40 -28.94 -9.44 -19.29
CA ASP A 40 -27.78 -9.59 -20.16
C ASP A 40 -27.86 -10.91 -20.92
N LYS A 41 -27.06 -10.98 -21.97
CA LYS A 41 -27.08 -12.05 -22.97
C LYS A 41 -26.38 -13.31 -22.50
N VAL A 42 -26.67 -13.79 -21.29
CA VAL A 42 -25.82 -14.73 -20.58
C VAL A 42 -26.67 -15.90 -20.14
N PHE A 43 -26.20 -17.10 -20.39
CA PHE A 43 -26.70 -18.30 -19.72
C PHE A 43 -26.18 -18.32 -18.28
N ARG A 44 -26.75 -17.46 -17.46
CA ARG A 44 -26.75 -17.65 -16.02
C ARG A 44 -27.65 -18.82 -15.69
N SER A 45 -27.20 -19.70 -14.81
CA SER A 45 -28.02 -20.85 -14.46
C SER A 45 -27.72 -21.30 -13.05
N SER A 46 -28.74 -21.91 -12.45
CA SER A 46 -28.77 -22.35 -11.05
C SER A 46 -28.22 -21.32 -10.05
N VAL A 47 -28.48 -20.05 -10.31
CA VAL A 47 -27.88 -18.95 -9.55
C VAL A 47 -28.96 -17.97 -9.15
N LEU A 48 -28.94 -17.59 -7.87
CA LEU A 48 -29.66 -16.43 -7.37
C LEU A 48 -28.75 -15.23 -7.53
N HIS A 49 -29.27 -14.18 -8.13
CA HIS A 49 -28.46 -13.01 -8.47
C HIS A 49 -29.25 -11.74 -8.24
N SER A 50 -28.66 -10.83 -7.45
CA SER A 50 -29.14 -9.46 -7.32
C SER A 50 -28.95 -8.70 -8.62
N THR A 51 -29.93 -8.84 -9.50
CA THR A 51 -29.99 -8.06 -10.73
C THR A 51 -30.48 -6.64 -10.42
N GLN A 52 -29.85 -5.67 -11.07
CA GLN A 52 -30.28 -4.27 -10.99
C GLN A 52 -30.62 -3.78 -12.39
N ASP A 53 -31.85 -3.31 -12.57
CA ASP A 53 -32.23 -2.72 -13.85
C ASP A 53 -33.49 -1.88 -13.71
N LEU A 54 -33.82 -1.20 -14.80
CA LEU A 54 -35.04 -0.39 -14.95
C LEU A 54 -36.23 -1.33 -14.99
N PHE A 55 -36.92 -1.46 -13.86
CA PHE A 55 -37.97 -2.45 -13.70
C PHE A 55 -39.25 -1.78 -13.24
N LEU A 56 -40.37 -2.31 -13.73
CA LEU A 56 -41.68 -1.96 -13.23
C LEU A 56 -41.80 -2.43 -11.79
N PRO A 57 -41.90 -1.57 -10.76
CA PRO A 57 -41.91 -2.09 -9.39
C PRO A 57 -43.13 -2.99 -9.17
N PHE A 58 -42.88 -4.17 -8.64
CA PHE A 58 -43.95 -5.15 -8.45
C PHE A 58 -44.98 -4.62 -7.47
N PHE A 59 -46.22 -5.06 -7.76
CA PHE A 59 -47.48 -4.71 -7.09
C PHE A 59 -47.84 -3.27 -7.43
N SER A 60 -47.51 -2.88 -8.66
CA SER A 60 -47.77 -1.55 -9.17
C SER A 60 -49.26 -1.27 -9.42
N ASN A 61 -49.65 -0.02 -9.17
CA ASN A 61 -51.03 0.43 -9.35
C ASN A 61 -51.45 0.35 -10.80
N VAL A 62 -50.53 0.73 -11.69
CA VAL A 62 -50.73 0.71 -13.14
C VAL A 62 -51.97 1.49 -13.60
N THR A 63 -52.70 0.88 -14.55
CA THR A 63 -53.91 1.42 -15.16
C THR A 63 -54.45 0.36 -16.11
N TRP A 64 -55.69 0.54 -16.60
CA TRP A 64 -56.23 -0.46 -17.51
C TRP A 64 -57.30 0.14 -18.39
N PHE A 65 -57.17 -0.11 -19.69
CA PHE A 65 -57.96 0.56 -20.73
C PHE A 65 -58.60 -0.49 -21.61
N HIS A 66 -59.92 -0.47 -21.67
CA HIS A 66 -60.68 -1.45 -22.42
C HIS A 66 -60.90 -0.93 -23.83
N ALA A 67 -60.17 -1.49 -24.79
CA ALA A 67 -60.30 -1.07 -26.18
C ALA A 67 -61.60 -1.53 -26.85
N ILE A 68 -62.51 -2.21 -26.13
CA ILE A 68 -63.78 -2.63 -26.71
C ILE A 68 -64.55 -1.40 -27.15
N HIS A 69 -65.35 -1.59 -28.22
CA HIS A 69 -66.20 -0.54 -28.76
C HIS A 69 -67.12 0.11 -27.74
N VAL A 70 -67.48 -0.59 -26.67
CA VAL A 70 -68.51 -0.13 -25.73
C VAL A 70 -69.80 0.25 -26.45
N THR A 76 -73.27 3.38 -28.13
CA THR A 76 -72.01 3.71 -27.49
C THR A 76 -70.81 3.34 -28.36
N LYS A 77 -69.75 4.12 -28.27
CA LYS A 77 -68.57 3.96 -29.13
C LYS A 77 -67.34 4.46 -28.36
N ARG A 78 -66.45 3.53 -28.01
CA ARG A 78 -65.20 3.82 -27.31
C ARG A 78 -64.03 3.26 -28.09
N PHE A 79 -62.94 4.01 -28.12
CA PHE A 79 -61.69 3.51 -28.69
C PHE A 79 -60.56 4.37 -28.17
N ASP A 80 -60.16 4.18 -26.92
CA ASP A 80 -59.05 4.94 -26.38
C ASP A 80 -57.75 4.40 -26.94
N ASN A 81 -57.03 5.23 -27.65
CA ASN A 81 -55.59 5.03 -27.75
C ASN A 81 -54.71 6.28 -27.86
N PRO A 82 -55.15 7.52 -27.55
CA PRO A 82 -54.34 8.71 -27.89
C PRO A 82 -52.98 8.76 -27.19
N VAL A 83 -52.16 9.70 -27.65
CA VAL A 83 -50.79 9.85 -27.16
C VAL A 83 -50.75 10.05 -25.67
N LEU A 84 -49.75 9.41 -25.03
CA LEU A 84 -49.39 9.51 -23.63
C LEU A 84 -47.94 9.97 -23.52
N PRO A 85 -47.55 10.59 -22.40
CA PRO A 85 -46.13 10.90 -22.22
C PRO A 85 -45.25 9.67 -22.05
N PHE A 86 -44.01 9.82 -22.51
CA PHE A 86 -42.94 8.84 -22.36
C PHE A 86 -41.87 9.49 -21.51
N ASN A 87 -41.43 8.79 -20.45
CA ASN A 87 -40.62 9.38 -19.39
C ASN A 87 -39.54 8.46 -18.86
N ASP A 88 -39.74 7.14 -18.81
CA ASP A 88 -38.84 6.23 -18.11
C ASP A 88 -38.98 4.87 -18.76
N GLY A 89 -38.69 4.81 -20.04
CA GLY A 89 -39.25 3.77 -20.84
C GLY A 89 -40.76 3.73 -20.74
N VAL A 90 -41.28 2.56 -21.08
CA VAL A 90 -42.66 2.17 -20.82
C VAL A 90 -42.66 0.68 -20.57
N TYR A 91 -43.52 0.22 -19.66
CA TYR A 91 -44.02 -1.14 -19.67
C TYR A 91 -45.36 -1.10 -20.35
N PHE A 92 -45.59 -2.03 -21.28
CA PHE A 92 -46.85 -2.14 -21.96
C PHE A 92 -47.18 -3.61 -22.19
N ALA A 93 -48.46 -3.91 -22.12
CA ALA A 93 -48.95 -5.23 -22.49
C ALA A 93 -50.41 -5.09 -22.85
N SER A 94 -50.94 -6.11 -23.51
CA SER A 94 -52.37 -6.36 -23.48
C SER A 94 -52.60 -7.86 -23.32
N THR A 95 -53.52 -8.22 -22.43
CA THR A 95 -54.20 -9.50 -22.56
C THR A 95 -55.13 -9.36 -23.75
N GLU A 96 -55.21 -10.41 -24.56
CA GLU A 96 -55.94 -10.32 -25.81
C GLU A 96 -56.67 -11.60 -26.15
N LYS A 97 -57.65 -11.43 -27.02
CA LYS A 97 -58.37 -12.49 -27.70
C LYS A 97 -58.05 -12.52 -29.18
N SER A 98 -57.94 -11.34 -29.82
CA SER A 98 -57.31 -11.19 -31.12
C SER A 98 -56.61 -9.83 -31.15
N ASN A 99 -55.69 -9.69 -32.10
CA ASN A 99 -54.93 -8.44 -32.29
C ASN A 99 -55.82 -7.28 -32.74
N ILE A 100 -56.11 -6.40 -31.81
CA ILE A 100 -56.43 -5.01 -32.14
C ILE A 100 -55.16 -4.17 -32.20
N ILE A 101 -54.13 -4.58 -31.45
CA ILE A 101 -52.77 -4.07 -31.57
C ILE A 101 -52.33 -4.02 -33.02
N ARG A 102 -51.58 -2.96 -33.36
CA ARG A 102 -51.00 -2.80 -34.69
C ARG A 102 -49.61 -2.17 -34.70
N GLY A 103 -49.21 -1.40 -33.69
CA GLY A 103 -47.89 -0.82 -33.71
C GLY A 103 -47.70 0.12 -32.55
N TRP A 104 -46.59 0.85 -32.61
CA TRP A 104 -46.24 1.84 -31.60
C TRP A 104 -45.50 2.99 -32.26
N ILE A 105 -45.57 4.14 -31.60
CA ILE A 105 -44.79 5.32 -31.98
C ILE A 105 -44.15 5.90 -30.74
N PHE A 106 -42.92 6.38 -30.88
CA PHE A 106 -42.17 7.02 -29.82
C PHE A 106 -41.41 8.20 -30.38
N GLY A 107 -41.42 9.31 -29.66
CA GLY A 107 -40.71 10.49 -30.13
C GLY A 107 -40.81 11.58 -29.09
N THR A 108 -40.18 12.71 -29.41
CA THR A 108 -40.29 13.88 -28.53
C THR A 108 -41.71 14.43 -28.60
N THR A 109 -42.30 14.46 -29.79
CA THR A 109 -43.58 15.11 -30.06
C THR A 109 -44.49 14.32 -31.00
N LEU A 110 -44.01 13.24 -31.62
CA LEU A 110 -44.81 12.42 -32.54
C LEU A 110 -45.41 13.22 -33.69
N ASP A 111 -44.64 14.19 -34.18
CA ASP A 111 -44.99 14.99 -35.35
C ASP A 111 -43.71 15.28 -36.12
N SER A 112 -43.88 15.79 -37.35
CA SER A 112 -42.81 15.75 -38.36
C SER A 112 -41.56 16.54 -37.96
N LYS A 113 -41.67 17.48 -37.03
CA LYS A 113 -40.55 18.33 -36.62
C LYS A 113 -39.36 17.54 -36.03
N THR A 114 -39.56 16.28 -35.66
CA THR A 114 -38.49 15.31 -35.49
C THR A 114 -38.92 14.03 -36.18
N GLN A 115 -37.96 13.13 -36.37
CA GLN A 115 -38.29 11.74 -36.60
C GLN A 115 -39.21 11.19 -35.52
N SER A 116 -39.95 10.14 -35.85
CA SER A 116 -40.57 9.27 -34.86
C SER A 116 -40.51 7.84 -35.38
N LEU A 117 -40.33 6.91 -34.45
CA LEU A 117 -40.46 5.50 -34.78
C LEU A 117 -41.90 5.18 -35.13
N LEU A 118 -42.05 4.22 -36.03
CA LEU A 118 -43.34 3.65 -36.39
C LEU A 118 -43.15 2.15 -36.60
N ILE A 119 -44.10 1.37 -36.11
CA ILE A 119 -44.28 -0.03 -36.47
C ILE A 119 -45.65 -0.18 -37.10
N VAL A 120 -45.72 -1.01 -38.15
CA VAL A 120 -46.98 -1.38 -38.79
C VAL A 120 -46.99 -2.89 -38.98
N ASN A 121 -48.12 -3.51 -38.63
CA ASN A 121 -48.19 -4.96 -38.54
C ASN A 121 -48.05 -5.60 -39.92
N ASN A 122 -48.65 -4.96 -40.94
CA ASN A 122 -48.52 -5.24 -42.39
C ASN A 122 -48.51 -6.73 -42.74
N ALA A 123 -49.56 -7.40 -42.29
CA ALA A 123 -49.88 -8.80 -42.58
C ALA A 123 -48.73 -9.78 -42.28
N THR A 124 -48.27 -10.59 -43.25
CA THR A 124 -47.24 -11.58 -43.00
C THR A 124 -45.85 -10.99 -42.75
N ASN A 125 -45.66 -9.67 -42.91
CA ASN A 125 -44.35 -9.03 -42.72
C ASN A 125 -44.49 -7.68 -42.00
N VAL A 126 -44.35 -7.71 -40.68
CA VAL A 126 -44.33 -6.49 -39.87
C VAL A 126 -43.23 -5.56 -40.34
N VAL A 127 -43.61 -4.33 -40.73
CA VAL A 127 -42.65 -3.31 -41.15
C VAL A 127 -42.50 -2.30 -40.03
N ILE A 128 -41.26 -1.96 -39.73
CA ILE A 128 -40.89 -0.92 -38.78
C ILE A 128 -40.24 0.22 -39.55
N LYS A 129 -40.62 1.45 -39.24
CA LYS A 129 -40.08 2.63 -39.90
C LYS A 129 -39.74 3.66 -38.83
N VAL A 130 -38.83 4.56 -39.17
CA VAL A 130 -38.53 5.72 -38.33
C VAL A 130 -38.35 6.90 -39.29
N CYS A 131 -39.32 7.81 -39.30
CA CYS A 131 -39.37 8.91 -40.25
C CYS A 131 -39.94 10.14 -39.53
N GLU A 132 -39.79 11.31 -40.16
CA GLU A 132 -40.48 12.55 -39.77
C GLU A 132 -41.98 12.57 -40.04
N PHE A 133 -42.70 11.51 -39.66
CA PHE A 133 -44.13 11.45 -39.82
C PHE A 133 -44.80 12.59 -39.07
N GLN A 134 -45.93 13.02 -39.60
CA GLN A 134 -46.98 13.62 -38.78
C GLN A 134 -48.10 12.61 -38.87
N PHE A 135 -48.37 11.94 -37.76
CA PHE A 135 -49.27 10.80 -37.75
C PHE A 135 -50.70 11.24 -37.98
N CYS A 136 -51.54 10.28 -38.36
CA CYS A 136 -52.97 10.50 -38.40
C CYS A 136 -53.48 10.99 -37.05
N ASN A 137 -54.53 11.82 -37.09
CA ASN A 137 -54.90 12.69 -35.97
C ASN A 137 -55.31 11.91 -34.73
N ASP A 138 -55.63 10.63 -34.87
CA ASP A 138 -55.45 9.66 -33.81
C ASP A 138 -54.79 8.46 -34.49
N PRO A 139 -53.51 8.08 -34.11
CA PRO A 139 -52.83 6.99 -34.85
C PRO A 139 -53.58 5.68 -34.83
N PHE A 140 -54.20 5.40 -35.97
CA PHE A 140 -54.88 4.15 -36.25
C PHE A 140 -54.47 3.65 -37.62
N LEU A 141 -54.51 2.33 -37.75
CA LEU A 141 -54.44 1.68 -39.05
C LEU A 141 -55.86 1.28 -39.41
N GLY A 142 -56.29 1.66 -40.61
CA GLY A 142 -57.60 1.28 -41.05
C GLY A 142 -57.57 -0.13 -41.60
N VAL A 143 -58.42 -1.00 -41.07
CA VAL A 143 -58.42 -2.43 -41.35
C VAL A 143 -59.82 -2.80 -41.81
N TYR A 144 -59.91 -3.42 -43.00
CA TYR A 144 -61.19 -3.78 -43.61
C TYR A 144 -61.23 -5.29 -43.85
N TYR A 145 -62.37 -5.90 -43.50
CA TYR A 145 -62.79 -7.24 -43.95
C TYR A 145 -63.72 -7.08 -45.15
N HIS A 146 -63.19 -7.33 -46.35
CA HIS A 146 -63.96 -7.28 -47.58
C HIS A 146 -64.58 -8.64 -47.86
N LYS A 147 -65.76 -8.63 -48.48
CA LYS A 147 -66.39 -9.90 -48.81
C LYS A 147 -65.67 -10.64 -49.93
N ASN A 148 -64.80 -9.96 -50.69
CA ASN A 148 -63.90 -10.63 -51.63
C ASN A 148 -62.88 -11.54 -50.95
N ASN A 149 -62.71 -11.43 -49.63
CA ASN A 149 -61.85 -12.33 -48.87
C ASN A 149 -62.61 -12.70 -47.61
N LYS A 150 -61.92 -13.34 -46.65
CA LYS A 150 -62.55 -14.10 -45.58
C LYS A 150 -62.01 -13.76 -44.19
N SER A 151 -61.34 -12.62 -44.02
CA SER A 151 -60.98 -12.17 -42.69
C SER A 151 -60.65 -10.69 -42.72
N TRP A 152 -60.56 -10.10 -41.52
CA TRP A 152 -60.07 -8.74 -41.37
C TRP A 152 -58.63 -8.69 -41.86
N MET A 153 -58.37 -7.81 -42.83
CA MET A 153 -57.05 -7.65 -43.42
C MET A 153 -56.69 -6.18 -43.53
N GLU A 154 -55.39 -5.91 -43.42
CA GLU A 154 -54.89 -4.54 -43.40
C GLU A 154 -55.20 -3.88 -44.73
N SER A 155 -56.11 -2.91 -44.70
CA SER A 155 -56.77 -2.40 -45.88
C SER A 155 -56.53 -0.92 -46.15
N GLU A 156 -56.05 -0.15 -45.16
CA GLU A 156 -55.68 1.25 -45.33
C GLU A 156 -54.26 1.46 -44.80
N PHE A 157 -53.27 1.15 -45.64
CA PHE A 157 -51.86 1.30 -45.29
C PHE A 157 -51.45 2.78 -45.20
N ARG A 158 -51.99 3.51 -44.23
CA ARG A 158 -51.33 4.72 -43.78
C ARG A 158 -51.72 4.90 -42.33
N VAL A 159 -50.90 5.63 -41.61
CA VAL A 159 -51.27 6.25 -40.35
C VAL A 159 -50.61 7.62 -40.28
N TYR A 160 -50.27 8.21 -41.44
CA TYR A 160 -49.31 9.31 -41.40
C TYR A 160 -49.40 10.19 -42.64
N SER A 161 -48.78 11.35 -42.48
CA SER A 161 -48.30 12.24 -43.52
C SER A 161 -46.81 12.47 -43.29
N SER A 162 -46.15 12.97 -44.32
CA SER A 162 -44.70 13.22 -44.34
C SER A 162 -43.87 12.04 -43.83
N ALA A 163 -43.91 10.95 -44.60
CA ALA A 163 -42.91 9.88 -44.50
C ALA A 163 -41.53 10.33 -44.98
N ASN A 164 -40.92 11.28 -44.27
CA ASN A 164 -39.77 12.06 -44.71
C ASN A 164 -38.62 11.78 -43.75
N ASN A 165 -37.40 11.87 -44.27
CA ASN A 165 -36.17 11.57 -43.54
C ASN A 165 -36.25 10.22 -42.86
N CYS A 166 -36.66 9.21 -43.63
CA CYS A 166 -36.81 7.87 -43.09
C CYS A 166 -35.45 7.27 -42.79
N THR A 167 -35.01 7.46 -41.55
CA THR A 167 -33.70 7.03 -41.07
C THR A 167 -33.58 5.53 -40.80
N PHE A 168 -34.67 4.77 -40.80
CA PHE A 168 -34.53 3.33 -40.71
C PHE A 168 -35.75 2.64 -41.32
N GLU A 169 -35.53 1.42 -41.82
CA GLU A 169 -36.61 0.47 -41.94
C GLU A 169 -36.08 -0.92 -41.66
N TYR A 170 -36.98 -1.78 -41.20
CA TYR A 170 -36.76 -3.22 -41.15
C TYR A 170 -38.13 -3.89 -41.31
N VAL A 171 -38.20 -4.78 -42.28
CA VAL A 171 -39.34 -5.66 -42.47
C VAL A 171 -39.21 -6.84 -41.51
N SER A 172 -39.93 -6.77 -40.40
CA SER A 172 -40.02 -7.88 -39.48
C SER A 172 -41.21 -8.76 -39.89
N GLN A 173 -41.65 -9.65 -38.99
CA GLN A 173 -42.58 -10.74 -39.26
C GLN A 173 -43.56 -10.76 -38.11
N PRO A 174 -44.73 -11.41 -38.27
CA PRO A 174 -45.64 -11.49 -37.13
C PRO A 174 -45.03 -12.27 -35.98
N PHE A 175 -45.38 -11.82 -34.79
CA PHE A 175 -44.83 -12.23 -33.51
C PHE A 175 -45.90 -12.83 -32.59
N LEU A 176 -46.42 -14.00 -32.99
CA LEU A 176 -47.57 -14.67 -32.35
C LEU A 176 -48.86 -13.84 -32.48
N MET A 177 -49.43 -13.91 -33.69
CA MET A 177 -50.44 -12.98 -34.17
C MET A 177 -51.68 -13.67 -34.72
N ASP A 178 -52.76 -12.88 -34.66
CA ASP A 178 -54.13 -13.28 -34.98
C ASP A 178 -54.91 -12.01 -35.31
N LEU A 179 -54.75 -11.50 -36.54
CA LEU A 179 -55.10 -10.12 -36.88
C LEU A 179 -56.58 -9.80 -36.77
N GLU A 180 -57.45 -10.79 -36.56
CA GLU A 180 -58.88 -10.61 -36.33
C GLU A 180 -59.19 -9.61 -35.21
N GLY A 181 -60.43 -9.11 -35.17
CA GLY A 181 -60.98 -8.38 -34.05
C GLY A 181 -62.16 -9.11 -33.43
N LYS A 182 -61.92 -9.83 -32.33
CA LYS A 182 -62.96 -10.59 -31.64
C LYS A 182 -62.73 -10.59 -30.14
N GLN A 183 -63.83 -10.78 -29.41
CA GLN A 183 -63.89 -10.79 -27.96
C GLN A 183 -63.77 -12.25 -27.47
N GLY A 184 -64.03 -12.49 -26.18
CA GLY A 184 -64.07 -13.79 -25.53
C GLY A 184 -63.19 -13.83 -24.29
N ASN A 185 -63.00 -15.05 -23.76
CA ASN A 185 -61.99 -15.24 -22.73
C ASN A 185 -60.60 -14.97 -23.31
N PHE A 186 -59.75 -14.32 -22.52
CA PHE A 186 -58.44 -13.89 -23.00
C PHE A 186 -57.58 -15.10 -23.34
N LYS A 187 -57.19 -15.21 -24.61
CA LYS A 187 -56.41 -16.34 -25.07
C LYS A 187 -54.91 -16.11 -24.97
N ASN A 188 -54.48 -14.84 -25.04
CA ASN A 188 -53.06 -14.49 -25.03
C ASN A 188 -52.83 -13.29 -24.13
N LEU A 189 -51.60 -13.20 -23.64
CA LEU A 189 -51.01 -11.96 -23.18
C LEU A 189 -49.76 -11.67 -23.99
N ARG A 190 -49.71 -10.47 -24.57
CA ARG A 190 -48.58 -9.97 -25.34
C ARG A 190 -47.99 -8.78 -24.59
N GLU A 191 -46.69 -8.84 -24.34
CA GLU A 191 -46.00 -7.91 -23.46
C GLU A 191 -44.74 -7.36 -24.08
N PHE A 192 -44.49 -6.10 -23.77
CA PHE A 192 -43.45 -5.30 -24.38
C PHE A 192 -42.89 -4.33 -23.36
N VAL A 193 -41.61 -4.03 -23.52
CA VAL A 193 -40.88 -3.07 -22.71
C VAL A 193 -39.92 -2.35 -23.64
N PHE A 194 -39.70 -1.06 -23.37
CA PHE A 194 -38.99 -0.15 -24.26
C PHE A 194 -38.05 0.71 -23.43
N LYS A 195 -36.76 0.70 -23.76
CA LYS A 195 -35.74 1.38 -22.98
C LYS A 195 -34.85 2.20 -23.89
N ASN A 196 -35.04 3.52 -23.84
CA ASN A 196 -34.19 4.49 -24.52
C ASN A 196 -33.01 4.85 -23.63
N ILE A 197 -31.92 4.09 -23.77
CA ILE A 197 -30.69 4.32 -23.02
C ILE A 197 -29.62 4.73 -24.02
N ASP A 198 -29.05 5.93 -23.86
CA ASP A 198 -27.93 6.42 -24.66
C ASP A 198 -28.20 6.32 -26.16
N GLY A 199 -29.43 6.58 -26.57
CA GLY A 199 -29.85 6.42 -27.95
C GLY A 199 -30.12 5.00 -28.40
N TYR A 200 -29.71 3.98 -27.64
CA TYR A 200 -30.17 2.61 -27.87
C TYR A 200 -31.58 2.47 -27.34
N PHE A 201 -32.54 2.34 -28.25
CA PHE A 201 -33.92 2.10 -27.88
C PHE A 201 -34.08 0.60 -27.77
N LYS A 202 -33.81 0.10 -26.57
CA LYS A 202 -33.85 -1.33 -26.32
C LYS A 202 -35.30 -1.73 -26.13
N ILE A 203 -35.76 -2.64 -26.98
CA ILE A 203 -37.10 -3.20 -26.92
C ILE A 203 -36.97 -4.61 -26.38
N TYR A 204 -37.83 -4.94 -25.42
CA TYR A 204 -37.93 -6.27 -24.84
C TYR A 204 -39.36 -6.77 -24.98
N SER A 205 -39.52 -8.08 -25.06
CA SER A 205 -40.86 -8.64 -25.17
C SER A 205 -40.89 -10.08 -24.68
N LYS A 206 -42.10 -10.56 -24.41
CA LYS A 206 -42.42 -11.97 -24.28
C LYS A 206 -43.90 -12.08 -24.62
N HIS A 207 -44.24 -13.14 -25.34
CA HIS A 207 -45.62 -13.42 -25.73
C HIS A 207 -45.96 -14.87 -25.44
N THR A 208 -47.19 -15.09 -24.97
CA THR A 208 -47.65 -16.40 -24.55
C THR A 208 -49.16 -16.50 -24.77
N PRO A 209 -49.70 -17.68 -25.06
CA PRO A 209 -51.10 -17.95 -24.74
C PRO A 209 -51.32 -17.91 -23.24
N ILE A 210 -52.58 -17.67 -22.85
CA ILE A 210 -52.98 -17.64 -21.45
C ILE A 210 -54.35 -18.30 -21.36
N ASN A 211 -54.74 -18.65 -20.13
CA ASN A 211 -56.05 -19.23 -19.84
C ASN A 211 -56.53 -18.72 -18.48
N LEU A 212 -57.47 -17.78 -18.50
CA LEU A 212 -58.12 -17.34 -17.28
C LEU A 212 -59.38 -16.60 -17.67
N VAL A 213 -60.17 -16.24 -16.67
CA VAL A 213 -61.37 -15.46 -16.93
C VAL A 213 -61.03 -14.05 -17.39
N ARG A 214 -60.45 -13.23 -16.51
CA ARG A 214 -60.10 -11.87 -16.87
C ARG A 214 -59.02 -11.33 -15.96
N ASP A 215 -58.52 -10.17 -16.34
CA ASP A 215 -57.47 -9.46 -15.62
C ASP A 215 -56.14 -10.20 -15.65
N LEU A 216 -55.10 -9.51 -15.20
CA LEU A 216 -53.71 -9.89 -15.34
C LEU A 216 -53.46 -11.34 -14.92
N PRO A 217 -52.88 -12.18 -15.78
CA PRO A 217 -52.35 -13.45 -15.27
C PRO A 217 -51.34 -13.19 -14.17
N GLN A 218 -51.68 -13.68 -12.98
CA GLN A 218 -50.92 -13.35 -11.79
C GLN A 218 -49.56 -14.02 -11.76
N GLY A 219 -49.27 -14.97 -12.65
CA GLY A 219 -47.97 -15.58 -12.73
C GLY A 219 -46.91 -14.66 -13.29
N PHE A 220 -45.69 -15.18 -13.28
CA PHE A 220 -44.47 -14.44 -13.55
C PHE A 220 -43.74 -15.05 -14.73
N SER A 221 -43.18 -14.18 -15.57
CA SER A 221 -42.22 -14.55 -16.59
C SER A 221 -41.40 -13.31 -16.88
N ALA A 222 -40.21 -13.51 -17.44
CA ALA A 222 -39.32 -12.41 -17.78
C ALA A 222 -39.29 -12.19 -19.28
N LEU A 223 -39.24 -10.93 -19.68
CA LEU A 223 -39.15 -10.58 -21.09
C LEU A 223 -37.74 -10.76 -21.65
N GLU A 224 -37.69 -11.17 -22.91
CA GLU A 224 -36.47 -11.28 -23.67
C GLU A 224 -36.10 -9.91 -24.23
N PRO A 225 -34.79 -9.60 -24.43
CA PRO A 225 -34.41 -8.46 -25.29
C PRO A 225 -34.71 -8.67 -26.76
N LEU A 226 -35.65 -7.91 -27.33
CA LEU A 226 -36.08 -8.17 -28.70
C LEU A 226 -35.16 -7.53 -29.73
N VAL A 227 -34.99 -6.20 -29.68
CA VAL A 227 -34.24 -5.49 -30.72
C VAL A 227 -33.80 -4.15 -30.14
N ASP A 228 -32.82 -3.54 -30.80
CA ASP A 228 -32.28 -2.24 -30.40
C ASP A 228 -31.96 -1.40 -31.63
N LEU A 229 -32.33 -0.11 -31.55
CA LEU A 229 -32.17 0.88 -32.63
C LEU A 229 -31.53 2.16 -32.13
N PRO A 230 -30.56 2.76 -32.87
CA PRO A 230 -29.79 3.90 -32.33
C PRO A 230 -30.50 5.26 -32.45
N ILE A 231 -31.82 5.31 -32.24
CA ILE A 231 -32.61 6.44 -32.75
C ILE A 231 -32.36 7.77 -32.04
N GLY A 232 -31.65 7.78 -30.91
CA GLY A 232 -30.95 8.99 -30.51
C GLY A 232 -31.67 10.24 -30.00
N ILE A 233 -32.91 10.52 -30.41
CA ILE A 233 -33.57 11.77 -29.99
C ILE A 233 -34.10 11.73 -28.56
N ASN A 234 -34.47 12.91 -28.04
CA ASN A 234 -35.01 13.07 -26.68
C ASN A 234 -36.49 12.67 -26.62
N ILE A 235 -36.72 11.36 -26.80
CA ILE A 235 -38.04 10.74 -26.79
C ILE A 235 -38.80 11.14 -25.53
N THR A 236 -40.02 11.67 -25.72
CA THR A 236 -40.83 12.27 -24.64
C THR A 236 -42.33 11.98 -24.71
N ARG A 237 -42.85 11.44 -25.82
CA ARG A 237 -44.26 11.07 -25.96
C ARG A 237 -44.35 9.73 -26.66
N PHE A 238 -45.46 9.01 -26.42
CA PHE A 238 -45.69 7.74 -27.10
C PHE A 238 -47.16 7.43 -27.24
N GLN A 239 -47.42 6.43 -28.08
CA GLN A 239 -48.73 5.80 -28.23
C GLN A 239 -48.53 4.37 -28.73
N THR A 240 -49.46 3.50 -28.34
CA THR A 240 -49.69 2.26 -29.08
C THR A 240 -50.64 2.52 -30.23
N LEU A 241 -50.24 2.12 -31.44
CA LEU A 241 -51.15 2.14 -32.57
C LEU A 241 -51.99 0.88 -32.53
N LEU A 242 -53.28 1.06 -32.34
CA LEU A 242 -54.26 0.01 -32.52
C LEU A 242 -54.84 0.08 -33.92
N ALA A 243 -55.36 -1.05 -34.38
CA ALA A 243 -56.25 -1.08 -35.51
C ALA A 243 -57.59 -0.45 -35.16
N LEU A 244 -58.20 0.17 -36.16
CA LEU A 244 -59.65 0.32 -36.23
C LEU A 244 -60.13 -0.69 -37.27
N HIS A 245 -60.95 -1.63 -36.82
CA HIS A 245 -61.49 -2.66 -37.69
C HIS A 245 -62.70 -2.16 -38.44
N ARG A 246 -62.79 -2.56 -39.70
CA ARG A 246 -63.85 -2.20 -40.63
C ARG A 246 -64.21 -3.42 -41.45
N SER A 247 -65.41 -3.39 -41.99
CA SER A 247 -65.90 -4.48 -42.83
C SER A 247 -67.14 -3.96 -43.52
N TYR A 248 -67.65 -4.76 -44.46
CA TYR A 248 -68.99 -4.54 -44.99
C TYR A 248 -70.10 -4.67 -43.94
N LEU A 249 -69.83 -5.23 -42.76
CA LEU A 249 -70.73 -5.25 -41.62
C LEU A 249 -70.49 -4.10 -40.62
N THR A 250 -69.61 -3.16 -40.93
CA THR A 250 -69.26 -2.00 -40.12
C THR A 250 -69.47 -0.82 -41.05
N PRO A 251 -69.81 0.39 -40.56
CA PRO A 251 -70.21 1.45 -41.51
C PRO A 251 -69.13 1.89 -42.50
N GLY A 252 -67.86 1.56 -42.25
CA GLY A 252 -66.86 1.56 -43.29
C GLY A 252 -65.99 2.79 -43.39
N ASP A 253 -66.56 3.96 -43.14
CA ASP A 253 -65.79 5.19 -43.29
C ASP A 253 -64.65 5.27 -42.27
N SER A 254 -63.57 5.92 -42.70
CA SER A 254 -62.33 5.97 -41.93
C SER A 254 -62.44 6.87 -40.70
N SER A 255 -63.34 7.85 -40.72
CA SER A 255 -63.43 8.82 -39.61
C SER A 255 -64.23 8.28 -38.44
N SER A 256 -65.26 7.49 -38.70
CA SER A 256 -66.27 7.13 -37.69
C SER A 256 -66.82 5.72 -37.88
N GLY A 257 -66.80 5.20 -39.10
CA GLY A 257 -67.44 3.97 -39.49
C GLY A 257 -66.63 2.74 -39.17
N TRP A 258 -66.20 2.59 -37.92
CA TRP A 258 -65.20 1.62 -37.53
C TRP A 258 -65.64 0.93 -36.25
N THR A 259 -64.94 -0.17 -35.93
CA THR A 259 -65.14 -0.89 -34.68
C THR A 259 -63.80 -1.41 -34.22
N ALA A 260 -63.77 -1.83 -32.95
CA ALA A 260 -62.56 -2.38 -32.35
C ALA A 260 -62.97 -3.35 -31.25
N GLY A 261 -62.20 -4.41 -31.11
CA GLY A 261 -62.49 -5.46 -30.16
C GLY A 261 -62.02 -5.13 -28.76
N ALA A 262 -62.41 -6.00 -27.83
CA ALA A 262 -61.96 -5.95 -26.44
C ALA A 262 -60.51 -6.37 -26.24
N ALA A 263 -59.57 -5.74 -26.93
CA ALA A 263 -58.22 -5.70 -26.42
C ALA A 263 -58.23 -4.85 -25.17
N ALA A 264 -57.57 -5.35 -24.14
CA ALA A 264 -57.63 -4.77 -22.80
C ALA A 264 -56.19 -4.48 -22.38
N TYR A 265 -55.66 -3.37 -22.87
CA TYR A 265 -54.25 -3.04 -22.78
C TYR A 265 -53.93 -2.26 -21.50
N TYR A 266 -52.68 -2.41 -21.04
CA TYR A 266 -52.19 -1.87 -19.78
C TYR A 266 -50.92 -1.06 -20.03
N VAL A 267 -50.73 0.01 -19.25
CA VAL A 267 -49.59 0.92 -19.36
C VAL A 267 -48.89 1.03 -18.02
N GLY A 268 -47.55 0.98 -18.04
CA GLY A 268 -46.72 1.23 -16.88
C GLY A 268 -45.34 1.79 -17.22
N TYR A 269 -44.45 1.87 -16.22
CA TYR A 269 -43.15 2.52 -16.34
C TYR A 269 -42.11 1.74 -15.54
N LEU A 270 -40.83 2.01 -15.82
CA LEU A 270 -39.72 1.08 -15.54
C LEU A 270 -38.73 1.72 -14.59
N GLN A 271 -39.04 1.67 -13.31
CA GLN A 271 -38.20 2.37 -12.35
C GLN A 271 -36.89 1.63 -12.11
N PRO A 272 -35.77 2.36 -11.85
CA PRO A 272 -34.50 1.68 -11.54
C PRO A 272 -34.51 0.92 -10.23
N ARG A 273 -34.41 -0.41 -10.25
CA ARG A 273 -34.65 -1.22 -9.06
C ARG A 273 -33.78 -2.46 -9.07
N THR A 274 -33.30 -2.82 -7.89
CA THR A 274 -32.57 -4.07 -7.66
C THR A 274 -33.57 -5.20 -7.50
N PHE A 275 -33.47 -6.19 -8.37
CA PHE A 275 -34.21 -7.44 -8.24
C PHE A 275 -33.26 -8.62 -8.02
N LEU A 276 -33.51 -9.38 -6.97
CA LEU A 276 -32.91 -10.68 -6.80
C LEU A 276 -33.64 -11.67 -7.71
N LEU A 277 -32.91 -12.26 -8.67
CA LEU A 277 -33.49 -13.15 -9.66
C LEU A 277 -32.84 -14.53 -9.61
N LYS A 278 -33.68 -15.56 -9.82
CA LYS A 278 -33.25 -16.95 -9.93
C LYS A 278 -33.15 -17.33 -11.40
N TYR A 279 -31.93 -17.62 -11.85
CA TYR A 279 -31.66 -18.16 -13.17
C TYR A 279 -31.58 -19.67 -13.03
N ASN A 280 -32.59 -20.37 -13.53
CA ASN A 280 -32.83 -21.74 -13.11
C ASN A 280 -31.83 -22.69 -13.74
N GLU A 281 -32.01 -23.99 -13.49
CA GLU A 281 -31.11 -24.98 -14.04
C GLU A 281 -31.21 -25.04 -15.56
N ASN A 282 -32.35 -24.68 -16.11
CA ASN A 282 -32.51 -24.49 -17.53
C ASN A 282 -32.03 -23.13 -18.01
N GLY A 283 -31.49 -22.29 -17.12
CA GLY A 283 -30.93 -21.01 -17.48
C GLY A 283 -31.90 -19.87 -17.65
N THR A 284 -33.10 -19.97 -17.09
CA THR A 284 -34.19 -19.04 -17.31
C THR A 284 -34.52 -18.34 -16.00
N ILE A 285 -34.97 -17.10 -16.11
CA ILE A 285 -35.48 -16.41 -14.94
C ILE A 285 -36.79 -17.07 -14.56
N THR A 286 -36.83 -17.63 -13.35
CA THR A 286 -37.98 -18.34 -12.84
C THR A 286 -38.51 -17.81 -11.54
N ASP A 287 -37.74 -17.02 -10.80
CA ASP A 287 -38.23 -16.37 -9.60
C ASP A 287 -37.54 -15.02 -9.44
N ALA A 288 -38.20 -14.13 -8.72
CA ALA A 288 -37.86 -12.71 -8.68
C ALA A 288 -38.36 -12.16 -7.37
N VAL A 289 -37.61 -11.23 -6.80
CA VAL A 289 -38.09 -10.42 -5.68
C VAL A 289 -37.78 -8.96 -5.97
N ASP A 290 -38.81 -8.12 -5.93
CA ASP A 290 -38.62 -6.68 -5.94
C ASP A 290 -38.06 -6.28 -4.58
N CYS A 291 -36.75 -6.04 -4.52
CA CYS A 291 -36.12 -5.76 -3.23
C CYS A 291 -36.42 -4.37 -2.69
N ALA A 292 -37.10 -3.52 -3.44
CA ALA A 292 -37.59 -2.24 -2.93
C ALA A 292 -39.00 -2.32 -2.38
N LEU A 293 -39.74 -3.40 -2.70
CA LEU A 293 -41.14 -3.57 -2.32
C LEU A 293 -41.41 -3.30 -0.85
N ASP A 294 -40.64 -3.93 0.03
CA ASP A 294 -40.87 -3.80 1.46
C ASP A 294 -39.61 -4.22 2.19
N PRO A 295 -39.54 -3.97 3.49
CA PRO A 295 -38.37 -4.41 4.27
C PRO A 295 -38.08 -5.89 4.18
N LEU A 296 -39.09 -6.75 4.12
CA LEU A 296 -38.81 -8.18 3.92
C LEU A 296 -38.09 -8.44 2.61
N SER A 297 -38.56 -7.83 1.53
CA SER A 297 -37.89 -8.04 0.24
C SER A 297 -36.48 -7.46 0.24
N GLU A 298 -36.30 -6.34 0.93
CA GLU A 298 -34.96 -5.83 1.18
C GLU A 298 -34.14 -6.82 1.96
N THR A 299 -34.74 -7.47 2.96
CA THR A 299 -34.04 -8.49 3.72
C THR A 299 -33.61 -9.64 2.81
N LYS A 300 -34.46 -9.99 1.85
CA LYS A 300 -34.12 -11.04 0.90
C LYS A 300 -32.88 -10.67 0.11
N CYS A 301 -32.81 -9.44 -0.39
CA CYS A 301 -31.55 -8.99 -0.98
C CYS A 301 -30.42 -8.92 0.04
N THR A 302 -30.73 -8.54 1.28
CA THR A 302 -29.71 -8.44 2.32
C THR A 302 -29.01 -9.77 2.54
N LEU A 303 -29.77 -10.85 2.56
CA LEU A 303 -29.25 -12.18 2.75
C LEU A 303 -28.99 -12.92 1.46
N LYS A 304 -29.04 -12.22 0.32
CA LYS A 304 -28.75 -12.79 -0.99
C LYS A 304 -29.49 -14.09 -1.28
N SER A 305 -30.71 -14.21 -0.78
CA SER A 305 -31.46 -15.44 -0.95
C SER A 305 -32.92 -15.14 -0.67
N PHE A 306 -33.79 -15.86 -1.37
CA PHE A 306 -35.21 -15.62 -1.17
C PHE A 306 -35.66 -16.08 0.20
N THR A 307 -35.01 -17.11 0.73
CA THR A 307 -35.32 -17.53 2.08
C THR A 307 -34.66 -16.56 3.05
N VAL A 308 -35.48 -15.97 3.91
CA VAL A 308 -35.05 -15.19 5.05
C VAL A 308 -35.33 -16.03 6.29
N GLU A 309 -34.31 -16.29 7.08
CA GLU A 309 -34.45 -17.09 8.29
C GLU A 309 -34.89 -16.23 9.48
N LYS A 310 -35.46 -16.91 10.48
CA LYS A 310 -35.91 -16.29 11.71
C LYS A 310 -34.79 -15.63 12.48
N GLY A 311 -34.94 -14.34 12.75
CA GLY A 311 -33.88 -13.56 13.37
C GLY A 311 -34.05 -12.07 13.10
N ILE A 312 -32.92 -11.37 13.09
CA ILE A 312 -32.88 -9.92 12.93
C ILE A 312 -31.63 -9.55 12.17
N TYR A 313 -31.75 -8.54 11.30
CA TYR A 313 -30.67 -8.14 10.40
C TYR A 313 -30.70 -6.63 10.25
N GLN A 314 -29.52 -6.06 10.02
CA GLN A 314 -29.40 -4.65 9.71
C GLN A 314 -29.76 -4.35 8.26
N THR A 315 -30.26 -3.14 8.04
CA THR A 315 -30.75 -2.68 6.75
C THR A 315 -30.34 -1.22 6.57
N SER A 316 -30.42 -0.75 5.32
CA SER A 316 -30.01 0.60 4.96
C SER A 316 -30.79 1.68 5.71
N ASN A 317 -30.10 2.79 5.96
CA ASN A 317 -30.48 3.77 6.97
C ASN A 317 -31.70 4.60 6.58
N PHE A 318 -32.35 5.14 7.62
CA PHE A 318 -33.34 6.21 7.50
C PHE A 318 -32.64 7.57 7.49
N ARG A 319 -31.86 7.78 6.43
CA ARG A 319 -31.32 9.09 6.12
C ARG A 319 -32.38 9.96 5.46
N VAL A 320 -32.92 10.92 6.21
CA VAL A 320 -33.94 11.82 5.66
C VAL A 320 -33.30 12.73 4.62
N GLN A 321 -34.07 13.07 3.59
CA GLN A 321 -33.59 13.85 2.46
C GLN A 321 -33.44 15.35 2.81
N PRO A 322 -32.55 16.07 2.12
CA PRO A 322 -32.60 17.55 2.18
C PRO A 322 -33.87 18.09 1.55
N THR A 323 -34.62 18.87 2.34
CA THR A 323 -35.92 19.35 1.88
C THR A 323 -35.79 20.57 0.96
N GLU A 324 -34.74 21.38 1.12
CA GLU A 324 -34.52 22.56 0.30
C GLU A 324 -33.03 22.78 0.13
N SER A 325 -32.69 23.66 -0.82
CA SER A 325 -31.35 24.25 -0.95
C SER A 325 -31.47 25.74 -0.68
N ILE A 326 -30.68 26.22 0.28
CA ILE A 326 -30.55 27.64 0.60
C ILE A 326 -29.21 28.12 0.06
N VAL A 327 -29.14 29.40 -0.28
CA VAL A 327 -27.95 30.00 -0.87
C VAL A 327 -27.68 31.31 -0.14
N ARG A 328 -26.65 31.31 0.71
CA ARG A 328 -26.32 32.40 1.62
C ARG A 328 -24.95 32.94 1.21
N PHE A 329 -24.94 34.15 0.67
CA PHE A 329 -23.76 34.72 0.04
C PHE A 329 -23.72 36.21 0.30
N PRO A 330 -22.55 36.85 0.22
CA PRO A 330 -22.48 38.28 0.50
C PRO A 330 -23.15 39.15 -0.54
N ASN A 331 -23.66 40.30 -0.10
CA ASN A 331 -24.38 41.29 -0.89
C ASN A 331 -23.47 42.22 -1.67
N ILE A 332 -22.17 42.01 -1.58
CA ILE A 332 -21.23 42.90 -2.24
C ILE A 332 -21.29 42.69 -3.74
N THR A 333 -22.27 43.28 -4.39
CA THR A 333 -22.73 42.85 -5.70
C THR A 333 -21.94 43.51 -6.85
N ASN A 334 -20.91 44.30 -6.55
CA ASN A 334 -20.06 44.87 -7.59
C ASN A 334 -19.35 43.77 -8.37
N LEU A 335 -19.38 43.87 -9.69
CA LEU A 335 -18.52 43.02 -10.50
C LEU A 335 -17.06 43.47 -10.39
N CYS A 336 -16.19 42.48 -10.25
CA CYS A 336 -14.76 42.71 -10.07
C CYS A 336 -14.10 43.44 -11.25
N PRO A 337 -12.93 44.10 -11.01
CA PRO A 337 -12.23 44.81 -12.09
C PRO A 337 -11.76 43.90 -13.22
N PHE A 338 -12.38 44.04 -14.39
CA PHE A 338 -12.01 43.24 -15.56
C PHE A 338 -12.10 44.12 -16.80
N GLY A 339 -11.59 43.59 -17.91
CA GLY A 339 -11.33 44.35 -19.11
C GLY A 339 -10.00 45.05 -18.99
N GLU A 340 -9.89 45.99 -18.04
CA GLU A 340 -8.60 46.60 -17.73
C GLU A 340 -7.54 45.60 -17.32
N VAL A 341 -7.94 44.43 -16.81
CA VAL A 341 -7.00 43.38 -16.48
C VAL A 341 -6.41 42.76 -17.73
N PHE A 342 -7.09 42.83 -18.86
CA PHE A 342 -6.73 42.15 -20.11
C PHE A 342 -6.40 43.14 -21.20
N ASN A 343 -7.25 44.12 -21.49
CA ASN A 343 -6.93 45.12 -22.50
C ASN A 343 -6.16 46.29 -21.87
N ALA A 344 -5.18 45.98 -21.01
CA ALA A 344 -4.35 46.97 -20.36
C ALA A 344 -3.42 47.68 -21.34
N THR A 345 -3.16 48.94 -21.00
CA THR A 345 -2.32 49.83 -21.81
C THR A 345 -0.95 49.22 -22.11
N ARG A 346 -0.39 48.48 -21.17
CA ARG A 346 0.71 47.60 -21.48
C ARG A 346 0.74 46.49 -20.44
N PHE A 347 1.07 45.29 -20.89
CA PHE A 347 1.41 44.20 -19.98
C PHE A 347 2.89 44.24 -19.64
N ALA A 348 3.20 43.85 -18.41
CA ALA A 348 4.55 43.90 -17.90
C ALA A 348 5.48 42.93 -18.62
N SER A 349 6.75 43.28 -18.66
CA SER A 349 7.80 42.29 -18.86
C SER A 349 7.75 41.28 -17.71
N VAL A 350 7.96 40.01 -18.06
CA VAL A 350 7.72 38.92 -17.13
C VAL A 350 8.66 38.98 -15.93
N TYR A 351 9.87 39.51 -16.10
CA TYR A 351 10.77 39.66 -14.96
C TYR A 351 10.24 40.65 -13.91
N ALA A 352 9.32 41.53 -14.29
CA ALA A 352 8.79 42.60 -13.45
C ALA A 352 7.28 42.49 -13.36
N TRP A 353 6.79 41.25 -13.49
CA TRP A 353 5.38 40.89 -13.63
C TRP A 353 4.45 41.64 -12.68
N ASN A 354 3.36 42.12 -13.24
CA ASN A 354 2.37 42.89 -12.51
C ASN A 354 1.59 41.98 -11.57
N ARG A 355 1.19 42.56 -10.43
CA ARG A 355 0.37 41.92 -9.42
C ARG A 355 -0.86 42.78 -9.26
N LYS A 356 -1.99 42.14 -8.96
CA LYS A 356 -3.21 42.84 -8.64
C LYS A 356 -4.00 42.09 -7.59
N ARG A 357 -4.64 42.84 -6.70
CA ARG A 357 -5.64 42.30 -5.79
C ARG A 357 -7.00 42.46 -6.44
N ILE A 358 -7.80 41.40 -6.40
CA ILE A 358 -9.21 41.45 -6.79
C ILE A 358 -10.03 41.07 -5.57
N SER A 359 -10.95 41.94 -5.21
CA SER A 359 -11.71 41.82 -3.98
C SER A 359 -12.77 42.90 -4.02
N ASN A 360 -13.64 42.90 -3.01
CA ASN A 360 -14.68 43.89 -2.87
C ASN A 360 -15.72 43.75 -3.98
N CYS A 361 -15.95 42.53 -4.43
CA CYS A 361 -16.76 42.35 -5.63
C CYS A 361 -17.22 40.91 -5.73
N VAL A 362 -18.32 40.74 -6.47
CA VAL A 362 -18.65 39.44 -7.05
C VAL A 362 -17.68 39.12 -8.18
N ALA A 363 -17.02 37.97 -8.07
CA ALA A 363 -16.30 37.41 -9.20
C ALA A 363 -17.27 36.66 -10.12
N ASP A 364 -16.98 36.69 -11.41
CA ASP A 364 -17.79 35.96 -12.39
C ASP A 364 -16.93 35.53 -13.57
N TYR A 365 -16.65 34.23 -13.69
CA TYR A 365 -15.86 33.75 -14.84
C TYR A 365 -16.55 33.91 -16.19
N SER A 366 -17.81 34.40 -16.24
CA SER A 366 -18.42 34.84 -17.49
C SER A 366 -17.57 35.89 -18.21
N VAL A 367 -16.81 36.69 -17.46
CA VAL A 367 -15.89 37.65 -18.06
C VAL A 367 -14.81 36.98 -18.91
N LEU A 368 -14.54 35.70 -18.67
CA LEU A 368 -13.63 34.86 -19.46
C LEU A 368 -14.25 34.34 -20.75
N TYR A 369 -15.45 34.77 -21.11
CA TYR A 369 -16.00 34.65 -22.46
C TYR A 369 -16.24 35.98 -23.15
N ASN A 370 -16.71 37.00 -22.43
CA ASN A 370 -17.12 38.23 -23.09
C ASN A 370 -15.95 39.05 -23.61
N SER A 371 -14.79 38.98 -22.94
CA SER A 371 -13.68 39.88 -23.21
C SER A 371 -12.71 39.36 -24.26
N ALA A 372 -12.53 38.06 -24.39
CA ALA A 372 -11.79 37.54 -25.54
C ALA A 372 -12.14 36.07 -25.76
N SER A 373 -11.84 35.61 -26.97
CA SER A 373 -11.58 34.20 -27.21
C SER A 373 -10.11 33.96 -26.89
N PHE A 374 -9.86 33.60 -25.63
CA PHE A 374 -8.51 33.39 -25.15
C PHE A 374 -7.88 32.16 -25.80
N SER A 375 -6.57 32.24 -26.01
CA SER A 375 -5.80 31.08 -26.43
C SER A 375 -5.69 30.01 -25.36
N THR A 376 -5.85 30.39 -24.09
CA THR A 376 -5.39 29.58 -22.97
C THR A 376 -6.33 29.79 -21.81
N PHE A 377 -6.78 28.71 -21.20
CA PHE A 377 -7.67 28.82 -20.05
C PHE A 377 -7.65 27.49 -19.29
N LYS A 378 -6.54 27.24 -18.60
CA LYS A 378 -6.29 25.99 -17.89
C LYS A 378 -6.39 26.25 -16.40
N CYS A 379 -7.08 25.35 -15.70
CA CYS A 379 -7.41 25.50 -14.29
C CYS A 379 -6.98 24.23 -13.59
N TYR A 380 -6.55 24.38 -12.35
CA TYR A 380 -5.93 23.31 -11.59
C TYR A 380 -6.43 23.42 -10.16
N GLY A 381 -6.76 22.27 -9.58
CA GLY A 381 -7.58 22.21 -8.38
C GLY A 381 -9.04 22.62 -8.54
N VAL A 382 -9.46 23.09 -9.71
CA VAL A 382 -10.84 23.46 -9.97
C VAL A 382 -11.06 23.31 -11.47
N SER A 383 -12.27 22.92 -11.85
CA SER A 383 -12.68 22.87 -13.24
C SER A 383 -13.36 24.18 -13.63
N PRO A 384 -13.14 24.69 -14.85
CA PRO A 384 -13.64 26.02 -15.21
C PRO A 384 -15.14 26.14 -15.14
N THR A 385 -15.84 25.06 -15.48
CA THR A 385 -17.28 24.98 -15.38
C THR A 385 -17.86 25.35 -14.02
N LYS A 386 -17.07 25.18 -12.96
CA LYS A 386 -17.55 25.34 -11.61
C LYS A 386 -17.28 26.71 -11.03
N LEU A 387 -16.57 27.59 -11.75
CA LEU A 387 -15.92 28.73 -11.13
C LEU A 387 -16.92 29.73 -10.55
N ASN A 388 -18.15 29.76 -11.07
CA ASN A 388 -19.19 30.58 -10.44
C ASN A 388 -19.66 29.98 -9.11
N ASP A 389 -19.34 28.73 -8.82
CA ASP A 389 -19.86 28.06 -7.63
C ASP A 389 -19.05 28.33 -6.38
N LEU A 390 -18.08 29.23 -6.43
CA LEU A 390 -17.01 29.26 -5.44
C LEU A 390 -16.73 30.70 -5.01
N CYS A 391 -15.98 30.80 -3.92
CA CYS A 391 -15.56 32.06 -3.35
C CYS A 391 -14.18 31.88 -2.75
N PHE A 392 -13.42 32.97 -2.67
CA PHE A 392 -11.98 32.92 -2.38
C PHE A 392 -11.63 34.02 -1.39
N THR A 393 -10.61 33.78 -0.56
CA THR A 393 -10.13 34.86 0.29
C THR A 393 -9.45 35.95 -0.54
N ASN A 394 -8.82 35.59 -1.66
CA ASN A 394 -8.50 36.59 -2.67
C ASN A 394 -8.47 35.90 -4.01
N VAL A 395 -8.61 36.68 -5.08
CA VAL A 395 -8.08 36.35 -6.39
C VAL A 395 -6.85 37.22 -6.65
N TYR A 396 -5.70 36.79 -6.19
CA TYR A 396 -4.48 37.50 -6.52
C TYR A 396 -4.18 37.29 -7.99
N ALA A 397 -4.15 38.38 -8.75
CA ALA A 397 -4.09 38.35 -10.21
C ALA A 397 -2.71 38.81 -10.68
N ASP A 398 -2.09 38.01 -11.53
CA ASP A 398 -0.75 38.23 -12.05
C ASP A 398 -0.79 38.32 -13.56
N SER A 399 0.02 39.22 -14.14
CA SER A 399 -0.02 39.44 -15.58
C SER A 399 1.31 39.97 -16.12
N PHE A 400 1.62 39.52 -17.34
CA PHE A 400 2.89 39.77 -18.03
C PHE A 400 2.73 39.25 -19.46
N VAL A 401 3.68 39.62 -20.31
CA VAL A 401 3.82 39.07 -21.66
C VAL A 401 4.96 38.07 -21.76
N ILE A 402 4.74 36.98 -22.50
CA ILE A 402 5.76 36.01 -22.87
C ILE A 402 5.52 35.64 -24.33
N ARG A 403 6.49 34.94 -24.94
CA ARG A 403 6.21 34.31 -26.24
C ARG A 403 5.43 33.01 -26.06
N GLY A 404 4.81 32.59 -27.16
CA GLY A 404 4.13 31.30 -27.22
C GLY A 404 4.97 30.11 -26.79
N ASP A 405 6.28 30.17 -27.04
CA ASP A 405 7.20 29.11 -26.63
C ASP A 405 7.24 28.90 -25.14
N GLU A 406 7.08 29.97 -24.36
CA GLU A 406 7.10 29.89 -22.91
C GLU A 406 5.78 29.46 -22.29
N VAL A 407 4.68 29.47 -23.07
CA VAL A 407 3.35 29.19 -22.56
C VAL A 407 3.32 27.84 -21.87
N ARG A 408 3.96 26.85 -22.48
CA ARG A 408 4.14 25.55 -21.87
C ARG A 408 4.91 25.55 -20.56
N GLN A 409 5.56 26.65 -20.16
CA GLN A 409 6.17 26.71 -18.84
C GLN A 409 5.20 27.13 -17.75
N ILE A 410 4.16 27.87 -18.11
CA ILE A 410 3.28 28.47 -17.12
C ILE A 410 2.26 27.45 -16.65
N ALA A 411 2.71 26.47 -15.87
CA ALA A 411 1.85 25.40 -15.39
C ALA A 411 2.39 24.94 -14.04
N PRO A 412 1.55 24.28 -13.23
CA PRO A 412 1.96 23.93 -11.85
C PRO A 412 3.17 23.00 -11.84
N GLY A 413 4.21 23.41 -11.11
CA GLY A 413 5.42 22.63 -10.99
C GLY A 413 6.23 22.38 -12.26
N GLN A 414 5.81 22.96 -13.38
CA GLN A 414 6.54 22.79 -14.62
C GLN A 414 7.84 23.56 -14.47
N THR A 415 8.93 22.93 -14.89
CA THR A 415 10.18 23.67 -14.97
C THR A 415 10.25 24.43 -16.28
N GLY A 416 11.01 25.51 -16.25
CA GLY A 416 11.38 26.26 -17.41
C GLY A 416 12.14 27.45 -16.89
N LYS A 417 13.48 27.46 -17.10
CA LYS A 417 14.40 28.27 -16.31
C LYS A 417 14.05 29.75 -16.35
N ILE A 418 13.47 30.18 -17.48
CA ILE A 418 12.94 31.54 -17.59
C ILE A 418 11.88 31.75 -16.54
N ALA A 419 10.81 30.94 -16.57
CA ALA A 419 9.80 30.96 -15.52
C ALA A 419 10.48 30.82 -14.17
N ASP A 420 11.36 29.83 -14.05
CA ASP A 420 12.11 29.66 -12.81
C ASP A 420 13.00 30.84 -12.48
N TYR A 421 13.31 31.71 -13.46
CA TYR A 421 14.06 32.93 -13.24
C TYR A 421 13.19 34.18 -13.30
N ASN A 422 11.95 34.10 -13.77
CA ASN A 422 11.13 35.28 -14.05
C ASN A 422 9.76 35.18 -13.39
N TYR A 423 9.12 34.03 -13.42
CA TYR A 423 7.80 33.90 -12.81
C TYR A 423 7.51 32.43 -12.56
N LYS A 424 7.44 32.05 -11.29
CA LYS A 424 7.33 30.65 -10.87
C LYS A 424 5.97 30.42 -10.23
N LEU A 425 5.26 29.43 -10.74
CA LEU A 425 4.09 28.87 -10.08
C LEU A 425 4.53 27.81 -9.08
N PRO A 426 3.85 27.67 -7.93
CA PRO A 426 4.13 26.51 -7.08
C PRO A 426 3.65 25.23 -7.73
N ASP A 427 4.16 24.12 -7.20
CA ASP A 427 3.75 22.79 -7.65
C ASP A 427 2.26 22.53 -7.49
N ASP A 428 1.61 23.19 -6.53
CA ASP A 428 0.21 22.98 -6.18
C ASP A 428 -0.60 24.25 -6.39
N PHE A 429 -0.22 25.05 -7.38
CA PHE A 429 -0.99 26.22 -7.79
C PHE A 429 -2.47 25.91 -7.95
N THR A 430 -3.28 26.77 -7.35
CA THR A 430 -4.73 26.76 -7.51
C THR A 430 -5.16 28.10 -8.07
N GLY A 431 -5.98 28.07 -9.08
CA GLY A 431 -6.30 29.21 -9.90
C GLY A 431 -6.48 28.78 -11.34
N CYS A 432 -6.43 29.77 -12.23
CA CYS A 432 -6.38 29.50 -13.67
C CYS A 432 -5.36 30.41 -14.32
N VAL A 433 -4.74 29.90 -15.39
CA VAL A 433 -3.82 30.63 -16.24
C VAL A 433 -4.53 30.93 -17.56
N ILE A 434 -4.57 32.21 -17.94
CA ILE A 434 -5.28 32.67 -19.12
C ILE A 434 -4.35 33.50 -20.00
N ALA A 435 -4.44 33.29 -21.31
CA ALA A 435 -3.59 34.03 -22.23
C ALA A 435 -4.23 34.10 -23.62
N TRP A 436 -3.72 35.05 -24.40
CA TRP A 436 -4.04 35.21 -25.81
C TRP A 436 -2.84 35.81 -26.50
N ASN A 437 -2.72 35.54 -27.80
CA ASN A 437 -1.69 36.17 -28.61
C ASN A 437 -1.89 37.68 -28.68
N SER A 438 -0.79 38.42 -28.56
CA SER A 438 -0.80 39.87 -28.46
C SER A 438 0.03 40.51 -29.58
N ASN A 439 -0.17 40.04 -30.81
CA ASN A 439 0.56 40.56 -31.97
C ASN A 439 0.39 42.08 -32.13
N ASN A 440 -0.85 42.58 -32.18
CA ASN A 440 -1.07 44.01 -32.37
C ASN A 440 -0.46 44.82 -31.25
N LEU A 441 -0.66 44.38 -30.01
CA LEU A 441 -0.25 45.17 -28.87
C LEU A 441 1.26 45.12 -28.70
N ASP A 442 1.81 43.91 -28.68
CA ASP A 442 3.17 43.65 -28.20
C ASP A 442 4.15 43.24 -29.27
N SER A 443 3.71 42.63 -30.38
CA SER A 443 4.61 42.52 -31.51
C SER A 443 4.69 43.89 -32.18
N LYS A 444 5.87 44.18 -32.72
CA LYS A 444 6.12 45.44 -33.38
C LYS A 444 6.95 45.15 -34.61
N VAL A 445 6.80 46.04 -35.59
CA VAL A 445 7.28 45.86 -36.97
C VAL A 445 8.73 45.41 -37.03
N GLY A 446 9.60 46.10 -36.32
CA GLY A 446 11.01 45.77 -36.27
C GLY A 446 11.37 44.75 -35.22
N GLY A 447 10.39 44.11 -34.61
CA GLY A 447 10.54 43.55 -33.28
C GLY A 447 10.16 44.56 -32.22
N ASN A 448 9.88 44.03 -31.03
CA ASN A 448 9.51 44.84 -29.87
C ASN A 448 10.48 44.56 -28.74
N TYR A 449 11.64 45.18 -28.84
CA TYR A 449 12.75 44.99 -27.90
C TYR A 449 12.58 45.70 -26.55
N ASN A 450 11.37 46.14 -26.23
CA ASN A 450 11.02 46.74 -24.95
C ASN A 450 10.52 45.72 -23.95
N TYR A 451 10.35 44.47 -24.34
CA TYR A 451 9.88 43.39 -23.47
C TYR A 451 11.04 42.47 -23.15
N LEU A 452 11.24 42.22 -21.86
CA LEU A 452 12.48 41.67 -21.34
C LEU A 452 12.20 40.52 -20.41
N TYR A 453 13.27 39.78 -20.14
CA TYR A 453 13.31 38.76 -19.12
C TYR A 453 14.69 38.72 -18.48
N ARG A 454 14.71 38.39 -17.19
CA ARG A 454 15.95 37.94 -16.57
C ARG A 454 16.40 36.69 -17.29
N LEU A 455 17.62 36.75 -17.80
CA LEU A 455 18.22 35.58 -18.44
C LEU A 455 18.98 34.70 -17.46
N PHE A 456 19.59 35.28 -16.45
CA PHE A 456 20.50 34.58 -15.55
C PHE A 456 20.13 34.84 -14.11
N ARG A 457 20.40 33.85 -13.28
CA ARG A 457 20.33 34.06 -11.85
C ARG A 457 21.29 33.09 -11.21
N LYS A 458 21.63 33.39 -9.96
CA LYS A 458 22.41 32.47 -9.15
C LYS A 458 21.65 31.17 -8.90
N SER A 459 20.33 31.24 -8.77
CA SER A 459 19.52 30.05 -8.61
C SER A 459 18.11 30.42 -9.03
N ASN A 460 17.27 29.40 -9.14
CA ASN A 460 15.89 29.67 -9.46
C ASN A 460 15.21 30.49 -8.37
N LEU A 461 14.15 31.16 -8.79
CA LEU A 461 13.28 31.90 -7.89
C LEU A 461 12.54 30.97 -6.95
N LYS A 462 12.01 31.56 -5.90
CA LYS A 462 10.90 31.04 -5.14
C LYS A 462 9.60 31.48 -5.81
N PRO A 463 8.47 30.84 -5.48
CA PRO A 463 7.20 31.25 -6.09
C PRO A 463 6.84 32.72 -5.91
N PHE A 464 6.50 33.38 -7.03
CA PHE A 464 6.12 34.79 -7.07
C PHE A 464 7.19 35.75 -6.54
N GLU A 465 8.46 35.42 -6.69
CA GLU A 465 9.48 36.45 -6.59
C GLU A 465 9.45 37.31 -7.86
N ARG A 466 10.19 38.42 -7.82
CA ARG A 466 10.21 39.37 -8.92
C ARG A 466 11.57 40.08 -8.92
N ASP A 467 12.62 39.36 -9.28
CA ASP A 467 13.98 39.83 -9.08
C ASP A 467 14.32 40.86 -10.15
N ILE A 468 14.06 42.12 -9.84
CA ILE A 468 14.32 43.22 -10.77
C ILE A 468 15.75 43.74 -10.64
N SER A 469 16.56 43.16 -9.74
CA SER A 469 17.91 43.63 -9.46
C SER A 469 18.80 43.47 -10.67
N THR A 470 19.40 44.57 -11.11
CA THR A 470 20.27 44.63 -12.28
C THR A 470 21.71 44.19 -11.99
N GLU A 471 21.89 43.15 -11.17
CA GLU A 471 23.21 42.63 -10.86
C GLU A 471 23.93 42.14 -12.11
N ILE A 472 25.14 42.61 -12.29
CA ILE A 472 25.99 42.09 -13.35
C ILE A 472 26.35 40.66 -12.97
N TYR A 473 25.93 39.72 -13.80
CA TYR A 473 26.03 38.30 -13.49
C TYR A 473 27.46 37.85 -13.66
N GLN A 474 28.08 37.40 -12.58
CA GLN A 474 29.42 36.84 -12.67
C GLN A 474 29.27 35.48 -13.31
N ALA A 475 29.52 35.43 -14.61
CA ALA A 475 29.40 34.22 -15.42
C ALA A 475 30.76 33.58 -15.61
N GLY A 476 31.46 33.35 -14.51
CA GLY A 476 32.80 32.83 -14.55
C GLY A 476 33.59 33.27 -13.33
N SER A 477 34.90 33.24 -13.50
CA SER A 477 35.84 33.70 -12.48
C SER A 477 35.85 35.23 -12.40
N THR A 478 36.47 35.70 -11.32
CA THR A 478 36.73 37.08 -10.95
C THR A 478 35.46 37.84 -10.59
N PRO A 479 35.41 38.56 -9.47
CA PRO A 479 34.23 39.40 -9.20
C PRO A 479 34.18 40.55 -10.19
N CYS A 480 32.99 40.79 -10.72
CA CYS A 480 32.90 41.64 -11.90
C CYS A 480 32.88 43.10 -11.55
N ASN A 481 32.54 43.46 -10.31
CA ASN A 481 32.71 44.80 -9.77
C ASN A 481 32.08 45.90 -10.62
N GLY A 482 31.01 45.58 -11.33
CA GLY A 482 30.38 46.55 -12.21
C GLY A 482 31.08 46.78 -13.53
N VAL A 483 32.19 46.09 -13.80
CA VAL A 483 32.91 46.36 -15.04
C VAL A 483 32.13 45.90 -16.26
N GLU A 484 31.19 44.97 -16.10
CA GLU A 484 30.31 44.47 -17.17
C GLU A 484 31.11 43.99 -18.37
N GLY A 485 32.27 43.40 -18.11
CA GLY A 485 33.10 42.87 -19.16
C GLY A 485 32.60 41.50 -19.59
N PHE A 486 33.46 40.81 -20.30
CA PHE A 486 33.22 39.41 -20.61
C PHE A 486 33.13 38.59 -19.33
N ASN A 487 32.25 37.57 -19.33
CA ASN A 487 31.83 36.80 -18.17
C ASN A 487 31.10 37.64 -17.12
N CYS A 488 30.65 38.85 -17.48
CA CYS A 488 30.11 39.83 -16.55
C CYS A 488 28.98 40.54 -17.29
N TYR A 489 27.78 39.94 -17.26
CA TYR A 489 26.71 40.27 -18.19
C TYR A 489 25.59 41.02 -17.49
N PHE A 490 25.09 42.02 -18.19
CA PHE A 490 23.81 42.65 -17.91
C PHE A 490 22.72 41.58 -17.78
N PRO A 491 21.99 41.51 -16.66
CA PRO A 491 21.32 40.26 -16.30
C PRO A 491 20.02 39.95 -17.01
N LEU A 492 19.44 40.92 -17.73
CA LEU A 492 18.21 40.68 -18.47
C LEU A 492 18.52 40.50 -19.95
N GLN A 493 17.50 40.03 -20.68
CA GLN A 493 17.58 39.92 -22.12
C GLN A 493 16.19 40.12 -22.68
N SER A 494 16.14 40.61 -23.92
CA SER A 494 14.89 40.88 -24.59
C SER A 494 14.36 39.66 -25.32
N TYR A 495 13.04 39.63 -25.45
CA TYR A 495 12.38 38.93 -26.53
C TYR A 495 12.62 39.65 -27.86
N GLY A 496 12.37 38.94 -28.95
CA GLY A 496 12.35 39.53 -30.27
C GLY A 496 11.04 40.20 -30.69
N PHE A 497 9.93 39.47 -30.59
CA PHE A 497 8.58 39.94 -30.96
C PHE A 497 8.52 40.58 -32.34
N GLN A 498 9.25 40.00 -33.29
CA GLN A 498 9.15 40.42 -34.68
C GLN A 498 7.83 39.93 -35.27
N PRO A 499 7.25 40.65 -36.24
CA PRO A 499 6.01 40.14 -36.85
C PRO A 499 6.26 38.89 -37.66
N THR A 500 7.48 38.71 -38.15
CA THR A 500 7.88 37.47 -38.81
C THR A 500 7.98 36.27 -37.87
N ASN A 501 7.96 36.49 -36.56
CA ASN A 501 8.06 35.41 -35.57
C ASN A 501 7.00 34.34 -35.79
N GLY A 502 7.42 33.09 -35.73
CA GLY A 502 6.47 32.02 -35.50
C GLY A 502 5.76 32.17 -34.17
N VAL A 503 4.62 31.48 -34.08
CA VAL A 503 3.67 31.68 -32.98
C VAL A 503 4.33 31.41 -31.63
N GLY A 504 5.21 30.39 -31.57
CA GLY A 504 5.99 30.17 -30.37
C GLY A 504 6.92 31.33 -30.03
N TYR A 505 7.30 32.09 -31.05
CA TYR A 505 8.09 33.30 -30.89
C TYR A 505 7.22 34.55 -30.83
N GLN A 506 6.00 34.50 -31.37
CA GLN A 506 5.11 35.64 -31.29
C GLN A 506 4.76 35.95 -29.84
N PRO A 507 4.54 37.22 -29.49
CA PRO A 507 4.13 37.55 -28.13
C PRO A 507 2.77 37.00 -27.76
N TYR A 508 2.65 36.66 -26.48
CA TYR A 508 1.39 36.32 -25.84
C TYR A 508 1.26 37.11 -24.54
N ARG A 509 0.12 37.76 -24.37
CA ARG A 509 -0.26 38.33 -23.08
C ARG A 509 -0.82 37.22 -22.22
N VAL A 510 -0.28 37.08 -21.00
CA VAL A 510 -0.71 36.08 -20.03
C VAL A 510 -1.28 36.81 -18.84
N VAL A 511 -2.46 36.38 -18.40
CA VAL A 511 -3.00 36.72 -17.09
C VAL A 511 -3.12 35.41 -16.32
N VAL A 512 -2.60 35.38 -15.10
CA VAL A 512 -2.79 34.28 -14.17
C VAL A 512 -3.65 34.75 -13.01
N LEU A 513 -4.76 34.04 -12.80
CA LEU A 513 -5.69 34.31 -11.70
C LEU A 513 -5.48 33.24 -10.65
N SER A 514 -4.51 33.45 -9.79
CA SER A 514 -4.41 32.66 -8.59
C SER A 514 -5.55 33.00 -7.64
N PHE A 515 -5.96 32.01 -6.86
CA PHE A 515 -6.85 32.25 -5.74
C PHE A 515 -6.66 31.15 -4.71
N GLU A 516 -7.13 31.43 -3.50
CA GLU A 516 -6.98 30.54 -2.36
C GLU A 516 -8.28 30.56 -1.54
N LEU A 517 -8.70 29.36 -1.16
CA LEU A 517 -10.11 29.03 -0.91
C LEU A 517 -10.53 29.18 0.55
N LEU A 518 -11.14 30.35 0.86
CA LEU A 518 -12.10 30.53 1.97
C LEU A 518 -11.66 29.96 3.32
N HIS A 519 -10.45 30.31 3.73
CA HIS A 519 -10.09 30.03 5.12
C HIS A 519 -10.93 30.91 6.04
N ALA A 520 -10.87 32.22 5.84
CA ALA A 520 -11.81 33.19 6.39
C ALA A 520 -13.02 33.39 5.47
N PRO A 521 -14.16 33.83 6.01
CA PRO A 521 -15.23 34.33 5.14
C PRO A 521 -14.72 35.49 4.31
N ALA A 522 -15.06 35.49 3.02
CA ALA A 522 -14.63 36.58 2.16
C ALA A 522 -15.67 36.88 1.10
N THR A 523 -15.58 38.12 0.62
CA THR A 523 -16.47 38.69 -0.39
C THR A 523 -16.29 38.13 -1.79
N VAL A 524 -15.14 37.56 -2.12
CA VAL A 524 -14.72 37.44 -3.51
C VAL A 524 -15.41 36.23 -4.13
N CYS A 525 -16.74 36.28 -4.17
CA CYS A 525 -17.59 35.13 -4.44
C CYS A 525 -18.19 35.19 -5.81
N GLY A 526 -18.57 34.01 -6.27
CA GLY A 526 -19.38 33.86 -7.45
C GLY A 526 -20.72 34.55 -7.37
N PRO A 527 -21.45 34.58 -8.49
CA PRO A 527 -22.74 35.28 -8.57
C PRO A 527 -23.91 34.67 -7.80
N LYS A 528 -23.67 33.79 -6.83
CA LYS A 528 -24.74 33.05 -6.17
C LYS A 528 -25.70 33.98 -5.46
N LYS A 529 -26.96 33.90 -5.86
CA LYS A 529 -27.99 34.85 -5.49
C LYS A 529 -28.44 34.58 -4.06
N SER A 530 -28.32 35.59 -3.21
CA SER A 530 -28.66 35.50 -1.80
C SER A 530 -30.12 35.10 -1.62
N THR A 531 -30.32 33.88 -1.12
CA THR A 531 -31.60 33.20 -1.07
C THR A 531 -31.93 32.91 0.39
N ASN A 532 -33.23 32.94 0.72
CA ASN A 532 -33.73 33.04 2.09
C ASN A 532 -33.12 32.03 3.06
N LEU A 533 -32.76 32.54 4.23
CA LEU A 533 -32.29 31.74 5.36
C LEU A 533 -33.46 31.10 6.12
N VAL A 534 -34.07 30.09 5.50
CA VAL A 534 -34.82 29.11 6.27
C VAL A 534 -33.84 28.22 7.02
N LYS A 535 -34.17 27.89 8.28
CA LYS A 535 -33.23 27.28 9.20
C LYS A 535 -33.66 25.91 9.70
N ASN A 536 -34.74 25.82 10.45
CA ASN A 536 -35.04 24.62 11.21
C ASN A 536 -35.65 23.49 10.40
N LYS A 537 -35.84 23.66 9.10
CA LYS A 537 -36.05 22.51 8.23
C LYS A 537 -34.72 21.84 7.96
N CYS A 538 -34.76 20.53 7.71
CA CYS A 538 -33.60 19.87 7.16
C CYS A 538 -33.51 20.26 5.70
N VAL A 539 -32.39 20.85 5.33
CA VAL A 539 -32.20 21.43 4.00
C VAL A 539 -30.79 21.15 3.54
N ASN A 540 -30.62 21.12 2.23
CA ASN A 540 -29.32 21.43 1.65
C ASN A 540 -29.05 22.90 1.90
N PHE A 541 -27.77 23.24 2.07
CA PHE A 541 -27.37 24.61 2.31
C PHE A 541 -26.09 24.90 1.54
N ASN A 542 -25.91 26.19 1.24
CA ASN A 542 -24.64 26.73 0.81
C ASN A 542 -24.43 28.05 1.56
N PHE A 543 -23.47 28.07 2.48
CA PHE A 543 -23.02 29.30 3.12
C PHE A 543 -21.71 29.70 2.47
N ASN A 544 -21.77 30.61 1.50
CA ASN A 544 -20.63 31.19 0.80
C ASN A 544 -19.74 30.18 0.08
N GLY A 545 -20.15 28.92 -0.03
CA GLY A 545 -19.32 27.83 -0.53
C GLY A 545 -19.29 26.68 0.46
N LEU A 546 -19.50 26.96 1.74
CA LEU A 546 -19.66 25.88 2.70
C LEU A 546 -20.98 25.17 2.40
N THR A 547 -20.90 23.89 2.02
CA THR A 547 -21.97 23.23 1.27
C THR A 547 -22.22 21.83 1.80
N GLY A 548 -23.50 21.51 2.02
CA GLY A 548 -23.85 20.27 2.66
C GLY A 548 -25.34 20.19 2.87
N THR A 549 -25.76 19.34 3.82
CA THR A 549 -27.16 19.23 4.21
C THR A 549 -27.32 19.06 5.71
N GLY A 550 -28.48 19.49 6.19
CA GLY A 550 -28.86 19.22 7.57
C GLY A 550 -29.94 20.16 8.03
N VAL A 551 -30.39 19.89 9.26
CA VAL A 551 -31.16 20.86 10.02
C VAL A 551 -30.22 21.93 10.53
N LEU A 552 -30.51 23.17 10.17
CA LEU A 552 -29.78 24.33 10.68
C LEU A 552 -30.47 24.79 11.95
N THR A 553 -29.68 25.27 12.90
CA THR A 553 -30.11 25.44 14.28
C THR A 553 -29.49 26.70 14.85
N GLU A 554 -30.35 27.58 15.36
CA GLU A 554 -29.95 28.82 15.99
C GLU A 554 -29.00 28.52 17.15
N SER A 555 -27.77 29.01 17.03
CA SER A 555 -26.63 28.41 17.74
C SER A 555 -26.76 28.48 19.25
N ASN A 556 -26.31 27.40 19.90
CA ASN A 556 -26.48 27.23 21.34
C ASN A 556 -25.75 28.29 22.13
N LYS A 557 -24.70 28.84 21.53
CA LYS A 557 -23.95 29.94 22.12
C LYS A 557 -23.18 30.65 21.00
N LYS A 558 -23.23 31.99 20.96
CA LYS A 558 -22.50 32.72 19.94
C LYS A 558 -21.00 32.59 20.17
N PHE A 559 -20.27 32.63 19.07
CA PHE A 559 -18.83 32.54 19.08
C PHE A 559 -18.24 33.85 19.56
N LEU A 560 -16.90 33.96 19.52
CA LEU A 560 -16.27 35.22 19.67
C LEU A 560 -16.72 36.04 18.41
N PRO A 561 -16.79 37.37 18.58
CA PRO A 561 -17.56 38.13 17.57
C PRO A 561 -16.94 38.13 16.19
N PHE A 562 -15.62 38.05 16.09
CA PHE A 562 -14.96 37.98 14.81
C PHE A 562 -15.12 36.61 14.14
N GLN A 563 -15.56 35.60 14.87
CA GLN A 563 -15.52 34.23 14.38
C GLN A 563 -16.72 33.93 13.49
N GLN A 564 -16.53 32.95 12.62
CA GLN A 564 -17.46 32.61 11.55
C GLN A 564 -17.79 31.13 11.65
N PHE A 565 -16.93 30.27 11.09
CA PHE A 565 -17.12 28.85 11.27
C PHE A 565 -16.75 28.46 12.69
N GLY A 566 -17.08 27.23 13.07
CA GLY A 566 -16.80 26.81 14.43
C GLY A 566 -16.81 25.33 14.65
N ARG A 567 -16.29 24.97 15.83
CA ARG A 567 -16.08 23.59 16.23
C ARG A 567 -16.01 23.54 17.75
N ASP A 568 -16.14 22.31 18.29
CA ASP A 568 -15.70 22.00 19.65
C ASP A 568 -14.62 20.91 19.60
N ILE A 569 -14.72 19.86 20.43
CA ILE A 569 -13.88 18.67 20.27
C ILE A 569 -14.09 17.98 18.92
N ALA A 570 -15.24 18.19 18.28
CA ALA A 570 -15.55 17.51 17.02
C ALA A 570 -14.57 17.93 15.94
N ASP A 571 -14.09 16.93 15.19
CA ASP A 571 -13.31 17.13 13.98
C ASP A 571 -14.15 17.42 12.73
N THR A 572 -15.31 18.07 12.89
CA THR A 572 -16.17 18.42 11.78
C THR A 572 -16.70 19.83 12.01
N THR A 573 -16.69 20.64 10.95
CA THR A 573 -17.15 22.01 11.04
C THR A 573 -18.67 22.00 10.96
N ASP A 574 -19.31 22.37 12.06
CA ASP A 574 -20.73 22.14 12.28
C ASP A 574 -21.56 23.40 12.44
N ALA A 575 -20.98 24.58 12.22
CA ALA A 575 -21.70 25.82 12.52
C ALA A 575 -21.13 26.96 11.70
N VAL A 576 -21.97 27.98 11.49
CA VAL A 576 -21.70 29.05 10.54
C VAL A 576 -22.45 30.30 10.97
N ARG A 577 -21.94 31.45 10.54
CA ARG A 577 -22.63 32.72 10.63
C ARG A 577 -23.19 33.07 9.25
N ASP A 578 -24.45 33.44 9.20
CA ASP A 578 -25.06 33.88 7.96
C ASP A 578 -24.40 35.18 7.48
N PRO A 579 -24.02 35.31 6.20
CA PRO A 579 -23.23 36.49 5.79
C PRO A 579 -23.95 37.82 5.93
N GLN A 580 -25.28 37.82 6.01
CA GLN A 580 -26.06 39.04 6.07
C GLN A 580 -26.97 39.08 7.28
N THR A 581 -27.48 37.94 7.71
CA THR A 581 -28.29 37.87 8.93
C THR A 581 -27.40 37.86 10.16
N LEU A 582 -26.14 37.42 10.01
CA LEU A 582 -25.12 37.44 11.05
C LEU A 582 -25.40 36.61 12.31
N GLU A 583 -26.49 35.86 12.35
CA GLU A 583 -26.72 34.90 13.42
C GLU A 583 -25.73 33.76 13.31
N ILE A 584 -25.19 33.33 14.45
CA ILE A 584 -24.48 32.05 14.47
C ILE A 584 -25.54 30.97 14.43
N LEU A 585 -25.34 29.99 13.56
CA LEU A 585 -26.17 28.80 13.43
C LEU A 585 -25.34 27.56 13.66
N ASP A 586 -25.87 26.63 14.47
CA ASP A 586 -25.45 25.24 14.44
C ASP A 586 -26.20 24.45 13.37
N ILE A 587 -25.59 23.35 12.93
CA ILE A 587 -26.10 22.45 11.90
C ILE A 587 -26.10 21.04 12.46
N THR A 588 -27.05 20.22 12.02
CA THR A 588 -27.10 18.80 12.39
C THR A 588 -27.72 17.99 11.24
N PRO A 589 -27.07 16.95 10.71
CA PRO A 589 -27.67 16.24 9.58
C PRO A 589 -28.82 15.34 10.01
N CYS A 590 -29.99 15.53 9.39
CA CYS A 590 -31.11 14.61 9.54
C CYS A 590 -30.93 13.31 8.74
N SER A 591 -29.92 13.24 7.88
CA SER A 591 -29.56 12.05 7.09
C SER A 591 -28.85 10.99 7.93
N PHE A 592 -29.54 10.48 8.96
CA PHE A 592 -28.88 9.72 10.03
C PHE A 592 -29.42 8.31 10.24
N GLY A 593 -30.66 8.14 10.70
CA GLY A 593 -31.04 6.96 11.47
C GLY A 593 -30.89 5.62 10.76
N GLY A 594 -30.39 4.63 11.51
CA GLY A 594 -30.28 3.25 11.07
C GLY A 594 -31.63 2.57 10.92
N VAL A 595 -31.62 1.40 10.27
CA VAL A 595 -32.79 0.53 10.19
C VAL A 595 -32.35 -0.92 10.30
N SER A 596 -33.14 -1.70 11.04
CA SER A 596 -32.98 -3.15 11.15
C SER A 596 -34.34 -3.81 11.00
N VAL A 597 -34.36 -4.97 10.32
CA VAL A 597 -35.59 -5.74 10.09
C VAL A 597 -35.67 -6.94 11.00
N ILE A 598 -36.83 -7.12 11.62
CA ILE A 598 -37.15 -8.24 12.51
C ILE A 598 -38.11 -9.15 11.76
N THR A 599 -37.82 -10.45 11.77
CA THR A 599 -38.55 -11.45 10.97
C THR A 599 -38.71 -12.78 11.69
N PRO A 600 -39.89 -13.42 11.65
CA PRO A 600 -40.02 -14.78 12.19
C PRO A 600 -39.44 -15.87 11.33
N GLY A 601 -38.83 -15.54 10.19
CA GLY A 601 -38.38 -16.50 9.21
C GLY A 601 -39.42 -16.87 8.16
N THR A 602 -38.88 -17.06 6.95
CA THR A 602 -39.69 -17.26 5.76
C THR A 602 -40.57 -18.49 5.86
N ASN A 603 -40.08 -19.49 6.56
CA ASN A 603 -40.85 -20.70 6.77
C ASN A 603 -42.05 -20.39 7.66
N THR A 604 -41.92 -19.38 8.52
CA THR A 604 -43.01 -19.01 9.42
C THR A 604 -44.04 -18.11 8.76
N SER A 605 -43.62 -16.95 8.27
CA SER A 605 -44.58 -15.95 7.83
C SER A 605 -43.88 -14.90 6.99
N ASN A 606 -44.69 -14.14 6.27
CA ASN A 606 -44.22 -12.99 5.50
C ASN A 606 -44.51 -11.65 6.14
N GLN A 607 -45.16 -11.60 7.30
CA GLN A 607 -45.21 -10.35 8.04
C GLN A 607 -43.82 -10.07 8.57
N VAL A 608 -43.41 -8.80 8.54
CA VAL A 608 -42.16 -8.37 9.16
C VAL A 608 -42.37 -7.09 9.93
N ALA A 609 -41.41 -6.80 10.80
CA ALA A 609 -41.40 -5.62 11.64
C ALA A 609 -40.04 -4.95 11.50
N VAL A 610 -40.01 -3.67 11.86
CA VAL A 610 -38.84 -2.82 11.65
C VAL A 610 -38.55 -2.07 12.94
N LEU A 611 -37.28 -2.08 13.36
CA LEU A 611 -36.78 -1.27 14.45
C LEU A 611 -35.97 -0.11 13.90
N TYR A 612 -36.26 1.09 14.38
CA TYR A 612 -35.51 2.30 14.07
C TYR A 612 -34.79 2.71 15.34
N GLN A 613 -33.50 2.36 15.41
CA GLN A 613 -32.81 2.25 16.68
C GLN A 613 -32.61 3.54 17.46
N ASP A 614 -32.96 4.71 16.89
CA ASP A 614 -32.42 5.99 17.36
C ASP A 614 -33.42 7.11 17.57
N VAL A 615 -34.69 6.97 17.18
CA VAL A 615 -35.50 8.11 16.77
C VAL A 615 -36.91 8.03 17.32
N ASN A 616 -37.62 9.17 17.23
CA ASN A 616 -39.07 9.22 17.13
C ASN A 616 -39.42 9.41 15.67
N CYS A 617 -40.01 8.38 15.08
CA CYS A 617 -40.07 8.19 13.64
C CYS A 617 -40.78 9.30 12.87
N ASN A 641 -48.60 -0.86 14.55
CA ASN A 641 -48.49 0.15 15.60
C ASN A 641 -47.04 0.38 15.98
N VAL A 642 -46.82 1.42 16.78
CA VAL A 642 -45.50 1.93 17.09
C VAL A 642 -45.30 1.95 18.60
N PHE A 643 -44.09 1.63 19.03
CA PHE A 643 -43.73 1.61 20.44
C PHE A 643 -42.31 2.13 20.59
N GLN A 644 -42.11 3.05 21.54
CA GLN A 644 -40.81 3.64 21.80
C GLN A 644 -40.07 2.76 22.80
N THR A 645 -39.33 1.80 22.29
CA THR A 645 -38.43 1.04 23.14
C THR A 645 -37.27 1.90 23.58
N ARG A 646 -36.59 1.45 24.63
CA ARG A 646 -35.27 2.00 24.94
C ARG A 646 -34.30 1.76 23.79
N ALA A 647 -34.52 0.72 22.99
CA ALA A 647 -33.67 0.45 21.84
C ALA A 647 -33.98 1.34 20.65
N GLY A 648 -35.08 2.09 20.67
CA GLY A 648 -35.48 2.95 19.55
C GLY A 648 -36.94 2.82 19.23
N CYS A 649 -37.36 3.61 18.22
CA CYS A 649 -38.70 3.51 17.66
C CYS A 649 -38.87 2.15 16.98
N LEU A 650 -39.79 1.36 17.53
CA LEU A 650 -40.16 0.05 17.03
C LEU A 650 -41.54 0.15 16.42
N ILE A 651 -41.68 -0.28 15.16
CA ILE A 651 -42.93 -0.18 14.42
C ILE A 651 -43.35 -1.60 14.05
N GLY A 652 -44.65 -1.85 14.10
CA GLY A 652 -45.23 -3.11 13.71
C GLY A 652 -45.30 -4.10 14.84
N ALA A 653 -44.22 -4.24 15.60
CA ALA A 653 -44.22 -5.16 16.73
C ALA A 653 -45.23 -4.74 17.79
N GLU A 654 -46.06 -5.69 18.21
CA GLU A 654 -47.08 -5.46 19.22
C GLU A 654 -46.45 -5.54 20.60
N HIS A 655 -46.23 -4.40 21.23
CA HIS A 655 -45.72 -4.42 22.60
C HIS A 655 -46.76 -5.03 23.54
N VAL A 656 -46.31 -5.92 24.42
CA VAL A 656 -47.16 -6.57 25.42
C VAL A 656 -46.58 -6.34 26.80
N ASN A 657 -47.42 -6.19 27.84
CA ASN A 657 -46.97 -5.96 29.22
C ASN A 657 -46.72 -7.29 29.93
N ASN A 658 -45.97 -8.19 29.29
CA ASN A 658 -45.74 -9.55 29.76
C ASN A 658 -44.25 -9.83 29.62
N SER A 659 -43.81 -10.90 30.29
CA SER A 659 -42.42 -11.34 30.21
C SER A 659 -42.32 -12.86 30.04
N TYR A 660 -41.43 -13.25 29.13
CA TYR A 660 -41.12 -14.63 28.80
C TYR A 660 -39.64 -14.70 28.52
N GLU A 661 -39.12 -15.92 28.44
CA GLU A 661 -37.74 -16.10 27.99
C GLU A 661 -37.57 -15.57 26.58
N CYS A 662 -36.36 -15.10 26.29
CA CYS A 662 -36.09 -14.47 25.00
C CYS A 662 -36.13 -15.49 23.88
N ASP A 663 -36.82 -15.12 22.81
CA ASP A 663 -36.76 -15.86 21.55
C ASP A 663 -35.81 -15.14 20.60
N ILE A 664 -36.30 -14.11 19.92
CA ILE A 664 -35.45 -13.21 19.14
C ILE A 664 -35.06 -12.05 20.06
N PRO A 665 -33.76 -11.84 20.35
CA PRO A 665 -33.38 -10.61 21.07
C PRO A 665 -33.40 -9.37 20.21
N ILE A 666 -34.29 -8.44 20.56
CA ILE A 666 -34.35 -7.16 19.86
C ILE A 666 -33.23 -6.27 20.35
N GLY A 667 -33.14 -6.10 21.65
CA GLY A 667 -32.13 -5.27 22.28
C GLY A 667 -32.67 -4.71 23.57
N ALA A 668 -31.75 -4.25 24.42
CA ALA A 668 -32.07 -3.56 25.66
C ALA A 668 -32.98 -4.35 26.61
N GLY A 669 -33.06 -5.67 26.45
CA GLY A 669 -33.99 -6.50 27.18
C GLY A 669 -35.34 -6.66 26.52
N ILE A 670 -35.58 -6.00 25.40
CA ILE A 670 -36.71 -6.34 24.55
C ILE A 670 -36.38 -7.59 23.75
N CYS A 671 -37.35 -8.50 23.68
CA CYS A 671 -37.29 -9.69 22.84
C CYS A 671 -38.62 -9.83 22.13
N ALA A 672 -38.66 -10.66 21.07
CA ALA A 672 -39.84 -10.79 20.23
C ALA A 672 -40.10 -12.22 19.79
N SER A 673 -41.39 -12.52 19.53
CA SER A 673 -41.86 -13.83 19.14
C SER A 673 -43.20 -13.66 18.43
N TYR A 674 -43.62 -14.71 17.71
CA TYR A 674 -44.68 -14.59 16.72
C TYR A 674 -46.07 -15.02 17.18
N GLN A 675 -46.23 -15.55 18.38
CA GLN A 675 -47.45 -16.29 18.73
C GLN A 675 -48.15 -15.74 19.97
N THR A 676 -49.48 -15.92 19.95
CA THR A 676 -50.40 -15.37 20.93
C THR A 676 -51.49 -16.40 21.18
N SER A 689 -54.57 -14.32 13.77
CA SER A 689 -53.93 -13.02 14.01
C SER A 689 -52.53 -13.12 14.60
N GLN A 690 -51.95 -14.32 14.63
CA GLN A 690 -50.60 -14.53 15.15
C GLN A 690 -49.58 -13.65 14.44
N SER A 691 -48.80 -12.92 15.23
CA SER A 691 -48.03 -11.77 14.76
C SER A 691 -46.87 -11.57 15.70
N ILE A 692 -45.86 -10.85 15.22
CA ILE A 692 -44.78 -10.42 16.09
C ILE A 692 -45.35 -9.55 17.20
N ILE A 693 -45.22 -10.04 18.41
CA ILE A 693 -45.27 -9.20 19.61
C ILE A 693 -43.85 -8.77 19.96
N ALA A 694 -43.76 -7.76 20.82
CA ALA A 694 -42.52 -7.48 21.56
C ALA A 694 -42.80 -7.46 23.06
N TYR A 695 -41.81 -7.90 23.83
CA TYR A 695 -41.95 -8.05 25.27
C TYR A 695 -40.62 -7.83 25.94
N THR A 696 -40.66 -7.35 27.18
CA THR A 696 -39.47 -7.30 28.02
C THR A 696 -39.20 -8.70 28.54
N MET A 697 -38.02 -9.22 28.26
CA MET A 697 -37.78 -10.63 28.55
C MET A 697 -37.72 -10.87 30.05
N SER A 698 -38.08 -12.09 30.45
CA SER A 698 -37.93 -12.55 31.84
C SER A 698 -36.55 -13.12 32.06
N LEU A 699 -35.93 -12.74 33.18
CA LEU A 699 -34.60 -13.22 33.50
C LEU A 699 -34.59 -14.70 33.82
N GLY A 700 -35.71 -15.24 34.28
CA GLY A 700 -35.75 -16.64 34.63
C GLY A 700 -36.97 -16.96 35.45
N ALA A 701 -36.82 -17.91 36.38
CA ALA A 701 -37.86 -18.27 37.33
C ALA A 701 -37.49 -17.75 38.71
N GLU A 702 -38.30 -16.84 39.23
CA GLU A 702 -38.07 -16.30 40.56
C GLU A 702 -38.47 -17.30 41.63
N ASN A 703 -37.65 -17.42 42.65
CA ASN A 703 -38.01 -18.20 43.83
C ASN A 703 -37.03 -17.82 44.93
N SER A 704 -37.07 -18.56 46.04
CA SER A 704 -36.03 -18.48 47.05
C SER A 704 -35.83 -19.84 47.70
N VAL A 705 -34.56 -20.15 47.97
CA VAL A 705 -34.24 -21.31 48.78
C VAL A 705 -34.67 -21.02 50.21
N ALA A 706 -35.36 -21.97 50.83
CA ALA A 706 -35.84 -21.80 52.20
C ALA A 706 -34.68 -21.88 53.18
N TYR A 707 -33.86 -20.84 53.21
CA TYR A 707 -32.74 -20.79 54.13
C TYR A 707 -33.24 -20.74 55.57
N SER A 708 -32.49 -21.37 56.46
CA SER A 708 -32.63 -21.10 57.87
C SER A 708 -31.34 -21.54 58.52
N ASN A 709 -31.05 -21.03 59.71
CA ASN A 709 -29.80 -21.36 60.41
C ASN A 709 -29.70 -22.79 60.93
N ASN A 710 -30.70 -23.62 60.67
CA ASN A 710 -30.70 -25.00 61.14
C ASN A 710 -31.15 -26.00 60.09
N SER A 711 -31.67 -25.58 58.95
CA SER A 711 -32.39 -26.47 58.05
C SER A 711 -31.49 -26.87 56.89
N ILE A 712 -31.40 -28.19 56.66
CA ILE A 712 -30.69 -28.79 55.53
C ILE A 712 -31.72 -29.44 54.64
N ALA A 713 -31.39 -29.50 53.35
CA ALA A 713 -32.00 -30.47 52.44
C ALA A 713 -30.91 -31.38 51.88
N ILE A 714 -31.28 -32.65 51.71
CA ILE A 714 -30.40 -33.69 51.17
C ILE A 714 -31.15 -34.43 50.08
N PRO A 715 -30.54 -34.82 48.97
CA PRO A 715 -31.27 -35.58 47.94
C PRO A 715 -31.50 -37.05 48.27
N THR A 716 -32.41 -37.66 47.51
CA THR A 716 -32.79 -39.07 47.64
C THR A 716 -32.64 -39.80 46.30
N ASN A 717 -33.65 -39.88 45.43
CA ASN A 717 -33.48 -40.55 44.19
C ASN A 717 -32.69 -39.59 43.30
N PHE A 718 -31.97 -40.18 42.37
CA PHE A 718 -31.09 -39.47 41.45
C PHE A 718 -31.32 -39.99 40.05
N THR A 719 -30.82 -39.25 39.06
CA THR A 719 -30.83 -39.72 37.68
C THR A 719 -29.54 -39.36 36.98
N ILE A 720 -29.00 -40.34 36.24
CA ILE A 720 -27.85 -40.12 35.37
C ILE A 720 -28.27 -39.19 34.23
N SER A 721 -27.73 -37.99 34.21
CA SER A 721 -27.72 -37.20 32.98
C SER A 721 -26.71 -37.80 32.02
N VAL A 722 -27.12 -38.02 30.78
CA VAL A 722 -26.21 -38.03 29.64
C VAL A 722 -26.42 -36.74 28.88
N THR A 723 -25.34 -36.08 28.49
CA THR A 723 -25.43 -34.85 27.72
C THR A 723 -24.28 -34.70 26.75
N THR A 724 -24.56 -33.97 25.67
CA THR A 724 -23.64 -33.76 24.57
C THR A 724 -22.96 -32.41 24.68
N GLU A 725 -21.63 -32.39 24.57
CA GLU A 725 -20.86 -31.19 24.31
C GLU A 725 -20.09 -31.35 23.01
N ILE A 726 -19.92 -30.24 22.30
CA ILE A 726 -19.49 -30.21 20.92
C ILE A 726 -18.32 -29.26 20.79
N LEU A 727 -17.26 -29.67 20.06
CA LEU A 727 -16.13 -28.78 19.73
C LEU A 727 -15.59 -28.92 18.31
N PRO A 728 -15.29 -27.80 17.61
CA PRO A 728 -14.59 -27.92 16.32
C PRO A 728 -13.13 -28.24 16.53
N VAL A 729 -12.53 -28.94 15.56
CA VAL A 729 -11.14 -29.38 15.67
C VAL A 729 -10.28 -28.98 14.47
N SER A 730 -10.84 -28.81 13.28
CA SER A 730 -10.06 -28.17 12.21
C SER A 730 -10.93 -27.47 11.19
N MET A 731 -10.37 -26.41 10.61
CA MET A 731 -10.80 -25.94 9.31
C MET A 731 -10.37 -26.89 8.21
N THR A 732 -10.90 -26.64 7.02
CA THR A 732 -10.43 -27.24 5.79
C THR A 732 -9.11 -26.62 5.32
N LYS A 733 -8.13 -27.45 5.00
CA LYS A 733 -6.85 -26.97 4.52
C LYS A 733 -7.00 -26.39 3.12
N THR A 734 -6.50 -25.16 2.90
CA THR A 734 -6.59 -24.51 1.60
C THR A 734 -5.25 -23.88 1.23
N SER A 735 -5.07 -23.59 -0.06
CA SER A 735 -3.86 -22.93 -0.51
C SER A 735 -4.15 -22.17 -1.81
N VAL A 736 -3.32 -21.15 -2.07
CA VAL A 736 -3.52 -20.25 -3.20
C VAL A 736 -2.18 -19.88 -3.82
N ASP A 737 -1.92 -20.38 -5.02
CA ASP A 737 -0.87 -19.82 -5.87
C ASP A 737 -1.27 -18.43 -6.33
N CYS A 738 -0.51 -17.43 -5.91
CA CYS A 738 -0.68 -16.06 -6.41
C CYS A 738 -0.70 -15.97 -7.92
N THR A 739 0.15 -16.74 -8.57
CA THR A 739 0.21 -16.73 -10.03
C THR A 739 -0.87 -17.57 -10.69
N MET A 740 -1.89 -17.96 -9.97
CA MET A 740 -3.19 -18.32 -10.50
C MET A 740 -4.24 -17.35 -10.03
N TYR A 741 -4.17 -16.90 -8.79
CA TYR A 741 -5.21 -16.03 -8.28
C TYR A 741 -4.95 -14.60 -8.69
N ILE A 742 -3.80 -14.08 -8.34
CA ILE A 742 -3.49 -12.71 -8.72
C ILE A 742 -3.33 -12.60 -10.20
N CYS A 743 -2.63 -13.55 -10.82
CA CYS A 743 -2.43 -13.57 -12.25
C CYS A 743 -2.99 -14.84 -12.83
N GLY A 744 -3.55 -14.73 -14.02
CA GLY A 744 -3.72 -15.86 -14.90
C GLY A 744 -2.40 -16.21 -15.52
N ASP A 745 -2.43 -17.24 -16.36
CA ASP A 745 -1.20 -17.80 -16.89
C ASP A 745 -0.45 -16.84 -17.79
N SER A 746 -1.11 -15.82 -18.30
CA SER A 746 -0.39 -14.76 -19.00
C SER A 746 0.48 -14.04 -17.99
N THR A 747 1.78 -14.16 -18.17
CA THR A 747 2.72 -13.94 -17.11
C THR A 747 2.94 -12.47 -16.79
N GLU A 748 2.39 -11.56 -17.59
CA GLU A 748 2.76 -10.14 -17.55
C GLU A 748 2.44 -9.57 -16.19
N CYS A 749 1.24 -9.88 -15.71
CA CYS A 749 0.89 -9.66 -14.33
C CYS A 749 1.94 -10.25 -13.42
N SER A 750 2.26 -11.52 -13.67
CA SER A 750 3.24 -12.22 -12.87
C SER A 750 4.61 -11.54 -12.99
N ASN A 751 4.94 -11.04 -14.18
CA ASN A 751 6.22 -10.38 -14.37
C ASN A 751 6.32 -9.11 -13.54
N LEU A 752 5.26 -8.32 -13.51
CA LEU A 752 5.27 -7.16 -12.64
C LEU A 752 5.31 -7.58 -11.18
N LEU A 753 4.57 -8.62 -10.84
CA LEU A 753 4.50 -9.14 -9.48
C LEU A 753 5.82 -9.66 -8.95
N LEU A 754 6.87 -9.75 -9.75
CA LEU A 754 8.19 -9.90 -9.18
C LEU A 754 8.57 -8.68 -8.36
N GLN A 755 8.16 -7.50 -8.81
CA GLN A 755 8.09 -6.39 -7.88
C GLN A 755 6.90 -6.60 -6.98
N TYR A 756 6.99 -6.06 -5.76
CA TYR A 756 6.30 -6.54 -4.56
C TYR A 756 6.84 -7.90 -4.10
N GLY A 757 6.74 -8.92 -4.95
CA GLY A 757 7.43 -10.17 -4.71
C GLY A 757 7.02 -10.99 -3.51
N SER A 758 7.86 -10.99 -2.48
CA SER A 758 7.91 -12.03 -1.47
C SER A 758 6.64 -12.18 -0.64
N PHE A 759 5.74 -11.19 -0.67
CA PHE A 759 4.44 -11.24 -0.02
C PHE A 759 3.80 -12.59 -0.18
N CYS A 760 3.58 -12.91 -1.45
CA CYS A 760 3.03 -14.18 -1.89
C CYS A 760 3.71 -15.34 -1.23
N THR A 761 5.03 -15.34 -1.31
CA THR A 761 5.82 -16.42 -0.77
C THR A 761 5.52 -16.62 0.69
N GLN A 762 5.61 -15.56 1.46
CA GLN A 762 5.42 -15.74 2.87
C GLN A 762 3.97 -16.04 3.18
N LEU A 763 3.06 -15.55 2.36
CA LEU A 763 1.65 -15.88 2.52
C LEU A 763 1.42 -17.36 2.35
N ASN A 764 2.04 -17.92 1.33
CA ASN A 764 1.92 -19.35 1.09
C ASN A 764 2.51 -20.11 2.25
N ARG A 765 3.66 -19.65 2.72
CA ARG A 765 4.29 -20.22 3.90
C ARG A 765 3.33 -20.21 5.06
N ALA A 766 2.71 -19.07 5.31
CA ALA A 766 1.79 -18.91 6.43
C ALA A 766 0.60 -19.84 6.31
N LEU A 767 0.02 -19.89 5.12
CA LEU A 767 -1.07 -20.82 4.85
C LEU A 767 -0.66 -22.25 5.15
N THR A 768 0.48 -22.66 4.61
CA THR A 768 0.98 -24.00 4.90
C THR A 768 1.24 -24.20 6.37
N GLY A 769 1.63 -23.14 7.06
CA GLY A 769 1.71 -23.12 8.50
C GLY A 769 0.40 -23.49 9.13
N ILE A 770 -0.65 -22.76 8.72
CA ILE A 770 -2.01 -23.06 9.17
C ILE A 770 -2.36 -24.50 8.87
N ALA A 771 -1.97 -24.98 7.69
CA ALA A 771 -2.36 -26.31 7.26
C ALA A 771 -1.76 -27.40 8.12
N VAL A 772 -0.45 -27.34 8.33
CA VAL A 772 0.14 -28.30 9.24
C VAL A 772 -0.35 -28.07 10.64
N GLU A 773 -0.63 -26.83 11.02
CA GLU A 773 -1.22 -26.61 12.33
C GLU A 773 -2.61 -27.24 12.46
N GLN A 774 -3.36 -27.35 11.36
CA GLN A 774 -4.61 -28.09 11.38
C GLN A 774 -4.38 -29.56 11.62
N ASP A 775 -3.47 -30.16 10.85
CA ASP A 775 -3.14 -31.56 11.07
C ASP A 775 -2.59 -31.78 12.47
N LYS A 776 -1.76 -30.86 12.93
CA LYS A 776 -1.22 -30.94 14.26
C LYS A 776 -2.32 -30.94 15.30
N ASN A 777 -3.26 -30.01 15.18
CA ASN A 777 -4.39 -30.00 16.08
C ASN A 777 -5.20 -31.27 16.01
N THR A 778 -5.32 -31.86 14.83
CA THR A 778 -5.98 -33.15 14.71
C THR A 778 -5.28 -34.22 15.53
N GLN A 779 -3.96 -34.31 15.41
CA GLN A 779 -3.23 -35.33 16.17
C GLN A 779 -3.28 -35.05 17.67
N GLU A 780 -3.02 -33.81 18.05
CA GLU A 780 -3.06 -33.42 19.45
C GLU A 780 -4.42 -33.65 20.07
N VAL A 781 -5.47 -33.58 19.27
CA VAL A 781 -6.77 -34.02 19.74
C VAL A 781 -6.83 -35.53 19.75
N PHE A 782 -6.61 -36.16 18.60
CA PHE A 782 -6.98 -37.56 18.42
C PHE A 782 -5.87 -38.57 18.63
N ALA A 783 -4.63 -38.25 18.29
CA ALA A 783 -3.55 -39.24 18.34
C ALA A 783 -2.97 -39.51 19.73
N GLN A 784 -3.76 -39.36 20.78
CA GLN A 784 -3.22 -39.42 22.11
C GLN A 784 -2.84 -40.82 22.60
N VAL A 785 -3.05 -41.90 21.85
CA VAL A 785 -2.55 -43.22 22.25
C VAL A 785 -1.90 -43.94 21.09
N LYS A 786 -0.83 -44.66 21.41
CA LYS A 786 -0.07 -45.46 20.46
C LYS A 786 -0.77 -46.75 20.04
N GLN A 787 -1.63 -47.30 20.89
CA GLN A 787 -2.09 -48.68 20.79
C GLN A 787 -3.57 -48.69 20.45
N ILE A 788 -3.89 -49.28 19.29
CA ILE A 788 -5.27 -49.48 18.90
C ILE A 788 -5.81 -50.73 19.58
N TYR A 789 -6.34 -50.57 20.77
CA TYR A 789 -7.13 -51.64 21.38
C TYR A 789 -8.38 -51.88 20.57
N LYS A 790 -8.45 -53.04 19.95
CA LYS A 790 -9.69 -53.45 19.30
C LYS A 790 -10.77 -53.67 20.36
N THR A 791 -12.00 -53.33 20.01
CA THR A 791 -13.13 -53.50 20.94
C THR A 791 -13.33 -54.99 21.18
N PRO A 792 -13.40 -55.46 22.42
CA PRO A 792 -13.49 -56.90 22.65
C PRO A 792 -14.82 -57.48 22.21
N PRO A 793 -14.88 -58.80 21.98
CA PRO A 793 -16.16 -59.42 21.61
C PRO A 793 -17.14 -59.55 22.75
N ILE A 794 -16.63 -59.67 23.98
CA ILE A 794 -17.48 -59.75 25.16
C ILE A 794 -18.36 -58.52 25.26
N LYS A 795 -19.62 -58.74 25.61
CA LYS A 795 -20.60 -57.68 25.87
C LYS A 795 -21.12 -57.68 27.30
N ASP A 796 -20.51 -58.45 28.21
CA ASP A 796 -20.94 -58.53 29.60
C ASP A 796 -20.54 -57.28 30.40
N PHE A 797 -21.06 -56.13 29.98
CA PHE A 797 -20.87 -54.85 30.66
C PHE A 797 -21.99 -54.55 31.63
N GLY A 798 -22.47 -55.57 32.34
CA GLY A 798 -23.47 -55.35 33.35
C GLY A 798 -24.79 -54.80 32.88
N GLY A 799 -25.09 -54.88 31.57
CA GLY A 799 -26.31 -54.35 31.02
C GLY A 799 -26.21 -52.98 30.38
N PHE A 800 -25.03 -52.39 30.32
CA PHE A 800 -24.84 -51.11 29.66
C PHE A 800 -24.71 -51.32 28.15
N ASN A 801 -25.82 -51.12 27.45
CA ASN A 801 -25.85 -51.28 26.04
C ASN A 801 -25.14 -50.12 25.37
N PHE A 802 -23.83 -50.29 25.19
CA PHE A 802 -23.01 -49.33 24.44
C PHE A 802 -23.05 -49.44 22.91
N SER A 803 -23.83 -50.36 22.35
CA SER A 803 -23.84 -50.65 20.91
C SER A 803 -24.05 -49.42 20.04
N GLN A 804 -24.81 -48.45 20.51
CA GLN A 804 -25.05 -47.27 19.68
C GLN A 804 -23.80 -46.43 19.48
N ILE A 805 -22.83 -46.53 20.39
CA ILE A 805 -21.64 -45.68 20.40
C ILE A 805 -20.36 -46.47 20.24
N LEU A 806 -20.36 -47.77 20.50
CA LEU A 806 -19.30 -48.66 20.04
C LEU A 806 -19.28 -48.72 18.52
N PRO A 807 -18.21 -49.25 17.91
CA PRO A 807 -18.21 -49.43 16.46
C PRO A 807 -19.35 -50.32 16.01
N ASP A 808 -20.02 -49.90 14.94
CA ASP A 808 -20.89 -50.81 14.25
C ASP A 808 -20.06 -51.95 13.65
N PRO A 809 -20.43 -53.22 13.87
CA PRO A 809 -19.51 -54.29 13.48
C PRO A 809 -19.43 -54.50 11.98
N SER A 810 -20.55 -54.41 11.29
CA SER A 810 -20.61 -54.81 9.89
C SER A 810 -20.10 -53.72 8.96
N LYS A 811 -20.36 -52.46 9.30
CA LYS A 811 -20.04 -51.38 8.39
C LYS A 811 -18.52 -51.21 8.34
N PRO A 812 -17.89 -51.24 7.16
CA PRO A 812 -16.41 -51.20 7.09
C PRO A 812 -15.78 -49.99 7.76
N SER A 813 -16.49 -48.86 7.77
CA SER A 813 -15.97 -47.68 8.42
C SER A 813 -15.83 -47.84 9.92
N LYS A 814 -16.50 -48.83 10.53
CA LYS A 814 -16.51 -49.05 11.98
C LYS A 814 -16.91 -47.81 12.78
N ARG A 815 -17.61 -46.84 12.18
CA ARG A 815 -18.22 -45.78 12.94
C ARG A 815 -19.25 -46.39 13.88
N SER A 816 -19.60 -45.64 14.91
CA SER A 816 -20.77 -46.01 15.67
C SER A 816 -22.02 -45.53 14.96
N PHE A 817 -23.16 -46.01 15.45
CA PHE A 817 -24.44 -45.56 14.93
C PHE A 817 -24.63 -44.08 15.17
N ILE A 818 -24.33 -43.64 16.40
CA ILE A 818 -24.33 -42.21 16.72
C ILE A 818 -23.40 -41.48 15.79
N GLU A 819 -22.17 -41.98 15.66
CA GLU A 819 -21.22 -41.35 14.77
C GLU A 819 -21.71 -41.34 13.35
N ASP A 820 -22.42 -42.39 12.92
CA ASP A 820 -23.02 -42.37 11.59
C ASP A 820 -24.01 -41.23 11.41
N LEU A 821 -24.85 -41.00 12.43
CA LEU A 821 -25.76 -39.87 12.38
C LEU A 821 -25.01 -38.56 12.29
N LEU A 822 -24.02 -38.38 13.17
CA LEU A 822 -23.20 -37.17 13.18
C LEU A 822 -22.58 -36.95 11.82
N PHE A 823 -22.04 -38.02 11.27
CA PHE A 823 -21.35 -38.01 9.99
C PHE A 823 -22.28 -37.65 8.85
N ASN A 824 -23.58 -37.91 9.00
CA ASN A 824 -24.53 -37.60 7.94
C ASN A 824 -25.16 -36.22 8.04
N LYS A 825 -25.24 -35.64 9.23
CA LYS A 825 -25.99 -34.40 9.39
C LYS A 825 -25.24 -33.15 8.93
N VAL A 826 -23.94 -33.20 8.76
CA VAL A 826 -23.23 -32.09 8.11
C VAL A 826 -23.41 -32.19 6.61
N THR A 827 -23.58 -31.04 5.96
CA THR A 827 -23.70 -30.94 4.50
C THR A 827 -22.54 -31.59 3.76
N LEU A 849 -19.00 -28.10 -6.79
CA LEU A 849 -18.40 -26.85 -6.33
C LEU A 849 -16.94 -27.02 -5.95
N ILE A 850 -16.59 -28.22 -5.46
CA ILE A 850 -15.23 -28.49 -4.97
C ILE A 850 -14.23 -28.35 -6.11
N CYS A 851 -14.50 -29.03 -7.23
CA CYS A 851 -13.63 -28.95 -8.41
C CYS A 851 -13.58 -27.55 -9.02
N ALA A 852 -14.71 -26.84 -9.07
CA ALA A 852 -14.71 -25.45 -9.53
C ALA A 852 -13.77 -24.58 -8.71
N GLN A 853 -13.86 -24.68 -7.39
CA GLN A 853 -12.95 -23.97 -6.51
C GLN A 853 -11.51 -24.38 -6.76
N LYS A 854 -11.26 -25.68 -6.98
CA LYS A 854 -9.92 -26.09 -7.36
C LYS A 854 -9.51 -25.51 -8.71
N PHE A 855 -10.48 -25.23 -9.60
CA PHE A 855 -10.16 -24.63 -10.88
C PHE A 855 -9.78 -23.16 -10.76
N ASN A 856 -10.27 -22.46 -9.75
CA ASN A 856 -10.10 -21.01 -9.69
C ASN A 856 -8.78 -20.60 -9.04
N GLY A 857 -7.71 -21.37 -9.19
CA GLY A 857 -6.43 -21.10 -8.57
C GLY A 857 -6.32 -21.35 -7.07
N LEU A 858 -7.41 -21.19 -6.33
CA LEU A 858 -7.53 -21.84 -5.05
C LEU A 858 -7.32 -23.33 -5.21
N THR A 859 -6.73 -23.95 -4.20
CA THR A 859 -6.81 -25.40 -4.06
C THR A 859 -7.14 -25.79 -2.63
N VAL A 860 -7.79 -26.94 -2.52
CA VAL A 860 -8.23 -27.54 -1.27
C VAL A 860 -7.57 -28.89 -1.17
N LEU A 861 -6.95 -29.15 -0.03
CA LEU A 861 -6.03 -30.25 0.15
C LEU A 861 -6.53 -31.15 1.27
N PRO A 862 -6.28 -32.45 1.20
CA PRO A 862 -6.88 -33.39 2.14
C PRO A 862 -6.29 -33.22 3.53
N PRO A 863 -7.00 -33.64 4.58
CA PRO A 863 -6.31 -33.89 5.84
C PRO A 863 -5.32 -35.02 5.68
N LEU A 864 -4.44 -35.12 6.65
CA LEU A 864 -3.58 -36.29 6.73
C LEU A 864 -4.39 -37.55 6.98
N LEU A 865 -5.45 -37.45 7.78
CA LEU A 865 -6.30 -38.59 8.14
C LEU A 865 -7.66 -38.51 7.47
N THR A 866 -8.06 -39.59 6.80
CA THR A 866 -9.49 -39.77 6.59
C THR A 866 -10.18 -40.10 7.90
N ASP A 867 -11.51 -40.02 7.88
CA ASP A 867 -12.28 -40.36 9.06
C ASP A 867 -12.19 -41.83 9.46
N GLU A 868 -11.77 -42.72 8.57
CA GLU A 868 -11.64 -44.14 8.90
C GLU A 868 -10.65 -44.36 10.03
N MET A 869 -9.51 -43.72 9.90
CA MET A 869 -8.50 -43.76 10.93
C MET A 869 -8.99 -43.06 12.17
N ILE A 870 -9.70 -41.96 12.00
CA ILE A 870 -10.21 -41.23 13.17
C ILE A 870 -11.17 -42.12 13.91
N ALA A 871 -11.95 -42.89 13.16
CA ALA A 871 -12.87 -43.86 13.73
C ALA A 871 -12.11 -44.91 14.52
N GLN A 872 -11.01 -45.40 13.96
CA GLN A 872 -10.15 -46.35 14.66
C GLN A 872 -9.65 -45.77 15.98
N TYR A 873 -9.12 -44.55 15.93
CA TYR A 873 -8.60 -43.90 17.13
C TYR A 873 -9.67 -43.76 18.19
N THR A 874 -10.80 -43.20 17.79
CA THR A 874 -11.90 -42.95 18.72
C THR A 874 -12.41 -44.24 19.32
N SER A 875 -12.61 -45.23 18.47
CA SER A 875 -13.00 -46.54 18.95
C SER A 875 -11.97 -47.13 19.89
N ALA A 876 -10.69 -46.94 19.59
CA ALA A 876 -9.65 -47.45 20.48
C ALA A 876 -9.72 -46.80 21.84
N LEU A 877 -9.92 -45.49 21.88
CA LEU A 877 -10.11 -44.80 23.15
C LEU A 877 -11.30 -45.34 23.89
N LEU A 878 -12.40 -45.52 23.19
CA LEU A 878 -13.60 -46.05 23.82
C LEU A 878 -13.34 -47.43 24.37
N ALA A 879 -12.62 -48.25 23.61
CA ALA A 879 -12.28 -49.60 24.04
C ALA A 879 -11.43 -49.58 25.30
N GLY A 880 -10.33 -48.83 25.27
CA GLY A 880 -9.48 -48.66 26.44
C GLY A 880 -10.24 -48.23 27.67
N THR A 881 -11.08 -47.20 27.53
CA THR A 881 -11.94 -46.73 28.60
C THR A 881 -12.75 -47.86 29.18
N ILE A 882 -13.59 -48.46 28.36
CA ILE A 882 -14.54 -49.40 28.92
C ILE A 882 -13.86 -50.69 29.36
N THR A 883 -12.71 -51.05 28.81
CA THR A 883 -12.05 -52.27 29.25
C THR A 883 -11.21 -52.09 30.50
N SER A 884 -10.61 -50.93 30.70
CA SER A 884 -9.38 -50.83 31.50
C SER A 884 -9.29 -49.62 32.40
N GLY A 885 -10.23 -48.70 32.35
CA GLY A 885 -10.24 -47.46 33.09
C GLY A 885 -9.02 -46.61 32.81
N TRP A 886 -8.79 -45.64 33.68
CA TRP A 886 -7.72 -44.64 33.52
C TRP A 886 -6.31 -45.20 33.39
N THR A 887 -6.08 -46.48 33.70
CA THR A 887 -4.77 -47.08 33.46
C THR A 887 -4.30 -46.97 32.02
N PHE A 888 -5.22 -47.12 31.04
CA PHE A 888 -4.79 -46.98 29.65
C PHE A 888 -4.31 -45.55 29.37
N GLY A 889 -4.78 -44.59 30.14
CA GLY A 889 -4.17 -43.28 30.16
C GLY A 889 -2.90 -43.21 30.98
N ALA A 890 -2.89 -43.80 32.17
CA ALA A 890 -1.75 -43.71 33.08
C ALA A 890 -0.45 -44.13 32.41
N GLY A 891 -0.49 -45.18 31.61
CA GLY A 891 0.66 -45.58 30.83
C GLY A 891 0.55 -46.97 30.23
N ALA A 892 -0.26 -47.83 30.82
CA ALA A 892 -0.55 -49.14 30.23
C ALA A 892 -1.95 -49.55 30.66
N ALA A 893 -2.68 -50.11 29.71
CA ALA A 893 -4.03 -50.59 29.96
C ALA A 893 -4.00 -51.78 30.91
N LEU A 894 -4.51 -51.60 32.12
CA LEU A 894 -4.80 -52.72 33.01
C LEU A 894 -6.29 -52.98 32.95
N GLN A 895 -6.67 -54.18 32.57
CA GLN A 895 -8.08 -54.52 32.50
C GLN A 895 -8.69 -54.53 33.89
N ILE A 896 -9.97 -54.17 33.96
CA ILE A 896 -10.72 -54.15 35.22
C ILE A 896 -12.20 -54.35 34.92
N PRO A 897 -12.97 -55.15 35.68
CA PRO A 897 -14.39 -55.32 35.34
C PRO A 897 -15.13 -54.02 35.52
N PHE A 898 -15.98 -53.71 34.54
CA PHE A 898 -16.48 -52.36 34.34
C PHE A 898 -17.33 -51.84 35.49
N ALA A 899 -18.09 -52.72 36.12
CA ALA A 899 -18.88 -52.34 37.30
C ALA A 899 -17.99 -51.75 38.39
N MET A 900 -16.83 -52.35 38.61
CA MET A 900 -15.88 -51.83 39.60
C MET A 900 -15.51 -50.39 39.29
N GLN A 901 -15.08 -50.16 38.05
CA GLN A 901 -14.69 -48.83 37.59
C GLN A 901 -15.79 -47.81 37.79
N MET A 902 -17.03 -48.20 37.49
CA MET A 902 -18.12 -47.27 37.69
C MET A 902 -18.29 -46.99 39.17
N ALA A 903 -18.24 -48.03 40.00
CA ALA A 903 -18.35 -47.86 41.44
C ALA A 903 -17.29 -46.91 41.98
N TYR A 904 -16.08 -47.04 41.46
CA TYR A 904 -15.01 -46.17 41.91
C TYR A 904 -15.23 -44.75 41.43
N ARG A 905 -15.78 -44.58 40.24
CA ARG A 905 -16.15 -43.24 39.84
C ARG A 905 -17.24 -42.64 40.73
N PHE A 906 -18.17 -43.45 41.24
CA PHE A 906 -19.13 -42.93 42.23
C PHE A 906 -18.41 -42.48 43.47
N ASN A 907 -17.46 -43.29 43.94
CA ASN A 907 -16.61 -42.84 45.03
C ASN A 907 -15.86 -41.56 44.68
N GLY A 908 -15.56 -41.33 43.41
CA GLY A 908 -15.01 -40.05 43.02
C GLY A 908 -15.89 -38.85 43.32
N ILE A 909 -17.21 -39.00 43.23
CA ILE A 909 -18.14 -37.91 43.56
C ILE A 909 -18.70 -38.00 44.98
N GLY A 910 -18.16 -38.88 45.82
CA GLY A 910 -18.55 -39.01 47.20
C GLY A 910 -19.58 -40.08 47.50
N VAL A 911 -20.35 -40.50 46.51
CA VAL A 911 -21.34 -41.53 46.75
C VAL A 911 -20.65 -42.82 47.13
N THR A 912 -21.01 -43.36 48.28
CA THR A 912 -20.37 -44.58 48.79
C THR A 912 -20.67 -45.79 47.91
N GLN A 913 -19.65 -46.63 47.70
CA GLN A 913 -19.61 -47.63 46.63
C GLN A 913 -20.83 -48.54 46.60
N ASN A 914 -21.34 -48.90 47.76
CA ASN A 914 -22.50 -49.78 47.88
C ASN A 914 -23.72 -49.26 47.11
N VAL A 915 -23.84 -47.95 46.98
CA VAL A 915 -24.99 -47.33 46.34
C VAL A 915 -25.11 -47.79 44.89
N LEU A 916 -23.99 -48.01 44.21
CA LEU A 916 -24.07 -48.44 42.82
C LEU A 916 -24.74 -49.80 42.70
N TYR A 917 -24.29 -50.75 43.52
CA TYR A 917 -24.87 -52.08 43.51
C TYR A 917 -26.33 -52.01 43.90
N GLU A 918 -26.64 -51.24 44.93
CA GLU A 918 -28.02 -51.05 45.30
C GLU A 918 -28.90 -50.34 44.26
N ASN A 919 -28.37 -49.92 43.10
CA ASN A 919 -29.19 -49.38 42.03
C ASN A 919 -28.77 -49.84 40.64
N GLN A 920 -27.91 -50.87 40.51
CA GLN A 920 -27.17 -51.14 39.27
C GLN A 920 -28.09 -51.30 38.07
N LYS A 921 -29.17 -52.06 38.24
CA LYS A 921 -30.15 -52.23 37.19
C LYS A 921 -30.76 -50.91 36.75
N LEU A 922 -31.24 -50.13 37.71
CA LEU A 922 -31.79 -48.80 37.46
C LEU A 922 -30.81 -47.91 36.73
N ILE A 923 -29.57 -47.88 37.21
CA ILE A 923 -28.55 -47.03 36.62
C ILE A 923 -28.31 -47.42 35.18
N ALA A 924 -28.29 -48.72 34.91
CA ALA A 924 -28.20 -49.19 33.54
C ALA A 924 -29.39 -48.72 32.71
N ASN A 925 -30.59 -48.90 33.25
CA ASN A 925 -31.80 -48.57 32.51
C ASN A 925 -31.83 -47.10 32.14
N GLN A 926 -31.47 -46.26 33.11
CA GLN A 926 -31.36 -44.83 32.90
C GLN A 926 -30.40 -44.53 31.78
N PHE A 927 -29.20 -45.10 31.86
CA PHE A 927 -28.19 -44.86 30.84
C PHE A 927 -28.67 -45.25 29.46
N ASN A 928 -29.27 -46.44 29.37
CA ASN A 928 -29.78 -46.92 28.09
C ASN A 928 -30.84 -45.98 27.53
N SER A 929 -31.78 -45.57 28.37
CA SER A 929 -32.79 -44.61 27.97
C SER A 929 -32.16 -43.32 27.50
N ALA A 930 -31.20 -42.81 28.26
CA ALA A 930 -30.62 -41.52 27.95
C ALA A 930 -29.85 -41.58 26.65
N ILE A 931 -29.22 -42.71 26.36
CA ILE A 931 -28.58 -42.91 25.06
C ILE A 931 -29.63 -42.80 23.98
N GLY A 932 -30.79 -43.39 24.24
CA GLY A 932 -31.93 -43.17 23.37
C GLY A 932 -32.26 -41.70 23.17
N LYS A 933 -32.36 -40.95 24.26
CA LYS A 933 -32.63 -39.52 24.18
C LYS A 933 -31.62 -38.76 23.33
N ILE A 934 -30.33 -39.09 23.45
CA ILE A 934 -29.34 -38.42 22.60
C ILE A 934 -29.50 -38.78 21.14
N GLN A 935 -29.66 -40.06 20.81
CA GLN A 935 -29.85 -40.40 19.39
C GLN A 935 -31.08 -39.68 18.82
N ASP A 936 -32.17 -39.64 19.58
CA ASP A 936 -33.36 -38.93 19.13
C ASP A 936 -33.11 -37.43 18.98
N SER A 937 -32.42 -36.83 19.95
CA SER A 937 -32.12 -35.40 19.88
C SER A 937 -31.19 -35.08 18.75
N LEU A 938 -30.21 -35.94 18.50
CA LEU A 938 -29.37 -35.77 17.34
C LEU A 938 -30.18 -35.97 16.07
N SER A 939 -31.04 -36.98 16.03
CA SER A 939 -31.93 -37.19 14.89
C SER A 939 -33.18 -36.31 14.95
N SER A 940 -33.02 -35.00 15.18
CA SER A 940 -34.11 -34.04 15.16
C SER A 940 -34.84 -34.03 13.82
N ALA A 944 -29.07 -29.83 17.75
CA ALA A 944 -28.42 -29.95 16.45
C ALA A 944 -26.96 -29.52 16.54
N LEU A 945 -26.17 -29.93 15.57
CA LEU A 945 -24.72 -29.73 15.58
C LEU A 945 -24.28 -28.36 15.10
N GLY A 946 -25.04 -27.31 15.40
CA GLY A 946 -24.95 -26.00 14.80
C GLY A 946 -23.60 -25.34 14.56
N LYS A 947 -22.83 -25.15 15.62
CA LYS A 947 -21.57 -24.43 15.47
C LYS A 947 -20.55 -25.17 14.61
N LEU A 948 -20.59 -26.50 14.60
CA LEU A 948 -19.71 -27.23 13.69
C LEU A 948 -20.06 -26.89 12.26
N GLN A 949 -21.35 -26.96 11.94
CA GLN A 949 -21.83 -26.59 10.62
C GLN A 949 -21.48 -25.15 10.31
N ASP A 950 -21.49 -24.30 11.32
CA ASP A 950 -21.09 -22.92 11.17
C ASP A 950 -19.65 -22.76 10.72
N VAL A 951 -18.73 -23.60 11.21
CA VAL A 951 -17.34 -23.51 10.75
C VAL A 951 -17.22 -23.82 9.27
N VAL A 952 -17.98 -24.80 8.81
CA VAL A 952 -18.07 -25.09 7.38
C VAL A 952 -18.57 -23.88 6.63
N ASN A 953 -19.67 -23.31 7.12
CA ASN A 953 -20.25 -22.15 6.44
C ASN A 953 -19.29 -20.98 6.42
N GLN A 954 -18.58 -20.75 7.53
CA GLN A 954 -17.54 -19.75 7.58
C GLN A 954 -16.53 -19.92 6.46
N ASN A 955 -16.01 -21.15 6.32
CA ASN A 955 -15.01 -21.42 5.29
C ASN A 955 -15.58 -21.20 3.90
N ALA A 956 -16.74 -21.80 3.64
CA ALA A 956 -17.42 -21.63 2.36
C ALA A 956 -17.67 -20.16 2.03
N GLN A 957 -18.19 -19.40 2.99
CA GLN A 957 -18.51 -18.01 2.78
C GLN A 957 -17.27 -17.21 2.47
N ALA A 958 -16.20 -17.46 3.21
CA ALA A 958 -14.92 -16.80 2.95
C ALA A 958 -14.43 -17.10 1.56
N LEU A 959 -14.37 -18.37 1.21
CA LEU A 959 -13.81 -18.77 -0.06
C LEU A 959 -14.62 -18.24 -1.24
N ASN A 960 -15.93 -18.26 -1.11
CA ASN A 960 -16.77 -17.63 -2.12
C ASN A 960 -16.51 -16.14 -2.24
N THR A 961 -16.34 -15.45 -1.11
CA THR A 961 -16.01 -14.04 -1.17
C THR A 961 -14.71 -13.81 -1.93
N LEU A 962 -13.68 -14.54 -1.52
CA LEU A 962 -12.37 -14.52 -2.15
C LEU A 962 -12.46 -14.70 -3.65
N VAL A 963 -13.22 -15.69 -4.07
CA VAL A 963 -13.34 -15.95 -5.50
C VAL A 963 -14.09 -14.82 -6.19
N LYS A 964 -15.33 -14.57 -5.76
CA LYS A 964 -16.20 -13.64 -6.48
C LYS A 964 -15.65 -12.23 -6.53
N GLN A 965 -14.79 -11.85 -5.57
CA GLN A 965 -14.17 -10.54 -5.62
C GLN A 965 -13.31 -10.31 -6.83
N LEU A 966 -12.88 -11.36 -7.54
CA LEU A 966 -12.21 -11.19 -8.82
C LEU A 966 -13.04 -10.46 -9.86
N SER A 967 -14.36 -10.42 -9.71
CA SER A 967 -15.20 -9.61 -10.57
C SER A 967 -14.84 -8.13 -10.50
N SER A 968 -14.35 -7.67 -9.35
CA SER A 968 -14.13 -6.24 -9.14
C SER A 968 -13.12 -5.68 -10.12
N ASN A 969 -13.45 -4.54 -10.69
CA ASN A 969 -12.55 -3.85 -11.60
C ASN A 969 -11.59 -2.92 -10.91
N PHE A 970 -11.96 -2.40 -9.73
CA PHE A 970 -11.17 -1.36 -9.07
C PHE A 970 -10.94 -0.20 -10.02
N GLY A 971 -11.96 0.15 -10.78
CA GLY A 971 -11.85 1.16 -11.80
C GLY A 971 -11.06 0.77 -13.02
N ALA A 972 -10.50 -0.45 -13.07
CA ALA A 972 -9.90 -0.91 -14.30
C ALA A 972 -10.95 -1.06 -15.39
N ILE A 973 -10.47 -1.06 -16.64
CA ILE A 973 -11.35 -1.14 -17.79
C ILE A 973 -12.04 -2.49 -17.95
N SER A 974 -11.67 -3.50 -17.19
CA SER A 974 -12.41 -4.75 -17.13
C SER A 974 -11.99 -5.47 -15.87
N SER A 975 -12.41 -6.73 -15.72
CA SER A 975 -11.82 -7.63 -14.73
C SER A 975 -11.36 -8.94 -15.38
N VAL A 976 -10.88 -8.87 -16.62
CA VAL A 976 -10.13 -9.96 -17.22
C VAL A 976 -8.80 -9.40 -17.68
N LEU A 977 -7.72 -9.89 -17.07
CA LEU A 977 -6.38 -9.48 -17.46
C LEU A 977 -6.15 -9.75 -18.93
N ASN A 978 -6.58 -10.93 -19.38
CA ASN A 978 -6.44 -11.31 -20.77
C ASN A 978 -7.22 -10.40 -21.71
N ASP A 979 -8.31 -9.81 -21.24
CA ASP A 979 -8.97 -8.78 -22.04
C ASP A 979 -8.10 -7.54 -22.18
N ILE A 980 -7.56 -7.06 -21.06
CA ILE A 980 -6.74 -5.86 -21.09
C ILE A 980 -5.53 -6.04 -21.99
N LEU A 981 -4.95 -7.24 -21.96
CA LEU A 981 -3.88 -7.54 -22.92
C LEU A 981 -4.42 -7.74 -24.32
N SER A 982 -5.68 -8.11 -24.46
CA SER A 982 -6.23 -8.18 -25.80
C SER A 982 -6.43 -6.80 -26.40
N ARG A 983 -6.72 -5.79 -25.57
CA ARG A 983 -7.13 -4.49 -26.10
C ARG A 983 -6.08 -3.40 -25.97
N LEU A 984 -5.13 -3.52 -25.05
CA LEU A 984 -4.04 -2.56 -24.92
C LEU A 984 -2.71 -3.25 -25.19
N ASP A 985 -1.80 -2.49 -25.77
CA ASP A 985 -0.40 -2.86 -25.85
C ASP A 985 0.30 -2.54 -24.52
N PRO A 986 1.40 -3.25 -24.21
CA PRO A 986 1.94 -3.28 -22.81
C PRO A 986 2.24 -1.92 -22.20
N PRO A 987 2.84 -0.96 -22.93
CA PRO A 987 3.14 0.34 -22.30
C PRO A 987 1.94 1.10 -21.79
N GLU A 988 0.77 0.85 -22.35
CA GLU A 988 -0.49 1.38 -21.85
C GLU A 988 -1.20 0.39 -20.95
N ALA A 989 -1.17 -0.89 -21.34
CA ALA A 989 -1.88 -1.95 -20.64
C ALA A 989 -1.51 -2.01 -19.18
N GLU A 990 -0.22 -1.86 -18.90
CA GLU A 990 0.31 -1.88 -17.56
C GLU A 990 -0.37 -0.88 -16.63
N VAL A 991 -0.71 0.31 -17.11
CA VAL A 991 -1.25 1.31 -16.20
C VAL A 991 -2.64 0.95 -15.66
N GLN A 992 -3.34 0.04 -16.32
CA GLN A 992 -4.57 -0.54 -15.80
C GLN A 992 -4.29 -1.84 -15.05
N ILE A 993 -3.36 -2.63 -15.58
CA ILE A 993 -3.10 -3.95 -15.04
C ILE A 993 -2.66 -3.81 -13.60
N ASP A 994 -1.78 -2.86 -13.32
CA ASP A 994 -1.28 -2.70 -11.96
C ASP A 994 -2.38 -2.29 -11.01
N ARG A 995 -3.43 -1.66 -11.51
CA ARG A 995 -4.60 -1.37 -10.69
C ARG A 995 -5.27 -2.66 -10.31
N LEU A 996 -5.54 -3.49 -11.32
CA LEU A 996 -6.13 -4.80 -11.07
C LEU A 996 -5.31 -5.60 -10.09
N ILE A 997 -3.99 -5.56 -10.25
CA ILE A 997 -3.10 -6.24 -9.33
C ILE A 997 -3.27 -5.72 -7.93
N THR A 998 -3.24 -4.40 -7.79
CA THR A 998 -3.40 -3.74 -6.50
C THR A 998 -4.66 -4.21 -5.80
N GLY A 999 -5.77 -4.12 -6.51
CA GLY A 999 -7.06 -4.53 -5.96
C GLY A 999 -7.08 -5.99 -5.54
N ARG A 1000 -6.67 -6.87 -6.44
CA ARG A 1000 -6.69 -8.30 -6.18
C ARG A 1000 -5.81 -8.64 -4.98
N LEU A 1001 -4.60 -8.08 -4.96
CA LEU A 1001 -3.67 -8.32 -3.87
C LEU A 1001 -4.27 -7.85 -2.56
N GLN A 1002 -4.79 -6.63 -2.58
CA GLN A 1002 -5.43 -6.03 -1.42
C GLN A 1002 -6.55 -6.90 -0.89
N SER A 1003 -7.29 -7.53 -1.79
CA SER A 1003 -8.32 -8.46 -1.36
C SER A 1003 -7.74 -9.71 -0.73
N LEU A 1004 -6.79 -10.34 -1.44
CA LEU A 1004 -6.26 -11.63 -1.04
C LEU A 1004 -5.65 -11.59 0.34
N GLN A 1005 -4.81 -10.59 0.59
CA GLN A 1005 -4.20 -10.47 1.89
C GLN A 1005 -5.25 -10.32 2.99
N THR A 1006 -6.35 -9.64 2.68
CA THR A 1006 -7.36 -9.45 3.68
C THR A 1006 -8.10 -10.74 3.99
N TYR A 1007 -8.27 -11.58 2.97
CA TYR A 1007 -8.75 -12.94 3.19
C TYR A 1007 -7.82 -13.70 4.10
N VAL A 1008 -6.55 -13.67 3.78
CA VAL A 1008 -5.55 -14.45 4.48
C VAL A 1008 -5.56 -14.08 5.95
N THR A 1009 -5.55 -12.78 6.23
CA THR A 1009 -5.61 -12.31 7.62
C THR A 1009 -6.82 -12.84 8.37
N GLN A 1010 -8.01 -12.86 7.75
CA GLN A 1010 -9.14 -13.36 8.53
C GLN A 1010 -9.04 -14.85 8.75
N GLN A 1011 -8.56 -15.59 7.76
CA GLN A 1011 -8.39 -17.01 7.98
C GLN A 1011 -7.35 -17.28 9.06
N LEU A 1012 -6.30 -16.48 9.13
CA LEU A 1012 -5.38 -16.58 10.27
C LEU A 1012 -6.07 -16.37 11.60
N ILE A 1013 -6.89 -15.33 11.69
CA ILE A 1013 -7.53 -15.02 12.97
C ILE A 1013 -8.46 -16.14 13.41
N ARG A 1014 -9.31 -16.61 12.49
CA ARG A 1014 -10.14 -17.77 12.79
C ARG A 1014 -9.30 -18.97 13.13
N ALA A 1015 -8.19 -19.18 12.42
CA ALA A 1015 -7.30 -20.29 12.71
C ALA A 1015 -6.81 -20.24 14.13
N ALA A 1016 -6.54 -19.04 14.64
CA ALA A 1016 -6.16 -18.91 16.03
C ALA A 1016 -7.29 -19.29 16.96
N GLU A 1017 -8.51 -18.85 16.65
CA GLU A 1017 -9.66 -19.27 17.45
C GLU A 1017 -9.84 -20.78 17.43
N ILE A 1018 -9.66 -21.38 16.25
CA ILE A 1018 -9.76 -22.81 16.06
C ILE A 1018 -8.72 -23.51 16.91
N ARG A 1019 -7.48 -23.04 16.83
CA ARG A 1019 -6.37 -23.56 17.61
C ARG A 1019 -6.71 -23.57 19.09
N ALA A 1020 -7.19 -22.44 19.59
CA ALA A 1020 -7.56 -22.34 20.99
C ALA A 1020 -8.61 -23.38 21.34
N SER A 1021 -9.63 -23.49 20.49
CA SER A 1021 -10.68 -24.47 20.70
C SER A 1021 -10.13 -25.88 20.70
N ALA A 1022 -9.22 -26.16 19.80
CA ALA A 1022 -8.63 -27.48 19.72
C ALA A 1022 -7.80 -27.80 20.94
N ASN A 1023 -7.01 -26.85 21.43
CA ASN A 1023 -6.28 -27.06 22.67
C ASN A 1023 -7.21 -27.35 23.81
N LEU A 1024 -8.36 -26.67 23.84
CA LEU A 1024 -9.38 -27.00 24.82
C LEU A 1024 -9.86 -28.42 24.64
N ALA A 1025 -10.10 -28.81 23.40
CA ALA A 1025 -10.53 -30.18 23.10
C ALA A 1025 -9.51 -31.21 23.58
N ALA A 1026 -8.24 -30.95 23.33
CA ALA A 1026 -7.18 -31.87 23.75
C ALA A 1026 -7.17 -31.97 25.27
N THR A 1027 -7.39 -30.85 25.93
CA THR A 1027 -7.50 -30.88 27.37
C THR A 1027 -8.70 -31.71 27.78
N LYS A 1028 -9.81 -31.56 27.07
CA LYS A 1028 -11.00 -32.30 27.43
C LYS A 1028 -10.83 -33.80 27.18
N MET A 1029 -10.01 -34.20 26.20
CA MET A 1029 -9.59 -35.60 26.11
C MET A 1029 -8.94 -36.04 27.40
N SER A 1030 -7.90 -35.31 27.78
CA SER A 1030 -7.11 -35.70 28.95
C SER A 1030 -7.93 -35.67 30.23
N GLU A 1031 -8.76 -34.66 30.40
CA GLU A 1031 -9.46 -34.45 31.65
C GLU A 1031 -10.82 -35.16 31.74
N CYS A 1032 -11.53 -35.35 30.62
CA CYS A 1032 -12.86 -35.94 30.61
C CYS A 1032 -12.94 -37.29 29.92
N VAL A 1033 -12.19 -37.52 28.83
CA VAL A 1033 -12.22 -38.83 28.22
C VAL A 1033 -11.35 -39.79 29.00
N LEU A 1034 -10.14 -39.39 29.32
CA LEU A 1034 -9.26 -40.21 30.14
C LEU A 1034 -9.56 -40.03 31.62
N GLY A 1035 -9.51 -38.80 32.10
CA GLY A 1035 -9.57 -38.52 33.51
C GLY A 1035 -10.98 -38.57 34.09
N GLN A 1036 -11.07 -38.02 35.30
CA GLN A 1036 -12.33 -37.74 35.97
C GLN A 1036 -12.25 -36.38 36.64
N SER A 1037 -12.00 -35.34 35.83
CA SER A 1037 -11.66 -34.01 36.33
C SER A 1037 -12.76 -33.41 37.18
N LYS A 1038 -12.42 -33.07 38.43
CA LYS A 1038 -13.39 -32.54 39.38
C LYS A 1038 -13.85 -31.13 39.06
N ARG A 1039 -13.23 -30.46 38.08
CA ARG A 1039 -13.49 -29.05 37.82
C ARG A 1039 -14.95 -28.75 37.55
N VAL A 1040 -15.44 -27.71 38.24
CA VAL A 1040 -16.87 -27.50 38.46
C VAL A 1040 -17.55 -27.25 37.13
N ASP A 1041 -18.46 -28.14 36.76
CA ASP A 1041 -19.13 -28.11 35.46
C ASP A 1041 -18.19 -28.01 34.27
N PHE A 1042 -16.97 -28.53 34.40
CA PHE A 1042 -16.07 -28.49 33.26
C PHE A 1042 -16.40 -29.56 32.24
N CYS A 1043 -16.46 -30.82 32.68
CA CYS A 1043 -16.84 -31.95 31.83
C CYS A 1043 -18.33 -32.17 31.92
N GLY A 1044 -19.08 -31.46 31.08
CA GLY A 1044 -20.51 -31.39 31.24
C GLY A 1044 -20.93 -30.69 32.52
N LYS A 1045 -22.26 -30.72 32.75
CA LYS A 1045 -22.89 -30.14 33.92
C LYS A 1045 -23.23 -31.20 34.96
N GLY A 1046 -23.16 -30.80 36.20
CA GLY A 1046 -23.33 -31.71 37.31
C GLY A 1046 -22.10 -32.56 37.51
N TYR A 1047 -22.15 -33.39 38.55
CA TYR A 1047 -20.98 -34.08 39.04
C TYR A 1047 -20.53 -35.12 38.03
N HIS A 1048 -19.38 -34.91 37.43
CA HIS A 1048 -18.94 -35.69 36.28
C HIS A 1048 -18.51 -37.08 36.70
N LEU A 1049 -18.94 -38.10 35.94
CA LEU A 1049 -18.41 -39.45 36.07
C LEU A 1049 -17.34 -39.75 35.04
N MET A 1050 -17.67 -39.62 33.76
CA MET A 1050 -16.80 -40.07 32.68
C MET A 1050 -17.34 -39.44 31.41
N SER A 1051 -16.52 -39.48 30.38
CA SER A 1051 -16.94 -39.07 29.05
C SER A 1051 -16.42 -40.04 28.02
N PHE A 1052 -17.08 -40.05 26.85
CA PHE A 1052 -16.69 -40.81 25.68
C PHE A 1052 -16.48 -39.89 24.48
N PRO A 1053 -15.47 -40.09 23.65
CA PRO A 1053 -15.39 -39.35 22.41
C PRO A 1053 -16.24 -40.01 21.34
N GLN A 1054 -16.81 -39.17 20.48
CA GLN A 1054 -17.38 -39.64 19.23
C GLN A 1054 -16.94 -38.68 18.14
N SER A 1055 -16.52 -39.24 17.02
CA SER A 1055 -15.93 -38.45 15.98
C SER A 1055 -16.99 -37.62 15.29
N ALA A 1056 -16.54 -36.54 14.65
CA ALA A 1056 -17.41 -35.71 13.83
C ALA A 1056 -16.59 -35.15 12.68
N PRO A 1057 -17.24 -34.75 11.58
CA PRO A 1057 -16.52 -34.38 10.35
C PRO A 1057 -15.43 -33.33 10.47
N HIS A 1058 -15.50 -32.43 11.46
CA HIS A 1058 -14.38 -31.54 11.76
C HIS A 1058 -14.11 -31.41 13.24
N GLY A 1059 -14.70 -32.25 14.07
CA GLY A 1059 -14.74 -31.98 15.48
C GLY A 1059 -14.93 -33.27 16.23
N VAL A 1060 -15.20 -33.13 17.51
CA VAL A 1060 -15.48 -34.23 18.40
C VAL A 1060 -16.78 -33.93 19.11
N VAL A 1061 -17.58 -34.96 19.31
CA VAL A 1061 -18.69 -34.94 20.24
C VAL A 1061 -18.23 -35.64 21.50
N PHE A 1062 -18.44 -34.99 22.64
CA PHE A 1062 -18.35 -35.63 23.94
C PHE A 1062 -19.72 -35.96 24.46
N LEU A 1063 -19.93 -37.22 24.77
CA LEU A 1063 -21.02 -37.61 25.64
C LEU A 1063 -20.48 -37.51 27.06
N HIS A 1064 -21.10 -36.69 27.91
CA HIS A 1064 -20.77 -36.61 29.32
C HIS A 1064 -21.78 -37.36 30.16
N VAL A 1065 -21.30 -38.23 31.02
CA VAL A 1065 -22.09 -38.92 32.03
C VAL A 1065 -21.87 -38.22 33.35
N THR A 1066 -22.92 -37.58 33.87
CA THR A 1066 -22.85 -36.83 35.12
C THR A 1066 -23.99 -37.25 36.04
N TYR A 1067 -23.69 -37.34 37.33
CA TYR A 1067 -24.67 -37.60 38.36
C TYR A 1067 -25.46 -36.33 38.62
N VAL A 1068 -26.79 -36.41 38.61
CA VAL A 1068 -27.67 -35.35 39.06
C VAL A 1068 -28.58 -35.83 40.19
N PRO A 1069 -28.48 -35.27 41.41
CA PRO A 1069 -29.49 -35.59 42.45
C PRO A 1069 -30.84 -34.95 42.14
N ALA A 1070 -31.93 -35.65 42.48
CA ALA A 1070 -33.24 -35.26 41.98
C ALA A 1070 -34.31 -35.01 43.05
N GLN A 1071 -34.80 -36.05 43.73
CA GLN A 1071 -35.75 -35.88 44.83
C GLN A 1071 -35.02 -35.65 46.15
N GLU A 1072 -35.73 -35.08 47.14
CA GLU A 1072 -35.03 -34.60 48.34
C GLU A 1072 -36.01 -34.44 49.51
N LYS A 1073 -35.47 -33.99 50.64
CA LYS A 1073 -36.22 -33.75 51.87
C LYS A 1073 -35.83 -32.39 52.46
N ASN A 1074 -36.55 -31.98 53.50
CA ASN A 1074 -36.38 -30.71 54.21
C ASN A 1074 -36.19 -30.99 55.70
N PHE A 1075 -34.97 -30.92 56.21
CA PHE A 1075 -34.75 -31.23 57.61
C PHE A 1075 -33.89 -30.23 58.40
N THR A 1076 -33.84 -30.45 59.68
CA THR A 1076 -32.85 -29.78 60.52
C THR A 1076 -31.51 -30.48 60.50
N THR A 1077 -30.43 -29.70 60.43
CA THR A 1077 -29.07 -30.16 60.66
C THR A 1077 -28.44 -29.53 61.89
N ALA A 1078 -27.93 -30.35 62.75
CA ALA A 1078 -27.15 -29.89 63.89
C ALA A 1078 -25.71 -29.60 63.48
N PRO A 1079 -25.10 -28.48 63.89
CA PRO A 1079 -23.70 -28.23 63.49
C PRO A 1079 -22.75 -29.28 64.00
N ALA A 1080 -23.05 -29.84 65.16
CA ALA A 1080 -22.29 -30.93 65.75
C ALA A 1080 -23.21 -31.55 66.78
N ILE A 1081 -22.82 -32.72 67.29
CA ILE A 1081 -23.52 -33.37 68.40
C ILE A 1081 -22.68 -33.23 69.65
N CYS A 1082 -23.32 -32.87 70.75
CA CYS A 1082 -22.73 -32.91 72.08
C CYS A 1082 -23.10 -34.20 72.78
N HIS A 1083 -22.11 -34.89 73.34
CA HIS A 1083 -22.31 -36.10 74.12
C HIS A 1083 -22.04 -35.78 75.58
N ASP A 1084 -21.43 -36.68 76.35
CA ASP A 1084 -21.04 -36.43 77.72
C ASP A 1084 -19.92 -35.42 77.78
N GLY A 1085 -20.23 -34.16 77.51
CA GLY A 1085 -19.21 -33.13 77.42
C GLY A 1085 -18.34 -33.16 76.17
N LYS A 1086 -18.07 -34.32 75.59
CA LYS A 1086 -17.31 -34.38 74.35
C LYS A 1086 -18.22 -33.91 73.23
N ALA A 1087 -17.78 -32.89 72.52
CA ALA A 1087 -18.31 -32.66 71.19
C ALA A 1087 -17.92 -33.82 70.29
N HIS A 1088 -18.79 -34.11 69.33
CA HIS A 1088 -18.52 -35.08 68.29
C HIS A 1088 -18.82 -34.41 66.96
N PHE A 1089 -18.09 -34.83 65.95
CA PHE A 1089 -18.18 -34.32 64.59
C PHE A 1089 -18.22 -35.46 63.60
N PRO A 1090 -18.82 -35.27 62.44
CA PRO A 1090 -18.95 -36.39 61.51
C PRO A 1090 -17.63 -36.66 60.81
N ARG A 1091 -17.31 -37.94 60.71
CA ARG A 1091 -16.09 -38.33 60.03
C ARG A 1091 -16.14 -38.07 58.54
N GLU A 1092 -17.34 -37.94 57.96
CA GLU A 1092 -17.45 -37.74 56.51
C GLU A 1092 -18.61 -36.85 56.11
N GLY A 1093 -19.74 -36.96 56.79
CA GLY A 1093 -21.00 -36.52 56.25
C GLY A 1093 -21.61 -35.25 56.79
N VAL A 1094 -22.86 -35.37 57.22
CA VAL A 1094 -23.63 -34.31 57.84
C VAL A 1094 -24.57 -34.98 58.80
N PHE A 1095 -24.90 -34.31 59.89
CA PHE A 1095 -25.93 -34.78 60.80
C PHE A 1095 -27.31 -34.32 60.33
N VAL A 1096 -28.27 -35.25 60.35
CA VAL A 1096 -29.63 -34.99 59.88
C VAL A 1096 -30.57 -35.64 60.87
N SER A 1097 -31.83 -35.22 60.80
CA SER A 1097 -32.84 -35.79 61.67
C SER A 1097 -34.25 -35.71 61.08
N ASN A 1098 -35.05 -36.75 61.31
CA ASN A 1098 -36.46 -36.71 60.94
C ASN A 1098 -37.28 -36.22 62.15
N GLY A 1099 -36.62 -35.96 63.29
CA GLY A 1099 -37.21 -35.45 64.50
C GLY A 1099 -37.23 -36.48 65.60
N THR A 1100 -37.40 -37.74 65.27
CA THR A 1100 -37.35 -38.78 66.29
C THR A 1100 -35.94 -39.00 66.79
N HIS A 1101 -34.99 -39.04 65.86
CA HIS A 1101 -33.58 -39.31 66.15
C HIS A 1101 -32.64 -38.66 65.13
N TRP A 1102 -31.39 -38.44 65.54
CA TRP A 1102 -30.36 -37.92 64.66
C TRP A 1102 -29.68 -39.03 63.91
N PHE A 1103 -29.26 -38.76 62.66
CA PHE A 1103 -28.55 -39.71 61.85
C PHE A 1103 -27.46 -38.98 61.05
N VAL A 1104 -26.34 -39.66 60.85
CA VAL A 1104 -25.25 -39.21 59.98
C VAL A 1104 -25.44 -39.86 58.63
N THR A 1105 -25.29 -39.06 57.57
CA THR A 1105 -25.55 -39.49 56.21
C THR A 1105 -24.48 -38.97 55.29
N GLN A 1106 -24.30 -39.68 54.18
CA GLN A 1106 -23.52 -39.21 53.07
C GLN A 1106 -24.05 -37.89 52.56
N ARG A 1107 -23.17 -37.10 51.96
CA ARG A 1107 -23.54 -35.74 51.61
C ARG A 1107 -24.54 -35.69 50.47
N ASN A 1108 -24.53 -36.69 49.59
CA ASN A 1108 -25.13 -36.59 48.27
C ASN A 1108 -26.22 -37.62 48.00
N PHE A 1109 -26.57 -38.46 48.96
CA PHE A 1109 -27.64 -39.42 48.75
C PHE A 1109 -28.04 -39.89 50.13
N TYR A 1110 -29.30 -39.70 50.49
CA TYR A 1110 -29.71 -39.96 51.85
C TYR A 1110 -29.62 -41.43 52.19
N GLU A 1111 -28.79 -41.76 53.18
CA GLU A 1111 -28.57 -43.14 53.59
C GLU A 1111 -28.12 -43.11 55.04
N PRO A 1112 -29.06 -43.00 55.99
CA PRO A 1112 -28.67 -42.75 57.38
C PRO A 1112 -27.97 -43.95 58.00
N GLN A 1113 -27.08 -43.65 58.95
CA GLN A 1113 -26.54 -44.65 59.86
C GLN A 1113 -26.51 -44.07 61.25
N ILE A 1114 -26.48 -44.97 62.24
CA ILE A 1114 -26.48 -44.54 63.63
C ILE A 1114 -25.14 -43.92 64.01
N ILE A 1115 -25.22 -42.73 64.61
CA ILE A 1115 -24.06 -41.96 65.01
C ILE A 1115 -23.33 -42.71 66.10
N THR A 1116 -22.04 -42.96 65.90
CA THR A 1116 -21.27 -43.80 66.80
C THR A 1116 -19.81 -43.36 66.75
N THR A 1117 -19.06 -43.82 67.75
CA THR A 1117 -17.61 -43.65 67.79
C THR A 1117 -16.96 -44.05 66.48
N ASP A 1118 -17.45 -45.12 65.88
CA ASP A 1118 -16.90 -45.62 64.64
C ASP A 1118 -17.05 -44.63 63.49
N ASN A 1119 -18.03 -43.70 63.54
CA ASN A 1119 -18.29 -42.80 62.42
C ASN A 1119 -18.23 -41.33 62.78
N THR A 1120 -17.94 -40.98 64.02
CA THR A 1120 -17.72 -39.59 64.43
C THR A 1120 -16.40 -39.53 65.18
N PHE A 1121 -15.79 -38.35 65.17
CA PHE A 1121 -14.58 -38.10 65.94
C PHE A 1121 -14.77 -36.93 66.89
N VAL A 1122 -14.11 -37.04 68.04
CA VAL A 1122 -14.17 -36.03 69.09
C VAL A 1122 -13.24 -34.88 68.78
N SER A 1123 -13.60 -33.71 69.31
CA SER A 1123 -12.77 -32.52 69.24
C SER A 1123 -13.18 -31.52 70.31
N GLY A 1124 -12.71 -31.73 71.51
CA GLY A 1124 -12.95 -30.82 72.60
C GLY A 1124 -14.39 -30.74 73.06
N ASN A 1125 -14.61 -29.77 73.93
CA ASN A 1125 -15.88 -29.67 74.63
C ASN A 1125 -16.98 -29.03 73.79
N CYS A 1126 -18.21 -29.44 74.09
CA CYS A 1126 -19.42 -28.91 73.46
C CYS A 1126 -19.56 -27.40 73.53
N ASP A 1127 -19.08 -26.79 74.62
CA ASP A 1127 -19.38 -25.38 74.90
C ASP A 1127 -18.90 -24.40 73.83
N VAL A 1128 -17.90 -24.78 73.05
CA VAL A 1128 -17.34 -23.86 72.07
C VAL A 1128 -18.21 -23.72 70.84
N VAL A 1129 -19.04 -24.70 70.54
CA VAL A 1129 -19.78 -24.73 69.30
C VAL A 1129 -20.96 -23.76 69.40
N ILE A 1130 -21.34 -23.21 68.24
CA ILE A 1130 -22.38 -22.20 68.19
C ILE A 1130 -23.71 -22.75 68.69
N GLY A 1131 -24.13 -23.91 68.17
CA GLY A 1131 -25.46 -24.46 68.40
C GLY A 1131 -25.56 -25.97 68.54
N ILE A 1132 -24.60 -26.55 69.26
CA ILE A 1132 -24.53 -27.99 69.41
C ILE A 1132 -25.78 -28.56 70.07
N VAL A 1133 -26.06 -29.84 69.78
CA VAL A 1133 -27.26 -30.53 70.26
C VAL A 1133 -26.88 -31.76 71.07
N ASN A 1134 -27.63 -32.02 72.14
CA ASN A 1134 -27.30 -33.12 72.98
C ASN A 1134 -27.88 -34.42 72.44
N ASN A 1135 -27.07 -35.45 72.39
CA ASN A 1135 -27.56 -36.78 72.06
C ASN A 1135 -26.63 -37.82 72.70
N THR A 1136 -27.04 -39.08 72.68
CA THR A 1136 -26.11 -40.17 72.85
C THR A 1136 -25.18 -40.28 71.65
N VAL A 1137 -24.05 -40.97 71.86
CA VAL A 1137 -23.24 -41.57 70.82
C VAL A 1137 -23.14 -43.05 71.10
N TYR A 1138 -23.43 -43.89 70.09
CA TYR A 1138 -23.74 -45.29 70.36
C TYR A 1138 -22.57 -46.06 70.95
N ASP A 1139 -21.41 -46.07 70.27
CA ASP A 1139 -20.27 -46.98 70.53
C ASP A 1139 -20.59 -48.47 70.31
N PRO A 1140 -19.85 -49.19 69.44
CA PRO A 1140 -20.11 -50.63 69.28
C PRO A 1140 -19.57 -51.54 70.37
N LEU A 1141 -18.67 -51.08 71.24
CA LEU A 1141 -17.90 -52.00 72.06
C LEU A 1141 -18.78 -52.78 73.03
N GLN A 1142 -19.80 -52.15 73.59
CA GLN A 1142 -20.40 -52.64 74.84
C GLN A 1142 -21.00 -54.03 74.79
N PRO A 1143 -21.65 -54.48 73.71
CA PRO A 1143 -22.10 -55.89 73.67
C PRO A 1143 -20.97 -56.90 73.73
N GLU A 1144 -19.75 -56.49 73.43
CA GLU A 1144 -18.59 -57.35 73.49
C GLU A 1144 -18.04 -57.51 74.90
N LEU A 1145 -18.53 -56.74 75.87
CA LEU A 1145 -17.98 -56.80 77.23
C LEU A 1145 -18.34 -58.06 78.00
N ASP A 1146 -19.14 -58.96 77.43
CA ASP A 1146 -19.52 -60.19 78.12
C ASP A 1146 -18.28 -60.98 78.52
N GLN B 14 16.27 66.84 7.50
CA GLN B 14 15.70 65.85 8.46
C GLN B 14 15.25 66.58 9.72
N CYS B 15 14.29 65.97 10.42
CA CYS B 15 13.75 66.53 11.64
C CYS B 15 14.84 66.71 12.68
N VAL B 16 14.64 67.67 13.59
CA VAL B 16 15.62 67.95 14.63
C VAL B 16 15.79 66.74 15.54
N ASN B 17 17.05 66.42 15.86
CA ASN B 17 17.33 65.24 16.65
C ASN B 17 16.97 65.44 18.12
N LEU B 18 16.38 64.39 18.71
CA LEU B 18 15.88 64.37 20.07
C LEU B 18 16.78 63.62 21.06
N THR B 19 17.92 63.09 20.60
CA THR B 19 18.80 62.20 21.36
C THR B 19 19.12 62.76 22.75
N THR B 20 18.85 61.94 23.77
CA THR B 20 18.81 62.35 25.17
C THR B 20 19.57 61.33 26.01
N ARG B 21 20.14 61.83 27.11
CA ARG B 21 21.26 61.29 27.89
C ARG B 21 21.44 59.77 27.94
N THR B 22 20.44 59.05 28.40
CA THR B 22 20.63 57.74 29.01
C THR B 22 20.15 56.62 28.09
N GLN B 23 21.10 55.83 27.60
CA GLN B 23 20.90 54.44 27.22
C GLN B 23 21.21 53.56 28.43
N LEU B 24 20.57 52.39 28.51
CA LEU B 24 20.95 51.34 29.43
C LEU B 24 20.95 49.99 28.73
N PRO B 25 21.63 48.98 29.30
CA PRO B 25 21.76 47.68 28.61
C PRO B 25 20.43 46.99 28.38
N PRO B 26 20.40 45.93 27.53
CA PRO B 26 19.19 45.10 27.41
C PRO B 26 18.79 44.41 28.71
N ALA B 27 18.04 45.13 29.54
CA ALA B 27 17.48 44.52 30.74
C ALA B 27 16.41 43.52 30.35
N TYR B 28 16.69 42.23 30.54
CA TYR B 28 15.76 41.19 30.17
C TYR B 28 14.70 41.01 31.24
N THR B 29 13.64 40.28 30.86
CA THR B 29 12.86 39.53 31.81
C THR B 29 12.42 38.22 31.18
N ASN B 30 12.03 37.29 32.03
CA ASN B 30 11.41 36.06 31.59
C ASN B 30 10.05 36.35 30.97
N SER B 31 9.77 35.67 29.86
CA SER B 31 8.61 35.98 29.03
C SER B 31 7.28 35.62 29.65
N PHE B 32 7.25 34.83 30.72
CA PHE B 32 6.04 34.56 31.50
C PHE B 32 4.85 34.01 30.70
N THR B 33 5.05 33.49 29.49
CA THR B 33 3.96 33.06 28.61
C THR B 33 2.95 34.16 28.27
N ARG B 34 3.33 35.43 28.35
CA ARG B 34 2.48 36.48 27.81
C ARG B 34 2.46 36.43 26.28
N GLY B 35 1.64 37.28 25.69
CA GLY B 35 1.61 37.42 24.25
C GLY B 35 0.96 36.30 23.46
N VAL B 36 0.38 35.30 24.12
CA VAL B 36 -0.24 34.20 23.40
C VAL B 36 -1.52 34.68 22.73
N TYR B 37 -1.75 34.25 21.50
CA TYR B 37 -2.74 34.84 20.60
C TYR B 37 -3.49 33.78 19.83
N TYR B 38 -4.62 34.18 19.26
CA TYR B 38 -5.51 33.22 18.64
C TYR B 38 -5.03 32.81 17.24
N PRO B 39 -5.22 31.54 16.86
CA PRO B 39 -4.68 31.13 15.56
C PRO B 39 -5.49 31.64 14.39
N ASP B 40 -6.82 31.57 14.47
CA ASP B 40 -7.67 31.83 13.31
C ASP B 40 -9.09 32.09 13.77
N LYS B 41 -9.94 32.46 12.82
CA LYS B 41 -11.31 32.88 13.10
C LYS B 41 -12.31 31.74 13.12
N VAL B 42 -11.89 30.48 13.00
CA VAL B 42 -12.77 29.36 13.33
C VAL B 42 -12.87 29.30 14.84
N PHE B 43 -14.08 29.01 15.33
CA PHE B 43 -14.35 28.83 16.71
C PHE B 43 -13.95 27.42 17.11
N ARG B 44 -13.16 27.30 18.16
CA ARG B 44 -12.83 26.00 18.74
C ARG B 44 -13.17 26.05 20.22
N SER B 45 -13.57 24.92 20.78
CA SER B 45 -14.07 24.93 22.12
C SER B 45 -13.90 23.58 22.82
N SER B 46 -13.85 23.65 24.13
CA SER B 46 -13.80 22.49 25.02
C SER B 46 -12.76 21.45 24.64
N VAL B 47 -11.64 21.88 24.05
CA VAL B 47 -10.72 20.98 23.36
C VAL B 47 -9.29 21.40 23.68
N LEU B 48 -8.41 20.40 23.77
CA LEU B 48 -6.97 20.62 23.76
C LEU B 48 -6.45 20.42 22.33
N HIS B 49 -6.56 21.48 21.54
CA HIS B 49 -6.19 21.49 20.14
C HIS B 49 -4.71 21.84 20.02
N SER B 50 -4.10 21.48 18.89
CA SER B 50 -2.67 21.66 18.64
C SER B 50 -2.48 22.51 17.39
N THR B 51 -1.40 23.30 17.41
CA THR B 51 -0.97 24.03 16.22
C THR B 51 0.53 24.28 16.27
N GLN B 52 1.08 24.58 15.10
CA GLN B 52 2.41 25.15 14.93
C GLN B 52 2.26 26.52 14.30
N ASP B 53 2.83 27.54 14.95
CA ASP B 53 2.81 28.89 14.42
C ASP B 53 3.93 29.68 15.09
N LEU B 54 4.20 30.86 14.54
CA LEU B 54 5.00 31.87 15.21
C LEU B 54 4.34 32.30 16.52
N PHE B 55 5.03 32.05 17.63
CA PHE B 55 4.62 32.53 18.95
C PHE B 55 5.83 33.09 19.65
N LEU B 56 5.59 33.94 20.64
CA LEU B 56 6.61 34.27 21.61
C LEU B 56 6.85 33.05 22.48
N PRO B 57 8.07 32.50 22.57
CA PRO B 57 8.27 31.30 23.39
C PRO B 57 7.97 31.53 24.86
N PHE B 58 7.48 30.48 25.50
CA PHE B 58 7.22 30.50 26.92
C PHE B 58 8.52 30.70 27.66
N PHE B 59 8.41 31.28 28.86
CA PHE B 59 9.47 31.50 29.85
C PHE B 59 10.89 31.74 29.33
N SER B 60 11.05 32.84 28.59
CA SER B 60 12.25 33.14 27.83
C SER B 60 12.53 34.63 27.98
N ASN B 61 13.79 34.99 27.76
CA ASN B 61 14.21 36.37 27.90
C ASN B 61 13.44 37.24 26.90
N VAL B 62 12.90 38.35 27.40
CA VAL B 62 12.41 39.44 26.58
C VAL B 62 12.93 40.71 27.23
N THR B 63 13.09 41.77 26.45
CA THR B 63 13.88 42.92 26.86
C THR B 63 13.01 44.09 27.26
N TRP B 64 13.41 44.73 28.36
CA TRP B 64 12.75 45.87 28.96
C TRP B 64 13.36 47.16 28.45
N PHE B 65 12.50 48.16 28.25
CA PHE B 65 12.89 49.47 27.74
C PHE B 65 12.03 50.53 28.43
N HIS B 66 12.59 51.73 28.52
CA HIS B 66 11.94 52.87 29.13
C HIS B 66 12.29 54.11 28.32
N ALA B 67 11.30 54.98 28.11
CA ALA B 67 11.53 56.32 27.61
C ALA B 67 10.91 57.31 28.57
N ILE B 68 11.63 58.41 28.85
CA ILE B 68 11.11 59.47 29.70
C ILE B 68 11.75 60.79 29.29
N HIS B 69 10.97 61.87 29.40
CA HIS B 69 11.47 63.22 29.09
C HIS B 69 12.41 63.72 30.17
N VAL B 70 12.02 63.60 31.43
CA VAL B 70 12.77 64.11 32.56
C VAL B 70 14.14 63.45 32.63
N THR B 76 15.87 60.91 35.33
CA THR B 76 16.91 60.01 34.83
C THR B 76 17.16 60.13 33.32
N LYS B 77 16.27 60.82 32.60
CA LYS B 77 16.38 61.06 31.15
C LYS B 77 16.50 59.76 30.34
N ARG B 78 15.96 58.67 30.86
CA ARG B 78 15.97 57.40 30.16
C ARG B 78 15.03 57.51 28.97
N PHE B 79 15.57 57.34 27.76
CA PHE B 79 14.96 57.83 26.53
C PHE B 79 15.14 56.81 25.40
N ASP B 80 14.79 55.56 25.67
CA ASP B 80 14.99 54.49 24.71
C ASP B 80 14.16 54.64 23.44
N ASN B 81 14.80 55.07 22.35
CA ASN B 81 14.14 55.28 21.05
C ASN B 81 14.82 54.58 19.85
N PRO B 82 15.61 53.51 20.01
CA PRO B 82 16.36 52.98 18.86
C PRO B 82 15.46 52.41 17.77
N VAL B 83 15.91 52.48 16.52
CA VAL B 83 15.43 51.52 15.52
C VAL B 83 15.88 50.14 15.91
N LEU B 84 14.95 49.18 15.89
CA LEU B 84 15.17 47.78 16.21
C LEU B 84 14.84 46.90 15.02
N PRO B 85 15.54 45.76 14.84
CA PRO B 85 15.07 44.78 13.85
C PRO B 85 13.66 44.33 14.12
N PHE B 86 12.89 44.21 13.05
CA PHE B 86 11.63 43.49 13.07
C PHE B 86 11.94 42.13 12.45
N ASN B 87 12.26 41.17 13.31
CA ASN B 87 12.14 39.78 12.93
C ASN B 87 10.71 39.51 12.55
N ASP B 88 10.51 38.43 11.78
CA ASP B 88 9.33 38.28 10.92
C ASP B 88 8.00 38.31 11.68
N GLY B 89 8.01 38.09 12.98
CA GLY B 89 6.97 38.64 13.85
C GLY B 89 7.61 39.13 15.12
N VAL B 90 6.95 40.11 15.74
CA VAL B 90 7.46 40.80 16.93
C VAL B 90 6.41 40.75 18.01
N TYR B 91 6.87 40.58 19.24
CA TYR B 91 6.08 40.82 20.43
C TYR B 91 6.49 42.17 21.01
N PHE B 92 5.50 42.98 21.34
CA PHE B 92 5.70 44.31 21.88
C PHE B 92 4.63 44.50 22.92
N ALA B 93 5.00 45.14 24.01
CA ALA B 93 4.00 45.64 24.94
C ALA B 93 4.48 46.97 25.46
N SER B 94 3.61 47.95 25.40
CA SER B 94 3.77 49.18 26.15
C SER B 94 3.21 48.95 27.53
N THR B 95 4.07 48.92 28.53
CA THR B 95 3.67 49.11 29.92
C THR B 95 3.34 50.58 30.14
N GLU B 96 2.21 50.97 29.60
CA GLU B 96 1.92 52.33 29.25
C GLU B 96 1.60 53.12 30.51
N LYS B 97 1.95 54.39 30.46
CA LYS B 97 1.66 55.31 31.55
C LYS B 97 1.30 56.71 31.07
N SER B 98 1.79 57.18 29.92
CA SER B 98 1.40 58.48 29.35
C SER B 98 0.73 58.41 27.99
N ASN B 99 0.76 57.26 27.30
CA ASN B 99 0.31 57.15 25.90
C ASN B 99 1.08 58.08 24.97
N ILE B 100 2.31 58.45 25.33
CA ILE B 100 3.19 59.13 24.41
C ILE B 100 3.61 58.20 23.30
N ILE B 101 3.59 56.90 23.55
CA ILE B 101 3.63 55.94 22.46
C ILE B 101 2.35 56.12 21.67
N ARG B 102 2.49 56.66 20.46
CA ARG B 102 1.41 56.94 19.53
C ARG B 102 1.51 56.06 18.29
N GLY B 103 1.90 54.79 18.47
CA GLY B 103 2.04 53.84 17.39
C GLY B 103 3.48 53.43 17.11
N TRP B 104 3.71 52.97 15.88
CA TRP B 104 4.97 52.39 15.44
C TRP B 104 5.11 52.59 13.95
N ILE B 105 6.35 52.44 13.49
CA ILE B 105 6.71 52.55 12.08
C ILE B 105 7.42 51.28 11.67
N PHE B 106 7.14 50.83 10.44
CA PHE B 106 7.56 49.52 9.99
C PHE B 106 7.93 49.61 8.52
N GLY B 107 8.91 48.80 8.14
CA GLY B 107 9.38 48.70 6.77
C GLY B 107 10.74 48.04 6.76
N THR B 108 11.48 48.29 5.67
CA THR B 108 12.86 47.85 5.55
C THR B 108 13.89 48.94 5.81
N THR B 109 13.61 50.17 5.39
CA THR B 109 14.54 51.30 5.50
C THR B 109 13.97 52.53 6.18
N LEU B 110 12.65 52.67 6.26
CA LEU B 110 12.00 53.77 7.00
C LEU B 110 12.40 55.17 6.51
N ASP B 111 12.80 55.31 5.23
CA ASP B 111 13.53 56.49 4.77
C ASP B 111 13.01 57.04 3.43
N SER B 112 11.78 56.70 3.04
CA SER B 112 11.16 56.95 1.73
C SER B 112 11.71 56.19 0.53
N LYS B 113 12.94 55.70 0.59
CA LYS B 113 13.51 55.01 -0.56
C LYS B 113 13.00 53.60 -0.73
N THR B 114 12.14 53.12 0.17
CA THR B 114 11.18 52.06 -0.10
C THR B 114 9.81 52.52 0.38
N GLN B 115 8.77 51.91 -0.17
CA GLN B 115 7.49 51.89 0.54
C GLN B 115 7.65 51.26 1.91
N SER B 116 7.00 51.87 2.90
CA SER B 116 7.09 51.42 4.28
C SER B 116 5.73 51.67 4.91
N LEU B 117 5.39 50.84 5.88
CA LEU B 117 4.14 50.99 6.63
C LEU B 117 4.27 52.01 7.74
N LEU B 118 3.30 52.92 7.81
CA LEU B 118 3.01 53.71 8.99
C LEU B 118 1.71 53.23 9.62
N ILE B 119 1.77 52.97 10.92
CA ILE B 119 0.61 53.03 11.79
C ILE B 119 0.86 54.18 12.75
N VAL B 120 0.03 55.20 12.69
CA VAL B 120 0.00 56.28 13.67
C VAL B 120 -1.28 56.17 14.48
N ASN B 121 -1.14 56.13 15.80
CA ASN B 121 -2.27 56.05 16.73
C ASN B 121 -2.93 57.43 16.90
N ASN B 122 -3.40 57.96 15.78
CA ASN B 122 -3.72 59.38 15.66
C ASN B 122 -4.99 59.73 16.42
N ALA B 123 -5.03 60.98 16.86
CA ALA B 123 -6.12 61.52 17.65
C ALA B 123 -7.43 61.45 16.88
N THR B 124 -8.52 61.30 17.62
CA THR B 124 -9.84 60.95 17.13
C THR B 124 -9.93 59.56 16.52
N ASN B 125 -9.14 59.24 15.50
CA ASN B 125 -9.14 57.93 14.88
C ASN B 125 -7.73 57.54 14.51
N VAL B 126 -7.43 56.25 14.65
CA VAL B 126 -6.16 55.70 14.17
C VAL B 126 -6.12 55.76 12.64
N VAL B 127 -4.91 55.97 12.09
CA VAL B 127 -4.67 56.07 10.64
C VAL B 127 -3.50 55.19 10.27
N ILE B 128 -3.63 54.49 9.14
CA ILE B 128 -2.68 53.49 8.69
C ILE B 128 -2.40 53.73 7.21
N LYS B 129 -1.12 53.75 6.87
CA LYS B 129 -0.70 54.09 5.52
C LYS B 129 0.54 53.28 5.20
N VAL B 130 0.70 52.95 3.91
CA VAL B 130 1.99 52.56 3.37
C VAL B 130 2.38 53.60 2.32
N CYS B 131 3.49 54.27 2.57
CA CYS B 131 3.97 55.36 1.73
C CYS B 131 5.48 55.36 1.78
N GLU B 132 6.07 56.13 0.86
CA GLU B 132 7.46 56.53 0.97
C GLU B 132 7.66 57.51 2.12
N PHE B 133 7.54 57.03 3.35
CA PHE B 133 7.75 57.85 4.54
C PHE B 133 9.24 57.97 4.84
N GLN B 134 9.80 59.17 4.69
CA GLN B 134 11.08 59.50 5.29
C GLN B 134 10.80 59.93 6.73
N PHE B 135 10.58 58.93 7.59
CA PHE B 135 10.23 59.17 8.99
C PHE B 135 11.29 60.01 9.70
N CYS B 136 10.84 60.86 10.62
CA CYS B 136 11.74 61.70 11.40
C CYS B 136 12.75 60.85 12.17
N ASN B 137 13.99 61.34 12.23
CA ASN B 137 15.14 60.58 12.73
C ASN B 137 14.90 60.05 14.13
N ASP B 138 14.28 60.87 14.98
CA ASP B 138 13.48 60.37 16.07
C ASP B 138 12.03 60.48 15.63
N PRO B 139 11.24 59.39 15.52
CA PRO B 139 9.91 59.55 14.91
C PRO B 139 8.88 60.12 15.87
N PHE B 140 9.08 61.38 16.23
CA PHE B 140 8.06 62.12 16.95
C PHE B 140 6.93 62.54 16.03
N LEU B 141 5.74 62.56 16.60
CA LEU B 141 4.66 63.42 16.17
C LEU B 141 4.68 64.61 17.10
N GLY B 142 4.46 65.80 16.56
CA GLY B 142 4.23 66.94 17.42
C GLY B 142 2.79 66.94 17.81
N VAL B 143 2.56 66.74 19.11
CA VAL B 143 1.25 66.46 19.68
C VAL B 143 0.95 67.64 20.60
N TYR B 144 0.24 68.63 20.07
CA TYR B 144 0.23 69.95 20.66
C TYR B 144 -1.01 70.16 21.51
N TYR B 145 -0.79 70.58 22.75
CA TYR B 145 -1.78 71.37 23.46
C TYR B 145 -1.81 72.74 22.80
N HIS B 146 -2.93 73.09 22.19
CA HIS B 146 -3.02 74.27 21.36
C HIS B 146 -4.35 74.96 21.62
N LYS B 147 -4.37 76.27 21.35
CA LYS B 147 -5.49 77.13 21.73
C LYS B 147 -6.80 76.66 21.11
N ASN B 148 -6.75 76.03 19.94
CA ASN B 148 -7.93 75.51 19.26
C ASN B 148 -8.36 74.12 19.73
N ASN B 149 -7.60 73.45 20.60
CA ASN B 149 -7.95 72.12 21.08
C ASN B 149 -7.84 72.01 22.59
N LYS B 150 -6.94 72.76 23.23
CA LYS B 150 -6.58 72.66 24.64
C LYS B 150 -6.44 71.21 25.14
N SER B 151 -5.84 70.37 24.32
CA SER B 151 -5.62 68.98 24.62
C SER B 151 -4.55 68.47 23.68
N TRP B 152 -3.70 67.59 24.19
CA TRP B 152 -2.52 67.14 23.43
C TRP B 152 -3.00 66.40 22.20
N MET B 153 -3.07 67.10 21.06
CA MET B 153 -3.44 66.50 19.79
C MET B 153 -2.60 67.11 18.67
N GLU B 154 -2.33 66.28 17.66
CA GLU B 154 -1.38 66.60 16.62
C GLU B 154 -1.79 67.83 15.83
N SER B 155 -0.93 68.85 15.87
CA SER B 155 -1.14 70.12 15.19
C SER B 155 0.00 70.43 14.23
N GLU B 156 1.08 69.63 14.23
CA GLU B 156 1.91 69.40 13.06
C GLU B 156 1.69 67.93 12.71
N PHE B 157 1.28 67.68 11.47
CA PHE B 157 0.85 66.33 11.11
C PHE B 157 1.99 65.39 10.77
N ARG B 158 3.16 65.91 10.39
CA ARG B 158 4.27 65.05 10.00
C ARG B 158 4.72 64.15 11.15
N VAL B 159 5.21 62.98 10.77
CA VAL B 159 6.21 62.22 11.52
C VAL B 159 7.43 61.96 10.65
N TYR B 160 7.63 62.80 9.63
CA TYR B 160 8.49 62.47 8.51
C TYR B 160 8.96 63.75 7.85
N SER B 161 9.99 63.61 7.03
CA SER B 161 10.37 64.61 6.05
C SER B 161 9.73 64.42 4.68
N SER B 162 9.18 63.25 4.38
CA SER B 162 8.49 63.03 3.11
C SER B 162 7.46 61.93 3.29
N ALA B 163 6.49 61.90 2.38
CA ALA B 163 5.45 60.88 2.40
C ALA B 163 4.94 60.62 0.99
N ASN B 164 5.87 60.49 0.04
CA ASN B 164 5.50 60.38 -1.36
C ASN B 164 4.87 59.02 -1.63
N ASN B 165 4.19 58.92 -2.79
CA ASN B 165 3.74 57.67 -3.44
C ASN B 165 3.05 56.72 -2.46
N CYS B 166 1.99 57.22 -1.84
CA CYS B 166 1.23 56.38 -0.92
C CYS B 166 0.52 55.30 -1.70
N THR B 167 1.17 54.13 -1.78
CA THR B 167 0.59 52.98 -2.44
C THR B 167 -0.57 52.40 -1.67
N PHE B 168 -0.73 52.74 -0.40
CA PHE B 168 -1.94 52.43 0.34
C PHE B 168 -2.17 53.54 1.35
N GLU B 169 -3.44 53.78 1.67
CA GLU B 169 -3.82 54.65 2.76
C GLU B 169 -5.13 54.15 3.35
N TYR B 170 -5.24 54.26 4.67
CA TYR B 170 -6.47 53.84 5.34
C TYR B 170 -6.59 54.55 6.68
N VAL B 171 -7.80 55.01 6.99
CA VAL B 171 -8.12 55.52 8.32
C VAL B 171 -8.73 54.40 9.13
N SER B 172 -8.06 54.04 10.21
CA SER B 172 -8.53 53.03 11.13
C SER B 172 -9.42 53.63 12.21
N GLN B 173 -9.85 52.77 13.11
CA GLN B 173 -10.86 53.09 14.08
C GLN B 173 -10.30 54.02 15.16
N PRO B 174 -11.16 54.50 16.09
CA PRO B 174 -10.69 55.07 17.37
C PRO B 174 -10.03 54.09 18.36
N PHE B 175 -9.06 53.28 17.92
CA PHE B 175 -8.20 52.47 18.80
C PHE B 175 -7.15 53.35 19.51
N LEU B 176 -7.66 54.28 20.31
CA LEU B 176 -6.92 55.43 20.82
C LEU B 176 -7.05 55.46 22.33
N MET B 177 -5.92 55.58 23.02
CA MET B 177 -5.85 55.52 24.47
C MET B 177 -6.03 56.92 25.05
N ASP B 178 -6.07 57.00 26.37
CA ASP B 178 -6.22 58.27 27.09
C ASP B 178 -4.98 59.13 26.86
N LEU B 179 -5.09 60.09 25.94
CA LEU B 179 -3.95 60.90 25.50
C LEU B 179 -3.65 62.00 26.53
N GLU B 180 -3.14 61.57 27.69
CA GLU B 180 -2.76 62.48 28.76
C GLU B 180 -1.47 62.02 29.40
N GLY B 181 -0.65 62.98 29.81
CA GLY B 181 0.75 62.77 30.16
C GLY B 181 1.05 62.12 31.50
N LYS B 182 0.21 61.19 31.95
CA LYS B 182 0.41 60.48 33.21
C LYS B 182 1.74 59.71 33.18
N GLN B 183 2.26 59.43 34.38
CA GLN B 183 3.66 59.01 34.57
C GLN B 183 3.80 57.86 35.57
N GLY B 184 2.70 57.20 35.95
CA GLY B 184 2.69 56.29 37.09
C GLY B 184 3.04 54.84 36.87
N ASN B 185 2.35 53.96 37.61
CA ASN B 185 2.49 52.52 37.46
C ASN B 185 1.93 52.05 36.13
N PHE B 186 2.00 50.74 35.91
CA PHE B 186 1.58 50.14 34.64
C PHE B 186 0.06 50.15 34.49
N LYS B 187 -0.50 51.36 34.30
CA LYS B 187 -1.95 51.61 34.32
C LYS B 187 -2.73 50.61 33.47
N ASN B 188 -2.21 50.30 32.29
CA ASN B 188 -2.52 49.09 31.54
C ASN B 188 -1.22 48.52 30.98
N LEU B 189 -1.15 47.19 30.89
CA LEU B 189 -0.30 46.57 29.88
C LEU B 189 -1.03 46.66 28.54
N ARG B 190 -0.47 47.43 27.63
CA ARG B 190 -0.93 47.50 26.25
C ARG B 190 -0.09 46.53 25.46
N GLU B 191 -0.59 45.30 25.35
CA GLU B 191 0.07 44.20 24.67
C GLU B 191 -0.20 44.20 23.17
N PHE B 192 0.83 43.86 22.40
CA PHE B 192 0.69 43.71 20.97
C PHE B 192 1.49 42.52 20.51
N VAL B 193 1.03 41.91 19.44
CA VAL B 193 1.83 41.01 18.61
C VAL B 193 1.64 41.42 17.17
N PHE B 194 2.74 41.46 16.44
CA PHE B 194 2.75 41.80 15.03
C PHE B 194 3.35 40.64 14.26
N LYS B 195 2.72 40.27 13.16
CA LYS B 195 3.24 39.29 12.23
C LYS B 195 3.05 39.81 10.82
N ASN B 196 4.11 39.74 10.02
CA ASN B 196 4.05 39.92 8.58
C ASN B 196 4.23 38.57 7.91
N ILE B 197 3.15 38.03 7.35
CA ILE B 197 3.17 36.68 6.80
C ILE B 197 2.15 36.62 5.67
N ASP B 198 2.47 35.80 4.67
CA ASP B 198 1.63 35.53 3.49
C ASP B 198 1.15 36.82 2.82
N GLY B 199 1.98 37.85 2.84
CA GLY B 199 1.54 39.12 2.34
C GLY B 199 0.57 39.86 3.23
N TYR B 200 0.28 39.35 4.43
CA TYR B 200 -0.60 39.98 5.40
C TYR B 200 0.20 40.50 6.56
N PHE B 201 -0.22 41.65 7.09
CA PHE B 201 0.13 42.11 8.43
C PHE B 201 -0.98 41.76 9.42
N LYS B 202 -0.67 40.88 10.37
CA LYS B 202 -1.61 40.47 11.41
C LYS B 202 -1.25 41.18 12.70
N ILE B 203 -2.27 41.68 13.39
CA ILE B 203 -2.13 42.44 14.62
C ILE B 203 -3.05 41.82 15.66
N TYR B 204 -2.52 41.64 16.86
CA TYR B 204 -3.25 41.14 18.01
C TYR B 204 -2.97 42.07 19.17
N SER B 205 -3.89 42.12 20.13
CA SER B 205 -3.71 42.99 21.28
C SER B 205 -4.61 42.55 22.43
N LYS B 206 -4.32 43.10 23.61
CA LYS B 206 -5.28 43.18 24.70
C LYS B 206 -4.88 44.33 25.62
N HIS B 207 -5.88 45.07 26.10
CA HIS B 207 -5.70 45.97 27.22
C HIS B 207 -6.09 45.26 28.50
N THR B 208 -5.32 45.48 29.56
CA THR B 208 -5.78 45.08 30.88
C THR B 208 -5.09 45.93 31.95
N PRO B 209 -5.80 46.46 32.94
CA PRO B 209 -5.09 47.11 34.05
C PRO B 209 -4.40 46.08 34.91
N ILE B 210 -3.18 46.42 35.36
CA ILE B 210 -2.32 45.49 36.08
C ILE B 210 -1.72 46.20 37.29
N ASN B 211 -1.58 45.45 38.39
CA ASN B 211 -1.31 45.98 39.71
C ASN B 211 0.15 45.92 40.12
N LEU B 212 0.92 44.96 39.61
CA LEU B 212 2.32 44.83 39.99
C LEU B 212 3.12 46.06 39.58
N VAL B 213 3.82 46.63 40.56
CA VAL B 213 4.55 47.86 40.33
C VAL B 213 5.72 47.67 39.39
N ARG B 214 6.24 46.45 39.28
CA ARG B 214 7.41 46.18 38.44
C ARG B 214 7.27 44.79 37.85
N ASP B 215 8.07 44.56 36.80
CA ASP B 215 8.09 43.37 35.96
C ASP B 215 6.88 43.27 35.05
N LEU B 216 7.02 42.54 33.95
CA LEU B 216 5.86 42.17 33.17
C LEU B 216 4.94 41.30 34.03
N PRO B 217 3.62 41.39 33.86
CA PRO B 217 2.72 40.55 34.64
C PRO B 217 2.93 39.07 34.35
N GLN B 218 2.94 38.29 35.42
CA GLN B 218 3.13 36.86 35.31
C GLN B 218 1.90 36.21 34.70
N GLY B 219 2.14 35.19 33.89
CA GLY B 219 1.12 34.29 33.42
C GLY B 219 0.42 34.73 32.13
N PHE B 220 -0.38 33.79 31.63
CA PHE B 220 -1.11 33.93 30.37
C PHE B 220 -2.19 35.01 30.44
N SER B 221 -2.38 35.69 29.29
CA SER B 221 -3.65 36.30 28.93
C SER B 221 -3.67 36.37 27.41
N ALA B 222 -4.87 36.34 26.83
CA ALA B 222 -4.99 36.21 25.38
C ALA B 222 -4.89 37.55 24.68
N LEU B 223 -4.39 37.52 23.43
CA LEU B 223 -4.51 38.62 22.47
C LEU B 223 -5.46 38.21 21.36
N GLU B 224 -6.60 38.88 21.28
CA GLU B 224 -7.55 38.65 20.21
C GLU B 224 -7.08 39.25 18.89
N PRO B 225 -7.53 38.71 17.75
CA PRO B 225 -7.20 39.36 16.46
C PRO B 225 -7.87 40.71 16.38
N LEU B 226 -7.05 41.74 16.33
CA LEU B 226 -7.57 43.10 16.29
C LEU B 226 -7.90 43.47 14.85
N VAL B 227 -6.94 43.31 13.94
CA VAL B 227 -7.13 43.72 12.55
C VAL B 227 -6.07 43.01 11.71
N ASP B 228 -6.31 42.96 10.39
CA ASP B 228 -5.46 42.23 9.45
C ASP B 228 -5.58 42.87 8.08
N LEU B 229 -4.43 43.21 7.47
CA LEU B 229 -4.34 43.88 6.17
C LEU B 229 -3.34 43.18 5.24
N PRO B 230 -3.64 43.07 3.89
CA PRO B 230 -2.74 42.41 2.93
C PRO B 230 -1.57 43.29 2.48
N ILE B 231 -0.70 43.67 3.40
CA ILE B 231 0.30 44.71 3.10
C ILE B 231 1.31 44.33 2.02
N GLY B 232 1.55 43.04 1.79
CA GLY B 232 2.52 42.62 0.80
C GLY B 232 4.00 42.81 1.10
N ILE B 233 4.45 44.06 1.35
CA ILE B 233 5.89 44.39 1.35
C ILE B 233 6.68 43.64 2.41
N ASN B 234 7.99 43.53 2.19
CA ASN B 234 8.90 43.15 3.25
C ASN B 234 8.76 44.12 4.42
N ILE B 235 8.91 43.60 5.63
CA ILE B 235 9.21 44.39 6.82
C ILE B 235 10.41 43.76 7.51
N THR B 236 11.32 44.60 7.98
CA THR B 236 12.63 44.20 8.47
C THR B 236 13.10 44.98 9.68
N ARG B 237 12.65 46.21 9.89
CA ARG B 237 13.02 47.04 11.02
C ARG B 237 11.77 47.76 11.47
N PHE B 238 11.79 48.17 12.73
CA PHE B 238 10.71 49.02 13.22
C PHE B 238 11.21 50.01 14.24
N GLN B 239 10.39 51.03 14.46
CA GLN B 239 10.59 52.00 15.51
C GLN B 239 9.24 52.42 16.06
N THR B 240 9.21 52.65 17.36
CA THR B 240 7.99 53.04 18.04
C THR B 240 7.78 54.53 17.83
N LEU B 241 6.54 54.93 17.58
CA LEU B 241 6.16 56.34 17.63
C LEU B 241 6.04 56.82 19.07
N LEU B 242 7.19 56.91 19.73
CA LEU B 242 7.30 57.74 20.90
C LEU B 242 7.14 59.18 20.45
N ALA B 243 5.93 59.69 20.55
CA ALA B 243 5.61 61.04 20.12
C ALA B 243 6.25 62.04 21.08
N LEU B 244 6.17 63.31 20.73
CA LEU B 244 6.40 64.40 21.68
C LEU B 244 5.08 65.10 21.92
N HIS B 245 4.65 65.13 23.18
CA HIS B 245 3.73 66.16 23.63
C HIS B 245 4.38 67.52 23.47
N ARG B 246 3.53 68.51 23.21
CA ARG B 246 3.94 69.89 22.97
C ARG B 246 2.85 70.81 23.47
N SER B 247 3.22 72.06 23.74
CA SER B 247 2.28 73.08 24.14
C SER B 247 2.59 74.40 23.45
N TYR B 248 1.54 75.02 22.91
CA TYR B 248 1.68 76.12 21.95
C TYR B 248 2.25 77.39 22.56
N LEU B 249 2.25 77.52 23.89
CA LEU B 249 2.92 78.66 24.51
C LEU B 249 4.42 78.60 24.35
N THR B 250 4.99 77.42 24.17
CA THR B 250 6.36 77.28 23.74
C THR B 250 6.41 77.48 22.24
N PRO B 251 7.59 77.56 21.63
CA PRO B 251 7.67 77.58 20.15
C PRO B 251 7.20 76.29 19.47
N GLY B 252 6.89 75.23 20.23
CA GLY B 252 6.32 74.02 19.66
C GLY B 252 7.28 73.23 18.80
N ASP B 253 8.58 73.43 18.97
CA ASP B 253 9.60 72.85 18.12
C ASP B 253 10.33 71.78 18.92
N SER B 254 10.96 70.86 18.20
CA SER B 254 11.81 69.84 18.80
C SER B 254 13.05 70.46 19.44
N SER B 255 13.46 69.88 20.57
CA SER B 255 14.52 70.37 21.46
C SER B 255 14.22 71.68 22.17
N SER B 256 13.00 72.22 22.06
CA SER B 256 12.61 73.34 22.91
C SER B 256 11.12 73.32 23.22
N GLY B 257 10.26 73.27 22.20
CA GLY B 257 8.82 73.17 22.42
C GLY B 257 8.26 71.77 22.57
N TRP B 258 8.72 71.00 23.57
CA TRP B 258 8.50 69.57 23.60
C TRP B 258 8.35 69.10 25.04
N THR B 259 7.69 67.95 25.18
CA THR B 259 7.90 67.07 26.33
C THR B 259 7.64 65.65 25.85
N ALA B 260 8.63 64.78 26.04
CA ALA B 260 8.52 63.37 25.69
C ALA B 260 7.70 62.54 26.68
N GLY B 261 7.11 63.14 27.72
CA GLY B 261 6.45 62.42 28.81
C GLY B 261 7.19 61.21 29.33
N ALA B 262 6.52 60.07 29.48
CA ALA B 262 7.24 58.82 29.67
C ALA B 262 6.47 57.64 29.09
N ALA B 263 7.22 56.57 28.84
CA ALA B 263 6.64 55.27 28.51
C ALA B 263 7.65 54.17 28.82
N ALA B 264 7.24 53.19 29.62
CA ALA B 264 7.91 51.90 29.71
C ALA B 264 7.29 50.93 28.73
N TYR B 265 8.13 50.10 28.10
CA TYR B 265 7.67 49.10 27.17
C TYR B 265 8.59 47.90 27.21
N TYR B 266 8.10 46.79 26.66
CA TYR B 266 8.85 45.56 26.52
C TYR B 266 8.72 45.06 25.09
N VAL B 267 9.80 44.41 24.61
CA VAL B 267 9.88 43.88 23.25
C VAL B 267 10.38 42.45 23.27
N GLY B 268 9.87 41.64 22.35
CA GLY B 268 10.32 40.27 22.12
C GLY B 268 9.95 39.84 20.72
N TYR B 269 10.32 38.59 20.39
CA TYR B 269 10.16 38.03 19.05
C TYR B 269 9.52 36.65 19.11
N LEU B 270 8.86 36.31 18.00
CA LEU B 270 8.15 35.05 17.88
C LEU B 270 9.05 34.00 17.24
N GLN B 271 8.85 32.73 17.64
CA GLN B 271 9.47 31.56 17.01
C GLN B 271 8.40 30.58 16.53
N PRO B 272 8.69 29.77 15.50
CA PRO B 272 7.77 28.68 15.17
C PRO B 272 7.81 27.66 16.29
N ARG B 273 6.68 27.47 16.96
CA ARG B 273 6.60 26.67 18.17
C ARG B 273 5.37 25.77 18.13
N THR B 274 5.55 24.55 18.64
CA THR B 274 4.46 23.60 18.78
C THR B 274 3.65 23.95 20.01
N PHE B 275 2.43 24.43 19.77
CA PHE B 275 1.53 24.89 20.80
C PHE B 275 0.33 23.96 20.90
N LEU B 276 -0.02 23.61 22.13
CA LEU B 276 -1.30 23.02 22.48
C LEU B 276 -2.15 24.15 23.04
N LEU B 277 -3.39 24.25 22.58
CA LEU B 277 -4.30 25.32 22.97
C LEU B 277 -5.41 24.75 23.83
N LYS B 278 -5.58 25.31 25.04
CA LYS B 278 -6.70 24.96 25.93
C LYS B 278 -7.93 25.81 25.65
N TYR B 279 -8.73 25.36 24.69
CA TYR B 279 -10.01 26.01 24.38
C TYR B 279 -11.07 25.56 25.40
N ASN B 280 -11.56 26.48 26.24
CA ASN B 280 -12.49 26.16 27.33
C ASN B 280 -13.96 26.04 26.89
N GLU B 281 -14.91 25.87 27.82
CA GLU B 281 -16.33 25.77 27.46
C GLU B 281 -16.82 27.04 26.75
N ASN B 282 -16.34 28.20 27.18
CA ASN B 282 -16.66 29.49 26.57
C ASN B 282 -16.14 29.56 25.13
N GLY B 283 -14.99 28.94 24.89
CA GLY B 283 -14.40 28.94 23.57
C GLY B 283 -13.21 29.86 23.40
N THR B 284 -12.71 30.41 24.49
CA THR B 284 -11.54 31.25 24.42
C THR B 284 -10.32 30.48 24.91
N ILE B 285 -9.14 30.79 24.36
CA ILE B 285 -7.91 30.17 24.82
C ILE B 285 -7.67 30.58 26.26
N THR B 286 -7.64 29.59 27.16
CA THR B 286 -7.49 29.82 28.58
C THR B 286 -6.12 29.44 29.11
N ASP B 287 -5.40 28.57 28.41
CA ASP B 287 -4.01 28.24 28.70
C ASP B 287 -3.45 27.54 27.48
N ALA B 288 -2.13 27.36 27.45
CA ALA B 288 -1.49 26.61 26.37
C ALA B 288 -0.29 25.84 26.90
N VAL B 289 0.20 24.90 26.10
CA VAL B 289 1.51 24.30 26.28
C VAL B 289 2.33 24.54 25.03
N ASP B 290 3.42 25.28 25.19
CA ASP B 290 4.53 25.31 24.25
C ASP B 290 5.33 24.02 24.42
N CYS B 291 4.95 22.99 23.67
CA CYS B 291 5.53 21.67 23.87
C CYS B 291 7.04 21.62 23.62
N ALA B 292 7.56 22.56 22.84
CA ALA B 292 8.99 22.64 22.59
C ALA B 292 9.77 23.20 23.78
N LEU B 293 9.09 23.71 24.81
CA LEU B 293 9.77 24.39 25.91
C LEU B 293 10.63 23.44 26.73
N ASP B 294 10.11 22.27 27.07
CA ASP B 294 10.71 21.42 28.09
C ASP B 294 10.23 19.99 27.85
N PRO B 295 11.01 18.97 28.28
CA PRO B 295 10.57 17.58 28.05
C PRO B 295 9.21 17.22 28.61
N LEU B 296 8.84 17.75 29.76
CA LEU B 296 7.48 17.54 30.22
C LEU B 296 6.45 18.20 29.31
N SER B 297 6.80 19.36 28.75
CA SER B 297 5.93 19.97 27.74
C SER B 297 5.85 19.12 26.48
N GLU B 298 6.98 18.53 26.06
CA GLU B 298 6.95 17.55 24.99
C GLU B 298 6.01 16.41 25.34
N THR B 299 6.07 15.94 26.57
CA THR B 299 5.22 14.83 26.98
C THR B 299 3.76 15.24 26.93
N LYS B 300 3.48 16.50 27.28
CA LYS B 300 2.16 17.08 27.18
C LYS B 300 1.68 17.35 25.77
N CYS B 301 2.50 17.12 24.76
CA CYS B 301 1.99 16.90 23.39
C CYS B 301 2.06 15.47 22.94
N THR B 302 2.97 14.67 23.48
CA THR B 302 3.06 13.27 23.12
C THR B 302 1.77 12.57 23.54
N LEU B 303 1.44 12.66 24.82
CA LEU B 303 0.05 12.56 25.22
C LEU B 303 -0.59 13.92 25.00
N LYS B 304 -1.88 13.90 24.67
CA LYS B 304 -2.66 15.12 24.56
C LYS B 304 -3.40 15.48 25.84
N SER B 305 -3.29 14.68 26.89
CA SER B 305 -3.82 15.11 28.17
C SER B 305 -2.98 16.26 28.68
N PHE B 306 -3.64 17.25 29.27
CA PHE B 306 -2.91 18.41 29.76
C PHE B 306 -2.05 18.14 31.00
N THR B 307 -2.03 16.91 31.52
CA THR B 307 -1.33 16.54 32.74
C THR B 307 -0.88 15.11 32.53
N VAL B 308 0.18 14.70 33.23
CA VAL B 308 0.88 13.46 32.94
C VAL B 308 1.11 12.68 34.22
N GLU B 309 0.89 11.37 34.14
CA GLU B 309 0.96 10.44 35.25
C GLU B 309 2.42 10.09 35.54
N LYS B 310 2.63 9.29 36.58
CA LYS B 310 3.91 8.64 36.78
C LYS B 310 4.11 7.58 35.71
N GLY B 311 5.28 7.60 35.06
CA GLY B 311 5.58 6.58 34.06
C GLY B 311 6.80 6.91 33.23
N ILE B 312 6.82 6.34 32.03
CA ILE B 312 7.85 6.62 31.04
C ILE B 312 7.20 6.69 29.68
N TYR B 313 7.68 7.62 28.85
CA TYR B 313 7.03 7.97 27.59
C TYR B 313 8.08 8.40 26.57
N GLN B 314 7.64 8.44 25.32
CA GLN B 314 8.51 8.64 24.15
C GLN B 314 8.78 10.11 23.87
N THR B 315 9.95 10.57 24.29
CA THR B 315 10.67 11.65 23.65
C THR B 315 11.10 11.17 22.26
N SER B 316 11.56 12.09 21.42
CA SER B 316 12.01 11.77 20.08
C SER B 316 13.02 10.65 20.09
N ASN B 317 12.99 9.93 19.01
CA ASN B 317 13.98 8.89 18.81
C ASN B 317 15.36 9.49 18.79
N PHE B 318 16.32 8.70 19.21
CA PHE B 318 17.68 9.19 19.23
C PHE B 318 18.20 9.31 17.80
N ARG B 319 18.57 10.53 17.43
CA ARG B 319 19.25 10.78 16.15
C ARG B 319 20.44 11.71 16.31
N VAL B 320 21.58 11.23 15.81
CA VAL B 320 22.70 12.09 15.44
C VAL B 320 22.31 12.78 14.15
N GLN B 321 22.84 13.98 13.97
CA GLN B 321 22.76 14.70 12.72
C GLN B 321 24.16 14.75 12.12
N PRO B 322 24.40 14.19 10.93
CA PRO B 322 25.77 13.99 10.47
C PRO B 322 26.51 15.27 10.20
N THR B 323 27.82 15.21 10.36
CA THR B 323 28.62 16.42 10.39
C THR B 323 29.06 16.89 9.01
N GLU B 324 29.23 15.97 8.05
CA GLU B 324 29.66 16.33 6.70
C GLU B 324 29.06 15.36 5.70
N SER B 325 29.17 15.74 4.43
CA SER B 325 28.95 14.86 3.29
C SER B 325 30.23 14.77 2.49
N ILE B 326 30.74 13.56 2.31
CA ILE B 326 32.06 13.34 1.72
C ILE B 326 31.90 12.64 0.38
N VAL B 327 32.70 13.06 -0.59
CA VAL B 327 32.70 12.50 -1.93
C VAL B 327 34.12 12.04 -2.23
N ARG B 328 34.26 10.79 -2.67
CA ARG B 328 35.55 10.10 -2.66
C ARG B 328 36.37 10.24 -3.96
N PHE B 329 36.11 9.39 -4.98
CA PHE B 329 36.64 9.50 -6.34
C PHE B 329 38.15 9.77 -6.55
N PRO B 330 39.08 9.23 -5.75
CA PRO B 330 40.51 9.47 -6.03
C PRO B 330 41.02 8.81 -7.32
N ASN B 331 40.22 7.92 -7.90
CA ASN B 331 40.58 7.20 -9.11
C ASN B 331 40.79 8.11 -10.32
N ILE B 332 40.20 9.31 -10.34
CA ILE B 332 39.94 10.02 -11.60
C ILE B 332 41.22 10.38 -12.34
N THR B 333 41.26 9.98 -13.62
CA THR B 333 42.44 9.87 -14.48
C THR B 333 41.92 9.85 -15.92
N ASN B 334 42.84 9.91 -16.89
CA ASN B 334 42.53 9.85 -18.32
C ASN B 334 41.75 11.04 -18.86
N LEU B 335 42.37 12.22 -18.76
CA LEU B 335 41.83 13.37 -19.46
C LEU B 335 41.86 13.15 -20.97
N CYS B 336 40.84 13.67 -21.64
CA CYS B 336 40.81 13.70 -23.09
C CYS B 336 41.91 14.56 -23.69
N PRO B 337 42.20 14.38 -25.01
CA PRO B 337 43.12 15.29 -25.72
C PRO B 337 42.58 16.70 -26.01
N PHE B 338 41.62 17.20 -25.24
CA PHE B 338 41.30 18.61 -25.27
C PHE B 338 42.51 19.43 -24.86
N GLY B 339 42.64 20.64 -25.40
CA GLY B 339 43.83 21.43 -25.12
C GLY B 339 44.80 21.25 -26.29
N GLU B 340 45.28 20.03 -26.49
CA GLU B 340 46.19 19.69 -27.58
C GLU B 340 45.52 19.97 -28.93
N VAL B 341 44.24 19.65 -29.05
CA VAL B 341 43.52 19.92 -30.28
C VAL B 341 43.48 21.43 -30.50
N PHE B 342 43.23 22.18 -29.43
CA PHE B 342 43.21 23.64 -29.47
C PHE B 342 44.61 24.18 -29.76
N ASN B 343 45.62 23.51 -29.21
CA ASN B 343 47.02 23.89 -29.40
C ASN B 343 47.69 23.27 -30.62
N ALA B 344 46.96 22.46 -31.39
CA ALA B 344 47.52 21.82 -32.57
C ALA B 344 47.99 22.88 -33.56
N THR B 345 49.12 22.64 -34.22
CA THR B 345 49.74 23.58 -35.14
C THR B 345 48.84 24.23 -36.21
N ARG B 346 48.03 23.46 -36.91
CA ARG B 346 47.25 24.06 -37.99
C ARG B 346 45.85 23.46 -38.02
N PHE B 347 44.79 24.26 -37.84
CA PHE B 347 43.44 23.73 -37.86
C PHE B 347 42.98 23.51 -39.29
N ALA B 348 41.93 22.81 -39.52
CA ALA B 348 41.31 22.62 -40.82
C ALA B 348 40.80 23.94 -41.40
N SER B 349 40.77 24.01 -42.73
CA SER B 349 39.92 24.97 -43.41
C SER B 349 38.45 24.59 -43.18
N VAL B 350 37.64 25.60 -42.88
CA VAL B 350 36.25 25.33 -42.50
C VAL B 350 35.46 24.65 -43.60
N TYR B 351 35.80 24.90 -44.87
CA TYR B 351 35.13 24.19 -45.96
C TYR B 351 35.36 22.69 -45.90
N ALA B 352 36.46 22.24 -45.30
CA ALA B 352 36.82 20.83 -45.21
C ALA B 352 36.93 20.37 -43.75
N TRP B 353 36.17 21.05 -42.88
CA TRP B 353 36.24 20.98 -41.42
C TRP B 353 36.40 19.57 -40.86
N ASN B 354 37.32 19.43 -39.92
CA ASN B 354 37.54 18.16 -39.23
C ASN B 354 36.38 17.92 -38.27
N ARG B 355 36.13 16.64 -37.94
CA ARG B 355 35.05 16.19 -37.09
C ARG B 355 35.56 15.21 -36.04
N LYS B 356 36.74 15.49 -35.48
CA LYS B 356 37.47 14.50 -34.67
C LYS B 356 36.68 14.07 -33.45
N ARG B 357 36.40 12.78 -33.37
CA ARG B 357 35.75 12.18 -32.20
C ARG B 357 36.61 12.26 -30.95
N ILE B 358 35.94 12.50 -29.82
CA ILE B 358 36.53 12.37 -28.48
C ILE B 358 35.73 11.33 -27.71
N SER B 359 36.43 10.48 -26.95
CA SER B 359 35.88 9.19 -26.53
C SER B 359 36.52 8.67 -25.24
N ASN B 360 35.67 8.25 -24.30
CA ASN B 360 36.06 7.47 -23.10
C ASN B 360 37.17 8.14 -22.28
N CYS B 361 36.98 9.40 -21.96
CA CYS B 361 38.00 10.18 -21.29
C CYS B 361 37.30 11.32 -20.57
N VAL B 362 38.04 11.98 -19.67
CA VAL B 362 37.45 13.02 -18.83
C VAL B 362 37.32 14.33 -19.60
N ALA B 363 36.09 14.81 -19.73
CA ALA B 363 35.76 16.08 -20.36
C ALA B 363 35.81 17.19 -19.32
N ASP B 364 35.78 18.45 -19.78
CA ASP B 364 36.03 19.56 -18.88
C ASP B 364 35.50 20.86 -19.48
N TYR B 365 35.47 21.87 -18.63
CA TYR B 365 35.60 23.24 -19.10
C TYR B 365 36.49 24.07 -18.18
N SER B 366 36.91 23.54 -17.02
CA SER B 366 37.79 24.25 -16.12
C SER B 366 39.12 24.60 -16.78
N VAL B 367 39.62 23.71 -17.65
CA VAL B 367 40.88 23.93 -18.36
C VAL B 367 40.87 25.18 -19.23
N LEU B 368 39.69 25.67 -19.57
CA LEU B 368 39.46 26.95 -20.23
C LEU B 368 39.93 28.19 -19.47
N TYR B 369 40.37 28.05 -18.22
CA TYR B 369 40.87 29.14 -17.38
C TYR B 369 42.36 29.08 -17.06
N ASN B 370 43.13 28.20 -17.70
CA ASN B 370 44.57 27.97 -17.51
C ASN B 370 45.35 28.43 -18.76
N SER B 371 46.50 27.80 -19.06
CA SER B 371 47.50 28.31 -20.00
C SER B 371 47.01 28.64 -21.42
N ALA B 372 45.79 28.25 -21.77
CA ALA B 372 45.23 28.54 -23.06
C ALA B 372 43.78 28.97 -22.90
N SER B 373 43.52 30.01 -22.09
CA SER B 373 42.16 30.48 -21.86
C SER B 373 41.57 31.14 -23.11
N PHE B 374 40.33 30.80 -23.42
CA PHE B 374 39.66 31.31 -24.62
C PHE B 374 39.53 32.81 -24.64
N SER B 375 39.78 33.38 -25.81
CA SER B 375 39.47 34.77 -26.04
C SER B 375 37.97 35.00 -26.04
N THR B 376 37.20 34.08 -26.61
CA THR B 376 35.86 34.37 -27.09
C THR B 376 35.16 33.05 -27.29
N PHE B 377 33.92 32.98 -26.84
CA PHE B 377 33.31 31.68 -26.61
C PHE B 377 31.81 31.85 -26.45
N LYS B 378 31.08 30.77 -26.71
CA LYS B 378 29.63 30.77 -26.66
C LYS B 378 29.18 29.35 -26.32
N CYS B 379 27.97 29.27 -25.75
CA CYS B 379 27.26 28.02 -25.58
C CYS B 379 25.85 28.18 -26.10
N TYR B 380 25.23 27.06 -26.46
CA TYR B 380 23.83 27.01 -26.83
C TYR B 380 23.16 25.85 -26.12
N GLY B 381 21.98 26.11 -25.57
CA GLY B 381 21.15 25.09 -24.96
C GLY B 381 21.66 24.45 -23.67
N VAL B 382 22.84 24.79 -23.20
CA VAL B 382 23.38 24.21 -21.97
C VAL B 382 24.25 25.24 -21.28
N SER B 383 24.24 25.18 -19.98
CA SER B 383 25.12 25.98 -19.16
C SER B 383 26.50 25.32 -19.05
N PRO B 384 27.59 26.07 -19.16
CA PRO B 384 28.91 25.44 -19.17
C PRO B 384 29.25 24.75 -17.88
N THR B 385 28.74 25.28 -16.75
CA THR B 385 28.95 24.72 -15.41
C THR B 385 28.66 23.23 -15.32
N LYS B 386 27.74 22.73 -16.13
CA LYS B 386 27.39 21.31 -16.09
C LYS B 386 28.49 20.43 -16.68
N LEU B 387 29.46 20.99 -17.40
CA LEU B 387 30.57 20.23 -17.97
C LEU B 387 31.68 19.88 -16.98
N ASN B 388 31.34 19.76 -15.70
CA ASN B 388 32.07 18.93 -14.76
C ASN B 388 31.18 17.81 -14.24
N ASP B 389 29.97 17.65 -14.78
CA ASP B 389 28.93 16.79 -14.20
C ASP B 389 28.36 15.83 -15.22
N LEU B 390 28.01 16.34 -16.40
CA LEU B 390 27.31 15.52 -17.38
C LEU B 390 28.28 14.56 -18.06
N CYS B 391 27.70 13.62 -18.80
CA CYS B 391 28.46 12.68 -19.60
C CYS B 391 27.71 12.42 -20.89
N PHE B 392 28.47 12.16 -21.96
CA PHE B 392 27.94 11.99 -23.31
C PHE B 392 28.46 10.71 -23.94
N THR B 393 27.67 10.17 -24.86
CA THR B 393 28.11 9.02 -25.62
C THR B 393 29.24 9.39 -26.55
N ASN B 394 29.04 10.40 -27.39
CA ASN B 394 30.05 10.88 -28.31
C ASN B 394 30.24 12.37 -28.15
N VAL B 395 31.46 12.81 -28.46
CA VAL B 395 31.80 14.21 -28.56
C VAL B 395 32.68 14.33 -29.78
N TYR B 396 32.57 15.47 -30.48
CA TYR B 396 33.36 15.72 -31.67
C TYR B 396 33.87 17.14 -31.66
N ALA B 397 35.16 17.27 -31.94
CA ALA B 397 35.79 18.56 -32.19
C ALA B 397 35.58 18.95 -33.65
N ASP B 398 34.54 19.74 -33.91
CA ASP B 398 34.32 20.27 -35.26
C ASP B 398 35.24 21.47 -35.42
N SER B 399 36.43 21.21 -35.96
CA SER B 399 37.62 22.04 -35.77
C SER B 399 37.98 22.78 -37.05
N PHE B 400 38.15 24.10 -36.95
CA PHE B 400 38.44 24.91 -38.14
C PHE B 400 38.83 26.32 -37.69
N VAL B 401 39.07 27.19 -38.67
CA VAL B 401 39.26 28.62 -38.47
C VAL B 401 38.16 29.34 -39.27
N ILE B 402 37.84 30.57 -38.84
CA ILE B 402 36.87 31.44 -39.48
C ILE B 402 37.45 32.82 -39.69
N ARG B 403 36.76 33.59 -40.54
CA ARG B 403 36.83 35.04 -40.40
C ARG B 403 36.09 35.44 -39.13
N GLY B 404 36.80 36.19 -38.28
CA GLY B 404 36.41 36.42 -36.88
C GLY B 404 34.97 36.84 -36.65
N ASP B 405 34.43 37.66 -37.55
CA ASP B 405 33.04 38.09 -37.47
C ASP B 405 32.04 36.95 -37.48
N GLU B 406 32.41 35.78 -37.97
CA GLU B 406 31.51 34.63 -37.96
C GLU B 406 31.14 34.14 -36.56
N VAL B 407 31.74 34.67 -35.48
CA VAL B 407 31.29 34.47 -34.10
C VAL B 407 29.80 34.77 -33.94
N ARG B 408 29.26 35.71 -34.73
CA ARG B 408 27.85 36.01 -34.78
C ARG B 408 27.09 35.07 -35.69
N GLN B 409 27.77 34.44 -36.64
CA GLN B 409 27.13 33.60 -37.64
C GLN B 409 27.03 32.17 -37.14
N ILE B 410 28.05 31.70 -36.46
CA ILE B 410 28.12 30.30 -36.03
C ILE B 410 27.21 30.13 -34.83
N ALA B 411 25.91 29.98 -35.10
CA ALA B 411 24.93 29.77 -34.07
C ALA B 411 23.86 28.87 -34.68
N PRO B 412 23.27 27.93 -33.93
CA PRO B 412 22.07 27.24 -34.42
C PRO B 412 20.98 28.23 -34.78
N GLY B 413 20.40 28.04 -35.95
CA GLY B 413 19.37 28.88 -36.48
C GLY B 413 19.90 30.07 -37.25
N GLN B 414 21.04 30.62 -36.85
CA GLN B 414 21.64 31.68 -37.63
C GLN B 414 22.10 31.11 -38.96
N THR B 415 21.73 31.79 -40.02
CA THR B 415 21.81 31.30 -41.39
C THR B 415 22.49 32.40 -42.21
N GLY B 416 23.77 32.60 -41.91
CA GLY B 416 24.63 33.47 -42.68
C GLY B 416 25.38 32.56 -43.64
N LYS B 417 25.33 32.93 -44.92
CA LYS B 417 25.50 32.02 -46.03
C LYS B 417 26.80 31.24 -46.02
N ILE B 418 27.90 31.90 -45.62
CA ILE B 418 29.23 31.26 -45.65
C ILE B 418 29.24 30.05 -44.72
N ALA B 419 28.72 30.21 -43.52
CA ALA B 419 28.50 29.07 -42.66
C ALA B 419 27.59 28.06 -43.36
N ASP B 420 26.48 28.54 -43.92
CA ASP B 420 25.54 27.69 -44.63
C ASP B 420 26.11 27.00 -45.87
N TYR B 421 27.32 27.38 -46.32
CA TYR B 421 28.01 26.67 -47.39
C TYR B 421 29.24 25.92 -46.92
N ASN B 422 29.71 26.15 -45.69
CA ASN B 422 30.95 25.55 -45.20
C ASN B 422 30.70 24.63 -44.02
N TYR B 423 30.00 25.10 -43.01
CA TYR B 423 29.53 24.20 -41.97
C TYR B 423 28.26 24.80 -41.39
N LYS B 424 27.12 24.35 -41.86
CA LYS B 424 25.85 24.64 -41.21
C LYS B 424 25.80 23.78 -39.97
N LEU B 425 25.94 24.43 -38.82
CA LEU B 425 25.63 23.75 -37.58
C LEU B 425 24.17 23.30 -37.60
N PRO B 426 23.83 22.22 -36.91
CA PRO B 426 22.41 21.91 -36.72
C PRO B 426 21.69 23.05 -36.04
N ASP B 427 20.60 23.48 -36.66
CA ASP B 427 19.87 24.66 -36.22
C ASP B 427 19.12 24.47 -34.91
N ASP B 428 19.21 23.30 -34.26
CA ASP B 428 18.64 23.02 -32.96
C ASP B 428 19.71 22.51 -32.00
N PHE B 429 20.98 22.51 -32.39
CA PHE B 429 22.04 21.94 -31.58
C PHE B 429 22.14 22.66 -30.23
N THR B 430 22.49 21.90 -29.20
CA THR B 430 22.78 22.38 -27.85
C THR B 430 24.26 22.13 -27.57
N GLY B 431 25.04 23.20 -27.50
CA GLY B 431 26.43 23.06 -27.07
C GLY B 431 27.25 24.30 -27.33
N CYS B 432 28.57 24.10 -27.28
CA CYS B 432 29.54 25.17 -27.09
C CYS B 432 30.68 25.00 -28.07
N VAL B 433 31.46 26.08 -28.20
CA VAL B 433 32.29 26.34 -29.37
C VAL B 433 33.51 27.14 -28.96
N ILE B 434 34.70 26.66 -29.29
CA ILE B 434 35.89 27.51 -29.34
C ILE B 434 35.85 28.31 -30.61
N ALA B 435 36.28 29.57 -30.53
CA ALA B 435 36.36 30.39 -31.73
C ALA B 435 37.36 31.52 -31.58
N TRP B 436 38.51 31.31 -30.94
CA TRP B 436 39.29 32.42 -30.47
C TRP B 436 40.19 33.04 -31.44
N ASN B 437 40.48 34.32 -31.24
CA ASN B 437 41.41 35.02 -32.11
C ASN B 437 42.74 34.30 -32.22
N SER B 438 43.26 34.26 -33.46
CA SER B 438 44.52 33.59 -33.81
C SER B 438 45.37 34.42 -34.78
N ASN B 439 45.16 35.74 -34.84
CA ASN B 439 45.84 36.61 -35.80
C ASN B 439 47.35 36.48 -35.75
N ASN B 440 47.91 36.58 -34.53
CA ASN B 440 49.34 36.35 -34.32
C ASN B 440 49.80 35.01 -34.89
N LEU B 441 48.94 34.00 -34.80
CA LEU B 441 49.27 32.66 -35.28
C LEU B 441 49.00 32.55 -36.77
N ASP B 442 47.74 32.65 -37.16
CA ASP B 442 47.33 32.23 -38.49
C ASP B 442 47.52 33.29 -39.55
N SER B 443 47.60 34.56 -39.20
CA SER B 443 47.93 35.56 -40.21
C SER B 443 49.44 35.56 -40.46
N LYS B 444 49.79 35.82 -41.72
CA LYS B 444 51.15 35.84 -42.20
C LYS B 444 51.38 37.14 -42.93
N VAL B 445 52.64 37.60 -42.92
CA VAL B 445 52.97 38.92 -43.46
C VAL B 445 52.57 39.02 -44.93
N GLY B 446 52.97 38.06 -45.75
CA GLY B 446 52.46 38.03 -47.10
C GLY B 446 51.04 37.54 -47.14
N GLY B 447 50.62 36.77 -46.14
CA GLY B 447 49.25 36.34 -45.97
C GLY B 447 49.08 34.85 -46.20
N ASN B 448 48.50 34.18 -45.21
CA ASN B 448 48.36 32.72 -45.23
C ASN B 448 47.13 32.34 -46.05
N TYR B 449 47.23 32.50 -47.36
CA TYR B 449 46.10 32.36 -48.27
C TYR B 449 45.74 30.91 -48.57
N ASN B 450 45.71 30.05 -47.57
CA ASN B 450 45.58 28.62 -47.67
C ASN B 450 44.47 28.08 -46.80
N TYR B 451 43.82 28.94 -46.02
CA TYR B 451 42.59 28.63 -45.31
C TYR B 451 41.43 29.13 -46.16
N LEU B 452 40.57 28.19 -46.56
CA LEU B 452 39.59 28.39 -47.59
C LEU B 452 38.20 28.20 -47.03
N TYR B 453 37.25 28.85 -47.72
CA TYR B 453 35.84 28.65 -47.50
C TYR B 453 35.14 28.49 -48.84
N ARG B 454 34.13 27.63 -48.88
CA ARG B 454 33.20 27.67 -49.99
C ARG B 454 32.45 28.98 -49.95
N LEU B 455 32.56 29.73 -51.03
CA LEU B 455 31.75 30.93 -51.17
C LEU B 455 30.28 30.59 -51.41
N PHE B 456 30.01 29.58 -52.22
CA PHE B 456 28.67 29.16 -52.59
C PHE B 456 28.56 27.74 -53.12
N ARG B 457 27.33 27.24 -53.04
CA ARG B 457 26.86 25.94 -53.49
C ARG B 457 25.43 26.06 -54.00
N LYS B 458 24.97 25.08 -54.78
CA LYS B 458 23.59 25.04 -55.27
C LYS B 458 22.53 24.98 -54.18
N SER B 459 22.90 24.68 -52.94
CA SER B 459 21.96 24.54 -51.83
C SER B 459 22.72 24.88 -50.55
N ASN B 460 21.98 25.04 -49.47
CA ASN B 460 22.66 25.00 -48.18
C ASN B 460 23.27 23.63 -47.96
N LEU B 461 24.26 23.60 -47.07
CA LEU B 461 24.60 22.37 -46.37
C LEU B 461 23.50 21.97 -45.40
N LYS B 462 23.26 20.67 -45.29
CA LYS B 462 22.47 20.13 -44.21
C LYS B 462 23.30 20.10 -42.93
N PRO B 463 22.67 20.00 -41.75
CA PRO B 463 23.41 19.79 -40.51
C PRO B 463 24.46 18.70 -40.59
N PHE B 464 25.68 19.05 -40.16
CA PHE B 464 26.86 18.19 -40.24
C PHE B 464 27.19 17.69 -41.66
N GLU B 465 26.65 18.32 -42.71
CA GLU B 465 27.05 17.96 -44.05
C GLU B 465 28.42 18.56 -44.31
N ARG B 466 29.22 17.87 -45.12
CA ARG B 466 30.40 18.44 -45.73
C ARG B 466 30.38 18.18 -47.23
N ASP B 467 30.65 19.22 -48.00
CA ASP B 467 30.67 19.15 -49.46
C ASP B 467 32.02 19.64 -49.95
N ILE B 468 32.73 18.78 -50.67
CA ILE B 468 33.99 19.13 -51.32
C ILE B 468 33.79 18.78 -52.80
N SER B 469 32.63 19.10 -53.33
CA SER B 469 32.54 19.30 -54.77
C SER B 469 33.34 20.54 -55.12
N THR B 470 34.14 20.44 -56.18
CA THR B 470 35.09 21.47 -56.55
C THR B 470 34.97 21.95 -57.99
N GLU B 471 34.04 21.40 -58.77
CA GLU B 471 33.80 21.98 -60.10
C GLU B 471 33.25 23.39 -60.01
N ILE B 472 33.40 24.09 -61.13
CA ILE B 472 32.94 25.47 -61.28
C ILE B 472 31.42 25.42 -61.12
N TYR B 473 30.91 26.18 -60.16
CA TYR B 473 29.50 26.12 -59.84
C TYR B 473 28.65 26.78 -60.89
N GLN B 474 27.60 26.09 -61.31
CA GLN B 474 26.72 26.66 -62.30
C GLN B 474 25.82 27.66 -61.61
N ALA B 475 25.59 28.76 -62.31
CA ALA B 475 24.64 29.78 -61.92
C ALA B 475 23.76 30.24 -63.07
N GLY B 476 24.02 29.80 -64.30
CA GLY B 476 23.28 30.16 -65.48
C GLY B 476 22.96 28.87 -66.20
N SER B 477 23.46 28.68 -67.41
CA SER B 477 23.04 27.58 -68.26
C SER B 477 24.25 26.87 -68.83
N THR B 478 24.02 25.65 -69.30
CA THR B 478 24.98 24.80 -69.97
C THR B 478 26.10 24.31 -69.04
N PRO B 479 26.70 23.14 -69.30
CA PRO B 479 27.78 22.65 -68.42
C PRO B 479 28.97 23.60 -68.40
N CYS B 480 29.46 23.84 -67.19
CA CYS B 480 30.31 24.99 -66.93
C CYS B 480 31.67 24.94 -67.60
N ASN B 481 32.28 23.76 -67.70
CA ASN B 481 33.45 23.45 -68.54
C ASN B 481 34.54 24.50 -68.49
N GLY B 482 34.84 25.01 -67.30
CA GLY B 482 35.87 26.01 -67.11
C GLY B 482 35.53 27.43 -67.51
N VAL B 483 34.24 27.78 -67.69
CA VAL B 483 33.87 29.13 -68.17
C VAL B 483 34.30 30.23 -67.21
N GLU B 484 34.52 29.90 -65.93
CA GLU B 484 35.31 30.68 -64.95
C GLU B 484 34.97 32.17 -64.91
N GLY B 485 33.67 32.49 -64.99
CA GLY B 485 33.27 33.88 -64.82
C GLY B 485 31.99 34.48 -65.36
N PHE B 486 31.08 33.70 -65.95
CA PHE B 486 29.85 34.26 -66.50
C PHE B 486 28.64 33.46 -66.04
N ASN B 487 28.37 32.34 -66.70
CA ASN B 487 27.39 31.40 -66.20
C ASN B 487 27.87 30.74 -64.93
N CYS B 488 29.18 30.52 -64.80
CA CYS B 488 29.69 29.77 -63.67
C CYS B 488 30.95 30.41 -63.14
N TYR B 489 31.19 30.11 -61.87
CA TYR B 489 32.25 30.68 -61.06
C TYR B 489 32.79 29.57 -60.17
N PHE B 490 34.08 29.63 -59.90
CA PHE B 490 34.71 28.65 -59.03
C PHE B 490 34.23 28.86 -57.59
N PRO B 491 33.67 27.86 -56.91
CA PRO B 491 32.89 28.16 -55.69
C PRO B 491 33.66 28.42 -54.39
N LEU B 492 34.98 28.23 -54.33
CA LEU B 492 35.77 28.43 -53.11
C LEU B 492 36.63 29.68 -53.19
N GLN B 493 36.85 30.30 -52.01
CA GLN B 493 37.72 31.47 -51.87
C GLN B 493 38.51 31.39 -50.57
N SER B 494 39.77 31.81 -50.61
CA SER B 494 40.57 31.93 -49.39
C SER B 494 40.16 33.14 -48.57
N TYR B 495 40.28 33.01 -47.25
CA TYR B 495 40.42 34.17 -46.38
C TYR B 495 41.75 34.88 -46.59
N GLY B 496 41.74 36.19 -46.31
CA GLY B 496 42.86 37.08 -46.56
C GLY B 496 43.83 37.26 -45.41
N PHE B 497 44.09 36.23 -44.60
CA PHE B 497 44.66 36.40 -43.26
C PHE B 497 46.04 37.06 -43.24
N GLN B 498 46.09 38.34 -42.87
CA GLN B 498 47.28 39.17 -42.81
C GLN B 498 47.21 40.07 -41.58
N PRO B 499 48.39 40.47 -40.98
CA PRO B 499 48.37 41.44 -39.87
C PRO B 499 47.67 42.77 -40.14
N THR B 500 47.56 43.16 -41.41
CA THR B 500 46.84 44.39 -41.73
C THR B 500 45.34 44.25 -41.60
N ASN B 501 44.81 43.03 -41.55
CA ASN B 501 43.38 42.80 -41.44
C ASN B 501 42.80 43.48 -40.20
N GLY B 502 41.71 44.22 -40.41
CA GLY B 502 40.88 44.62 -39.30
C GLY B 502 40.29 43.42 -38.57
N VAL B 503 40.05 43.63 -37.27
CA VAL B 503 39.84 42.58 -36.28
C VAL B 503 38.80 41.57 -36.73
N GLY B 504 37.73 42.04 -37.37
CA GLY B 504 36.74 41.13 -37.89
C GLY B 504 37.29 40.23 -38.97
N TYR B 505 38.16 40.78 -39.82
CA TYR B 505 38.80 40.00 -40.87
C TYR B 505 39.86 39.06 -40.36
N GLN B 506 40.44 39.33 -39.20
CA GLN B 506 41.49 38.48 -38.64
C GLN B 506 41.03 37.03 -38.50
N PRO B 507 41.97 36.08 -38.54
CA PRO B 507 41.61 34.69 -38.24
C PRO B 507 41.25 34.51 -36.79
N TYR B 508 40.24 33.69 -36.57
CA TYR B 508 39.87 33.20 -35.26
C TYR B 508 39.79 31.69 -35.35
N ARG B 509 40.49 30.97 -34.44
CA ARG B 509 40.60 29.50 -34.38
C ARG B 509 39.40 28.84 -33.68
N VAL B 510 38.77 27.86 -34.33
CA VAL B 510 37.47 27.31 -33.97
C VAL B 510 37.54 25.83 -33.69
N VAL B 511 36.91 25.42 -32.59
CA VAL B 511 36.42 24.07 -32.40
C VAL B 511 34.98 24.21 -31.91
N VAL B 512 34.04 23.97 -32.82
CA VAL B 512 32.67 23.67 -32.43
C VAL B 512 32.63 22.29 -31.82
N LEU B 513 32.08 22.19 -30.61
CA LEU B 513 32.04 20.93 -29.87
C LEU B 513 30.67 20.26 -29.98
N SER B 514 30.54 19.36 -30.95
CA SER B 514 29.36 18.52 -31.02
C SER B 514 29.45 17.46 -29.93
N PHE B 515 28.35 17.21 -29.24
CA PHE B 515 28.29 16.11 -28.29
C PHE B 515 26.87 15.62 -28.15
N GLU B 516 26.74 14.32 -27.87
CA GLU B 516 25.49 13.62 -28.09
C GLU B 516 25.43 12.37 -27.22
N LEU B 517 24.22 11.85 -27.08
CA LEU B 517 23.91 10.66 -26.31
C LEU B 517 23.08 9.72 -27.14
N LEU B 518 23.31 8.42 -26.93
CA LEU B 518 22.72 7.35 -27.71
C LEU B 518 22.30 6.25 -26.76
N HIS B 519 21.69 5.21 -27.32
CA HIS B 519 21.50 3.96 -26.58
C HIS B 519 22.82 3.41 -26.04
N ALA B 520 23.91 3.59 -26.76
CA ALA B 520 25.22 3.23 -26.26
C ALA B 520 25.59 4.14 -25.08
N PRO B 521 26.07 3.59 -23.97
CA PRO B 521 26.19 4.39 -22.74
C PRO B 521 27.23 5.51 -22.84
N ALA B 522 26.99 6.53 -22.02
CA ALA B 522 27.88 7.68 -21.95
C ALA B 522 29.21 7.32 -21.31
N THR B 523 30.29 7.92 -21.83
CA THR B 523 31.65 7.69 -21.34
C THR B 523 32.53 8.94 -21.37
N VAL B 524 32.16 9.99 -22.08
CA VAL B 524 32.91 11.25 -22.09
C VAL B 524 32.31 12.14 -21.00
N CYS B 525 32.89 12.06 -19.80
CA CYS B 525 32.23 12.47 -18.56
C CYS B 525 33.09 13.49 -17.83
N GLY B 526 32.45 14.48 -17.21
CA GLY B 526 33.14 15.46 -16.40
C GLY B 526 33.67 14.94 -15.06
N PRO B 527 34.78 15.50 -14.57
CA PRO B 527 35.40 14.96 -13.34
C PRO B 527 34.52 15.19 -12.12
N LYS B 528 34.21 14.08 -11.44
CA LYS B 528 33.68 14.13 -10.09
C LYS B 528 34.75 14.57 -9.09
N LYS B 529 34.29 15.19 -8.00
CA LYS B 529 35.13 15.86 -7.02
C LYS B 529 35.56 14.85 -5.95
N SER B 530 36.38 15.27 -4.99
CA SER B 530 36.95 14.37 -3.98
C SER B 530 37.07 15.06 -2.62
N THR B 531 37.01 14.24 -1.56
CA THR B 531 36.97 14.73 -0.18
C THR B 531 37.70 13.75 0.71
N ASN B 532 38.11 14.23 1.88
CA ASN B 532 38.99 13.46 2.74
C ASN B 532 38.28 12.30 3.42
N LEU B 533 39.10 11.31 3.79
CA LEU B 533 38.70 10.12 4.53
C LEU B 533 38.50 10.39 6.02
N VAL B 534 37.53 11.24 6.34
CA VAL B 534 37.15 11.39 7.73
C VAL B 534 36.56 10.10 8.26
N LYS B 535 36.82 9.83 9.54
CA LYS B 535 36.39 8.61 10.21
C LYS B 535 35.83 8.99 11.57
N ASN B 536 35.11 8.05 12.17
CA ASN B 536 34.44 8.08 13.47
C ASN B 536 33.28 9.06 13.59
N LYS B 537 33.38 10.22 12.97
CA LYS B 537 32.25 11.13 12.85
C LYS B 537 31.19 10.51 11.96
N CYS B 538 29.93 10.83 12.27
CA CYS B 538 28.83 10.38 11.44
C CYS B 538 28.68 11.38 10.31
N VAL B 539 28.69 10.87 9.09
CA VAL B 539 28.74 11.68 7.90
C VAL B 539 27.84 11.06 6.86
N ASN B 540 27.43 11.87 5.92
CA ASN B 540 26.92 11.40 4.65
C ASN B 540 28.07 11.08 3.72
N PHE B 541 27.82 10.22 2.74
CA PHE B 541 28.86 9.81 1.82
C PHE B 541 28.31 9.48 0.45
N ASN B 542 29.21 9.59 -0.54
CA ASN B 542 29.04 9.07 -1.89
C ASN B 542 30.36 8.41 -2.27
N PHE B 543 30.45 7.10 -2.05
CA PHE B 543 31.54 6.29 -2.59
C PHE B 543 31.18 5.81 -3.99
N ASN B 544 31.36 6.72 -4.95
CA ASN B 544 31.21 6.44 -6.37
C ASN B 544 29.88 5.78 -6.71
N GLY B 545 28.85 6.24 -6.02
CA GLY B 545 27.50 5.73 -6.11
C GLY B 545 27.05 5.00 -4.87
N LEU B 546 27.97 4.33 -4.19
CA LEU B 546 27.64 3.80 -2.89
C LEU B 546 27.43 5.02 -2.00
N THR B 547 26.20 5.24 -1.55
CA THR B 547 25.79 6.52 -1.02
C THR B 547 24.89 6.35 0.18
N GLY B 548 25.07 7.22 1.17
CA GLY B 548 24.28 7.09 2.37
C GLY B 548 24.87 7.90 3.51
N THR B 549 24.48 7.49 4.72
CA THR B 549 24.82 8.16 5.96
C THR B 549 25.12 7.18 7.08
N GLY B 550 26.12 7.50 7.89
CA GLY B 550 26.43 6.70 9.07
C GLY B 550 27.78 7.11 9.62
N VAL B 551 28.17 6.46 10.70
CA VAL B 551 29.57 6.44 11.09
C VAL B 551 30.31 5.53 10.14
N LEU B 552 31.44 6.01 9.64
CA LEU B 552 32.32 5.27 8.75
C LEU B 552 33.65 5.00 9.44
N THR B 553 34.15 3.78 9.28
CA THR B 553 35.28 3.28 10.04
C THR B 553 36.16 2.47 9.13
N GLU B 554 37.40 2.29 9.56
CA GLU B 554 38.27 1.23 9.08
C GLU B 554 37.65 -0.14 9.27
N SER B 555 38.15 -1.11 8.50
CA SER B 555 37.57 -2.45 8.51
C SER B 555 38.55 -3.47 7.97
N ASN B 556 38.28 -4.74 8.30
CA ASN B 556 39.23 -5.84 8.17
C ASN B 556 38.86 -6.91 7.15
N LYS B 557 37.62 -6.95 6.69
CA LYS B 557 37.18 -8.02 5.80
C LYS B 557 37.94 -8.02 4.49
N LYS B 558 38.69 -9.11 4.27
CA LYS B 558 39.73 -9.18 3.26
C LYS B 558 39.13 -9.51 1.89
N PHE B 559 38.49 -8.49 1.31
CA PHE B 559 37.84 -8.59 0.01
C PHE B 559 38.71 -9.23 -1.05
N LEU B 560 38.09 -10.03 -1.90
CA LEU B 560 38.74 -10.42 -3.11
C LEU B 560 38.98 -9.17 -3.95
N PRO B 561 40.08 -9.12 -4.71
CA PRO B 561 40.49 -7.86 -5.35
C PRO B 561 39.45 -7.31 -6.29
N PHE B 562 38.71 -8.18 -6.95
CA PHE B 562 37.68 -7.72 -7.85
C PHE B 562 36.41 -7.30 -7.13
N GLN B 563 36.25 -7.67 -5.88
CA GLN B 563 35.11 -7.14 -5.15
C GLN B 563 35.38 -5.68 -4.85
N GLN B 564 34.30 -4.92 -4.61
CA GLN B 564 34.39 -3.49 -4.40
C GLN B 564 33.60 -2.99 -3.19
N PHE B 565 32.62 -3.72 -2.71
CA PHE B 565 31.93 -3.29 -1.50
C PHE B 565 31.24 -4.49 -0.90
N GLY B 566 30.92 -4.35 0.37
CA GLY B 566 30.17 -5.34 1.10
C GLY B 566 28.69 -5.03 1.12
N ARG B 567 27.91 -6.10 1.23
CA ARG B 567 26.52 -6.01 1.65
C ARG B 567 26.32 -7.02 2.77
N ASP B 568 25.45 -6.67 3.70
CA ASP B 568 25.29 -7.41 4.93
C ASP B 568 24.48 -8.68 4.73
N ILE B 569 24.18 -9.34 5.86
CA ILE B 569 23.39 -10.57 5.90
C ILE B 569 22.02 -10.41 5.24
N ALA B 570 21.48 -9.19 5.22
CA ALA B 570 20.23 -8.88 4.55
C ALA B 570 20.46 -8.14 3.24
N ASP B 571 21.71 -8.14 2.76
CA ASP B 571 22.09 -7.52 1.50
C ASP B 571 21.78 -6.02 1.44
N THR B 572 21.94 -5.33 2.55
CA THR B 572 22.11 -3.89 2.55
C THR B 572 23.58 -3.55 2.76
N THR B 573 24.02 -2.53 2.04
CA THR B 573 25.41 -2.13 2.00
C THR B 573 25.93 -1.74 3.38
N ASP B 574 27.14 -2.17 3.69
CA ASP B 574 27.70 -2.05 5.04
C ASP B 574 29.21 -1.81 5.07
N ALA B 575 29.90 -2.01 3.95
CA ALA B 575 31.35 -1.90 3.89
C ALA B 575 31.76 -1.56 2.47
N VAL B 576 32.98 -1.02 2.33
CA VAL B 576 33.39 -0.46 1.04
C VAL B 576 34.90 -0.44 0.95
N ARG B 577 35.39 -0.44 -0.29
CA ARG B 577 36.80 -0.41 -0.65
C ARG B 577 37.09 0.97 -1.23
N ASP B 578 38.10 1.64 -0.70
CA ASP B 578 38.41 2.97 -1.22
C ASP B 578 38.96 2.90 -2.65
N PRO B 579 38.52 3.78 -3.57
CA PRO B 579 38.96 3.63 -4.97
C PRO B 579 40.41 3.99 -5.29
N GLN B 580 41.27 4.51 -4.36
CA GLN B 580 42.72 4.59 -4.63
C GLN B 580 43.54 3.99 -3.51
N THR B 581 43.21 4.28 -2.26
CA THR B 581 43.93 3.68 -1.15
C THR B 581 43.58 2.20 -0.96
N LEU B 582 42.53 1.69 -1.62
CA LEU B 582 42.02 0.33 -1.51
C LEU B 582 41.54 -0.04 -0.11
N GLU B 583 41.47 0.90 0.82
CA GLU B 583 41.19 0.61 2.20
C GLU B 583 39.80 0.01 2.35
N ILE B 584 39.69 -1.02 3.19
CA ILE B 584 38.41 -1.64 3.50
C ILE B 584 37.85 -0.93 4.72
N LEU B 585 36.62 -0.48 4.58
CA LEU B 585 35.98 0.40 5.53
C LEU B 585 34.62 -0.17 5.87
N ASP B 586 34.17 0.06 7.09
CA ASP B 586 32.82 -0.29 7.52
C ASP B 586 32.04 0.98 7.81
N ILE B 587 30.73 0.90 7.55
CA ILE B 587 29.75 1.92 7.90
C ILE B 587 28.90 1.37 9.02
N THR B 588 28.63 2.19 10.04
CA THR B 588 27.55 1.95 10.98
C THR B 588 26.54 3.10 10.95
N PRO B 589 25.25 2.88 10.72
CA PRO B 589 24.25 3.93 10.92
C PRO B 589 24.32 4.47 12.34
N CYS B 590 24.56 5.75 12.47
CA CYS B 590 25.18 6.26 13.67
C CYS B 590 24.22 6.57 14.81
N SER B 591 22.97 6.12 14.74
CA SER B 591 22.02 6.42 15.82
C SER B 591 20.97 5.32 15.91
N PHE B 592 21.25 4.33 16.74
CA PHE B 592 20.19 3.45 17.22
C PHE B 592 19.31 4.24 18.19
N GLY B 593 18.47 3.51 18.90
CA GLY B 593 17.92 3.95 20.15
C GLY B 593 16.87 5.01 20.07
N GLY B 594 16.00 5.00 21.07
CA GLY B 594 15.13 6.11 21.34
C GLY B 594 15.79 7.12 22.24
N VAL B 595 15.06 8.19 22.52
CA VAL B 595 15.23 8.92 23.76
C VAL B 595 13.85 9.01 24.39
N SER B 596 13.74 8.70 25.69
CA SER B 596 12.47 8.61 26.40
C SER B 596 12.52 9.43 27.68
N VAL B 597 11.36 9.97 28.06
CA VAL B 597 11.20 10.81 29.25
C VAL B 597 10.52 10.02 30.35
N ILE B 598 11.09 10.10 31.55
CA ILE B 598 10.58 9.41 32.74
C ILE B 598 9.98 10.49 33.61
N THR B 599 8.70 10.33 33.97
CA THR B 599 7.93 11.34 34.66
C THR B 599 7.53 10.82 36.04
N PRO B 600 7.75 11.55 37.13
CA PRO B 600 7.30 11.04 38.44
C PRO B 600 5.81 11.15 38.66
N GLY B 601 5.10 11.93 37.82
CA GLY B 601 3.70 12.27 38.03
C GLY B 601 3.52 13.70 38.43
N THR B 602 2.73 14.42 37.62
CA THR B 602 2.59 15.87 37.74
C THR B 602 2.09 16.26 39.12
N ASN B 603 1.21 15.39 39.63
CA ASN B 603 0.65 15.52 40.96
C ASN B 603 1.79 15.65 41.96
N THR B 604 2.83 14.84 41.76
CA THR B 604 3.99 14.92 42.63
C THR B 604 4.83 16.14 42.30
N SER B 605 5.17 16.33 41.03
CA SER B 605 6.21 17.28 40.67
C SER B 605 6.26 17.41 39.16
N ASN B 606 6.85 18.51 38.71
CA ASN B 606 7.11 18.76 37.31
C ASN B 606 8.55 18.47 36.90
N GLN B 607 9.41 18.10 37.84
CA GLN B 607 10.75 17.64 37.51
C GLN B 607 10.65 16.36 36.69
N VAL B 608 11.45 16.26 35.62
CA VAL B 608 11.49 15.06 34.78
C VAL B 608 12.91 14.71 34.38
N ALA B 609 13.13 13.43 34.10
CA ALA B 609 14.41 12.85 33.74
C ALA B 609 14.27 12.15 32.38
N VAL B 610 15.42 11.93 31.73
CA VAL B 610 15.47 11.51 30.33
C VAL B 610 16.54 10.44 30.14
N LEU B 611 16.20 9.41 29.37
CA LEU B 611 17.07 8.27 29.07
C LEU B 611 17.54 8.26 27.63
N TYR B 612 18.83 7.97 27.44
CA TYR B 612 19.45 7.76 26.15
C TYR B 612 20.21 6.42 26.20
N GLN B 613 21.04 6.09 25.22
CA GLN B 613 22.03 5.01 25.29
C GLN B 613 23.39 5.37 24.73
N ASP B 614 23.34 5.96 23.53
CA ASP B 614 24.42 5.84 22.56
C ASP B 614 25.77 6.41 22.99
N VAL B 615 25.82 7.68 23.47
CA VAL B 615 27.11 8.28 23.84
C VAL B 615 27.79 7.38 24.85
N ASN B 616 29.12 7.21 24.71
CA ASN B 616 29.96 6.41 25.61
C ASN B 616 30.20 7.15 26.94
N CYS B 617 29.13 7.67 27.55
CA CYS B 617 29.06 8.74 28.51
C CYS B 617 30.02 8.59 29.68
N SER B 640 23.93 16.85 33.57
CA SER B 640 24.11 16.60 34.99
C SER B 640 23.52 15.26 35.40
N ASN B 641 24.04 14.69 36.48
CA ASN B 641 23.67 13.35 36.97
C ASN B 641 23.84 12.28 35.90
N VAL B 642 24.82 12.47 35.00
CA VAL B 642 25.01 11.58 33.87
C VAL B 642 25.36 10.19 34.39
N PHE B 643 24.58 9.20 33.99
CA PHE B 643 24.75 7.82 34.42
C PHE B 643 24.64 6.98 33.17
N GLN B 644 25.43 5.90 33.09
CA GLN B 644 25.54 5.13 31.85
C GLN B 644 25.54 3.65 32.13
N THR B 645 24.80 2.92 31.29
CA THR B 645 24.63 1.48 31.43
C THR B 645 24.35 0.93 30.06
N ARG B 646 24.46 -0.40 29.91
CA ARG B 646 23.89 -1.04 28.73
C ARG B 646 22.37 -0.95 28.72
N ALA B 647 21.75 -0.66 29.87
CA ALA B 647 20.38 -0.18 29.82
C ALA B 647 20.34 1.18 29.12
N GLY B 648 21.28 2.06 29.44
CA GLY B 648 21.44 3.28 28.67
C GLY B 648 22.07 4.40 29.45
N CYS B 649 22.22 5.53 28.75
CA CYS B 649 22.79 6.75 29.30
C CYS B 649 21.65 7.61 29.84
N LEU B 650 21.58 7.74 31.17
CA LEU B 650 20.42 8.27 31.88
C LEU B 650 20.75 9.63 32.49
N ILE B 651 19.82 10.56 32.35
CA ILE B 651 20.04 11.98 32.63
C ILE B 651 19.02 12.46 33.65
N GLY B 652 19.47 13.32 34.55
CA GLY B 652 18.62 13.98 35.53
C GLY B 652 18.16 13.15 36.71
N ALA B 653 17.78 11.90 36.47
CA ALA B 653 17.62 10.94 37.55
C ALA B 653 18.96 10.69 38.22
N GLU B 654 18.90 10.26 39.48
CA GLU B 654 20.07 10.07 40.33
C GLU B 654 20.19 8.61 40.70
N HIS B 655 21.32 8.01 40.36
CA HIS B 655 21.63 6.64 40.73
C HIS B 655 21.82 6.52 42.23
N VAL B 656 21.26 5.44 42.80
CA VAL B 656 21.49 5.11 44.20
C VAL B 656 21.91 3.66 44.33
N ASN B 657 22.77 3.36 45.31
CA ASN B 657 23.27 2.02 45.51
C ASN B 657 22.24 1.11 46.14
N ASN B 658 21.26 1.68 46.82
CA ASN B 658 20.23 0.86 47.43
C ASN B 658 19.30 0.30 46.35
N SER B 659 18.69 -0.84 46.66
CA SER B 659 17.80 -1.54 45.75
C SER B 659 16.40 -1.58 46.33
N TYR B 660 15.40 -1.45 45.45
CA TYR B 660 14.00 -1.30 45.81
C TYR B 660 13.16 -2.05 44.79
N GLU B 661 11.89 -2.20 45.12
CA GLU B 661 10.94 -2.73 44.16
C GLU B 661 10.84 -1.83 42.96
N CYS B 662 10.60 -2.43 41.80
CA CYS B 662 10.72 -1.75 40.51
C CYS B 662 9.52 -0.86 40.34
N ASP B 663 9.67 0.36 40.85
CA ASP B 663 8.59 1.34 40.85
C ASP B 663 8.26 1.81 39.44
N ILE B 664 9.22 2.43 38.77
CA ILE B 664 9.17 2.71 37.34
C ILE B 664 10.20 1.83 36.65
N PRO B 665 9.83 1.05 35.62
CA PRO B 665 10.86 0.28 34.90
C PRO B 665 11.65 1.14 33.94
N ILE B 666 12.94 1.29 34.18
CA ILE B 666 13.80 2.00 33.25
C ILE B 666 14.25 1.06 32.15
N GLY B 667 14.87 -0.05 32.52
CA GLY B 667 15.33 -1.04 31.58
C GLY B 667 16.45 -1.86 32.17
N ALA B 668 16.55 -3.12 31.72
CA ALA B 668 17.59 -4.08 32.09
C ALA B 668 17.81 -4.12 33.59
N GLY B 669 16.72 -4.33 34.34
CA GLY B 669 16.75 -4.32 35.79
C GLY B 669 16.94 -2.97 36.47
N ILE B 670 17.31 -1.92 35.74
CA ILE B 670 17.30 -0.59 36.30
C ILE B 670 15.87 -0.12 36.46
N CYS B 671 15.54 0.38 37.64
CA CYS B 671 14.22 0.91 37.92
C CYS B 671 14.44 2.16 38.76
N ALA B 672 13.41 3.00 38.80
CA ALA B 672 13.51 4.33 39.41
C ALA B 672 12.24 4.71 40.13
N SER B 673 12.41 5.61 41.10
CA SER B 673 11.33 6.05 41.96
C SER B 673 11.63 7.46 42.44
N TYR B 674 10.57 8.16 42.86
CA TYR B 674 10.64 9.54 43.34
C TYR B 674 10.66 9.56 44.86
N GLN B 675 11.82 9.89 45.42
CA GLN B 675 12.12 9.71 46.84
C GLN B 675 13.09 10.78 47.27
N THR B 676 13.11 11.07 48.57
CA THR B 676 14.05 12.03 49.15
C THR B 676 15.28 11.27 49.64
N SER B 689 12.00 17.89 48.50
CA SER B 689 13.23 17.11 48.46
C SER B 689 13.08 15.74 47.78
N GLN B 690 11.85 15.38 47.41
CA GLN B 690 11.63 14.16 46.65
C GLN B 690 12.37 14.24 45.32
N SER B 691 13.02 13.14 44.97
CA SER B 691 14.04 13.11 43.95
C SER B 691 13.93 11.78 43.21
N ILE B 692 14.21 11.81 41.91
CA ILE B 692 14.12 10.60 41.11
C ILE B 692 15.34 9.74 41.42
N ILE B 693 15.20 8.86 42.37
CA ILE B 693 16.23 7.86 42.65
C ILE B 693 16.18 6.79 41.58
N ALA B 694 17.34 6.22 41.26
CA ALA B 694 17.46 5.20 40.22
C ALA B 694 18.30 4.06 40.75
N TYR B 695 17.84 2.84 40.50
CA TYR B 695 18.38 1.67 41.19
C TYR B 695 18.24 0.45 40.32
N THR B 696 19.11 -0.52 40.56
CA THR B 696 18.83 -1.90 40.20
C THR B 696 17.75 -2.39 41.14
N MET B 697 16.70 -2.98 40.60
CA MET B 697 15.60 -3.37 41.46
C MET B 697 15.97 -4.54 42.36
N SER B 698 15.43 -4.50 43.57
CA SER B 698 15.55 -5.61 44.49
C SER B 698 14.53 -6.67 44.12
N LEU B 699 14.98 -7.92 44.02
CA LEU B 699 14.09 -9.08 44.02
C LEU B 699 13.60 -9.47 45.42
N GLY B 700 13.14 -8.51 46.21
CA GLY B 700 12.80 -8.75 47.59
C GLY B 700 13.98 -9.11 48.48
N ALA B 701 13.62 -9.41 49.73
CA ALA B 701 14.57 -9.88 50.73
C ALA B 701 14.98 -11.33 50.46
N GLU B 702 16.14 -11.70 50.97
CA GLU B 702 16.55 -13.09 51.05
C GLU B 702 15.94 -13.74 52.30
N ASN B 703 14.63 -14.02 52.22
CA ASN B 703 13.88 -14.55 53.37
C ASN B 703 14.10 -16.06 53.57
N SER B 704 15.38 -16.41 53.75
CA SER B 704 15.86 -17.79 53.85
C SER B 704 15.09 -18.62 54.86
N VAL B 705 14.76 -19.85 54.48
CA VAL B 705 14.44 -20.92 55.42
C VAL B 705 15.54 -21.97 55.31
N ALA B 706 16.28 -22.15 56.39
CA ALA B 706 17.28 -23.20 56.41
C ALA B 706 16.60 -24.56 56.42
N TYR B 707 17.09 -25.46 55.56
CA TYR B 707 16.61 -26.82 55.54
C TYR B 707 17.01 -27.53 56.83
N SER B 708 16.40 -28.67 57.06
CA SER B 708 16.69 -29.50 58.22
C SER B 708 16.18 -30.87 57.88
N ASN B 709 17.02 -31.90 57.95
CA ASN B 709 16.56 -33.23 57.57
C ASN B 709 15.61 -33.87 58.57
N ASN B 710 15.28 -33.20 59.67
CA ASN B 710 14.42 -33.81 60.67
C ASN B 710 13.62 -32.80 61.47
N SER B 711 13.34 -31.63 60.91
CA SER B 711 12.52 -30.64 61.60
C SER B 711 11.55 -30.00 60.63
N ILE B 712 10.33 -29.77 61.12
CA ILE B 712 9.22 -29.24 60.32
C ILE B 712 8.60 -28.04 61.00
N ALA B 713 8.16 -27.11 60.16
CA ALA B 713 7.38 -25.95 60.58
C ALA B 713 5.89 -26.25 60.34
N ILE B 714 5.10 -26.26 61.41
CA ILE B 714 3.65 -26.43 61.34
C ILE B 714 3.00 -25.07 61.61
N PRO B 715 1.99 -24.65 60.84
CA PRO B 715 1.28 -23.41 61.21
C PRO B 715 0.54 -23.50 62.53
N THR B 716 0.47 -22.35 63.24
CA THR B 716 -0.30 -22.23 64.47
C THR B 716 -1.47 -21.27 64.26
N ASN B 717 -1.39 -19.96 64.55
CA ASN B 717 -2.47 -19.03 64.23
C ASN B 717 -2.50 -18.83 62.71
N PHE B 718 -3.65 -18.36 62.25
CA PHE B 718 -3.94 -18.20 60.84
C PHE B 718 -4.88 -17.03 60.64
N THR B 719 -4.89 -16.53 59.40
CA THR B 719 -5.74 -15.43 58.97
C THR B 719 -6.55 -15.90 57.78
N ILE B 720 -7.86 -15.73 57.85
CA ILE B 720 -8.69 -15.69 56.63
C ILE B 720 -8.53 -14.33 55.98
N SER B 721 -8.32 -14.32 54.67
CA SER B 721 -8.13 -13.10 53.91
C SER B 721 -8.96 -13.16 52.65
N VAL B 722 -9.31 -11.97 52.15
CA VAL B 722 -10.11 -11.79 50.95
C VAL B 722 -9.37 -10.85 50.01
N THR B 723 -9.38 -11.18 48.73
CA THR B 723 -8.59 -10.50 47.71
C THR B 723 -9.40 -10.27 46.45
N THR B 724 -9.15 -9.12 45.84
CA THR B 724 -9.74 -8.79 44.55
C THR B 724 -9.05 -9.53 43.43
N GLU B 725 -9.84 -9.92 42.45
CA GLU B 725 -9.36 -10.27 41.12
C GLU B 725 -10.24 -9.61 40.08
N ILE B 726 -9.64 -9.29 38.94
CA ILE B 726 -10.28 -8.54 37.86
C ILE B 726 -10.11 -9.30 36.57
N LEU B 727 -11.20 -9.44 35.81
CA LEU B 727 -11.15 -9.92 34.45
C LEU B 727 -12.07 -9.06 33.57
N PRO B 728 -11.64 -8.56 32.42
CA PRO B 728 -12.61 -7.96 31.51
C PRO B 728 -13.50 -9.04 30.94
N VAL B 729 -14.77 -8.71 30.74
CA VAL B 729 -15.77 -9.64 30.24
C VAL B 729 -16.48 -9.15 28.99
N SER B 730 -16.13 -7.99 28.46
CA SER B 730 -17.02 -7.27 27.57
C SER B 730 -16.24 -6.31 26.70
N MET B 731 -16.91 -5.83 25.65
CA MET B 731 -16.37 -4.90 24.68
C MET B 731 -17.52 -3.99 24.28
N THR B 732 -17.22 -2.72 24.03
CA THR B 732 -18.21 -1.79 23.50
C THR B 732 -18.54 -2.12 22.05
N LYS B 733 -19.66 -2.81 21.83
CA LYS B 733 -20.11 -3.12 20.47
C LYS B 733 -20.24 -1.83 19.67
N THR B 734 -19.55 -1.78 18.53
CA THR B 734 -19.71 -0.71 17.56
C THR B 734 -20.01 -1.25 16.18
N SER B 735 -21.14 -0.84 15.62
CA SER B 735 -21.41 -0.96 14.20
C SER B 735 -20.98 0.30 13.47
N VAL B 736 -20.65 0.15 12.19
CA VAL B 736 -20.32 1.27 11.31
C VAL B 736 -21.00 1.10 9.97
N ASP B 737 -21.58 2.19 9.48
CA ASP B 737 -22.12 2.19 8.14
C ASP B 737 -20.96 2.37 7.16
N CYS B 738 -20.74 1.36 6.34
CA CYS B 738 -19.72 1.37 5.29
C CYS B 738 -19.74 2.64 4.42
N THR B 739 -20.88 2.91 3.79
CA THR B 739 -20.96 4.03 2.86
C THR B 739 -20.86 5.40 3.52
N MET B 740 -21.33 5.54 4.75
CA MET B 740 -21.17 6.82 5.44
C MET B 740 -19.71 7.17 5.61
N TYR B 741 -18.93 6.24 6.16
CA TYR B 741 -17.54 6.54 6.41
C TYR B 741 -16.81 6.72 5.10
N ILE B 742 -17.12 5.89 4.12
CA ILE B 742 -16.37 6.00 2.89
C ILE B 742 -16.85 7.20 2.11
N CYS B 743 -18.15 7.25 1.83
CA CYS B 743 -18.70 8.15 0.83
C CYS B 743 -19.59 9.23 1.37
N GLY B 744 -19.90 9.21 2.66
CA GLY B 744 -20.90 10.13 3.17
C GLY B 744 -22.20 9.98 2.42
N ASP B 745 -22.74 11.10 1.96
CA ASP B 745 -23.92 11.15 1.11
C ASP B 745 -23.63 11.24 -0.38
N SER B 746 -22.36 11.24 -0.79
CA SER B 746 -22.04 11.52 -2.19
C SER B 746 -22.53 10.43 -3.11
N THR B 747 -23.41 10.82 -4.04
CA THR B 747 -23.92 9.89 -5.04
C THR B 747 -22.80 9.36 -5.89
N GLU B 748 -21.99 10.28 -6.45
CA GLU B 748 -20.92 9.90 -7.37
C GLU B 748 -19.93 8.99 -6.67
N CYS B 749 -19.57 9.31 -5.43
CA CYS B 749 -18.78 8.39 -4.64
C CYS B 749 -19.48 7.05 -4.51
N SER B 750 -20.76 7.09 -4.17
CA SER B 750 -21.51 5.85 -4.00
C SER B 750 -21.63 5.04 -5.28
N ASN B 751 -21.42 5.66 -6.43
CA ASN B 751 -21.28 4.91 -7.68
C ASN B 751 -19.88 4.35 -7.84
N LEU B 752 -18.86 5.17 -7.61
CA LEU B 752 -17.49 4.69 -7.71
C LEU B 752 -17.19 3.56 -6.73
N LEU B 753 -17.87 3.55 -5.59
CA LEU B 753 -17.70 2.52 -4.59
C LEU B 753 -18.29 1.18 -4.99
N LEU B 754 -19.04 1.11 -6.08
CA LEU B 754 -19.67 -0.13 -6.52
C LEU B 754 -18.69 -1.14 -7.10
N GLN B 755 -17.67 -1.51 -6.32
CA GLN B 755 -16.52 -2.24 -6.83
C GLN B 755 -15.97 -3.24 -5.81
N TYR B 756 -16.62 -3.45 -4.65
CA TYR B 756 -16.00 -4.12 -3.51
C TYR B 756 -17.06 -4.81 -2.66
N GLY B 757 -16.59 -5.65 -1.74
CA GLY B 757 -17.44 -6.22 -0.71
C GLY B 757 -17.86 -5.27 0.39
N SER B 758 -19.00 -5.62 1.00
CA SER B 758 -19.61 -4.88 2.11
C SER B 758 -19.02 -5.35 3.45
N PHE B 759 -17.77 -5.00 3.65
CA PHE B 759 -16.92 -5.65 4.64
C PHE B 759 -17.35 -5.45 6.09
N CYS B 760 -18.08 -4.38 6.40
CA CYS B 760 -18.72 -4.18 7.73
C CYS B 760 -19.76 -5.23 8.13
N THR B 761 -20.17 -6.08 7.20
CA THR B 761 -20.88 -7.30 7.57
C THR B 761 -20.04 -8.12 8.53
N GLN B 762 -18.77 -8.26 8.23
CA GLN B 762 -17.94 -9.11 9.04
C GLN B 762 -17.68 -8.49 10.41
N LEU B 763 -17.60 -7.17 10.50
CA LEU B 763 -17.58 -6.48 11.79
C LEU B 763 -18.76 -6.89 12.66
N ASN B 764 -19.95 -6.94 12.07
CA ASN B 764 -21.14 -7.25 12.84
C ASN B 764 -21.05 -8.64 13.47
N ARG B 765 -20.30 -9.54 12.84
CA ARG B 765 -20.09 -10.86 13.40
C ARG B 765 -19.28 -10.79 14.69
N ALA B 766 -18.29 -9.89 14.75
CA ALA B 766 -17.62 -9.61 16.02
C ALA B 766 -18.60 -9.07 17.03
N LEU B 767 -19.51 -8.22 16.60
CA LEU B 767 -20.42 -7.58 17.55
C LEU B 767 -21.32 -8.61 18.24
N THR B 768 -21.94 -9.48 17.46
CA THR B 768 -22.72 -10.55 18.09
C THR B 768 -21.83 -11.49 18.87
N GLY B 769 -20.60 -11.71 18.40
CA GLY B 769 -19.61 -12.38 19.22
C GLY B 769 -19.51 -11.79 20.61
N ILE B 770 -19.38 -10.48 20.68
CA ILE B 770 -19.30 -9.78 21.96
C ILE B 770 -20.54 -10.03 22.77
N ALA B 771 -21.69 -9.98 22.13
CA ALA B 771 -22.93 -10.19 22.85
C ALA B 771 -23.03 -11.60 23.45
N VAL B 772 -22.66 -12.61 22.66
CA VAL B 772 -22.67 -13.96 23.20
C VAL B 772 -21.59 -14.15 24.24
N GLU B 773 -20.46 -13.45 24.11
CA GLU B 773 -19.48 -13.46 25.17
C GLU B 773 -20.08 -12.90 26.45
N GLN B 774 -20.74 -11.76 26.33
CA GLN B 774 -21.34 -11.07 27.47
C GLN B 774 -22.37 -11.95 28.17
N ASP B 775 -23.00 -12.83 27.40
CA ASP B 775 -23.79 -13.88 28.01
C ASP B 775 -22.87 -14.91 28.65
N LYS B 776 -22.07 -15.58 27.82
CA LYS B 776 -21.22 -16.73 28.17
C LYS B 776 -20.41 -16.52 29.44
N ASN B 777 -19.74 -15.36 29.56
CA ASN B 777 -18.92 -14.92 30.70
C ASN B 777 -19.54 -15.15 32.07
N THR B 778 -20.85 -15.13 32.09
CA THR B 778 -21.67 -15.02 33.26
C THR B 778 -22.92 -15.89 33.06
N GLN B 779 -22.88 -16.85 32.10
CA GLN B 779 -23.88 -17.90 31.96
C GLN B 779 -23.93 -18.77 33.19
N GLU B 780 -22.80 -18.85 33.91
CA GLU B 780 -22.79 -19.53 35.19
C GLU B 780 -23.58 -18.71 36.16
N VAL B 781 -23.37 -17.39 36.12
CA VAL B 781 -24.18 -16.48 36.91
C VAL B 781 -25.58 -16.36 36.31
N PHE B 782 -25.72 -16.62 35.00
CA PHE B 782 -26.98 -16.49 34.29
C PHE B 782 -27.53 -17.90 34.10
N ALA B 783 -27.31 -18.52 32.93
CA ALA B 783 -27.83 -19.83 32.55
C ALA B 783 -27.79 -20.91 33.63
N GLN B 784 -26.66 -21.07 34.32
CA GLN B 784 -26.64 -22.10 35.36
C GLN B 784 -27.46 -21.75 36.60
N VAL B 785 -28.12 -20.59 36.67
CA VAL B 785 -29.27 -20.40 37.53
C VAL B 785 -30.47 -19.86 36.77
N LYS B 786 -31.11 -20.70 35.96
CA LYS B 786 -32.44 -20.37 35.45
C LYS B 786 -33.42 -20.02 36.56
N GLN B 787 -33.29 -20.65 37.72
CA GLN B 787 -33.91 -20.16 38.94
C GLN B 787 -33.28 -18.83 39.35
N ILE B 788 -34.05 -17.77 39.34
CA ILE B 788 -33.61 -16.49 39.88
C ILE B 788 -33.82 -16.48 41.38
N TYR B 789 -32.84 -16.98 42.12
CA TYR B 789 -32.92 -17.05 43.56
C TYR B 789 -32.89 -15.66 44.17
N LYS B 790 -33.91 -15.34 44.97
CA LYS B 790 -33.90 -14.18 45.86
C LYS B 790 -33.18 -14.46 47.17
N THR B 791 -32.60 -13.43 47.75
CA THR B 791 -32.06 -13.54 49.09
C THR B 791 -33.20 -13.78 50.07
N PRO B 792 -32.96 -14.51 51.15
CA PRO B 792 -34.03 -14.73 52.12
C PRO B 792 -34.29 -13.50 52.94
N PRO B 793 -35.48 -13.38 53.55
CA PRO B 793 -35.71 -12.26 54.48
C PRO B 793 -34.86 -12.37 55.73
N ILE B 794 -34.62 -13.60 56.18
CA ILE B 794 -33.71 -13.91 57.27
C ILE B 794 -32.34 -13.29 56.99
N LYS B 795 -31.63 -12.90 58.05
CA LYS B 795 -30.23 -12.48 57.97
C LYS B 795 -29.31 -13.18 58.97
N ASP B 796 -29.77 -14.25 59.61
CA ASP B 796 -28.96 -15.03 60.53
C ASP B 796 -27.94 -15.88 59.78
N PHE B 797 -26.95 -15.22 59.19
CA PHE B 797 -25.84 -15.86 58.48
C PHE B 797 -24.62 -15.99 59.38
N GLY B 798 -24.82 -16.62 60.54
CA GLY B 798 -23.72 -16.97 61.42
C GLY B 798 -22.84 -15.85 61.89
N GLY B 799 -23.33 -14.62 61.87
CA GLY B 799 -22.54 -13.48 62.27
C GLY B 799 -21.66 -12.91 61.20
N PHE B 800 -21.70 -13.46 60.00
CA PHE B 800 -20.94 -12.95 58.86
C PHE B 800 -21.71 -11.81 58.22
N ASN B 801 -21.47 -10.59 58.70
CA ASN B 801 -22.16 -9.41 58.18
C ASN B 801 -21.71 -9.01 56.77
N PHE B 802 -21.99 -9.87 55.81
CA PHE B 802 -21.65 -9.58 54.42
C PHE B 802 -22.66 -8.66 53.70
N SER B 803 -23.46 -7.86 54.43
CA SER B 803 -24.53 -7.05 53.87
C SER B 803 -24.12 -6.22 52.65
N GLN B 804 -22.97 -5.56 52.74
CA GLN B 804 -22.55 -4.64 51.68
C GLN B 804 -22.32 -5.29 50.32
N ILE B 805 -22.10 -6.59 50.22
CA ILE B 805 -21.94 -7.21 48.90
C ILE B 805 -23.26 -7.68 48.31
N LEU B 806 -24.31 -7.81 49.10
CA LEU B 806 -25.64 -8.03 48.57
C LEU B 806 -26.08 -6.83 47.76
N PRO B 807 -27.08 -6.98 46.88
CA PRO B 807 -27.74 -5.80 46.34
C PRO B 807 -28.23 -4.90 47.46
N ASP B 808 -28.10 -3.60 47.26
CA ASP B 808 -28.67 -2.69 48.24
C ASP B 808 -30.18 -2.78 48.13
N PRO B 809 -30.89 -3.47 49.05
CA PRO B 809 -32.27 -3.86 48.75
C PRO B 809 -33.23 -2.68 48.69
N SER B 810 -32.94 -1.61 49.42
CA SER B 810 -33.81 -0.44 49.41
C SER B 810 -33.68 0.40 48.16
N LYS B 811 -32.58 0.28 47.41
CA LYS B 811 -32.27 1.31 46.44
C LYS B 811 -32.92 1.00 45.09
N PRO B 812 -33.14 2.02 44.24
CA PRO B 812 -33.57 1.72 42.88
C PRO B 812 -32.51 1.02 42.07
N SER B 813 -31.29 1.56 42.08
CA SER B 813 -30.17 0.78 41.62
C SER B 813 -30.04 -0.44 42.50
N LYS B 814 -30.26 -1.61 41.93
CA LYS B 814 -30.16 -2.86 42.65
C LYS B 814 -28.73 -3.35 42.80
N ARG B 815 -27.74 -2.53 42.45
CA ARG B 815 -26.36 -2.90 42.70
C ARG B 815 -26.10 -2.98 44.20
N SER B 816 -25.10 -3.77 44.55
CA SER B 816 -24.44 -3.59 45.83
C SER B 816 -23.87 -2.20 45.97
N PHE B 817 -23.82 -1.76 47.22
CA PHE B 817 -22.99 -0.63 47.63
C PHE B 817 -21.61 -0.70 47.03
N ILE B 818 -20.96 -1.85 47.16
CA ILE B 818 -19.64 -1.99 46.58
C ILE B 818 -19.73 -1.96 45.06
N GLU B 819 -20.76 -2.58 44.51
CA GLU B 819 -20.98 -2.49 43.07
C GLU B 819 -21.20 -1.04 42.64
N ASP B 820 -21.93 -0.28 43.44
CA ASP B 820 -22.12 1.13 43.16
C ASP B 820 -20.81 1.90 43.21
N LEU B 821 -19.94 1.61 44.17
CA LEU B 821 -18.60 2.17 44.15
C LEU B 821 -17.88 1.84 42.86
N LEU B 822 -17.81 0.54 42.55
CA LEU B 822 -17.07 0.05 41.39
C LEU B 822 -17.54 0.73 40.12
N PHE B 823 -18.86 0.82 39.99
CA PHE B 823 -19.46 1.50 38.85
C PHE B 823 -19.02 2.94 38.77
N ASN B 824 -18.81 3.58 39.90
CA ASN B 824 -18.32 4.95 39.94
C ASN B 824 -16.83 5.05 39.84
N LYS B 825 -16.11 4.05 40.35
CA LYS B 825 -14.64 4.15 40.33
C LYS B 825 -14.11 4.00 38.93
N VAL B 826 -14.81 3.28 38.07
CA VAL B 826 -14.57 3.40 36.64
C VAL B 826 -15.00 4.79 36.19
N THR B 827 -14.13 5.46 35.44
CA THR B 827 -14.50 6.70 34.78
C THR B 827 -15.24 6.36 33.50
N LEU B 828 -16.56 6.42 33.57
CA LEU B 828 -17.43 5.92 32.52
C LEU B 828 -17.25 6.66 31.20
N LEU B 849 -19.11 12.68 24.25
CA LEU B 849 -18.86 12.83 22.82
C LEU B 849 -19.59 11.82 21.93
N ILE B 850 -20.33 10.88 22.54
CA ILE B 850 -20.97 9.80 21.80
C ILE B 850 -21.96 10.36 20.78
N CYS B 851 -22.68 11.41 21.16
CA CYS B 851 -23.63 12.06 20.26
C CYS B 851 -22.94 12.62 19.02
N ALA B 852 -21.70 13.10 19.17
CA ALA B 852 -20.93 13.48 17.99
C ALA B 852 -20.52 12.27 17.16
N GLN B 853 -20.07 11.21 17.82
CA GLN B 853 -19.70 9.96 17.15
C GLN B 853 -20.83 9.44 16.26
N LYS B 854 -22.06 9.41 16.81
CA LYS B 854 -23.25 9.04 16.05
C LYS B 854 -23.40 9.84 14.76
N PHE B 855 -23.51 11.16 14.87
CA PHE B 855 -23.70 11.99 13.69
C PHE B 855 -22.49 11.97 12.77
N ASN B 856 -21.30 11.68 13.27
CA ASN B 856 -20.17 11.52 12.38
C ASN B 856 -20.25 10.24 11.55
N GLY B 857 -21.09 9.29 11.95
CA GLY B 857 -21.40 8.09 11.19
C GLY B 857 -20.99 6.79 11.83
N LEU B 858 -20.50 6.87 13.07
CA LEU B 858 -20.01 5.74 13.83
C LEU B 858 -21.01 5.53 14.95
N THR B 859 -21.49 4.29 15.12
CA THR B 859 -22.60 4.03 16.02
C THR B 859 -22.28 2.92 16.99
N VAL B 860 -22.34 3.24 18.27
CA VAL B 860 -22.48 2.24 19.31
C VAL B 860 -23.82 1.56 19.14
N LEU B 861 -23.88 0.29 19.41
CA LEU B 861 -25.12 -0.45 19.59
C LEU B 861 -25.19 -0.91 21.04
N PRO B 862 -26.34 -0.76 21.70
CA PRO B 862 -26.41 -0.90 23.14
C PRO B 862 -26.09 -2.31 23.60
N PRO B 863 -25.70 -2.50 24.85
CA PRO B 863 -25.59 -3.86 25.40
C PRO B 863 -26.88 -4.65 25.19
N LEU B 864 -26.72 -5.95 25.03
CA LEU B 864 -27.89 -6.81 25.00
C LEU B 864 -28.60 -6.85 26.33
N LEU B 865 -27.86 -6.73 27.44
CA LEU B 865 -28.42 -6.80 28.78
C LEU B 865 -28.03 -5.55 29.54
N THR B 866 -28.99 -4.94 30.23
CA THR B 866 -28.65 -3.82 31.07
C THR B 866 -27.85 -4.26 32.27
N ASP B 867 -27.15 -3.29 32.85
CA ASP B 867 -26.50 -3.52 34.13
C ASP B 867 -27.48 -3.86 35.24
N GLU B 868 -28.74 -3.45 35.14
CA GLU B 868 -29.71 -3.84 36.15
C GLU B 868 -30.03 -5.33 36.08
N MET B 869 -30.26 -5.82 34.88
CA MET B 869 -30.45 -7.25 34.64
C MET B 869 -29.24 -8.04 35.11
N ILE B 870 -28.05 -7.56 34.73
CA ILE B 870 -26.81 -8.23 35.07
C ILE B 870 -26.63 -8.27 36.57
N ALA B 871 -26.80 -7.12 37.21
CA ALA B 871 -26.68 -7.06 38.66
C ALA B 871 -27.75 -7.88 39.35
N GLN B 872 -28.89 -8.06 38.72
CA GLN B 872 -29.91 -8.94 39.28
C GLN B 872 -29.44 -10.38 39.28
N TYR B 873 -28.80 -10.81 38.21
CA TYR B 873 -28.17 -12.12 38.23
C TYR B 873 -27.05 -12.24 39.25
N THR B 874 -26.20 -11.23 39.33
CA THR B 874 -25.12 -11.26 40.33
C THR B 874 -25.70 -11.41 41.72
N SER B 875 -26.81 -10.72 41.97
CA SER B 875 -27.53 -10.87 43.22
C SER B 875 -28.01 -12.30 43.37
N ALA B 876 -28.53 -12.86 42.29
CA ALA B 876 -29.02 -14.23 42.30
C ALA B 876 -27.93 -15.19 42.74
N LEU B 877 -26.71 -14.94 42.32
CA LEU B 877 -25.62 -15.84 42.68
C LEU B 877 -25.12 -15.65 44.09
N LEU B 878 -24.95 -14.41 44.50
CA LEU B 878 -24.68 -14.12 45.91
C LEU B 878 -25.70 -14.84 46.79
N ALA B 879 -26.96 -14.73 46.41
CA ALA B 879 -28.04 -15.36 47.14
C ALA B 879 -27.92 -16.88 47.13
N GLY B 880 -27.75 -17.47 45.94
CA GLY B 880 -27.64 -18.92 45.84
C GLY B 880 -26.53 -19.47 46.73
N THR B 881 -25.33 -18.91 46.56
CA THR B 881 -24.18 -19.33 47.33
C THR B 881 -24.42 -19.23 48.83
N ILE B 882 -24.88 -18.07 49.30
CA ILE B 882 -25.03 -17.93 50.74
C ILE B 882 -26.20 -18.74 51.25
N THR B 883 -27.25 -18.87 50.46
CA THR B 883 -28.42 -19.54 50.96
C THR B 883 -28.26 -21.03 50.91
N SER B 884 -27.48 -21.55 49.98
CA SER B 884 -27.67 -22.89 49.52
C SER B 884 -26.34 -23.55 49.23
N GLY B 885 -26.35 -24.86 49.42
CA GLY B 885 -25.21 -25.67 49.03
C GLY B 885 -24.95 -25.59 47.55
N TRP B 886 -23.69 -25.77 47.17
CA TRP B 886 -23.24 -25.63 45.80
C TRP B 886 -23.92 -26.57 44.80
N THR B 887 -24.73 -27.54 45.24
CA THR B 887 -25.62 -28.28 44.36
C THR B 887 -26.59 -27.42 43.55
N PHE B 888 -26.79 -26.15 43.91
CA PHE B 888 -27.49 -25.24 43.02
C PHE B 888 -26.75 -25.07 41.70
N GLY B 889 -25.43 -25.28 41.70
CA GLY B 889 -24.71 -25.37 40.44
C GLY B 889 -25.05 -26.64 39.70
N ALA B 890 -25.29 -27.73 40.43
CA ALA B 890 -25.92 -28.92 39.85
C ALA B 890 -27.45 -28.79 39.71
N GLY B 891 -28.03 -27.61 39.81
CA GLY B 891 -29.45 -27.34 39.67
C GLY B 891 -30.35 -27.75 40.81
N ALA B 892 -30.05 -28.87 41.47
CA ALA B 892 -30.79 -29.33 42.64
C ALA B 892 -30.32 -28.54 43.85
N ALA B 893 -30.66 -27.25 43.87
CA ALA B 893 -30.28 -26.41 45.01
C ALA B 893 -30.86 -26.96 46.29
N LEU B 894 -30.09 -26.83 47.37
CA LEU B 894 -30.45 -27.31 48.69
C LEU B 894 -30.12 -26.23 49.69
N GLN B 895 -31.04 -25.93 50.60
CA GLN B 895 -30.69 -25.04 51.69
C GLN B 895 -29.63 -25.70 52.56
N ILE B 896 -28.82 -24.87 53.21
CA ILE B 896 -27.83 -25.35 54.17
C ILE B 896 -27.42 -24.21 55.08
N PRO B 897 -27.27 -24.39 56.39
CA PRO B 897 -26.73 -23.31 57.21
C PRO B 897 -25.32 -22.95 56.78
N PHE B 898 -25.07 -21.65 56.68
CA PHE B 898 -23.85 -21.11 56.10
C PHE B 898 -22.61 -21.60 56.81
N ALA B 899 -22.70 -21.74 58.13
CA ALA B 899 -21.61 -22.28 58.94
C ALA B 899 -21.20 -23.65 58.48
N MET B 900 -22.18 -24.54 58.31
CA MET B 900 -21.92 -25.87 57.79
C MET B 900 -21.25 -25.81 56.43
N GLN B 901 -21.75 -24.91 55.60
CA GLN B 901 -21.23 -24.76 54.26
C GLN B 901 -19.77 -24.37 54.28
N MET B 902 -19.38 -23.53 55.23
CA MET B 902 -17.96 -23.19 55.30
C MET B 902 -17.15 -24.32 55.91
N ALA B 903 -17.72 -25.06 56.85
CA ALA B 903 -17.00 -26.15 57.48
C ALA B 903 -16.61 -27.21 56.47
N TYR B 904 -17.49 -27.47 55.51
CA TYR B 904 -17.10 -28.37 54.43
C TYR B 904 -15.95 -27.80 53.61
N ARG B 905 -15.95 -26.49 53.36
CA ARG B 905 -14.85 -25.92 52.60
C ARG B 905 -13.52 -26.12 53.31
N PHE B 906 -13.53 -25.94 54.62
CA PHE B 906 -12.32 -26.20 55.40
C PHE B 906 -11.89 -27.65 55.28
N ASN B 907 -12.84 -28.57 55.39
CA ASN B 907 -12.47 -29.96 55.17
C ASN B 907 -11.95 -30.17 53.76
N GLY B 908 -12.48 -29.43 52.79
CA GLY B 908 -11.97 -29.46 51.45
C GLY B 908 -10.54 -28.99 51.28
N ILE B 909 -10.10 -28.03 52.10
CA ILE B 909 -8.68 -27.64 52.15
C ILE B 909 -7.96 -28.34 53.29
N GLY B 910 -8.43 -29.52 53.68
CA GLY B 910 -7.68 -30.35 54.59
C GLY B 910 -7.50 -29.81 55.98
N VAL B 911 -8.42 -28.97 56.44
CA VAL B 911 -8.49 -28.54 57.83
C VAL B 911 -9.68 -29.22 58.45
N THR B 912 -9.45 -29.87 59.59
CA THR B 912 -10.50 -30.68 60.20
C THR B 912 -11.65 -29.82 60.69
N GLN B 913 -12.88 -30.22 60.36
CA GLN B 913 -14.00 -29.29 60.35
C GLN B 913 -14.41 -28.83 61.74
N ASN B 914 -13.91 -29.47 62.79
CA ASN B 914 -14.02 -28.95 64.14
C ASN B 914 -13.39 -27.57 64.30
N VAL B 915 -12.36 -27.27 63.53
CA VAL B 915 -11.58 -26.06 63.77
C VAL B 915 -12.38 -24.80 63.46
N LEU B 916 -13.22 -24.82 62.43
CA LEU B 916 -14.08 -23.67 62.18
C LEU B 916 -14.98 -23.35 63.35
N TYR B 917 -15.76 -24.33 63.79
CA TYR B 917 -16.71 -24.12 64.88
C TYR B 917 -16.00 -23.70 66.13
N GLU B 918 -14.88 -24.33 66.44
CA GLU B 918 -14.09 -23.92 67.59
C GLU B 918 -13.62 -22.48 67.55
N ASN B 919 -13.61 -21.84 66.38
CA ASN B 919 -13.10 -20.48 66.23
C ASN B 919 -14.04 -19.58 65.46
N GLN B 920 -15.31 -19.99 65.29
CA GLN B 920 -16.22 -19.39 64.30
C GLN B 920 -16.33 -17.88 64.45
N LYS B 921 -16.41 -17.41 65.69
CA LYS B 921 -16.42 -15.98 65.96
C LYS B 921 -15.17 -15.29 65.40
N LEU B 922 -14.00 -15.88 65.61
CA LEU B 922 -12.75 -15.30 65.11
C LEU B 922 -12.73 -15.22 63.59
N ILE B 923 -13.14 -16.30 62.92
CA ILE B 923 -13.25 -16.27 61.46
C ILE B 923 -14.21 -15.18 61.04
N ALA B 924 -15.37 -15.12 61.67
CA ALA B 924 -16.38 -14.16 61.26
C ALA B 924 -15.87 -12.74 61.42
N ASN B 925 -15.16 -12.49 62.52
CA ASN B 925 -14.49 -11.22 62.73
C ASN B 925 -13.51 -10.92 61.59
N GLN B 926 -12.60 -11.86 61.34
CA GLN B 926 -11.58 -11.68 60.32
C GLN B 926 -12.19 -11.41 58.97
N PHE B 927 -13.21 -12.19 58.63
CA PHE B 927 -13.92 -12.02 57.37
C PHE B 927 -14.50 -10.63 57.25
N ASN B 928 -15.27 -10.23 58.26
CA ASN B 928 -15.91 -8.93 58.25
C ASN B 928 -14.88 -7.82 58.12
N SER B 929 -13.79 -7.95 58.86
CA SER B 929 -12.71 -6.98 58.79
C SER B 929 -12.10 -6.92 57.40
N ALA B 930 -11.87 -8.08 56.78
CA ALA B 930 -11.26 -8.11 55.47
C ALA B 930 -12.15 -7.46 54.42
N ILE B 931 -13.44 -7.77 54.47
CA ILE B 931 -14.41 -7.10 53.60
C ILE B 931 -14.38 -5.60 53.82
N GLY B 932 -14.32 -5.20 55.07
CA GLY B 932 -14.08 -3.83 55.46
C GLY B 932 -12.91 -3.21 54.73
N LYS B 933 -11.75 -3.81 54.91
CA LYS B 933 -10.53 -3.32 54.28
C LYS B 933 -10.65 -3.24 52.77
N ILE B 934 -11.37 -4.18 52.16
CA ILE B 934 -11.58 -4.12 50.72
C ILE B 934 -12.36 -2.88 50.32
N GLN B 935 -13.53 -2.69 50.91
CA GLN B 935 -14.35 -1.56 50.51
C GLN B 935 -13.73 -0.24 50.92
N ASP B 936 -12.94 -0.23 51.99
CA ASP B 936 -12.10 0.92 52.26
C ASP B 936 -11.14 1.15 51.11
N SER B 937 -10.43 0.10 50.73
CA SER B 937 -9.45 0.18 49.66
C SER B 937 -10.09 0.56 48.34
N LEU B 938 -11.30 0.09 48.08
CA LEU B 938 -11.99 0.49 46.86
C LEU B 938 -12.40 1.96 46.83
N SER B 939 -12.25 2.71 47.92
CA SER B 939 -12.23 4.16 47.84
C SER B 939 -11.07 4.69 47.01
N SER B 940 -10.01 3.92 46.83
CA SER B 940 -8.98 4.23 45.85
C SER B 940 -8.34 2.96 45.33
N ALA B 944 -6.20 -1.67 41.31
CA ALA B 944 -7.13 -0.69 40.79
C ALA B 944 -7.76 -1.18 39.50
N LEU B 945 -8.83 -0.52 39.09
CA LEU B 945 -9.62 -0.90 37.92
C LEU B 945 -8.99 -0.53 36.58
N GLY B 946 -7.70 -0.20 36.54
CA GLY B 946 -7.02 0.06 35.28
C GLY B 946 -7.23 -1.04 34.26
N LYS B 947 -7.18 -2.30 34.71
CA LYS B 947 -7.39 -3.50 33.90
C LYS B 947 -8.82 -3.66 33.40
N LEU B 948 -9.71 -2.70 33.60
CA LEU B 948 -10.98 -2.60 32.91
C LEU B 948 -11.11 -1.26 32.24
N GLN B 949 -10.63 -0.20 32.90
CA GLN B 949 -10.63 1.13 32.32
C GLN B 949 -9.88 1.15 30.99
N ASP B 950 -8.80 0.36 30.93
CA ASP B 950 -8.01 0.16 29.72
C ASP B 950 -8.84 -0.29 28.52
N VAL B 951 -9.83 -1.15 28.75
CA VAL B 951 -10.73 -1.55 27.66
C VAL B 951 -11.42 -0.33 27.09
N VAL B 952 -12.00 0.47 27.97
CA VAL B 952 -12.70 1.69 27.56
C VAL B 952 -11.71 2.62 26.90
N ASN B 953 -10.55 2.80 27.52
CA ASN B 953 -9.54 3.73 27.02
C ASN B 953 -9.11 3.33 25.61
N GLN B 954 -8.91 2.04 25.41
CA GLN B 954 -8.54 1.50 24.11
C GLN B 954 -9.62 1.79 23.09
N ASN B 955 -10.86 1.52 23.45
CA ASN B 955 -11.96 1.74 22.53
C ASN B 955 -12.10 3.21 22.16
N ALA B 956 -12.00 4.07 23.17
CA ALA B 956 -11.98 5.50 22.92
C ALA B 956 -10.88 5.88 21.95
N GLN B 957 -9.66 5.43 22.21
CA GLN B 957 -8.53 5.67 21.32
C GLN B 957 -8.81 5.22 19.90
N ALA B 958 -9.35 4.02 19.76
CA ALA B 958 -9.63 3.45 18.44
C ALA B 958 -10.65 4.28 17.67
N LEU B 959 -11.79 4.56 18.30
CA LEU B 959 -12.81 5.33 17.62
C LEU B 959 -12.33 6.74 17.30
N ASN B 960 -11.65 7.38 18.24
CA ASN B 960 -11.05 8.69 17.99
C ASN B 960 -10.08 8.65 16.84
N THR B 961 -9.37 7.54 16.70
CA THR B 961 -8.47 7.39 15.57
C THR B 961 -9.24 7.34 14.26
N LEU B 962 -10.29 6.53 14.20
CA LEU B 962 -11.14 6.53 13.01
C LEU B 962 -11.66 7.90 12.69
N VAL B 963 -12.08 8.62 13.72
CA VAL B 963 -12.56 9.97 13.55
C VAL B 963 -11.49 10.84 12.91
N LYS B 964 -10.32 10.89 13.56
CA LYS B 964 -9.21 11.73 13.14
C LYS B 964 -8.80 11.47 11.71
N GLN B 965 -8.77 10.20 11.32
CA GLN B 965 -8.32 9.82 9.99
C GLN B 965 -9.12 10.46 8.86
N LEU B 966 -10.38 10.79 9.11
CA LEU B 966 -11.19 11.41 8.08
C LEU B 966 -10.67 12.75 7.60
N SER B 967 -9.90 13.46 8.41
CA SER B 967 -9.32 14.70 7.94
C SER B 967 -8.15 14.51 6.97
N SER B 968 -7.49 13.37 6.98
CA SER B 968 -6.37 13.15 6.08
C SER B 968 -6.84 13.20 4.64
N ASN B 969 -6.27 14.11 3.85
CA ASN B 969 -6.67 14.19 2.46
C ASN B 969 -6.01 13.13 1.59
N PHE B 970 -5.04 12.35 2.11
CA PHE B 970 -4.37 11.29 1.36
C PHE B 970 -3.79 11.75 0.02
N GLY B 971 -3.44 13.02 -0.08
CA GLY B 971 -2.91 13.62 -1.26
C GLY B 971 -3.95 13.97 -2.27
N ALA B 972 -5.22 13.68 -2.00
CA ALA B 972 -6.27 14.44 -2.62
C ALA B 972 -6.17 15.87 -2.12
N ILE B 973 -6.67 16.82 -2.91
CA ILE B 973 -6.59 18.22 -2.54
C ILE B 973 -7.33 18.57 -1.24
N SER B 974 -8.20 17.71 -0.73
CA SER B 974 -9.14 18.06 0.32
C SER B 974 -9.64 16.78 0.95
N SER B 975 -10.29 16.93 2.10
CA SER B 975 -10.94 15.85 2.82
C SER B 975 -12.44 16.09 2.99
N VAL B 976 -13.04 16.95 2.16
CA VAL B 976 -14.49 17.08 2.09
C VAL B 976 -14.92 16.73 0.68
N LEU B 977 -15.77 15.72 0.58
CA LEU B 977 -16.22 15.22 -0.71
C LEU B 977 -17.02 16.27 -1.46
N ASN B 978 -17.84 17.03 -0.75
CA ASN B 978 -18.60 18.11 -1.37
C ASN B 978 -17.70 19.15 -2.00
N ASP B 979 -16.62 19.54 -1.33
CA ASP B 979 -15.67 20.47 -1.92
C ASP B 979 -15.13 19.96 -3.25
N ILE B 980 -14.64 18.71 -3.24
CA ILE B 980 -14.06 18.10 -4.42
C ILE B 980 -15.07 18.06 -5.57
N LEU B 981 -16.27 17.59 -5.28
CA LEU B 981 -17.28 17.56 -6.31
C LEU B 981 -17.79 18.94 -6.71
N SER B 982 -17.70 19.92 -5.81
CA SER B 982 -18.10 21.26 -6.17
C SER B 982 -17.10 21.95 -7.06
N ARG B 983 -15.83 21.61 -6.94
CA ARG B 983 -14.78 22.26 -7.72
C ARG B 983 -14.33 21.49 -8.95
N LEU B 984 -14.60 20.19 -9.05
CA LEU B 984 -14.19 19.38 -10.19
C LEU B 984 -15.40 18.66 -10.79
N ASP B 985 -15.34 18.50 -12.11
CA ASP B 985 -16.21 17.60 -12.86
C ASP B 985 -15.77 16.15 -12.72
N PRO B 986 -16.71 15.21 -12.86
CA PRO B 986 -16.49 13.76 -12.51
C PRO B 986 -15.20 13.13 -12.99
N PRO B 987 -14.80 13.28 -14.27
CA PRO B 987 -13.58 12.59 -14.70
C PRO B 987 -12.33 13.04 -13.99
N GLU B 988 -12.32 14.26 -13.50
CA GLU B 988 -11.23 14.75 -12.68
C GLU B 988 -11.48 14.41 -11.22
N ALA B 989 -12.69 14.70 -10.76
CA ALA B 989 -13.05 14.55 -9.36
C ALA B 989 -12.84 13.13 -8.86
N GLU B 990 -13.17 12.16 -9.70
CA GLU B 990 -13.04 10.76 -9.33
C GLU B 990 -11.64 10.36 -8.90
N VAL B 991 -10.59 10.94 -9.49
CA VAL B 991 -9.24 10.53 -9.10
C VAL B 991 -8.95 10.96 -7.66
N GLN B 992 -9.29 12.20 -7.31
CA GLN B 992 -9.15 12.68 -5.95
C GLN B 992 -10.01 11.81 -5.04
N ILE B 993 -11.25 11.60 -5.46
CA ILE B 993 -12.18 10.83 -4.67
C ILE B 993 -11.67 9.41 -4.54
N ASP B 994 -11.10 8.87 -5.61
CA ASP B 994 -10.50 7.54 -5.54
C ASP B 994 -9.40 7.48 -4.51
N ARG B 995 -8.59 8.54 -4.41
CA ARG B 995 -7.55 8.57 -3.39
C ARG B 995 -8.12 8.58 -1.97
N LEU B 996 -9.13 9.41 -1.76
CA LEU B 996 -9.80 9.42 -0.47
C LEU B 996 -10.43 8.07 -0.16
N ILE B 997 -11.08 7.48 -1.16
CA ILE B 997 -11.66 6.15 -1.03
C ILE B 997 -10.61 5.18 -0.58
N THR B 998 -9.44 5.25 -1.21
CA THR B 998 -8.30 4.41 -0.91
C THR B 998 -7.94 4.48 0.56
N GLY B 999 -7.51 5.67 1.01
CA GLY B 999 -7.02 5.82 2.37
C GLY B 999 -8.09 5.52 3.41
N ARG B 1000 -9.33 5.83 3.10
CA ARG B 1000 -10.40 5.48 4.00
C ARG B 1000 -10.57 3.97 4.11
N LEU B 1001 -10.46 3.25 2.99
CA LEU B 1001 -10.48 1.79 3.05
C LEU B 1001 -9.35 1.21 3.90
N GLN B 1002 -8.11 1.67 3.71
CA GLN B 1002 -7.06 1.20 4.64
C GLN B 1002 -7.41 1.50 6.08
N SER B 1003 -7.95 2.70 6.34
CA SER B 1003 -8.28 3.11 7.70
C SER B 1003 -9.24 2.12 8.34
N LEU B 1004 -10.40 1.96 7.73
CA LEU B 1004 -11.43 1.11 8.30
C LEU B 1004 -10.96 -0.34 8.37
N GLN B 1005 -10.22 -0.79 7.37
CA GLN B 1005 -9.76 -2.17 7.38
C GLN B 1005 -8.81 -2.42 8.53
N THR B 1006 -7.95 -1.44 8.81
CA THR B 1006 -7.05 -1.54 9.95
C THR B 1006 -7.85 -1.61 11.24
N TYR B 1007 -8.88 -0.78 11.32
CA TYR B 1007 -9.72 -0.77 12.50
C TYR B 1007 -10.42 -2.10 12.71
N VAL B 1008 -10.92 -2.66 11.64
CA VAL B 1008 -11.58 -3.96 11.69
C VAL B 1008 -10.61 -5.00 12.20
N THR B 1009 -9.44 -5.05 11.60
CA THR B 1009 -8.46 -6.07 11.96
C THR B 1009 -8.06 -5.98 13.42
N GLN B 1010 -7.72 -4.78 13.89
CA GLN B 1010 -7.36 -4.65 15.28
C GLN B 1010 -8.53 -4.93 16.21
N GLN B 1011 -9.75 -4.57 15.82
CA GLN B 1011 -10.87 -4.95 16.64
C GLN B 1011 -11.08 -6.44 16.69
N LEU B 1012 -10.82 -7.14 15.60
CA LEU B 1012 -10.84 -8.59 15.65
C LEU B 1012 -9.80 -9.13 16.62
N ILE B 1013 -8.63 -8.50 16.64
CA ILE B 1013 -7.61 -8.91 17.60
C ILE B 1013 -8.08 -8.70 19.03
N ARG B 1014 -8.62 -7.53 19.31
CA ARG B 1014 -9.17 -7.25 20.63
C ARG B 1014 -10.27 -8.25 20.98
N ALA B 1015 -11.14 -8.54 20.01
CA ALA B 1015 -12.18 -9.54 20.20
C ALA B 1015 -11.59 -10.87 20.60
N ALA B 1016 -10.55 -11.29 19.90
CA ALA B 1016 -9.86 -12.53 20.25
C ALA B 1016 -9.33 -12.50 21.68
N GLU B 1017 -8.69 -11.40 22.06
CA GLU B 1017 -8.13 -11.28 23.40
C GLU B 1017 -9.22 -11.33 24.45
N ILE B 1018 -10.24 -10.51 24.26
CA ILE B 1018 -11.40 -10.51 25.14
C ILE B 1018 -12.03 -11.90 25.18
N ARG B 1019 -12.06 -12.59 24.06
CA ARG B 1019 -12.62 -13.93 24.05
C ARG B 1019 -11.81 -14.89 24.90
N ALA B 1020 -10.49 -14.77 24.86
CA ALA B 1020 -9.69 -15.57 25.77
C ALA B 1020 -10.00 -15.21 27.22
N SER B 1021 -10.14 -13.91 27.49
CA SER B 1021 -10.61 -13.47 28.80
C SER B 1021 -11.99 -14.03 29.11
N ALA B 1022 -12.84 -14.09 28.10
CA ALA B 1022 -14.19 -14.59 28.30
C ALA B 1022 -14.18 -16.02 28.78
N ASN B 1023 -13.50 -16.89 28.04
CA ASN B 1023 -13.38 -18.29 28.41
C ASN B 1023 -12.80 -18.43 29.80
N LEU B 1024 -11.81 -17.61 30.11
CA LEU B 1024 -11.17 -17.69 31.42
C LEU B 1024 -12.14 -17.27 32.50
N ALA B 1025 -12.81 -16.13 32.30
CA ALA B 1025 -13.79 -15.63 33.23
C ALA B 1025 -14.87 -16.65 33.53
N ALA B 1026 -15.45 -17.22 32.47
CA ALA B 1026 -16.44 -18.27 32.60
C ALA B 1026 -15.93 -19.42 33.45
N THR B 1027 -14.70 -19.85 33.15
CA THR B 1027 -14.05 -20.91 33.90
C THR B 1027 -13.93 -20.53 35.35
N LYS B 1028 -13.35 -19.37 35.62
CA LYS B 1028 -13.18 -18.86 36.96
C LYS B 1028 -14.47 -18.86 37.73
N MET B 1029 -15.54 -18.41 37.10
CA MET B 1029 -16.83 -18.31 37.75
C MET B 1029 -17.31 -19.68 38.15
N SER B 1030 -17.19 -20.65 37.24
CA SER B 1030 -17.49 -22.02 37.57
C SER B 1030 -16.64 -22.51 38.73
N GLU B 1031 -15.33 -22.40 38.59
CA GLU B 1031 -14.38 -23.02 39.50
C GLU B 1031 -14.41 -22.44 40.90
N CYS B 1032 -14.63 -21.13 41.03
CA CYS B 1032 -14.40 -20.40 42.27
C CYS B 1032 -15.66 -19.93 42.95
N VAL B 1033 -16.72 -19.65 42.19
CA VAL B 1033 -17.98 -19.17 42.74
C VAL B 1033 -18.99 -20.31 42.80
N LEU B 1034 -19.08 -21.10 41.75
CA LEU B 1034 -20.02 -22.21 41.76
C LEU B 1034 -19.48 -23.42 42.51
N GLY B 1035 -18.21 -23.42 42.91
CA GLY B 1035 -17.72 -24.50 43.73
C GLY B 1035 -16.42 -24.12 44.41
N GLN B 1036 -15.79 -25.13 44.99
CA GLN B 1036 -14.50 -25.01 45.68
C GLN B 1036 -13.41 -25.69 44.88
N SER B 1037 -13.02 -25.06 43.77
CA SER B 1037 -11.93 -25.58 42.96
C SER B 1037 -10.64 -25.70 43.73
N LYS B 1038 -10.03 -26.87 43.65
CA LYS B 1038 -8.80 -27.12 44.35
C LYS B 1038 -7.59 -26.47 43.71
N ARG B 1039 -7.70 -26.00 42.47
CA ARG B 1039 -6.51 -25.76 41.66
C ARG B 1039 -5.60 -24.68 42.24
N VAL B 1040 -4.31 -24.99 42.27
CA VAL B 1040 -3.32 -24.32 43.10
C VAL B 1040 -3.24 -22.84 42.78
N ASP B 1041 -3.67 -22.01 43.71
CA ASP B 1041 -3.69 -20.56 43.57
C ASP B 1041 -4.52 -20.08 42.38
N PHE B 1042 -5.44 -20.88 41.87
CA PHE B 1042 -6.20 -20.46 40.71
C PHE B 1042 -7.21 -19.39 41.08
N CYS B 1043 -7.90 -19.57 42.21
CA CYS B 1043 -8.78 -18.55 42.76
C CYS B 1043 -8.05 -17.47 43.55
N GLY B 1044 -6.95 -16.97 43.03
CA GLY B 1044 -6.06 -16.09 43.77
C GLY B 1044 -5.13 -16.82 44.72
N LYS B 1045 -4.26 -16.04 45.33
CA LYS B 1045 -3.17 -16.58 46.14
C LYS B 1045 -3.70 -17.23 47.40
N GLY B 1046 -3.05 -18.31 47.80
CA GLY B 1046 -3.46 -19.05 48.96
C GLY B 1046 -4.59 -20.00 48.67
N TYR B 1047 -4.86 -20.85 49.65
CA TYR B 1047 -5.84 -21.92 49.51
C TYR B 1047 -7.22 -21.34 49.26
N HIS B 1048 -7.90 -21.86 48.25
CA HIS B 1048 -9.22 -21.36 47.90
C HIS B 1048 -10.24 -21.83 48.91
N LEU B 1049 -11.08 -20.89 49.37
CA LEU B 1049 -12.25 -21.21 50.18
C LEU B 1049 -13.54 -20.98 49.39
N MET B 1050 -13.85 -19.74 49.06
CA MET B 1050 -15.04 -19.42 48.29
C MET B 1050 -14.85 -18.07 47.65
N SER B 1051 -15.70 -17.77 46.67
CA SER B 1051 -15.61 -16.52 45.93
C SER B 1051 -17.01 -15.98 45.69
N PHE B 1052 -17.07 -14.70 45.33
CA PHE B 1052 -18.28 -13.95 45.06
C PHE B 1052 -18.17 -13.14 43.78
N PRO B 1053 -19.21 -13.05 42.97
CA PRO B 1053 -19.18 -12.16 41.82
C PRO B 1053 -19.64 -10.76 42.18
N GLN B 1054 -19.23 -9.80 41.35
CA GLN B 1054 -19.89 -8.51 41.30
C GLN B 1054 -19.82 -7.99 39.89
N SER B 1055 -20.86 -7.28 39.49
CA SER B 1055 -20.86 -6.62 38.19
C SER B 1055 -19.93 -5.42 38.21
N ALA B 1056 -19.34 -5.14 37.05
CA ALA B 1056 -18.67 -3.89 36.79
C ALA B 1056 -18.92 -3.52 35.34
N PRO B 1057 -18.73 -2.24 34.96
CA PRO B 1057 -19.29 -1.72 33.70
C PRO B 1057 -18.92 -2.47 32.43
N HIS B 1058 -17.72 -3.02 32.36
CA HIS B 1058 -17.34 -3.95 31.31
C HIS B 1058 -16.73 -5.21 31.88
N GLY B 1059 -16.80 -5.40 33.21
CA GLY B 1059 -16.00 -6.38 33.89
C GLY B 1059 -16.86 -7.18 34.83
N VAL B 1060 -16.30 -8.31 35.26
CA VAL B 1060 -16.67 -8.95 36.51
C VAL B 1060 -15.51 -8.73 37.45
N VAL B 1061 -15.81 -8.37 38.68
CA VAL B 1061 -14.86 -8.41 39.77
C VAL B 1061 -15.15 -9.66 40.58
N PHE B 1062 -14.11 -10.44 40.84
CA PHE B 1062 -14.18 -11.52 41.80
C PHE B 1062 -13.53 -11.04 43.08
N LEU B 1063 -14.17 -11.36 44.19
CA LEU B 1063 -13.49 -11.47 45.48
C LEU B 1063 -13.30 -12.93 45.75
N HIS B 1064 -12.06 -13.32 46.03
CA HIS B 1064 -11.75 -14.69 46.44
C HIS B 1064 -11.38 -14.67 47.91
N VAL B 1065 -12.11 -15.43 48.70
CA VAL B 1065 -11.77 -15.65 50.09
C VAL B 1065 -10.72 -16.75 50.14
N THR B 1066 -9.57 -16.45 50.75
CA THR B 1066 -8.44 -17.36 50.79
C THR B 1066 -7.91 -17.52 52.21
N TYR B 1067 -7.60 -18.77 52.55
CA TYR B 1067 -6.95 -19.15 53.79
C TYR B 1067 -5.45 -18.94 53.69
N VAL B 1068 -4.84 -18.45 54.78
CA VAL B 1068 -3.40 -18.31 54.88
C VAL B 1068 -2.88 -18.69 56.27
N PRO B 1069 -1.93 -19.62 56.43
CA PRO B 1069 -1.30 -19.83 57.74
C PRO B 1069 -0.47 -18.63 58.14
N ALA B 1070 -0.39 -18.34 59.45
CA ALA B 1070 0.15 -17.05 59.91
C ALA B 1070 1.11 -17.08 61.09
N GLN B 1071 1.32 -18.19 61.80
CA GLN B 1071 2.40 -18.28 62.79
C GLN B 1071 2.90 -19.71 62.78
N GLU B 1072 4.11 -19.94 63.29
CA GLU B 1072 4.72 -21.28 63.21
C GLU B 1072 5.56 -21.62 64.41
N LYS B 1073 5.63 -22.93 64.68
CA LYS B 1073 6.53 -23.54 65.64
C LYS B 1073 7.54 -24.34 64.85
N ASN B 1074 8.83 -24.16 65.11
CA ASN B 1074 9.81 -25.00 64.45
C ASN B 1074 9.88 -26.24 65.31
N PHE B 1075 9.54 -27.41 64.80
CA PHE B 1075 9.74 -28.59 65.63
C PHE B 1075 10.38 -29.74 64.88
N THR B 1076 11.22 -30.46 65.62
CA THR B 1076 11.90 -31.67 65.21
C THR B 1076 10.91 -32.78 64.89
N THR B 1077 10.95 -33.28 63.66
CA THR B 1077 10.04 -34.32 63.17
C THR B 1077 10.79 -35.57 62.75
N ALA B 1078 10.10 -36.71 62.88
CA ALA B 1078 10.54 -38.01 62.41
C ALA B 1078 9.51 -38.61 61.44
N PRO B 1079 9.94 -39.37 60.43
CA PRO B 1079 9.00 -39.85 59.42
C PRO B 1079 8.17 -41.04 59.84
N ALA B 1080 8.48 -41.65 60.97
CA ALA B 1080 7.73 -42.81 61.43
C ALA B 1080 7.83 -42.89 62.93
N ILE B 1081 6.98 -43.73 63.52
CA ILE B 1081 7.06 -44.07 64.93
C ILE B 1081 7.13 -45.58 65.04
N CYS B 1082 7.87 -46.05 66.03
CA CYS B 1082 7.97 -47.45 66.44
C CYS B 1082 7.30 -47.65 67.80
N HIS B 1083 6.87 -48.89 68.05
CA HIS B 1083 6.48 -49.23 69.41
C HIS B 1083 6.76 -50.68 69.76
N ASP B 1084 6.27 -51.59 68.93
CA ASP B 1084 6.40 -53.03 69.13
C ASP B 1084 7.26 -53.64 68.06
N GLY B 1085 8.21 -52.88 67.54
CA GLY B 1085 9.02 -53.29 66.40
C GLY B 1085 8.31 -53.30 65.06
N LYS B 1086 6.98 -53.23 65.00
CA LYS B 1086 6.27 -52.91 63.79
C LYS B 1086 6.26 -51.40 63.61
N ALA B 1087 6.49 -50.95 62.39
CA ALA B 1087 6.42 -49.54 62.09
C ALA B 1087 4.98 -49.04 62.17
N HIS B 1088 4.83 -47.76 62.52
CA HIS B 1088 3.58 -47.04 62.41
C HIS B 1088 3.74 -45.81 61.54
N PHE B 1089 2.69 -45.47 60.80
CA PHE B 1089 2.57 -44.26 60.00
C PHE B 1089 1.31 -43.48 60.32
N PRO B 1090 1.31 -42.16 60.13
CA PRO B 1090 0.10 -41.39 60.42
C PRO B 1090 -0.96 -41.55 59.37
N ARG B 1091 -2.22 -41.46 59.80
CA ARG B 1091 -3.31 -41.53 58.84
C ARG B 1091 -3.34 -40.32 57.94
N GLU B 1092 -2.89 -39.16 58.41
CA GLU B 1092 -2.95 -37.93 57.63
C GLU B 1092 -1.78 -36.98 57.85
N GLY B 1093 -1.30 -36.87 59.07
CA GLY B 1093 -0.45 -35.77 59.46
C GLY B 1093 1.03 -36.04 59.36
N VAL B 1094 1.75 -35.42 60.27
CA VAL B 1094 3.18 -35.60 60.46
C VAL B 1094 3.34 -35.76 61.96
N PHE B 1095 4.37 -36.46 62.38
CA PHE B 1095 4.65 -36.60 63.79
C PHE B 1095 5.48 -35.43 64.30
N VAL B 1096 5.12 -34.94 65.49
CA VAL B 1096 5.84 -33.91 66.22
C VAL B 1096 5.72 -34.22 67.69
N SER B 1097 6.50 -33.51 68.49
CA SER B 1097 6.47 -33.58 69.96
C SER B 1097 6.52 -32.18 70.57
N ASN B 1098 6.50 -32.11 71.91
CA ASN B 1098 6.70 -30.86 72.61
C ASN B 1098 7.98 -30.94 73.46
N GLY B 1099 8.88 -31.88 73.10
CA GLY B 1099 10.14 -32.12 73.77
C GLY B 1099 10.14 -33.45 74.51
N THR B 1100 8.94 -33.93 74.86
CA THR B 1100 8.75 -35.22 75.51
C THR B 1100 7.52 -35.97 74.93
N HIS B 1101 6.33 -35.41 75.13
CA HIS B 1101 5.09 -36.00 74.65
C HIS B 1101 4.89 -35.83 73.13
N TRP B 1102 5.24 -36.85 72.32
CA TRP B 1102 5.07 -36.95 70.89
C TRP B 1102 3.60 -36.85 70.50
N PHE B 1103 3.31 -36.54 69.27
CA PHE B 1103 1.98 -36.31 68.79
C PHE B 1103 1.97 -36.47 67.26
N VAL B 1104 0.78 -36.45 66.76
CA VAL B 1104 0.49 -36.31 65.33
C VAL B 1104 -0.50 -35.16 65.16
N THR B 1105 -0.33 -34.37 64.10
CA THR B 1105 -1.15 -33.19 63.87
C THR B 1105 -1.35 -33.00 62.39
N GLN B 1106 -2.51 -32.46 62.03
CA GLN B 1106 -2.83 -32.19 60.64
C GLN B 1106 -1.95 -31.08 60.11
N ARG B 1107 -1.52 -31.26 58.88
CA ARG B 1107 -0.37 -30.59 58.30
C ARG B 1107 -0.60 -29.15 57.87
N ASN B 1108 -1.67 -28.49 58.31
CA ASN B 1108 -1.91 -27.09 57.99
C ASN B 1108 -2.36 -26.26 59.17
N PHE B 1109 -2.49 -26.83 60.36
CA PHE B 1109 -2.83 -26.08 61.55
C PHE B 1109 -2.48 -26.93 62.74
N TYR B 1110 -1.68 -26.38 63.63
CA TYR B 1110 -1.12 -27.18 64.71
C TYR B 1110 -2.23 -27.54 65.68
N GLU B 1111 -2.58 -28.81 65.76
CA GLU B 1111 -3.67 -29.29 66.60
C GLU B 1111 -3.29 -30.63 67.22
N PRO B 1112 -2.27 -30.64 68.09
CA PRO B 1112 -1.65 -31.90 68.54
C PRO B 1112 -2.61 -32.88 69.18
N GLN B 1113 -2.60 -34.11 68.68
CA GLN B 1113 -3.38 -35.22 69.22
C GLN B 1113 -2.43 -36.33 69.61
N ILE B 1114 -2.75 -37.00 70.72
CA ILE B 1114 -1.91 -38.10 71.20
C ILE B 1114 -2.01 -39.26 70.24
N ILE B 1115 -0.87 -39.92 70.01
CA ILE B 1115 -0.82 -41.05 69.09
C ILE B 1115 -1.68 -42.15 69.64
N THR B 1116 -2.43 -42.77 68.75
CA THR B 1116 -3.33 -43.87 69.07
C THR B 1116 -3.12 -44.99 68.07
N THR B 1117 -3.62 -46.16 68.45
CA THR B 1117 -3.89 -47.25 67.53
C THR B 1117 -4.61 -46.79 66.27
N ASP B 1118 -5.54 -45.86 66.42
CA ASP B 1118 -6.44 -45.54 65.33
C ASP B 1118 -5.76 -44.61 64.35
N ASN B 1119 -5.21 -43.51 64.85
CA ASN B 1119 -4.52 -42.60 63.97
C ASN B 1119 -3.17 -43.12 63.50
N THR B 1120 -2.72 -44.28 63.97
CA THR B 1120 -1.66 -45.01 63.31
C THR B 1120 -2.25 -46.11 62.44
N PHE B 1121 -1.38 -46.66 61.59
CA PHE B 1121 -1.58 -47.95 60.96
C PHE B 1121 -0.18 -48.46 60.69
N VAL B 1122 -0.06 -49.75 60.36
CA VAL B 1122 1.21 -50.45 60.44
C VAL B 1122 1.57 -51.12 59.13
N SER B 1123 2.86 -51.30 58.94
CA SER B 1123 3.40 -52.07 57.82
C SER B 1123 4.88 -52.38 58.04
N GLY B 1124 5.22 -53.66 58.10
CA GLY B 1124 6.60 -54.09 58.24
C GLY B 1124 7.24 -53.67 59.56
N ASN B 1125 8.52 -54.02 59.67
CA ASN B 1125 9.27 -53.69 60.86
C ASN B 1125 9.59 -52.20 60.91
N CYS B 1126 9.94 -51.75 62.11
CA CYS B 1126 10.43 -50.40 62.37
C CYS B 1126 11.73 -50.04 61.66
N ASP B 1127 12.47 -51.01 61.10
CA ASP B 1127 13.90 -50.85 60.90
C ASP B 1127 14.33 -50.50 59.47
N VAL B 1128 13.48 -50.76 58.47
CA VAL B 1128 13.85 -50.50 57.08
C VAL B 1128 13.65 -49.03 56.72
N VAL B 1129 12.78 -48.31 57.42
CA VAL B 1129 12.65 -46.88 57.20
C VAL B 1129 13.93 -46.18 57.62
N ILE B 1130 14.14 -44.97 57.08
CA ILE B 1130 15.35 -44.19 57.37
C ILE B 1130 15.51 -43.90 58.85
N GLY B 1131 14.44 -43.56 59.55
CA GLY B 1131 14.57 -43.12 60.93
C GLY B 1131 13.24 -43.26 61.63
N ILE B 1132 13.29 -43.50 62.94
CA ILE B 1132 12.09 -43.80 63.69
C ILE B 1132 12.29 -43.47 65.15
N VAL B 1133 11.17 -43.34 65.88
CA VAL B 1133 11.17 -43.00 67.30
C VAL B 1133 10.12 -43.84 68.01
N ASN B 1134 10.38 -44.12 69.30
CA ASN B 1134 9.56 -45.02 70.12
C ASN B 1134 8.55 -44.26 70.98
N ASN B 1135 7.30 -44.72 71.05
CA ASN B 1135 6.22 -44.02 71.74
C ASN B 1135 5.11 -44.99 72.15
N THR B 1136 4.27 -44.56 73.11
CA THR B 1136 3.13 -45.34 73.64
C THR B 1136 1.90 -45.30 72.73
N VAL B 1137 2.02 -45.95 71.57
CA VAL B 1137 1.04 -45.82 70.50
C VAL B 1137 -0.36 -46.26 70.91
N TYR B 1138 -0.48 -47.20 71.83
CA TYR B 1138 -1.77 -47.85 72.09
C TYR B 1138 -2.80 -46.89 72.70
N ASP B 1139 -4.02 -46.95 72.17
CA ASP B 1139 -5.19 -46.34 72.78
C ASP B 1139 -5.68 -47.15 73.98
N PRO B 1140 -6.46 -46.53 74.91
CA PRO B 1140 -6.81 -47.22 76.17
C PRO B 1140 -7.94 -48.24 76.03
N LEU B 1141 -8.07 -48.90 74.87
CA LEU B 1141 -9.09 -49.92 74.66
C LEU B 1141 -9.00 -51.05 75.67
N GLN B 1142 -7.81 -51.50 76.00
CA GLN B 1142 -7.71 -52.51 77.06
C GLN B 1142 -8.19 -51.97 78.40
N PRO B 1143 -7.82 -50.76 78.83
CA PRO B 1143 -8.51 -50.13 79.97
C PRO B 1143 -10.02 -50.06 79.85
N GLU B 1144 -10.55 -49.90 78.66
CA GLU B 1144 -12.00 -49.98 78.49
C GLU B 1144 -12.50 -51.39 78.75
N LEU B 1145 -11.79 -52.41 78.26
CA LEU B 1145 -12.28 -53.78 78.40
C LEU B 1145 -12.24 -54.27 79.84
N ASP B 1146 -11.34 -53.75 80.66
CA ASP B 1146 -11.34 -54.11 82.07
C ASP B 1146 -12.63 -53.68 82.78
N GLN C 14 38.71 -12.08 -53.26
CA GLN C 14 38.28 -13.10 -52.26
C GLN C 14 39.52 -13.51 -51.44
N CYS C 15 39.37 -13.64 -50.12
CA CYS C 15 40.45 -14.22 -49.32
C CYS C 15 40.64 -15.67 -49.73
N VAL C 16 41.90 -16.13 -49.71
CA VAL C 16 42.26 -17.43 -50.26
C VAL C 16 41.67 -18.55 -49.41
N ASN C 17 40.98 -19.48 -50.07
CA ASN C 17 40.27 -20.53 -49.36
C ASN C 17 41.23 -21.44 -48.62
N LEU C 18 40.83 -21.78 -47.41
CA LEU C 18 41.41 -22.84 -46.59
C LEU C 18 41.03 -24.23 -47.14
N THR C 19 41.24 -25.28 -46.33
CA THR C 19 41.25 -26.68 -46.72
C THR C 19 40.49 -27.48 -45.68
N THR C 20 40.21 -28.75 -46.03
CA THR C 20 39.92 -29.86 -45.10
C THR C 20 38.93 -29.50 -44.00
N ARG C 21 37.71 -29.16 -44.43
CA ARG C 21 36.77 -28.40 -43.63
C ARG C 21 35.31 -28.86 -43.72
N THR C 22 34.98 -29.88 -44.52
CA THR C 22 33.66 -30.51 -44.43
C THR C 22 33.59 -31.31 -43.14
N GLN C 23 32.88 -30.75 -42.16
CA GLN C 23 32.97 -31.21 -40.79
C GLN C 23 32.38 -32.61 -40.64
N LEU C 24 32.67 -33.22 -39.48
CA LEU C 24 31.94 -34.33 -38.91
C LEU C 24 31.00 -33.84 -37.79
N PRO C 25 29.99 -34.64 -37.41
CA PRO C 25 28.91 -34.15 -36.51
C PRO C 25 29.41 -33.69 -35.15
N PRO C 26 28.57 -32.91 -34.43
CA PRO C 26 29.00 -32.33 -33.16
C PRO C 26 29.05 -33.32 -31.97
N ALA C 27 30.13 -33.27 -31.21
CA ALA C 27 30.36 -34.12 -30.03
C ALA C 27 29.59 -33.62 -28.81
N TYR C 28 28.35 -34.12 -28.70
CA TYR C 28 27.43 -34.00 -27.58
C TYR C 28 28.22 -34.36 -26.35
N THR C 29 28.28 -33.52 -25.33
CA THR C 29 29.05 -33.86 -24.14
C THR C 29 28.57 -33.11 -22.91
N ASN C 30 28.90 -33.69 -21.75
CA ASN C 30 28.42 -33.21 -20.46
C ASN C 30 29.26 -32.03 -19.97
N SER C 31 28.56 -30.95 -19.59
CA SER C 31 29.12 -29.80 -18.88
C SER C 31 29.93 -30.10 -17.64
N PHE C 32 29.65 -31.20 -16.97
CA PHE C 32 30.08 -31.44 -15.60
C PHE C 32 29.80 -30.29 -14.62
N THR C 33 28.83 -29.43 -14.91
CA THR C 33 28.50 -28.25 -14.11
C THR C 33 29.59 -27.19 -14.01
N ARG C 34 30.59 -27.17 -14.87
CA ARG C 34 31.50 -26.03 -14.92
C ARG C 34 30.78 -24.75 -15.33
N GLY C 35 31.52 -23.64 -15.26
CA GLY C 35 30.99 -22.36 -15.69
C GLY C 35 30.18 -21.57 -14.69
N VAL C 36 30.44 -21.76 -13.41
CA VAL C 36 29.94 -20.82 -12.42
C VAL C 36 30.74 -19.53 -12.52
N TYR C 37 30.08 -18.40 -12.28
CA TYR C 37 30.80 -17.13 -12.33
C TYR C 37 30.15 -16.10 -11.43
N TYR C 38 30.96 -15.14 -11.02
CA TYR C 38 30.54 -14.14 -10.06
C TYR C 38 29.55 -13.15 -10.69
N PRO C 39 28.36 -12.94 -10.13
CA PRO C 39 27.38 -12.13 -10.84
C PRO C 39 27.53 -10.64 -10.63
N ASP C 40 28.27 -10.21 -9.61
CA ASP C 40 28.18 -8.84 -9.14
C ASP C 40 29.54 -8.38 -8.64
N LYS C 41 29.59 -7.16 -8.13
CA LYS C 41 30.74 -6.61 -7.43
C LYS C 41 30.79 -6.93 -5.94
N VAL C 42 29.86 -7.71 -5.41
CA VAL C 42 29.52 -7.63 -3.99
C VAL C 42 30.36 -8.62 -3.21
N PHE C 43 31.02 -8.14 -2.18
CA PHE C 43 31.56 -9.02 -1.15
C PHE C 43 30.47 -9.60 -0.27
N ARG C 44 30.51 -10.92 -0.12
CA ARG C 44 29.59 -11.69 0.71
C ARG C 44 30.49 -12.68 1.42
N SER C 45 30.14 -13.07 2.65
CA SER C 45 30.92 -14.13 3.29
C SER C 45 30.15 -14.93 4.33
N SER C 46 30.51 -16.21 4.42
CA SER C 46 29.90 -17.21 5.30
C SER C 46 28.38 -17.19 5.22
N VAL C 47 27.89 -17.06 4.00
CA VAL C 47 26.51 -16.71 3.75
C VAL C 47 26.12 -17.36 2.45
N LEU C 48 24.81 -17.50 2.24
CA LEU C 48 24.24 -18.09 1.04
C LEU C 48 23.30 -17.07 0.41
N HIS C 49 23.26 -17.06 -0.92
CA HIS C 49 22.50 -16.05 -1.62
C HIS C 49 22.07 -16.65 -2.95
N SER C 50 20.97 -16.14 -3.49
CA SER C 50 20.40 -16.63 -4.73
C SER C 50 20.16 -15.50 -5.69
N THR C 51 20.27 -15.83 -6.98
CA THR C 51 20.16 -14.86 -8.05
C THR C 51 19.78 -15.61 -9.33
N GLN C 52 19.55 -14.84 -10.38
CA GLN C 52 19.32 -15.38 -11.71
C GLN C 52 20.08 -14.61 -12.78
N ASP C 53 20.57 -15.35 -13.77
CA ASP C 53 21.31 -14.80 -14.90
C ASP C 53 21.30 -15.81 -16.04
N LEU C 54 21.85 -15.37 -17.18
CA LEU C 54 22.33 -16.31 -18.18
C LEU C 54 23.49 -17.12 -17.62
N PHE C 55 23.30 -18.43 -17.57
CA PHE C 55 24.31 -19.35 -17.06
C PHE C 55 24.44 -20.57 -17.95
N LEU C 56 25.61 -21.17 -17.85
CA LEU C 56 25.81 -22.51 -18.33
C LEU C 56 25.09 -23.47 -17.40
N PRO C 57 24.08 -24.22 -17.85
CA PRO C 57 23.33 -25.03 -16.89
C PRO C 57 24.08 -26.31 -16.54
N PHE C 58 23.73 -26.86 -15.40
CA PHE C 58 24.41 -28.03 -14.87
C PHE C 58 24.07 -29.25 -15.68
N PHE C 59 25.08 -30.11 -15.90
CA PHE C 59 24.98 -31.23 -16.82
C PHE C 59 24.50 -30.85 -18.21
N SER C 60 24.76 -29.60 -18.64
CA SER C 60 24.38 -29.17 -19.96
C SER C 60 25.07 -29.99 -21.05
N ASN C 61 24.33 -30.13 -22.14
CA ASN C 61 24.79 -30.84 -23.24
C ASN C 61 25.49 -29.79 -24.04
N VAL C 62 26.76 -29.54 -23.65
CA VAL C 62 27.68 -28.73 -24.42
C VAL C 62 28.37 -29.59 -25.46
N THR C 63 29.37 -29.03 -26.13
CA THR C 63 30.08 -29.77 -27.16
C THR C 63 31.55 -29.38 -27.20
N TRP C 64 32.33 -30.35 -27.67
CA TRP C 64 33.77 -30.34 -27.83
C TRP C 64 34.12 -30.16 -29.30
N PHE C 65 35.14 -29.35 -29.56
CA PHE C 65 35.45 -28.87 -30.89
C PHE C 65 36.96 -28.82 -31.00
N HIS C 66 37.44 -28.99 -32.23
CA HIS C 66 38.84 -29.32 -32.43
C HIS C 66 39.29 -29.10 -33.87
N ALA C 67 40.39 -28.37 -34.04
CA ALA C 67 41.14 -28.39 -35.28
C ALA C 67 41.96 -29.66 -35.47
N ILE C 68 41.33 -30.82 -35.56
CA ILE C 68 41.99 -32.13 -35.52
C ILE C 68 42.88 -32.41 -36.73
N HIS C 69 43.81 -31.51 -37.08
CA HIS C 69 44.74 -31.79 -38.15
C HIS C 69 45.66 -32.96 -37.80
N VAL C 70 46.20 -32.95 -36.58
CA VAL C 70 47.21 -33.90 -36.14
C VAL C 70 48.40 -33.93 -37.08
N THR C 76 41.47 -36.81 -37.68
CA THR C 76 42.78 -36.34 -38.13
C THR C 76 42.64 -35.52 -39.39
N LYS C 77 43.75 -34.85 -39.75
CA LYS C 77 43.92 -34.16 -41.03
C LYS C 77 42.81 -33.16 -41.39
N ARG C 78 42.13 -32.56 -40.40
CA ARG C 78 40.99 -31.67 -40.66
C ARG C 78 41.03 -30.50 -39.69
N PHE C 79 40.38 -29.39 -40.05
CA PHE C 79 40.23 -28.31 -39.10
C PHE C 79 38.98 -27.49 -39.38
N ASP C 80 38.69 -26.57 -38.46
CA ASP C 80 37.40 -25.89 -38.44
C ASP C 80 37.46 -24.67 -37.55
N ASN C 81 36.96 -23.52 -38.02
CA ASN C 81 36.56 -22.44 -37.13
C ASN C 81 35.58 -21.44 -37.76
N PRO C 82 34.56 -21.86 -38.55
CA PRO C 82 33.66 -20.90 -39.17
C PRO C 82 32.78 -20.17 -38.17
N VAL C 83 31.92 -19.30 -38.68
CA VAL C 83 30.99 -18.57 -37.83
C VAL C 83 30.08 -19.52 -37.07
N LEU C 84 30.14 -19.43 -35.76
CA LEU C 84 29.25 -20.01 -34.79
C LEU C 84 28.33 -18.91 -34.26
N PRO C 85 27.05 -19.17 -34.02
CA PRO C 85 26.18 -18.10 -33.53
C PRO C 85 26.37 -17.83 -32.05
N PHE C 86 26.56 -16.55 -31.71
CA PHE C 86 26.50 -16.13 -30.31
C PHE C 86 25.02 -16.07 -30.00
N ASN C 87 24.48 -17.18 -29.52
CA ASN C 87 23.06 -17.27 -29.23
C ASN C 87 22.72 -16.61 -27.91
N ASP C 88 23.09 -15.35 -27.72
CA ASP C 88 22.85 -14.63 -26.48
C ASP C 88 23.55 -15.31 -25.31
N GLY C 89 24.88 -15.40 -25.44
CA GLY C 89 25.79 -15.83 -24.37
C GLY C 89 26.52 -17.12 -24.69
N VAL C 90 27.84 -17.08 -24.49
CA VAL C 90 28.74 -18.15 -24.90
C VAL C 90 29.62 -18.53 -23.73
N TYR C 91 29.85 -19.84 -23.60
CA TYR C 91 30.83 -20.44 -22.69
C TYR C 91 31.97 -21.04 -23.49
N PHE C 92 33.19 -20.87 -23.00
CA PHE C 92 34.37 -21.44 -23.63
C PHE C 92 35.23 -22.12 -22.58
N ALA C 93 35.88 -23.22 -23.00
CA ALA C 93 36.98 -23.82 -22.24
C ALA C 93 38.04 -24.35 -23.19
N SER C 94 39.31 -24.14 -22.81
CA SER C 94 40.41 -24.91 -23.39
C SER C 94 41.58 -24.97 -22.43
N THR C 95 42.17 -26.16 -22.36
CA THR C 95 43.50 -26.33 -21.80
C THR C 95 44.53 -25.73 -22.73
N GLU C 96 45.66 -25.31 -22.15
CA GLU C 96 46.65 -24.50 -22.86
C GLU C 96 47.17 -25.22 -24.09
N LYS C 97 47.86 -26.35 -23.87
CA LYS C 97 48.42 -27.27 -24.88
C LYS C 97 48.94 -26.57 -26.14
N SER C 98 49.94 -25.72 -25.92
CA SER C 98 50.59 -24.90 -26.95
C SER C 98 49.72 -23.78 -27.50
N ASN C 99 48.68 -23.38 -26.75
CA ASN C 99 48.04 -22.06 -26.80
C ASN C 99 47.64 -21.60 -28.20
N ILE C 100 47.16 -22.55 -29.01
CA ILE C 100 46.94 -22.31 -30.45
C ILE C 100 45.94 -21.18 -30.66
N ILE C 101 44.97 -21.08 -29.77
CA ILE C 101 43.97 -20.03 -29.86
C ILE C 101 44.63 -18.74 -29.42
N ARG C 102 44.39 -17.68 -30.18
CA ARG C 102 44.91 -16.36 -29.88
C ARG C 102 43.81 -15.31 -29.76
N GLY C 103 42.61 -15.73 -29.37
CA GLY C 103 41.46 -14.85 -29.15
C GLY C 103 40.21 -15.17 -29.95
N TRP C 104 39.35 -14.17 -30.11
CA TRP C 104 38.08 -14.35 -30.80
C TRP C 104 37.67 -13.03 -31.43
N ILE C 105 36.76 -13.15 -32.39
CA ILE C 105 36.12 -12.02 -33.07
C ILE C 105 34.62 -12.14 -32.91
N PHE C 106 33.95 -10.99 -32.92
CA PHE C 106 32.55 -10.90 -32.59
C PHE C 106 31.87 -9.86 -33.46
N GLY C 107 30.57 -10.02 -33.56
CA GLY C 107 29.69 -9.05 -34.19
C GLY C 107 28.42 -9.78 -34.56
N THR C 108 27.92 -9.53 -35.76
CA THR C 108 26.88 -10.38 -36.33
C THR C 108 27.14 -10.63 -37.79
N THR C 109 27.17 -9.56 -38.59
CA THR C 109 27.50 -9.71 -40.01
C THR C 109 28.94 -10.15 -40.22
N LEU C 110 29.82 -9.86 -39.26
CA LEU C 110 31.23 -10.24 -39.31
C LEU C 110 31.89 -9.81 -40.63
N ASP C 111 31.68 -8.54 -40.97
CA ASP C 111 32.19 -7.98 -42.21
C ASP C 111 32.36 -6.49 -42.02
N SER C 112 32.93 -5.84 -43.03
CA SER C 112 33.06 -4.38 -43.01
C SER C 112 31.79 -3.62 -43.37
N LYS C 113 30.60 -4.21 -43.19
CA LYS C 113 29.32 -3.59 -43.47
C LYS C 113 28.46 -3.55 -42.22
N THR C 114 28.98 -4.02 -41.10
CA THR C 114 28.56 -3.55 -39.79
C THR C 114 29.82 -3.39 -38.95
N GLN C 115 29.80 -2.40 -38.07
CA GLN C 115 30.82 -2.27 -37.03
C GLN C 115 30.98 -3.55 -36.24
N SER C 116 32.24 -3.94 -36.05
CA SER C 116 32.62 -5.29 -35.68
C SER C 116 33.88 -5.24 -34.83
N LEU C 117 34.07 -6.29 -34.03
CA LEU C 117 34.94 -6.31 -32.87
C LEU C 117 35.99 -7.40 -32.99
N LEU C 118 37.24 -7.03 -32.68
CA LEU C 118 38.36 -7.95 -32.60
C LEU C 118 38.89 -8.02 -31.18
N ILE C 119 39.10 -9.24 -30.70
CA ILE C 119 39.95 -9.51 -29.56
C ILE C 119 41.08 -10.38 -30.07
N VAL C 120 42.33 -9.92 -29.91
CA VAL C 120 43.51 -10.70 -30.24
C VAL C 120 44.52 -10.69 -29.11
N ASN C 121 45.02 -11.88 -28.78
CA ASN C 121 46.11 -12.08 -27.85
C ASN C 121 47.43 -12.06 -28.62
N ASN C 122 47.80 -10.87 -29.08
CA ASN C 122 49.06 -10.75 -29.79
C ASN C 122 50.22 -10.97 -28.82
N ALA C 123 51.35 -11.43 -29.36
CA ALA C 123 52.54 -11.61 -28.56
C ALA C 123 53.00 -10.30 -27.94
N THR C 124 52.78 -9.20 -28.65
CA THR C 124 53.05 -7.89 -28.06
C THR C 124 52.10 -7.64 -26.92
N ASN C 125 50.82 -7.91 -27.12
CA ASN C 125 49.78 -7.38 -26.26
C ASN C 125 48.51 -8.20 -26.46
N VAL C 126 47.67 -8.23 -25.42
CA VAL C 126 46.25 -8.43 -25.66
C VAL C 126 45.72 -7.12 -26.22
N VAL C 127 45.07 -7.20 -27.37
CA VAL C 127 44.65 -6.02 -28.12
C VAL C 127 43.18 -6.16 -28.51
N ILE C 128 42.45 -5.06 -28.34
CA ILE C 128 41.04 -4.95 -28.64
C ILE C 128 40.87 -3.77 -29.56
N LYS C 129 40.10 -3.96 -30.63
CA LYS C 129 39.66 -2.86 -31.46
C LYS C 129 38.25 -3.15 -31.96
N VAL C 130 37.51 -2.08 -32.23
CA VAL C 130 36.18 -2.16 -32.81
C VAL C 130 36.17 -1.23 -34.01
N CYS C 131 36.26 -1.81 -35.22
CA CYS C 131 36.64 -1.05 -36.41
C CYS C 131 35.98 -1.53 -37.71
N GLU C 132 34.86 -2.23 -37.64
CA GLU C 132 34.11 -2.64 -38.84
C GLU C 132 35.01 -3.44 -39.78
N PHE C 133 35.69 -4.43 -39.20
CA PHE C 133 36.73 -5.15 -39.91
C PHE C 133 36.08 -5.91 -41.05
N GLN C 134 36.71 -5.87 -42.23
CA GLN C 134 36.50 -6.91 -43.25
C GLN C 134 37.29 -8.15 -42.83
N PHE C 135 36.75 -8.84 -41.83
CA PHE C 135 37.22 -10.18 -41.50
C PHE C 135 37.25 -11.06 -42.73
N CYS C 136 38.34 -11.79 -42.92
CA CYS C 136 38.38 -12.68 -44.06
C CYS C 136 37.46 -13.86 -43.83
N ASN C 137 36.86 -14.32 -44.92
CA ASN C 137 36.15 -15.60 -44.91
C ASN C 137 37.03 -16.74 -44.44
N ASP C 138 38.34 -16.62 -44.64
CA ASP C 138 39.34 -17.55 -44.17
C ASP C 138 40.24 -16.74 -43.22
N PRO C 139 39.73 -16.36 -42.06
CA PRO C 139 40.50 -15.45 -41.19
C PRO C 139 41.47 -16.22 -40.31
N PHE C 140 42.63 -15.63 -40.11
CA PHE C 140 43.64 -16.24 -39.26
C PHE C 140 44.61 -15.15 -38.86
N LEU C 141 45.51 -15.51 -37.95
CA LEU C 141 46.81 -14.87 -37.81
C LEU C 141 47.87 -15.87 -38.22
N GLY C 142 48.75 -15.42 -39.10
CA GLY C 142 49.81 -16.26 -39.61
C GLY C 142 51.07 -16.23 -38.80
N VAL C 143 51.76 -17.37 -38.78
CA VAL C 143 53.16 -17.45 -38.39
C VAL C 143 53.84 -18.33 -39.42
N TYR C 144 55.03 -17.90 -39.87
CA TYR C 144 55.70 -18.46 -41.04
C TYR C 144 57.19 -18.57 -40.80
N TYR C 145 57.76 -19.66 -41.30
CA TYR C 145 59.20 -19.97 -41.28
C TYR C 145 60.06 -19.18 -42.28
N HIS C 146 59.59 -18.03 -42.77
CA HIS C 146 60.44 -17.18 -43.61
C HIS C 146 61.53 -16.46 -42.82
N LYS C 147 61.49 -16.51 -41.48
CA LYS C 147 62.58 -16.13 -40.57
C LYS C 147 63.18 -14.75 -40.87
N ASN C 148 62.30 -13.77 -41.03
CA ASN C 148 62.70 -12.36 -41.01
C ASN C 148 63.35 -11.93 -39.69
N ASN C 149 63.19 -12.71 -38.63
CA ASN C 149 64.09 -12.73 -37.48
C ASN C 149 64.39 -14.18 -37.15
N LYS C 150 65.48 -14.37 -36.39
CA LYS C 150 66.05 -15.69 -36.17
C LYS C 150 65.06 -16.66 -35.53
N SER C 151 64.23 -16.17 -34.60
CA SER C 151 63.15 -16.96 -34.02
C SER C 151 61.87 -16.69 -34.79
N TRP C 152 61.33 -17.72 -35.42
CA TRP C 152 60.09 -17.63 -36.18
C TRP C 152 58.87 -17.27 -35.30
N MET C 153 58.27 -16.11 -35.56
CA MET C 153 57.28 -15.50 -34.66
C MET C 153 56.11 -14.80 -35.33
N GLU C 154 56.12 -14.57 -36.64
CA GLU C 154 55.08 -13.77 -37.26
C GLU C 154 54.90 -14.19 -38.71
N SER C 155 53.76 -13.80 -39.27
CA SER C 155 53.56 -13.75 -40.71
C SER C 155 52.49 -12.69 -40.98
N GLU C 156 52.17 -12.50 -42.27
CA GLU C 156 51.03 -11.68 -42.66
C GLU C 156 49.75 -12.13 -41.95
N PHE C 157 49.02 -11.14 -41.41
CA PHE C 157 47.93 -11.44 -40.50
C PHE C 157 46.78 -12.12 -41.20
N ARG C 158 46.09 -11.34 -42.05
CA ARG C 158 44.85 -11.75 -42.73
C ARG C 158 43.81 -12.39 -41.79
N VAL C 159 43.78 -11.96 -40.52
CA VAL C 159 42.51 -12.03 -39.79
C VAL C 159 41.43 -11.29 -40.56
N TYR C 160 41.81 -10.17 -41.18
CA TYR C 160 40.92 -9.29 -41.90
C TYR C 160 41.65 -8.78 -43.12
N SER C 161 40.87 -8.33 -44.09
CA SER C 161 41.32 -7.31 -45.01
C SER C 161 41.02 -5.94 -44.39
N SER C 162 41.86 -4.97 -44.71
CA SER C 162 41.99 -3.73 -43.95
C SER C 162 40.86 -2.71 -44.11
N ALA C 163 39.69 -3.08 -44.60
CA ALA C 163 38.59 -2.12 -44.67
C ALA C 163 38.10 -1.82 -43.27
N ASN C 164 38.14 -0.53 -42.89
CA ASN C 164 37.82 -0.13 -41.53
C ASN C 164 37.24 1.28 -41.45
N ASN C 165 36.50 1.50 -40.34
CA ASN C 165 35.81 2.69 -39.83
C ASN C 165 36.04 2.39 -38.33
N CYS C 166 36.55 3.33 -37.53
CA CYS C 166 36.92 2.96 -36.17
C CYS C 166 36.20 3.77 -35.11
N THR C 167 35.96 3.09 -33.99
CA THR C 167 35.36 3.67 -32.80
C THR C 167 36.07 3.31 -31.51
N PHE C 168 36.88 2.26 -31.47
CA PHE C 168 37.53 1.88 -30.22
C PHE C 168 38.85 1.17 -30.49
N GLU C 169 39.74 1.31 -29.51
CA GLU C 169 40.91 0.48 -29.30
C GLU C 169 41.10 0.30 -27.80
N TYR C 170 41.57 -0.88 -27.41
CA TYR C 170 42.26 -1.03 -26.13
C TYR C 170 43.38 -2.05 -26.28
N VAL C 171 44.46 -1.85 -25.53
CA VAL C 171 45.69 -2.63 -25.59
C VAL C 171 46.12 -2.99 -24.18
N SER C 172 46.50 -4.26 -23.98
CA SER C 172 46.67 -4.88 -22.67
C SER C 172 47.84 -5.84 -22.77
N GLN C 173 48.29 -6.30 -21.60
CA GLN C 173 49.40 -7.24 -21.53
C GLN C 173 49.12 -8.51 -22.34
N PRO C 174 50.12 -9.09 -23.04
CA PRO C 174 49.85 -10.29 -23.83
C PRO C 174 49.54 -11.51 -23.00
N PHE C 175 48.69 -12.37 -23.56
CA PHE C 175 48.54 -13.76 -23.12
C PHE C 175 49.37 -14.64 -24.06
N LEU C 176 50.69 -14.51 -23.91
CA LEU C 176 51.65 -15.13 -24.82
C LEU C 176 52.29 -16.33 -24.15
N MET C 177 52.35 -17.44 -24.89
CA MET C 177 53.16 -18.62 -24.61
C MET C 177 53.73 -19.10 -25.95
N ASP C 178 54.69 -20.02 -25.87
CA ASP C 178 55.56 -20.38 -27.00
C ASP C 178 54.75 -20.88 -28.20
N LEU C 179 55.38 -20.81 -29.38
CA LEU C 179 54.72 -20.98 -30.67
C LEU C 179 55.09 -22.29 -31.34
N GLU C 180 54.07 -23.08 -31.69
CA GLU C 180 54.13 -24.04 -32.78
C GLU C 180 52.71 -24.47 -33.11
N GLY C 181 52.45 -24.74 -34.39
CA GLY C 181 51.16 -25.21 -34.88
C GLY C 181 50.87 -26.69 -34.71
N LYS C 182 51.15 -27.19 -33.52
CA LYS C 182 51.08 -28.60 -33.20
C LYS C 182 50.61 -28.72 -31.75
N GLN C 183 50.34 -29.96 -31.33
CA GLN C 183 49.70 -30.25 -30.04
C GLN C 183 50.50 -29.73 -28.84
N GLY C 184 49.95 -29.88 -27.64
CA GLY C 184 50.70 -29.64 -26.42
C GLY C 184 50.06 -30.26 -25.21
N ASN C 185 50.58 -29.88 -24.04
CA ASN C 185 50.17 -30.49 -22.77
C ASN C 185 49.02 -29.75 -22.12
N PHE C 186 48.24 -30.51 -21.36
CA PHE C 186 47.23 -29.97 -20.44
C PHE C 186 47.97 -29.48 -19.21
N LYS C 187 48.22 -28.17 -19.12
CA LYS C 187 48.85 -27.57 -17.94
C LYS C 187 47.91 -26.63 -17.19
N ASN C 188 47.31 -25.68 -17.89
CA ASN C 188 46.30 -24.79 -17.32
C ASN C 188 45.10 -24.72 -18.25
N LEU C 189 43.92 -24.66 -17.64
CA LEU C 189 42.69 -24.39 -18.35
C LEU C 189 42.45 -22.90 -18.39
N ARG C 190 42.64 -22.33 -19.58
CA ARG C 190 42.09 -21.02 -19.86
C ARG C 190 40.63 -21.23 -20.23
N GLU C 191 39.73 -20.66 -19.44
CA GLU C 191 38.30 -20.85 -19.53
C GLU C 191 37.66 -19.49 -19.44
N PHE C 192 36.65 -19.24 -20.27
CA PHE C 192 36.08 -17.89 -20.37
C PHE C 192 34.59 -17.99 -20.67
N VAL C 193 33.90 -16.91 -20.34
CA VAL C 193 32.51 -16.70 -20.64
C VAL C 193 32.34 -15.29 -21.19
N PHE C 194 31.44 -15.16 -22.15
CA PHE C 194 31.23 -13.93 -22.88
C PHE C 194 29.77 -13.57 -22.86
N LYS C 195 29.49 -12.31 -22.57
CA LYS C 195 28.13 -11.80 -22.47
C LYS C 195 28.16 -10.35 -22.89
N ASN C 196 27.08 -9.91 -23.53
CA ASN C 196 26.76 -8.51 -23.63
C ASN C 196 25.63 -8.19 -22.68
N ILE C 197 25.88 -7.27 -21.74
CA ILE C 197 24.85 -6.70 -20.89
C ILE C 197 24.35 -5.42 -21.54
N ASP C 198 23.72 -5.59 -22.71
CA ASP C 198 23.03 -4.57 -23.50
C ASP C 198 23.84 -3.29 -23.69
N GLY C 199 25.03 -3.50 -24.24
CA GLY C 199 26.00 -2.46 -24.42
C GLY C 199 27.17 -2.54 -23.49
N TYR C 200 27.42 -3.69 -22.88
CA TYR C 200 28.53 -3.88 -21.96
C TYR C 200 29.02 -5.31 -22.19
N PHE C 201 30.02 -5.45 -23.05
CA PHE C 201 30.52 -6.78 -23.34
C PHE C 201 31.44 -7.19 -22.21
N LYS C 202 30.94 -8.04 -21.35
CA LYS C 202 31.60 -8.41 -20.11
C LYS C 202 32.21 -9.78 -20.32
N ILE C 203 33.41 -9.94 -19.79
CA ILE C 203 34.21 -11.15 -19.97
C ILE C 203 34.59 -11.64 -18.60
N TYR C 204 34.60 -12.97 -18.46
CA TYR C 204 35.04 -13.66 -17.29
C TYR C 204 36.18 -14.60 -17.64
N SER C 205 37.07 -14.85 -16.67
CA SER C 205 38.22 -15.72 -16.88
C SER C 205 38.51 -16.59 -15.67
N LYS C 206 39.35 -17.61 -15.93
CA LYS C 206 40.16 -18.31 -14.95
C LYS C 206 41.27 -19.03 -15.71
N HIS C 207 42.28 -19.48 -14.99
CA HIS C 207 43.49 -20.04 -15.57
C HIS C 207 43.89 -21.32 -14.83
N THR C 208 42.90 -22.19 -14.53
CA THR C 208 43.09 -23.24 -13.51
C THR C 208 44.14 -24.27 -13.92
N PRO C 209 45.15 -24.59 -13.05
CA PRO C 209 46.11 -25.64 -13.40
C PRO C 209 45.50 -27.02 -13.43
N ILE C 210 45.45 -27.67 -14.57
CA ILE C 210 44.96 -29.04 -14.66
C ILE C 210 45.77 -29.79 -15.70
N ASN C 211 46.02 -31.07 -15.43
CA ASN C 211 46.68 -31.96 -16.36
C ASN C 211 45.97 -33.29 -16.28
N LEU C 212 45.39 -33.69 -17.40
CA LEU C 212 44.61 -34.91 -17.53
C LEU C 212 44.29 -35.08 -19.00
N VAL C 213 43.58 -36.15 -19.32
CA VAL C 213 43.01 -36.38 -20.64
C VAL C 213 41.95 -35.35 -21.02
N ARG C 214 41.44 -35.47 -22.25
CA ARG C 214 40.52 -34.52 -22.90
C ARG C 214 39.34 -34.07 -22.06
N ASP C 215 38.91 -34.87 -21.08
CA ASP C 215 37.64 -34.65 -20.41
C ASP C 215 37.69 -33.36 -19.62
N LEU C 216 36.76 -32.48 -19.92
CA LEU C 216 36.61 -31.24 -19.18
C LEU C 216 36.42 -31.60 -17.70
N PRO C 217 36.98 -30.84 -16.78
CA PRO C 217 37.08 -31.35 -15.42
C PRO C 217 35.78 -31.37 -14.65
N GLN C 218 35.71 -32.35 -13.76
CA GLN C 218 34.77 -32.35 -12.64
C GLN C 218 35.20 -31.30 -11.63
N GLY C 219 34.52 -31.28 -10.50
CA GLY C 219 34.88 -30.44 -9.37
C GLY C 219 34.20 -29.09 -9.32
N PHE C 220 34.92 -28.04 -8.93
CA PHE C 220 34.29 -26.75 -8.72
C PHE C 220 35.27 -25.61 -8.89
N SER C 221 34.78 -24.50 -9.40
CA SER C 221 35.49 -23.22 -9.35
C SER C 221 34.50 -22.17 -9.81
N ALA C 222 34.96 -20.91 -9.89
CA ALA C 222 34.21 -19.86 -10.56
C ALA C 222 35.13 -18.88 -11.27
N LEU C 223 34.71 -18.41 -12.44
CA LEU C 223 35.44 -17.37 -13.16
C LEU C 223 35.20 -16.01 -12.52
N GLU C 224 36.23 -15.24 -12.44
CA GLU C 224 36.16 -13.83 -12.05
C GLU C 224 35.83 -12.95 -13.25
N PRO C 225 35.24 -11.74 -13.05
CA PRO C 225 34.95 -10.85 -14.17
C PRO C 225 36.18 -10.12 -14.66
N LEU C 226 36.85 -10.75 -15.63
CA LEU C 226 38.06 -10.21 -16.25
C LEU C 226 37.97 -8.74 -16.61
N VAL C 227 37.01 -8.34 -17.45
CA VAL C 227 36.96 -6.97 -17.94
C VAL C 227 35.59 -6.70 -18.54
N ASP C 228 35.27 -5.42 -18.73
CA ASP C 228 34.12 -4.98 -19.50
C ASP C 228 34.51 -3.84 -20.43
N LEU C 229 33.93 -3.86 -21.63
CA LEU C 229 33.97 -2.74 -22.56
C LEU C 229 32.54 -2.27 -22.81
N PRO C 230 32.18 -1.03 -22.52
CA PRO C 230 30.97 -0.46 -23.14
C PRO C 230 31.01 -0.53 -24.66
N ILE C 231 29.91 -1.01 -25.24
CA ILE C 231 29.78 -1.17 -26.68
C ILE C 231 28.38 -0.75 -27.10
N GLY C 232 28.22 -0.50 -28.40
CA GLY C 232 26.92 -0.43 -29.05
C GLY C 232 26.54 -1.57 -29.97
N ILE C 233 27.52 -2.39 -30.39
CA ILE C 233 27.24 -3.35 -31.45
C ILE C 233 26.33 -4.47 -30.96
N ASN C 234 25.36 -4.80 -31.81
CA ASN C 234 24.43 -5.90 -31.60
C ASN C 234 25.15 -7.18 -31.99
N ILE C 235 26.00 -7.65 -31.07
CA ILE C 235 26.74 -8.88 -31.30
C ILE C 235 25.78 -10.06 -31.32
N THR C 236 25.86 -10.85 -32.39
CA THR C 236 25.07 -12.06 -32.54
C THR C 236 25.85 -13.22 -33.14
N ARG C 237 27.05 -13.00 -33.67
CA ARG C 237 27.86 -14.05 -34.27
C ARG C 237 29.32 -13.77 -33.94
N PHE C 238 30.11 -14.84 -33.95
CA PHE C 238 31.49 -14.78 -33.48
C PHE C 238 32.30 -15.94 -34.06
N GLN C 239 33.63 -15.83 -33.98
CA GLN C 239 34.49 -17.00 -34.11
C GLN C 239 35.87 -16.77 -33.53
N THR C 240 36.56 -17.89 -33.30
CA THR C 240 37.84 -17.95 -32.62
C THR C 240 38.99 -17.60 -33.55
N LEU C 241 39.97 -16.88 -33.02
CA LEU C 241 41.29 -16.77 -33.64
C LEU C 241 42.09 -18.04 -33.34
N LEU C 242 42.15 -18.95 -34.31
CA LEU C 242 43.20 -19.95 -34.34
C LEU C 242 44.49 -19.31 -34.82
N ALA C 243 45.61 -19.74 -34.23
CA ALA C 243 46.90 -19.53 -34.87
C ALA C 243 47.16 -20.59 -35.93
N LEU C 244 47.49 -20.15 -37.15
CA LEU C 244 47.85 -21.02 -38.26
C LEU C 244 49.32 -20.83 -38.59
N HIS C 245 50.07 -21.94 -38.58
CA HIS C 245 51.52 -21.94 -38.69
C HIS C 245 51.95 -22.45 -40.05
N ARG C 246 52.84 -21.72 -40.71
CA ARG C 246 53.24 -22.00 -42.08
C ARG C 246 54.64 -22.57 -42.11
N SER C 247 54.79 -23.67 -42.83
CA SER C 247 56.09 -24.20 -43.20
C SER C 247 55.93 -24.96 -44.50
N TYR C 248 57.06 -25.28 -45.12
CA TYR C 248 57.02 -25.82 -46.49
C TYR C 248 56.50 -27.25 -46.59
N LEU C 249 56.18 -27.92 -45.47
CA LEU C 249 55.43 -29.17 -45.48
C LEU C 249 53.93 -28.96 -45.31
N THR C 250 53.52 -27.79 -44.83
CA THR C 250 52.12 -27.53 -44.53
C THR C 250 51.31 -27.48 -45.83
N PRO C 251 49.96 -27.61 -45.77
CA PRO C 251 49.22 -28.06 -46.96
C PRO C 251 49.17 -27.17 -48.21
N GLY C 252 50.02 -26.16 -48.30
CA GLY C 252 50.18 -25.37 -49.51
C GLY C 252 50.86 -24.05 -49.17
N ASP C 253 50.80 -23.11 -50.11
CA ASP C 253 51.30 -21.77 -49.86
C ASP C 253 50.23 -20.91 -49.19
N SER C 254 50.70 -19.81 -48.58
CA SER C 254 49.89 -18.75 -47.95
C SER C 254 48.75 -19.32 -47.09
N SER C 255 47.47 -19.03 -47.42
CA SER C 255 46.34 -19.53 -46.65
C SER C 255 46.36 -21.06 -46.60
N SER C 256 46.73 -21.70 -47.70
CA SER C 256 46.86 -23.15 -47.74
C SER C 256 48.07 -23.66 -46.95
N GLY C 257 49.03 -22.80 -46.62
CA GLY C 257 50.01 -23.13 -45.61
C GLY C 257 49.48 -22.90 -44.20
N TRP C 258 49.33 -23.99 -43.45
CA TRP C 258 48.92 -23.89 -42.05
C TRP C 258 49.27 -25.19 -41.31
N THR C 259 49.37 -25.09 -39.99
CA THR C 259 49.22 -26.22 -39.09
C THR C 259 48.80 -25.67 -37.73
N ALA C 260 48.07 -26.52 -36.97
CA ALA C 260 47.32 -26.04 -35.82
C ALA C 260 47.11 -27.06 -34.70
N GLY C 261 47.90 -28.12 -34.64
CA GLY C 261 47.63 -29.21 -33.71
C GLY C 261 46.26 -29.86 -33.84
N ALA C 262 45.61 -30.08 -32.69
CA ALA C 262 44.18 -30.37 -32.62
C ALA C 262 43.31 -29.18 -32.28
N ALA C 263 43.87 -28.13 -31.66
CA ALA C 263 43.13 -27.01 -31.06
C ALA C 263 41.85 -27.44 -30.34
N ALA C 264 41.92 -28.52 -29.58
CA ALA C 264 40.73 -29.04 -28.95
C ALA C 264 40.20 -28.09 -27.88
N TYR C 265 38.90 -27.80 -27.98
CA TYR C 265 38.27 -26.82 -27.10
C TYR C 265 36.80 -27.18 -27.01
N TYR C 266 36.12 -26.49 -26.12
CA TYR C 266 34.71 -26.69 -25.87
C TYR C 266 33.98 -25.37 -26.04
N VAL C 267 32.74 -25.45 -26.52
CA VAL C 267 31.85 -24.30 -26.63
C VAL C 267 30.49 -24.69 -26.11
N GLY C 268 29.82 -23.73 -25.47
CA GLY C 268 28.45 -23.88 -25.04
C GLY C 268 27.78 -22.54 -24.86
N TYR C 269 26.52 -22.57 -24.44
CA TYR C 269 25.65 -21.41 -24.38
C TYR C 269 25.08 -21.15 -22.99
N LEU C 270 24.73 -19.89 -22.77
CA LEU C 270 24.31 -19.38 -21.47
C LEU C 270 22.81 -19.15 -21.44
N GLN C 271 22.10 -19.88 -20.57
CA GLN C 271 20.63 -19.87 -20.56
C GLN C 271 20.14 -19.08 -19.36
N PRO C 272 19.07 -18.30 -19.46
CA PRO C 272 18.57 -17.60 -18.26
C PRO C 272 18.05 -18.56 -17.19
N ARG C 273 18.75 -18.68 -16.07
CA ARG C 273 18.46 -19.70 -15.07
C ARG C 273 18.72 -19.11 -13.69
N THR C 274 17.91 -19.48 -12.71
CA THR C 274 18.10 -19.05 -11.35
C THR C 274 19.09 -19.99 -10.65
N PHE C 275 19.90 -19.42 -9.76
CA PHE C 275 20.93 -20.14 -9.03
C PHE C 275 20.97 -19.72 -7.57
N LEU C 276 21.44 -20.62 -6.73
CA LEU C 276 21.86 -20.35 -5.37
C LEU C 276 23.38 -20.45 -5.27
N LEU C 277 23.98 -19.54 -4.49
CA LEU C 277 25.42 -19.42 -4.34
C LEU C 277 25.77 -19.39 -2.85
N LYS C 278 26.99 -19.83 -2.56
CA LYS C 278 27.56 -19.87 -1.21
C LYS C 278 28.92 -19.22 -1.14
N TYR C 279 29.14 -18.48 -0.05
CA TYR C 279 30.36 -17.72 0.18
C TYR C 279 30.96 -18.11 1.52
N ASN C 280 32.27 -18.36 1.51
CA ASN C 280 33.00 -18.80 2.69
C ASN C 280 33.46 -17.60 3.50
N GLU C 281 34.22 -17.88 4.57
CA GLU C 281 34.88 -16.80 5.30
C GLU C 281 35.77 -15.99 4.37
N ASN C 282 36.49 -16.56 3.42
CA ASN C 282 37.27 -15.71 2.51
C ASN C 282 36.35 -14.93 1.57
N GLY C 283 35.09 -15.37 1.43
CA GLY C 283 34.29 -14.70 0.43
C GLY C 283 34.45 -15.20 -0.98
N THR C 284 35.07 -16.36 -1.17
CA THR C 284 35.01 -16.99 -2.48
C THR C 284 33.69 -17.72 -2.63
N ILE C 285 33.20 -17.77 -3.86
CA ILE C 285 32.24 -18.81 -4.20
C ILE C 285 32.84 -20.15 -3.86
N THR C 286 32.02 -21.02 -3.28
CA THR C 286 32.45 -22.35 -2.86
C THR C 286 31.43 -23.44 -3.07
N ASP C 287 30.16 -23.13 -3.27
CA ASP C 287 29.19 -24.13 -3.68
C ASP C 287 28.10 -23.44 -4.47
N ALA C 288 27.39 -24.23 -5.30
CA ALA C 288 26.37 -23.66 -6.16
C ALA C 288 25.31 -24.71 -6.49
N VAL C 289 24.11 -24.23 -6.85
CA VAL C 289 23.02 -25.09 -7.31
C VAL C 289 22.33 -24.46 -8.50
N ASP C 290 22.17 -25.25 -9.57
CA ASP C 290 21.24 -24.97 -10.66
C ASP C 290 19.83 -25.38 -10.22
N CYS C 291 18.97 -24.42 -10.10
CA CYS C 291 17.66 -24.61 -9.48
C CYS C 291 16.66 -25.35 -10.33
N ALA C 292 17.02 -25.87 -11.50
CA ALA C 292 16.09 -26.54 -12.40
C ALA C 292 16.57 -27.93 -12.80
N LEU C 293 17.71 -28.40 -12.30
CA LEU C 293 18.18 -29.74 -12.61
C LEU C 293 17.20 -30.81 -12.14
N ASP C 294 16.88 -30.81 -10.84
CA ASP C 294 16.15 -31.87 -10.19
C ASP C 294 15.34 -31.30 -9.04
N PRO C 295 14.14 -31.86 -8.75
CA PRO C 295 13.33 -31.37 -7.62
C PRO C 295 14.08 -31.22 -6.32
N LEU C 296 15.03 -32.10 -6.05
CA LEU C 296 15.87 -31.92 -4.88
C LEU C 296 16.61 -30.61 -4.97
N SER C 297 17.38 -30.45 -6.04
CA SER C 297 18.14 -29.22 -6.25
C SER C 297 17.22 -28.01 -6.25
N GLU C 298 16.08 -28.14 -6.92
CA GLU C 298 15.09 -27.07 -6.99
C GLU C 298 14.65 -26.66 -5.60
N THR C 299 14.36 -27.64 -4.76
CA THR C 299 13.93 -27.33 -3.42
C THR C 299 15.07 -26.88 -2.53
N LYS C 300 16.28 -27.34 -2.81
CA LYS C 300 17.46 -26.78 -2.15
C LYS C 300 17.54 -25.29 -2.39
N CYS C 301 17.37 -24.87 -3.64
CA CYS C 301 17.22 -23.44 -3.93
C CYS C 301 16.08 -22.85 -3.13
N THR C 302 14.93 -23.52 -3.15
CA THR C 302 13.75 -22.98 -2.48
C THR C 302 13.95 -22.83 -0.99
N LEU C 303 14.78 -23.68 -0.38
CA LEU C 303 15.01 -23.69 1.05
C LEU C 303 16.35 -23.10 1.42
N LYS C 304 16.95 -22.32 0.52
CA LYS C 304 18.14 -21.51 0.78
C LYS C 304 19.32 -22.28 1.38
N SER C 305 19.44 -23.58 1.10
CA SER C 305 20.46 -24.36 1.78
C SER C 305 20.76 -25.62 1.00
N PHE C 306 21.94 -26.16 1.26
CA PHE C 306 22.49 -27.31 0.54
C PHE C 306 22.03 -28.62 1.07
N THR C 307 20.89 -28.64 1.72
CA THR C 307 20.52 -29.74 2.55
C THR C 307 19.03 -29.79 2.49
N VAL C 308 18.47 -30.97 2.56
CA VAL C 308 17.08 -31.13 2.89
C VAL C 308 16.95 -32.23 3.90
N GLU C 309 16.08 -32.06 4.87
CA GLU C 309 15.89 -33.14 5.81
C GLU C 309 15.13 -34.27 5.14
N LYS C 310 15.04 -35.36 5.86
CA LYS C 310 14.06 -36.39 5.59
C LYS C 310 12.64 -35.87 5.71
N GLY C 311 11.89 -35.91 4.61
CA GLY C 311 10.49 -35.51 4.64
C GLY C 311 9.95 -35.17 3.26
N ILE C 312 8.92 -34.34 3.27
CA ILE C 312 8.21 -33.91 2.08
C ILE C 312 8.16 -32.41 2.16
N TYR C 313 8.25 -31.74 1.01
CA TYR C 313 8.43 -30.30 0.96
C TYR C 313 7.67 -29.78 -0.24
N GLN C 314 7.14 -28.59 -0.10
CA GLN C 314 6.47 -27.92 -1.21
C GLN C 314 7.47 -27.63 -2.31
N THR C 315 7.27 -28.28 -3.45
CA THR C 315 7.87 -27.85 -4.68
C THR C 315 7.18 -26.59 -5.17
N SER C 316 7.79 -25.95 -6.14
CA SER C 316 7.17 -24.79 -6.77
C SER C 316 6.11 -25.13 -7.79
N ASN C 317 5.64 -26.38 -7.87
CA ASN C 317 4.34 -26.72 -8.45
C ASN C 317 4.25 -26.41 -9.94
N PHE C 318 5.08 -27.15 -10.69
CA PHE C 318 5.08 -27.25 -12.16
C PHE C 318 3.65 -27.43 -12.66
N ARG C 319 3.16 -26.41 -13.35
CA ARG C 319 1.82 -26.44 -13.91
C ARG C 319 1.70 -27.55 -14.95
N VAL C 320 0.46 -27.87 -15.28
CA VAL C 320 0.16 -28.41 -16.61
C VAL C 320 0.20 -27.25 -17.61
N GLN C 321 0.89 -27.46 -18.73
CA GLN C 321 0.98 -26.47 -19.80
C GLN C 321 -0.10 -26.71 -20.84
N PRO C 322 -0.44 -25.70 -21.65
CA PRO C 322 -1.30 -25.96 -22.82
C PRO C 322 -0.59 -26.77 -23.86
N THR C 323 -1.39 -27.48 -24.67
CA THR C 323 -0.90 -28.45 -25.63
C THR C 323 -1.37 -28.20 -27.06
N GLU C 324 -2.31 -27.28 -27.28
CA GLU C 324 -2.74 -26.98 -28.64
C GLU C 324 -3.41 -25.60 -28.59
N SER C 325 -3.65 -25.03 -29.77
CA SER C 325 -4.31 -23.74 -29.91
C SER C 325 -5.32 -23.79 -31.05
N ILE C 326 -6.46 -23.11 -30.84
CA ILE C 326 -7.62 -23.16 -31.75
C ILE C 326 -8.16 -21.75 -31.95
N VAL C 327 -8.58 -21.46 -33.19
CA VAL C 327 -9.27 -20.21 -33.55
C VAL C 327 -10.62 -20.57 -34.15
N ARG C 328 -11.65 -19.88 -33.70
CA ARG C 328 -13.00 -19.99 -34.24
C ARG C 328 -13.59 -18.60 -34.38
N PHE C 329 -14.20 -18.31 -35.54
CA PHE C 329 -14.78 -17.02 -35.83
C PHE C 329 -16.05 -17.20 -36.66
N PRO C 330 -16.99 -16.23 -36.72
CA PRO C 330 -18.13 -16.48 -37.61
C PRO C 330 -17.78 -16.20 -39.07
N ASN C 331 -18.57 -16.64 -40.05
CA ASN C 331 -18.27 -16.36 -41.47
C ASN C 331 -18.65 -14.93 -41.87
N ILE C 332 -17.93 -13.91 -41.39
CA ILE C 332 -18.36 -12.54 -41.72
C ILE C 332 -17.97 -12.14 -43.15
N THR C 333 -16.83 -12.59 -43.62
CA THR C 333 -16.50 -12.59 -45.05
C THR C 333 -16.35 -11.23 -45.73
N ASN C 334 -17.35 -10.36 -45.65
CA ASN C 334 -17.46 -9.22 -46.55
C ASN C 334 -16.56 -8.06 -46.11
N LEU C 335 -16.03 -7.33 -47.10
CA LEU C 335 -15.32 -6.11 -46.77
C LEU C 335 -16.29 -5.05 -46.25
N CYS C 336 -15.77 -4.21 -45.36
CA CYS C 336 -16.49 -3.09 -44.76
C CYS C 336 -16.61 -1.87 -45.66
N PRO C 337 -17.60 -0.97 -45.39
CA PRO C 337 -17.78 0.24 -46.22
C PRO C 337 -16.76 1.37 -46.00
N PHE C 338 -15.54 1.06 -45.51
CA PHE C 338 -14.54 2.08 -45.21
C PHE C 338 -14.26 2.98 -46.40
N GLY C 339 -14.27 2.43 -47.62
CA GLY C 339 -14.12 3.27 -48.80
C GLY C 339 -15.21 4.32 -48.98
N GLU C 340 -16.31 4.22 -48.23
CA GLU C 340 -17.33 5.25 -48.13
C GLU C 340 -17.25 5.92 -46.78
N VAL C 341 -17.26 5.13 -45.69
CA VAL C 341 -17.22 5.65 -44.32
C VAL C 341 -16.01 6.55 -44.14
N PHE C 342 -14.90 6.17 -44.78
CA PHE C 342 -13.79 7.06 -45.03
C PHE C 342 -13.85 7.46 -46.50
N ASN C 343 -13.75 8.76 -46.73
CA ASN C 343 -13.72 9.37 -48.05
C ASN C 343 -14.90 8.96 -48.94
N ALA C 344 -16.10 8.94 -48.37
CA ALA C 344 -17.26 9.23 -49.20
C ALA C 344 -17.16 10.67 -49.72
N THR C 345 -18.04 11.00 -50.68
CA THR C 345 -17.98 12.26 -51.43
C THR C 345 -17.99 13.49 -50.53
N ARG C 346 -18.68 13.43 -49.41
CA ARG C 346 -18.97 14.59 -48.60
C ARG C 346 -19.05 14.14 -47.16
N PHE C 347 -18.77 15.06 -46.24
CA PHE C 347 -18.81 14.81 -44.82
C PHE C 347 -19.67 15.87 -44.17
N ALA C 348 -20.39 15.46 -43.14
CA ALA C 348 -21.45 16.29 -42.60
C ALA C 348 -20.96 17.57 -41.94
N SER C 349 -21.85 18.56 -41.93
CA SER C 349 -21.81 19.62 -40.95
C SER C 349 -21.76 19.00 -39.56
N VAL C 350 -20.81 19.47 -38.75
CA VAL C 350 -20.63 18.87 -37.45
C VAL C 350 -21.83 19.09 -36.54
N TYR C 351 -22.58 20.18 -36.73
CA TYR C 351 -23.78 20.35 -35.92
C TYR C 351 -24.81 19.27 -36.20
N ALA C 352 -24.79 18.69 -37.41
CA ALA C 352 -25.70 17.64 -37.83
C ALA C 352 -24.95 16.38 -38.26
N TRP C 353 -23.79 16.14 -37.61
CA TRP C 353 -22.85 15.04 -37.82
C TRP C 353 -23.47 13.71 -38.22
N ASN C 354 -22.90 13.09 -39.25
CA ASN C 354 -23.43 11.86 -39.79
C ASN C 354 -23.22 10.72 -38.80
N ARG C 355 -24.12 9.73 -38.84
CA ARG C 355 -23.93 8.46 -38.13
C ARG C 355 -24.25 7.28 -39.04
N LYS C 356 -23.31 6.34 -39.16
CA LYS C 356 -23.44 5.17 -40.02
C LYS C 356 -23.21 3.91 -39.20
N ARG C 357 -24.16 2.99 -39.24
CA ARG C 357 -24.03 1.69 -38.59
C ARG C 357 -23.26 0.73 -39.48
N ILE C 358 -22.01 0.44 -39.13
CA ILE C 358 -21.24 -0.58 -39.82
C ILE C 358 -21.69 -1.94 -39.31
N SER C 359 -21.83 -2.91 -40.22
CA SER C 359 -22.31 -4.23 -39.85
C SER C 359 -21.72 -5.30 -40.77
N ASN C 360 -21.63 -6.54 -40.22
CA ASN C 360 -21.42 -7.79 -40.95
C ASN C 360 -20.32 -7.72 -42.00
N CYS C 361 -19.17 -7.20 -41.58
CA CYS C 361 -18.06 -6.98 -42.50
C CYS C 361 -16.71 -7.10 -41.79
N VAL C 362 -15.67 -7.24 -42.61
CA VAL C 362 -14.32 -7.55 -42.16
C VAL C 362 -13.56 -6.23 -41.95
N ALA C 363 -12.99 -6.04 -40.75
CA ALA C 363 -12.50 -4.74 -40.29
C ALA C 363 -11.00 -4.70 -40.04
N ASP C 364 -10.38 -3.54 -40.35
CA ASP C 364 -8.94 -3.32 -40.31
C ASP C 364 -8.61 -1.84 -40.54
N TYR C 365 -7.89 -1.18 -39.61
CA TYR C 365 -7.59 0.24 -39.82
C TYR C 365 -6.50 0.45 -40.87
N SER C 366 -5.68 -0.57 -41.14
CA SER C 366 -4.54 -0.38 -42.02
C SER C 366 -5.00 -0.22 -43.45
N VAL C 367 -6.02 -0.99 -43.85
CA VAL C 367 -6.55 -0.88 -45.19
C VAL C 367 -7.25 0.46 -45.48
N LEU C 368 -7.46 1.30 -44.45
CA LEU C 368 -7.97 2.65 -44.65
C LEU C 368 -7.07 3.52 -45.53
N TYR C 369 -5.75 3.25 -45.57
CA TYR C 369 -4.82 4.22 -46.13
C TYR C 369 -4.99 4.44 -47.64
N ASN C 370 -5.60 3.50 -48.37
CA ASN C 370 -5.91 3.72 -49.79
C ASN C 370 -7.12 4.61 -50.00
N SER C 371 -8.04 4.67 -49.04
CA SER C 371 -9.16 5.60 -49.13
C SER C 371 -8.77 7.02 -48.71
N ALA C 372 -7.95 7.17 -47.68
CA ALA C 372 -7.51 8.49 -47.21
C ALA C 372 -6.12 8.37 -46.61
N SER C 373 -5.34 9.47 -46.68
CA SER C 373 -4.04 9.56 -46.04
C SER C 373 -4.15 10.43 -44.80
N PHE C 374 -3.67 9.90 -43.67
CA PHE C 374 -4.07 10.37 -42.36
C PHE C 374 -3.07 11.32 -41.72
N SER C 375 -3.61 12.39 -41.15
CA SER C 375 -2.92 13.24 -40.18
C SER C 375 -3.13 12.81 -38.74
N THR C 376 -4.28 12.20 -38.43
CA THR C 376 -4.80 12.14 -37.08
C THR C 376 -5.42 10.77 -36.86
N PHE C 377 -4.96 10.06 -35.84
CA PHE C 377 -5.49 8.74 -35.53
C PHE C 377 -5.18 8.44 -34.07
N LYS C 378 -6.22 8.44 -33.25
CA LYS C 378 -6.09 8.28 -31.81
C LYS C 378 -7.24 7.48 -31.28
N CYS C 379 -6.97 6.71 -30.23
CA CYS C 379 -7.88 5.68 -29.77
C CYS C 379 -7.91 5.68 -28.25
N TYR C 380 -8.96 5.06 -27.71
CA TYR C 380 -9.35 5.21 -26.31
C TYR C 380 -9.98 3.91 -25.87
N GLY C 381 -9.56 3.40 -24.72
CA GLY C 381 -9.91 2.06 -24.29
C GLY C 381 -9.34 0.90 -25.09
N VAL C 382 -8.66 1.14 -26.21
CA VAL C 382 -8.08 0.09 -27.01
C VAL C 382 -6.87 0.68 -27.71
N SER C 383 -5.82 -0.10 -27.81
CA SER C 383 -4.61 0.30 -28.50
C SER C 383 -4.72 -0.04 -29.98
N PRO C 384 -4.19 0.80 -30.87
CA PRO C 384 -4.58 0.72 -32.29
C PRO C 384 -4.20 -0.58 -32.96
N THR C 385 -3.03 -1.12 -32.63
CA THR C 385 -2.58 -2.43 -33.12
C THR C 385 -3.58 -3.54 -32.85
N LYS C 386 -4.28 -3.45 -31.74
CA LYS C 386 -5.24 -4.46 -31.38
C LYS C 386 -6.54 -4.36 -32.17
N LEU C 387 -6.81 -3.22 -32.84
CA LEU C 387 -8.05 -3.02 -33.59
C LEU C 387 -8.29 -4.10 -34.62
N ASN C 388 -7.23 -4.66 -35.18
CA ASN C 388 -7.39 -5.70 -36.17
C ASN C 388 -7.64 -7.05 -35.53
N ASP C 389 -7.45 -7.17 -34.21
CA ASP C 389 -7.26 -8.46 -33.58
C ASP C 389 -8.52 -9.02 -32.93
N LEU C 390 -9.59 -8.24 -32.78
CA LEU C 390 -10.79 -8.66 -32.08
C LEU C 390 -11.96 -8.58 -33.04
N CYS C 391 -13.15 -8.87 -32.55
CA CYS C 391 -14.39 -8.53 -33.23
C CYS C 391 -15.26 -7.69 -32.32
N PHE C 392 -15.98 -6.76 -32.94
CA PHE C 392 -16.72 -5.75 -32.22
C PHE C 392 -18.22 -5.92 -32.42
N THR C 393 -18.96 -5.60 -31.38
CA THR C 393 -20.38 -5.35 -31.47
C THR C 393 -20.61 -3.97 -32.05
N ASN C 394 -21.87 -3.73 -32.45
CA ASN C 394 -22.55 -2.43 -32.56
C ASN C 394 -21.68 -1.27 -33.03
N VAL C 395 -20.97 -1.50 -34.13
CA VAL C 395 -20.05 -0.49 -34.64
C VAL C 395 -20.85 0.62 -35.28
N TYR C 396 -20.66 1.84 -34.79
CA TYR C 396 -21.11 3.06 -35.46
C TYR C 396 -19.90 3.87 -35.84
N ALA C 397 -19.88 4.37 -37.07
CA ALA C 397 -19.06 5.51 -37.46
C ALA C 397 -19.84 6.80 -37.38
N ASP C 398 -19.32 7.76 -36.63
CA ASP C 398 -19.74 9.16 -36.71
C ASP C 398 -18.70 9.89 -37.54
N SER C 399 -19.16 10.81 -38.39
CA SER C 399 -18.27 11.49 -39.33
C SER C 399 -18.76 12.89 -39.65
N PHE C 400 -17.81 13.81 -39.87
CA PHE C 400 -18.13 15.22 -40.05
C PHE C 400 -16.86 15.97 -40.46
N VAL C 401 -17.04 17.26 -40.77
CA VAL C 401 -15.96 18.22 -41.00
C VAL C 401 -15.94 19.25 -39.88
N ILE C 402 -14.73 19.62 -39.45
CA ILE C 402 -14.50 20.64 -38.43
C ILE C 402 -13.32 21.52 -38.83
N ARG C 403 -13.24 22.68 -38.17
CA ARG C 403 -12.16 23.60 -38.42
C ARG C 403 -10.88 23.06 -37.80
N GLY C 404 -9.74 23.52 -38.33
CA GLY C 404 -8.46 23.15 -37.75
C GLY C 404 -8.31 23.55 -36.30
N ASP C 405 -8.86 24.70 -35.93
CA ASP C 405 -8.96 25.12 -34.53
C ASP C 405 -9.72 24.14 -33.62
N GLU C 406 -10.55 23.27 -34.17
CA GLU C 406 -11.47 22.46 -33.39
C GLU C 406 -10.97 21.04 -33.12
N VAL C 407 -9.91 20.59 -33.78
CA VAL C 407 -9.44 19.21 -33.71
C VAL C 407 -9.08 18.85 -32.27
N ARG C 408 -8.51 19.80 -31.55
CA ARG C 408 -8.28 19.66 -30.12
C ARG C 408 -9.53 19.45 -29.29
N GLN C 409 -10.71 19.87 -29.77
CA GLN C 409 -11.92 19.64 -28.98
C GLN C 409 -12.45 18.23 -29.06
N ILE C 410 -12.22 17.53 -30.17
CA ILE C 410 -12.95 16.32 -30.48
C ILE C 410 -12.38 15.11 -29.75
N ALA C 411 -12.31 15.19 -28.42
CA ALA C 411 -11.63 14.23 -27.56
C ALA C 411 -12.56 13.85 -26.42
N PRO C 412 -12.44 12.59 -25.88
CA PRO C 412 -13.30 12.18 -24.76
C PRO C 412 -13.25 13.12 -23.58
N GLY C 413 -14.39 13.68 -23.20
CA GLY C 413 -14.45 14.51 -22.02
C GLY C 413 -13.81 15.87 -22.15
N GLN C 414 -13.34 16.23 -23.35
CA GLN C 414 -12.88 17.59 -23.57
C GLN C 414 -14.11 18.48 -23.62
N THR C 415 -13.90 19.78 -23.47
CA THR C 415 -14.97 20.77 -23.57
C THR C 415 -14.54 21.92 -24.45
N GLY C 416 -15.53 22.54 -25.05
CA GLY C 416 -15.39 23.54 -26.10
C GLY C 416 -16.62 23.42 -26.95
N LYS C 417 -16.97 24.53 -27.61
CA LYS C 417 -18.28 24.73 -28.27
C LYS C 417 -18.71 23.59 -29.18
N ILE C 418 -17.77 22.88 -29.78
CA ILE C 418 -18.12 21.74 -30.62
C ILE C 418 -18.58 20.60 -29.73
N ALA C 419 -17.72 20.22 -28.79
CA ALA C 419 -18.07 19.22 -27.79
C ALA C 419 -19.29 19.63 -26.98
N ASP C 420 -19.47 20.93 -26.78
CA ASP C 420 -20.56 21.42 -25.95
C ASP C 420 -21.86 21.49 -26.73
N TYR C 421 -21.82 22.00 -27.97
CA TYR C 421 -23.03 22.36 -28.69
C TYR C 421 -23.24 21.63 -30.01
N ASN C 422 -22.26 20.88 -30.50
CA ASN C 422 -22.33 20.24 -31.81
C ASN C 422 -22.23 18.73 -31.74
N TYR C 423 -21.20 18.22 -31.06
CA TYR C 423 -20.90 16.78 -31.11
C TYR C 423 -20.14 16.44 -29.83
N LYS C 424 -20.87 16.07 -28.79
CA LYS C 424 -20.27 15.66 -27.54
C LYS C 424 -19.77 14.24 -27.66
N LEU C 425 -18.48 14.09 -27.56
CA LEU C 425 -17.92 12.81 -27.16
C LEU C 425 -18.09 12.66 -25.65
N PRO C 426 -18.61 11.55 -25.15
CA PRO C 426 -18.46 11.28 -23.72
C PRO C 426 -17.02 10.90 -23.41
N ASP C 427 -16.67 11.03 -22.14
CA ASP C 427 -15.35 10.61 -21.68
C ASP C 427 -15.18 9.10 -21.68
N ASP C 428 -16.27 8.33 -21.68
CA ASP C 428 -16.21 6.87 -21.74
C ASP C 428 -16.14 6.31 -23.16
N PHE C 429 -15.93 7.18 -24.16
CA PHE C 429 -15.78 6.78 -25.56
C PHE C 429 -14.83 5.61 -25.72
N THR C 430 -15.21 4.68 -26.60
CA THR C 430 -14.45 3.49 -26.88
C THR C 430 -14.39 3.30 -28.38
N GLY C 431 -13.16 3.13 -28.88
CA GLY C 431 -12.84 3.21 -30.29
C GLY C 431 -11.88 4.36 -30.57
N CYS C 432 -12.04 4.97 -31.74
CA CYS C 432 -11.03 5.89 -32.24
C CYS C 432 -11.64 7.10 -32.91
N VAL C 433 -10.94 8.23 -32.76
CA VAL C 433 -11.18 9.48 -33.46
C VAL C 433 -10.08 9.62 -34.52
N ILE C 434 -10.48 9.82 -35.77
CA ILE C 434 -9.56 9.81 -36.91
C ILE C 434 -9.93 10.98 -37.81
N ALA C 435 -8.91 11.74 -38.24
CA ALA C 435 -9.16 12.93 -39.04
C ALA C 435 -8.00 13.20 -39.99
N TRP C 436 -8.31 13.94 -41.05
CA TRP C 436 -7.36 14.37 -42.06
C TRP C 436 -7.73 15.76 -42.54
N ASN C 437 -6.72 16.61 -42.77
CA ASN C 437 -6.97 17.92 -43.36
C ASN C 437 -7.55 17.78 -44.75
N SER C 438 -8.68 18.47 -45.00
CA SER C 438 -9.45 18.31 -46.23
C SER C 438 -9.65 19.63 -46.98
N ASN C 439 -8.84 20.65 -46.69
CA ASN C 439 -8.97 21.97 -47.31
C ASN C 439 -8.95 21.91 -48.83
N ASN C 440 -7.97 21.18 -49.36
CA ASN C 440 -7.87 20.90 -50.80
C ASN C 440 -9.14 20.31 -51.40
N LEU C 441 -9.88 19.52 -50.64
CA LEU C 441 -11.11 18.92 -51.14
C LEU C 441 -12.32 19.81 -50.87
N ASP C 442 -12.53 20.16 -49.60
CA ASP C 442 -13.77 20.76 -49.16
C ASP C 442 -13.80 22.28 -49.26
N SER C 443 -12.67 22.96 -49.07
CA SER C 443 -12.68 24.42 -48.97
C SER C 443 -12.90 25.01 -50.35
N LYS C 444 -14.17 25.06 -50.73
CA LYS C 444 -14.59 25.60 -52.01
C LYS C 444 -14.09 27.03 -52.20
N VAL C 445 -13.94 27.42 -53.47
CA VAL C 445 -13.31 28.69 -53.79
C VAL C 445 -14.13 29.86 -53.28
N GLY C 446 -15.46 29.73 -53.31
CA GLY C 446 -16.29 30.66 -52.56
C GLY C 446 -16.31 30.33 -51.10
N GLY C 447 -16.53 29.07 -50.77
CA GLY C 447 -16.35 28.53 -49.44
C GLY C 447 -17.38 27.46 -49.12
N ASN C 448 -16.99 26.53 -48.26
CA ASN C 448 -17.88 25.44 -47.85
C ASN C 448 -18.85 25.88 -46.75
N TYR C 449 -19.63 26.91 -47.07
CA TYR C 449 -20.53 27.51 -46.10
C TYR C 449 -21.66 26.57 -45.71
N ASN C 450 -21.99 25.60 -46.57
CA ASN C 450 -22.92 24.53 -46.24
C ASN C 450 -22.38 23.54 -45.21
N TYR C 451 -21.15 23.70 -44.76
CA TYR C 451 -20.71 23.15 -43.49
C TYR C 451 -20.96 24.23 -42.46
N LEU C 452 -21.67 23.87 -41.39
CA LEU C 452 -22.09 24.81 -40.37
C LEU C 452 -21.82 24.21 -39.01
N TYR C 453 -21.87 25.08 -37.99
CA TYR C 453 -21.69 24.70 -36.61
C TYR C 453 -22.70 25.44 -35.76
N ARG C 454 -23.01 24.86 -34.61
CA ARG C 454 -23.82 25.51 -33.58
C ARG C 454 -22.89 26.34 -32.72
N LEU C 455 -23.08 27.64 -32.75
CA LEU C 455 -22.33 28.56 -31.90
C LEU C 455 -22.81 28.55 -30.46
N PHE C 456 -24.13 28.51 -30.26
CA PHE C 456 -24.72 28.59 -28.94
C PHE C 456 -25.87 27.63 -28.77
N ARG C 457 -26.11 27.26 -27.52
CA ARG C 457 -27.30 26.55 -27.12
C ARG C 457 -27.61 26.87 -25.66
N LYS C 458 -28.87 26.66 -25.27
CA LYS C 458 -29.33 26.80 -23.89
C LYS C 458 -28.44 26.06 -22.91
N SER C 459 -27.96 24.89 -23.31
CA SER C 459 -27.15 24.04 -22.48
C SER C 459 -26.42 23.11 -23.42
N ASN C 460 -25.37 22.49 -22.91
CA ASN C 460 -24.60 21.57 -23.73
C ASN C 460 -25.42 20.39 -24.20
N LEU C 461 -25.06 19.86 -25.36
CA LEU C 461 -25.65 18.62 -25.83
C LEU C 461 -25.31 17.48 -24.88
N LYS C 462 -26.18 16.47 -24.89
CA LYS C 462 -25.84 15.17 -24.33
C LYS C 462 -24.96 14.39 -25.30
N PRO C 463 -24.22 13.34 -24.80
CA PRO C 463 -23.34 12.54 -25.67
C PRO C 463 -24.03 12.02 -26.91
N PHE C 464 -23.44 12.36 -28.06
CA PHE C 464 -23.97 12.02 -29.40
C PHE C 464 -25.46 12.34 -29.58
N GLU C 465 -25.96 13.34 -28.87
CA GLU C 465 -27.18 14.00 -29.30
C GLU C 465 -26.88 14.64 -30.64
N ARG C 466 -27.82 14.55 -31.56
CA ARG C 466 -27.88 15.47 -32.69
C ARG C 466 -29.01 16.44 -32.39
N ASP C 467 -28.68 17.73 -32.35
CA ASP C 467 -29.65 18.81 -32.24
C ASP C 467 -29.84 19.45 -33.60
N ILE C 468 -31.02 19.26 -34.18
CA ILE C 468 -31.37 19.82 -35.47
C ILE C 468 -32.16 21.12 -35.33
N SER C 469 -32.27 21.65 -34.12
CA SER C 469 -32.91 22.94 -33.92
C SER C 469 -32.07 24.06 -34.50
N THR C 470 -32.76 25.01 -35.14
CA THR C 470 -32.14 26.21 -35.69
C THR C 470 -32.93 27.47 -35.38
N GLU C 471 -34.09 27.36 -34.73
CA GLU C 471 -34.89 28.48 -34.28
C GLU C 471 -34.17 29.26 -33.20
N ILE C 472 -34.50 30.56 -33.12
CA ILE C 472 -33.85 31.46 -32.17
C ILE C 472 -34.07 30.89 -30.77
N TYR C 473 -32.99 30.84 -29.98
CA TYR C 473 -33.02 30.25 -28.63
C TYR C 473 -33.12 31.41 -27.64
N GLN C 474 -34.00 31.27 -26.66
CA GLN C 474 -34.09 32.23 -25.57
C GLN C 474 -32.94 31.98 -24.62
N ALA C 475 -31.97 32.89 -24.60
CA ALA C 475 -30.83 32.78 -23.71
C ALA C 475 -31.14 33.27 -22.30
N GLY C 476 -32.26 33.95 -22.09
CA GLY C 476 -32.58 34.47 -20.78
C GLY C 476 -33.83 35.31 -20.75
N SER C 477 -33.71 36.46 -20.08
CA SER C 477 -34.81 37.42 -19.98
C SER C 477 -35.23 37.96 -21.34
N THR C 478 -36.51 38.34 -21.42
CA THR C 478 -37.23 38.84 -22.58
C THR C 478 -37.51 37.77 -23.64
N PRO C 479 -38.68 37.79 -24.31
CA PRO C 479 -38.95 36.78 -25.33
C PRO C 479 -38.33 37.18 -26.67
N CYS C 480 -38.13 36.17 -27.52
CA CYS C 480 -37.39 36.35 -28.77
C CYS C 480 -38.32 36.77 -29.91
N ASN C 481 -39.29 35.91 -30.24
CA ASN C 481 -40.23 36.12 -31.35
C ASN C 481 -39.54 36.48 -32.66
N GLY C 482 -38.33 35.96 -32.89
CA GLY C 482 -37.58 36.28 -34.08
C GLY C 482 -36.73 37.52 -33.99
N VAL C 483 -36.45 38.01 -32.77
CA VAL C 483 -35.66 39.24 -32.60
C VAL C 483 -34.28 39.10 -33.22
N GLU C 484 -33.66 37.92 -33.10
CA GLU C 484 -32.25 37.68 -33.43
C GLU C 484 -31.35 38.80 -32.91
N GLY C 485 -31.34 38.92 -31.60
CA GLY C 485 -30.80 40.09 -30.93
C GLY C 485 -30.75 39.82 -29.45
N PHE C 486 -31.03 40.84 -28.61
CA PHE C 486 -30.81 40.83 -27.16
C PHE C 486 -31.25 39.55 -26.47
N ASN C 487 -30.27 38.82 -25.93
CA ASN C 487 -30.46 37.56 -25.21
C ASN C 487 -31.23 36.50 -26.01
N CYS C 488 -31.28 36.64 -27.34
CA CYS C 488 -32.10 35.78 -28.20
C CYS C 488 -31.45 35.72 -29.57
N TYR C 489 -30.69 34.67 -29.82
CA TYR C 489 -29.71 34.62 -30.90
C TYR C 489 -29.99 33.43 -31.80
N PHE C 490 -29.71 33.61 -33.08
CA PHE C 490 -29.68 32.49 -33.99
C PHE C 490 -28.62 31.49 -33.52
N PRO C 491 -28.92 30.18 -33.44
CA PRO C 491 -27.95 29.27 -32.80
C PRO C 491 -26.74 28.88 -33.63
N LEU C 492 -26.85 28.87 -34.96
CA LEU C 492 -25.79 28.37 -35.83
C LEU C 492 -24.89 29.46 -36.38
N GLN C 493 -23.70 29.02 -36.81
CA GLN C 493 -22.82 29.78 -37.66
C GLN C 493 -22.27 28.87 -38.77
N SER C 494 -21.86 29.50 -39.87
CA SER C 494 -21.34 28.81 -41.04
C SER C 494 -19.83 28.93 -41.10
N TYR C 495 -19.19 27.83 -41.49
CA TYR C 495 -17.73 27.78 -41.56
C TYR C 495 -17.17 28.62 -42.69
N GLY C 496 -15.98 29.16 -42.43
CA GLY C 496 -15.23 29.94 -43.39
C GLY C 496 -14.34 29.13 -44.32
N PHE C 497 -14.69 27.87 -44.56
CA PHE C 497 -13.77 26.95 -45.26
C PHE C 497 -13.55 27.39 -46.69
N GLN C 498 -12.40 28.01 -46.95
CA GLN C 498 -12.06 28.72 -48.16
C GLN C 498 -10.59 28.49 -48.50
N PRO C 499 -10.18 28.70 -49.75
CA PRO C 499 -8.73 28.63 -50.05
C PRO C 499 -7.88 29.63 -49.28
N THR C 500 -8.48 30.69 -48.75
CA THR C 500 -7.82 31.66 -47.90
C THR C 500 -7.39 31.11 -46.55
N ASN C 501 -7.90 29.94 -46.14
CA ASN C 501 -7.64 29.46 -44.78
C ASN C 501 -6.19 29.16 -44.53
N GLY C 502 -5.63 29.86 -43.56
CA GLY C 502 -4.51 29.31 -42.82
C GLY C 502 -4.97 28.09 -42.05
N VAL C 503 -3.99 27.25 -41.69
CA VAL C 503 -4.24 25.87 -41.23
C VAL C 503 -5.17 25.87 -40.02
N GLY C 504 -5.03 26.85 -39.13
CA GLY C 504 -5.95 26.96 -38.01
C GLY C 504 -7.40 27.09 -38.46
N TYR C 505 -7.62 27.79 -39.57
CA TYR C 505 -8.94 27.90 -40.17
C TYR C 505 -9.32 26.72 -41.06
N GLN C 506 -8.34 25.94 -41.51
CA GLN C 506 -8.62 24.91 -42.51
C GLN C 506 -9.58 23.82 -42.01
N PRO C 507 -10.42 23.27 -42.90
CA PRO C 507 -11.22 22.11 -42.52
C PRO C 507 -10.40 20.86 -42.37
N TYR C 508 -10.89 19.99 -41.52
CA TYR C 508 -10.40 18.63 -41.43
C TYR C 508 -11.62 17.73 -41.50
N ARG C 509 -11.57 16.74 -42.39
CA ARG C 509 -12.57 15.68 -42.37
C ARG C 509 -12.23 14.75 -41.23
N VAL C 510 -13.26 14.31 -40.50
CA VAL C 510 -13.14 13.51 -39.29
C VAL C 510 -14.07 12.32 -39.36
N VAL C 511 -13.57 11.18 -38.91
CA VAL C 511 -14.38 10.05 -38.52
C VAL C 511 -14.12 9.79 -37.04
N VAL C 512 -15.18 9.45 -36.32
CA VAL C 512 -15.10 8.91 -34.97
C VAL C 512 -15.70 7.52 -35.04
N LEU C 513 -14.84 6.52 -34.97
CA LEU C 513 -15.27 5.13 -34.87
C LEU C 513 -15.65 4.85 -33.42
N SER C 514 -16.95 4.74 -33.17
CA SER C 514 -17.50 4.49 -31.84
C SER C 514 -18.03 3.07 -31.80
N PHE C 515 -17.59 2.28 -30.83
CA PHE C 515 -18.05 0.91 -30.75
C PHE C 515 -17.75 0.34 -29.37
N GLU C 516 -18.37 -0.81 -29.10
CA GLU C 516 -18.24 -1.55 -27.85
C GLU C 516 -17.74 -2.97 -28.09
N LEU C 517 -17.30 -3.58 -27.00
CA LEU C 517 -16.35 -4.71 -27.02
C LEU C 517 -16.97 -6.02 -26.52
N LEU C 518 -17.53 -6.80 -27.45
CA LEU C 518 -17.88 -8.21 -27.25
C LEU C 518 -18.89 -8.44 -26.11
N HIS C 519 -19.65 -7.41 -25.72
CA HIS C 519 -20.73 -7.59 -24.74
C HIS C 519 -21.89 -8.43 -25.25
N ALA C 520 -21.93 -8.77 -26.53
CA ALA C 520 -22.98 -9.57 -27.13
C ALA C 520 -22.36 -10.25 -28.34
N PRO C 521 -23.04 -11.28 -28.92
CA PRO C 521 -22.58 -11.79 -30.22
C PRO C 521 -22.34 -10.69 -31.23
N ALA C 522 -21.07 -10.60 -31.62
CA ALA C 522 -20.52 -9.53 -32.43
C ALA C 522 -20.83 -9.76 -33.90
N THR C 523 -20.45 -8.79 -34.73
CA THR C 523 -20.88 -8.74 -36.11
C THR C 523 -19.86 -8.18 -37.09
N VAL C 524 -18.93 -7.35 -36.64
CA VAL C 524 -17.90 -6.76 -37.49
C VAL C 524 -16.56 -7.16 -36.93
N CYS C 525 -15.82 -7.99 -37.65
CA CYS C 525 -14.71 -8.76 -37.10
C CYS C 525 -13.44 -8.52 -37.89
N GLY C 526 -12.31 -8.62 -37.20
CA GLY C 526 -11.02 -8.64 -37.82
C GLY C 526 -10.89 -9.76 -38.84
N PRO C 527 -9.92 -9.67 -39.76
CA PRO C 527 -9.83 -10.68 -40.83
C PRO C 527 -9.30 -12.07 -40.43
N LYS C 528 -9.36 -12.43 -39.16
CA LYS C 528 -8.92 -13.73 -38.67
C LYS C 528 -9.74 -14.85 -39.31
N LYS C 529 -9.17 -16.07 -39.27
CA LYS C 529 -9.78 -17.26 -39.87
C LYS C 529 -9.86 -18.38 -38.85
N SER C 530 -10.97 -19.13 -38.91
CA SER C 530 -11.22 -20.22 -37.99
C SER C 530 -10.39 -21.45 -38.33
N THR C 531 -9.89 -22.09 -37.29
CA THR C 531 -9.47 -23.47 -37.34
C THR C 531 -10.66 -24.42 -37.17
N ASN C 532 -10.35 -25.71 -37.34
CA ASN C 532 -11.27 -26.79 -36.97
C ASN C 532 -11.70 -26.69 -35.52
N LEU C 533 -12.89 -27.23 -35.22
CA LEU C 533 -13.41 -27.33 -33.85
C LEU C 533 -12.76 -28.47 -33.06
N VAL C 534 -11.44 -28.44 -32.95
CA VAL C 534 -10.71 -29.44 -32.20
C VAL C 534 -11.07 -29.31 -30.73
N LYS C 535 -11.10 -30.44 -30.02
CA LYS C 535 -11.62 -30.53 -28.66
C LYS C 535 -10.75 -31.46 -27.81
N ASN C 536 -11.11 -31.51 -26.53
CA ASN C 536 -10.68 -32.54 -25.58
C ASN C 536 -9.25 -32.46 -25.09
N LYS C 537 -8.32 -31.94 -25.89
CA LYS C 537 -7.10 -31.44 -25.31
C LYS C 537 -7.44 -30.19 -24.51
N CYS C 538 -6.59 -29.87 -23.53
CA CYS C 538 -6.65 -28.54 -22.94
C CYS C 538 -5.90 -27.62 -23.87
N VAL C 539 -6.60 -26.66 -24.45
CA VAL C 539 -6.11 -25.86 -25.57
C VAL C 539 -6.28 -24.40 -25.22
N ASN C 540 -5.40 -23.57 -25.75
CA ASN C 540 -5.71 -22.17 -25.82
C ASN C 540 -6.72 -21.95 -26.92
N PHE C 541 -7.61 -20.99 -26.72
CA PHE C 541 -8.70 -20.77 -27.65
C PHE C 541 -9.02 -19.30 -27.78
N ASN C 542 -9.67 -19.00 -28.90
CA ASN C 542 -10.39 -17.75 -29.02
C ASN C 542 -11.59 -18.04 -29.89
N PHE C 543 -12.77 -17.89 -29.29
CA PHE C 543 -14.04 -17.95 -29.98
C PHE C 543 -14.43 -16.52 -30.27
N ASN C 544 -14.00 -16.06 -31.45
CA ASN C 544 -14.30 -14.77 -32.06
C ASN C 544 -14.03 -13.55 -31.16
N GLY C 545 -13.21 -13.70 -30.13
CA GLY C 545 -12.94 -12.65 -29.16
C GLY C 545 -13.05 -13.13 -27.73
N LEU C 546 -13.82 -14.19 -27.51
CA LEU C 546 -13.76 -14.91 -26.25
C LEU C 546 -12.48 -15.73 -26.22
N THR C 547 -11.40 -15.06 -25.84
CA THR C 547 -10.13 -15.72 -25.61
C THR C 547 -10.14 -16.53 -24.31
N GLY C 548 -9.32 -17.58 -24.28
CA GLY C 548 -9.09 -18.30 -23.04
C GLY C 548 -8.33 -19.58 -23.27
N THR C 549 -8.25 -20.39 -22.20
CA THR C 549 -7.60 -21.69 -22.23
C THR C 549 -8.33 -22.68 -21.35
N GLY C 550 -8.47 -23.90 -21.84
CA GLY C 550 -9.17 -24.94 -21.09
C GLY C 550 -9.43 -26.14 -21.97
N VAL C 551 -10.05 -27.16 -21.36
CA VAL C 551 -10.55 -28.31 -22.10
C VAL C 551 -11.87 -27.91 -22.75
N LEU C 552 -11.84 -27.62 -24.04
CA LEU C 552 -13.07 -27.43 -24.80
C LEU C 552 -13.82 -28.73 -24.91
N THR C 553 -15.11 -28.68 -24.62
CA THR C 553 -15.89 -29.84 -24.24
C THR C 553 -17.29 -29.68 -24.82
N GLU C 554 -18.00 -30.80 -24.89
CA GLU C 554 -19.45 -30.78 -25.10
C GLU C 554 -20.15 -29.88 -24.09
N SER C 555 -21.38 -29.47 -24.43
CA SER C 555 -22.26 -28.76 -23.51
C SER C 555 -23.62 -29.42 -23.46
N ASN C 556 -24.18 -29.44 -22.25
CA ASN C 556 -25.29 -30.31 -21.89
C ASN C 556 -26.62 -29.58 -21.76
N LYS C 557 -26.62 -28.25 -21.85
CA LYS C 557 -27.77 -27.41 -21.51
C LYS C 557 -27.80 -26.26 -22.50
N LYS C 558 -29.00 -25.74 -22.74
CA LYS C 558 -29.27 -24.97 -23.95
C LYS C 558 -29.25 -23.49 -23.64
N PHE C 559 -28.49 -22.74 -24.43
CA PHE C 559 -28.57 -21.29 -24.41
C PHE C 559 -29.84 -20.84 -25.10
N LEU C 560 -30.48 -19.83 -24.54
CA LEU C 560 -31.47 -19.08 -25.28
C LEU C 560 -30.81 -18.43 -26.49
N PRO C 561 -31.59 -18.08 -27.53
CA PRO C 561 -30.99 -17.45 -28.71
C PRO C 561 -30.30 -16.14 -28.43
N PHE C 562 -30.76 -15.40 -27.43
CA PHE C 562 -30.08 -14.21 -26.95
C PHE C 562 -29.11 -14.52 -25.82
N GLN C 563 -28.74 -15.78 -25.61
CA GLN C 563 -27.67 -16.17 -24.69
C GLN C 563 -26.51 -16.77 -25.45
N GLN C 564 -25.30 -16.30 -25.13
CA GLN C 564 -24.08 -16.65 -25.83
C GLN C 564 -22.99 -17.23 -24.93
N PHE C 565 -23.02 -16.97 -23.64
CA PHE C 565 -22.01 -17.45 -22.70
C PHE C 565 -22.65 -18.06 -21.47
N GLY C 566 -22.12 -19.22 -21.07
CA GLY C 566 -22.39 -19.76 -19.77
C GLY C 566 -21.41 -19.16 -18.79
N ARG C 567 -21.92 -18.71 -17.65
CA ARG C 567 -21.12 -18.09 -16.59
C ARG C 567 -21.52 -18.75 -15.28
N ASP C 568 -20.54 -19.02 -14.43
CA ASP C 568 -20.66 -19.99 -13.34
C ASP C 568 -21.00 -19.34 -11.99
N ILE C 569 -20.75 -20.06 -10.89
CA ILE C 569 -20.96 -19.56 -9.53
C ILE C 569 -20.13 -18.31 -9.26
N ALA C 570 -18.97 -18.18 -9.88
CA ALA C 570 -18.19 -16.96 -9.85
C ALA C 570 -18.49 -16.08 -11.05
N ASP C 571 -19.55 -16.41 -11.79
CA ASP C 571 -19.92 -15.83 -13.07
C ASP C 571 -18.76 -15.78 -14.09
N THR C 572 -17.70 -16.59 -13.95
CA THR C 572 -16.67 -16.63 -14.98
C THR C 572 -17.09 -17.61 -16.07
N THR C 573 -16.63 -17.33 -17.28
CA THR C 573 -17.22 -17.96 -18.46
C THR C 573 -16.81 -19.42 -18.53
N ASP C 574 -17.81 -20.31 -18.52
CA ASP C 574 -17.60 -21.75 -18.56
C ASP C 574 -18.24 -22.42 -19.77
N ALA C 575 -19.01 -21.71 -20.60
CA ALA C 575 -19.48 -22.27 -21.85
C ALA C 575 -19.64 -21.19 -22.90
N VAL C 576 -19.62 -21.62 -24.17
CA VAL C 576 -19.73 -20.71 -25.31
C VAL C 576 -20.39 -21.43 -26.49
N ARG C 577 -21.06 -20.63 -27.32
CA ARG C 577 -21.57 -21.08 -28.61
C ARG C 577 -20.47 -21.00 -29.66
N ASP C 578 -20.34 -22.05 -30.45
CA ASP C 578 -19.46 -21.99 -31.61
C ASP C 578 -20.02 -21.10 -32.72
N PRO C 579 -19.26 -20.10 -33.16
CA PRO C 579 -19.79 -19.23 -34.22
C PRO C 579 -20.25 -19.96 -35.50
N GLN C 580 -19.41 -20.83 -36.07
CA GLN C 580 -19.75 -21.57 -37.29
C GLN C 580 -20.88 -22.59 -37.21
N THR C 581 -20.90 -23.37 -36.14
CA THR C 581 -21.85 -24.46 -35.96
C THR C 581 -23.01 -24.18 -35.00
N LEU C 582 -22.90 -23.08 -34.25
CA LEU C 582 -23.92 -22.59 -33.34
C LEU C 582 -24.30 -23.57 -32.22
N GLU C 583 -23.57 -24.67 -32.06
CA GLU C 583 -23.74 -25.51 -30.89
C GLU C 583 -22.97 -24.87 -29.74
N ILE C 584 -23.29 -25.32 -28.54
CA ILE C 584 -22.66 -24.83 -27.32
C ILE C 584 -21.57 -25.80 -26.92
N LEU C 585 -20.46 -25.24 -26.46
CA LEU C 585 -19.36 -25.98 -25.86
C LEU C 585 -19.15 -25.47 -24.44
N ASP C 586 -18.83 -26.38 -23.53
CA ASP C 586 -18.31 -25.98 -22.22
C ASP C 586 -16.81 -25.70 -22.32
N ILE C 587 -16.39 -24.63 -21.66
CA ILE C 587 -14.99 -24.44 -21.24
C ILE C 587 -14.80 -25.16 -19.91
N THR C 588 -14.11 -26.31 -19.94
CA THR C 588 -13.83 -27.11 -18.75
C THR C 588 -12.37 -26.93 -18.35
N PRO C 589 -12.02 -26.34 -17.19
CA PRO C 589 -10.64 -25.94 -16.95
C PRO C 589 -9.67 -27.11 -16.83
N CYS C 590 -8.43 -26.86 -17.20
CA CYS C 590 -7.28 -27.61 -16.69
C CYS C 590 -6.49 -26.72 -15.76
N SER C 591 -6.20 -27.20 -14.54
CA SER C 591 -5.87 -26.32 -13.41
C SER C 591 -4.87 -26.96 -12.45
N PHE C 592 -3.85 -27.60 -12.98
CA PHE C 592 -3.15 -28.68 -12.32
C PHE C 592 -1.66 -28.37 -12.24
N GLY C 593 -1.01 -28.97 -11.25
CA GLY C 593 0.38 -28.75 -10.99
C GLY C 593 0.76 -28.57 -9.54
N GLY C 594 -0.17 -28.78 -8.61
CA GLY C 594 0.21 -28.86 -7.21
C GLY C 594 1.08 -30.08 -7.00
N VAL C 595 2.34 -29.88 -6.61
CA VAL C 595 3.35 -30.92 -6.60
C VAL C 595 4.06 -30.82 -5.27
N SER C 596 4.76 -31.89 -4.91
CA SER C 596 5.75 -31.82 -3.85
C SER C 596 6.78 -32.91 -4.12
N VAL C 597 7.92 -32.77 -3.46
CA VAL C 597 9.01 -33.73 -3.50
C VAL C 597 9.15 -34.37 -2.14
N ILE C 598 9.56 -35.62 -2.14
CA ILE C 598 9.76 -36.43 -0.94
C ILE C 598 11.15 -37.00 -1.05
N THR C 599 11.87 -37.02 0.07
CA THR C 599 13.15 -37.68 0.14
C THR C 599 13.51 -38.15 1.54
N PRO C 600 14.33 -39.19 1.68
CA PRO C 600 15.11 -39.38 2.91
C PRO C 600 16.02 -38.24 3.35
N GLY C 601 16.24 -37.20 2.56
CA GLY C 601 17.07 -36.09 2.97
C GLY C 601 18.55 -36.26 2.63
N THR C 602 19.23 -35.11 2.65
CA THR C 602 20.53 -34.98 1.99
C THR C 602 21.62 -35.78 2.69
N ASN C 603 21.67 -35.65 4.01
CA ASN C 603 22.62 -36.36 4.84
C ASN C 603 22.52 -37.86 4.63
N THR C 604 21.31 -38.33 4.37
CA THR C 604 21.02 -39.73 4.16
C THR C 604 21.25 -40.15 2.73
N SER C 605 20.97 -39.28 1.77
CA SER C 605 20.68 -39.78 0.43
C SER C 605 20.75 -38.66 -0.59
N ASN C 606 20.77 -39.09 -1.85
CA ASN C 606 20.48 -38.24 -2.99
C ASN C 606 19.57 -38.96 -3.95
N GLN C 607 18.47 -39.49 -3.44
CA GLN C 607 17.40 -39.95 -4.29
C GLN C 607 16.07 -39.62 -3.62
N VAL C 608 15.02 -39.50 -4.44
CA VAL C 608 13.80 -38.78 -4.09
C VAL C 608 12.57 -39.53 -4.58
N ALA C 609 11.44 -39.15 -4.02
CA ALA C 609 10.15 -39.38 -4.64
C ALA C 609 9.47 -38.04 -4.83
N VAL C 610 8.49 -38.02 -5.75
CA VAL C 610 7.73 -36.83 -6.10
C VAL C 610 6.26 -37.20 -6.21
N LEU C 611 5.40 -36.33 -5.68
CA LEU C 611 3.96 -36.45 -5.75
C LEU C 611 3.40 -35.35 -6.62
N TYR C 612 2.52 -35.73 -7.54
CA TYR C 612 1.58 -34.81 -8.18
C TYR C 612 0.19 -35.09 -7.61
N GLN C 613 -0.42 -34.07 -7.01
CA GLN C 613 -1.73 -34.26 -6.40
C GLN C 613 -2.81 -34.58 -7.40
N ASP C 614 -2.74 -34.02 -8.61
CA ASP C 614 -3.94 -33.84 -9.41
C ASP C 614 -4.19 -34.95 -10.42
N VAL C 615 -3.26 -35.12 -11.36
CA VAL C 615 -3.59 -35.70 -12.66
C VAL C 615 -3.83 -37.19 -12.55
N ASN C 616 -4.80 -37.72 -13.29
CA ASN C 616 -5.00 -39.17 -13.40
C ASN C 616 -4.09 -39.27 -14.63
N CYS C 617 -2.78 -39.49 -14.40
CA CYS C 617 -1.67 -39.39 -15.35
C CYS C 617 -1.84 -40.26 -16.58
N ASN C 641 9.14 -45.20 -11.74
CA ASN C 641 7.87 -45.77 -11.33
C ASN C 641 6.82 -44.67 -11.26
N VAL C 642 5.58 -45.03 -11.53
CA VAL C 642 4.44 -44.13 -11.36
C VAL C 642 3.32 -44.89 -10.70
N PHE C 643 2.61 -44.22 -9.80
CA PHE C 643 1.54 -44.83 -9.03
C PHE C 643 0.47 -43.76 -8.85
N GLN C 644 -0.78 -44.18 -9.03
CA GLN C 644 -1.95 -43.32 -8.88
C GLN C 644 -2.66 -43.70 -7.58
N THR C 645 -2.99 -42.70 -6.78
CA THR C 645 -3.32 -42.89 -5.38
C THR C 645 -4.43 -41.94 -5.02
N ARG C 646 -5.00 -42.16 -3.84
CA ARG C 646 -5.87 -41.16 -3.23
C ARG C 646 -5.15 -39.82 -3.14
N ALA C 647 -3.86 -39.85 -2.81
CA ALA C 647 -3.09 -38.63 -2.71
C ALA C 647 -2.84 -37.98 -4.07
N GLY C 648 -3.02 -38.72 -5.17
CA GLY C 648 -2.66 -38.25 -6.51
C GLY C 648 -1.68 -39.14 -7.24
N CYS C 649 -0.94 -38.56 -8.18
CA CYS C 649 0.01 -39.27 -9.02
C CYS C 649 1.39 -39.19 -8.37
N LEU C 650 1.88 -40.33 -7.88
CA LEU C 650 3.15 -40.45 -7.19
C LEU C 650 4.19 -41.03 -8.12
N ILE C 651 5.39 -40.45 -8.06
CA ILE C 651 6.47 -40.74 -9.00
C ILE C 651 7.71 -41.14 -8.22
N GLY C 652 8.48 -42.06 -8.78
CA GLY C 652 9.72 -42.47 -8.17
C GLY C 652 9.58 -43.53 -7.12
N ALA C 653 8.75 -43.28 -6.10
CA ALA C 653 8.48 -44.26 -5.06
C ALA C 653 7.86 -45.52 -5.64
N GLU C 654 8.01 -46.62 -4.90
CA GLU C 654 7.33 -47.87 -5.19
C GLU C 654 6.32 -48.19 -4.09
N HIS C 655 5.13 -48.58 -4.52
CA HIS C 655 4.09 -49.02 -3.60
C HIS C 655 4.37 -50.41 -3.06
N VAL C 656 4.06 -50.62 -1.79
CA VAL C 656 4.27 -51.91 -1.14
C VAL C 656 3.01 -52.29 -0.40
N ASN C 657 2.81 -53.59 -0.19
CA ASN C 657 1.66 -54.03 0.58
C ASN C 657 1.97 -53.88 2.07
N ASN C 658 3.26 -53.84 2.43
CA ASN C 658 3.62 -53.75 3.85
C ASN C 658 3.19 -52.43 4.46
N SER C 659 2.80 -52.49 5.73
CA SER C 659 2.37 -51.33 6.50
C SER C 659 3.21 -51.21 7.76
N TYR C 660 3.51 -49.95 8.12
CA TYR C 660 4.42 -49.56 9.18
C TYR C 660 3.84 -48.31 9.82
N GLU C 661 4.49 -47.85 10.88
CA GLU C 661 4.25 -46.50 11.34
C GLU C 661 4.50 -45.51 10.20
N CYS C 662 3.77 -44.40 10.26
CA CYS C 662 3.70 -43.41 9.18
C CYS C 662 4.95 -42.53 9.17
N ASP C 663 6.08 -43.18 8.85
CA ASP C 663 7.43 -42.61 8.90
C ASP C 663 7.53 -41.22 8.27
N ILE C 664 7.13 -41.08 7.02
CA ILE C 664 6.79 -39.80 6.41
C ILE C 664 5.30 -39.81 6.06
N PRO C 665 4.50 -38.85 6.54
CA PRO C 665 3.16 -38.69 5.96
C PRO C 665 3.26 -38.14 4.54
N ILE C 666 2.68 -38.87 3.60
CA ILE C 666 2.41 -38.31 2.29
C ILE C 666 1.12 -37.51 2.34
N GLY C 667 0.03 -38.16 2.68
CA GLY C 667 -1.29 -37.56 2.64
C GLY C 667 -2.33 -38.61 2.34
N ALA C 668 -3.57 -38.29 2.74
CA ALA C 668 -4.73 -39.18 2.61
C ALA C 668 -4.43 -40.57 3.14
N GLY C 669 -3.71 -40.63 4.26
CA GLY C 669 -3.22 -41.88 4.81
C GLY C 669 -2.12 -42.60 4.06
N ILE C 670 -1.74 -42.14 2.86
CA ILE C 670 -0.53 -42.62 2.24
C ILE C 670 0.66 -42.15 3.07
N CYS C 671 1.57 -43.08 3.36
CA CYS C 671 2.78 -42.79 4.10
C CYS C 671 3.90 -43.51 3.38
N ALA C 672 5.12 -42.99 3.56
CA ALA C 672 6.28 -43.47 2.83
C ALA C 672 7.48 -43.61 3.74
N SER C 673 8.45 -44.36 3.23
CA SER C 673 9.66 -44.68 3.97
C SER C 673 10.71 -45.13 2.97
N TYR C 674 11.95 -45.19 3.44
CA TYR C 674 13.13 -45.49 2.66
C TYR C 674 13.79 -46.76 3.20
N GLN C 675 13.89 -47.78 2.35
CA GLN C 675 14.29 -49.12 2.78
C GLN C 675 15.09 -49.80 1.69
N THR C 676 15.75 -50.89 2.07
CA THR C 676 16.44 -51.80 1.15
C THR C 676 15.57 -52.19 -0.05
N SER C 689 21.53 -50.81 -1.60
CA SER C 689 20.35 -51.57 -2.00
C SER C 689 19.05 -50.85 -1.70
N GLN C 690 19.12 -49.54 -1.46
CA GLN C 690 18.00 -48.79 -0.92
C GLN C 690 17.04 -48.31 -2.00
N SER C 691 15.79 -48.14 -1.58
CA SER C 691 14.69 -47.64 -2.41
C SER C 691 13.67 -47.00 -1.48
N ILE C 692 12.80 -46.18 -2.08
CA ILE C 692 11.69 -45.56 -1.36
C ILE C 692 10.44 -46.42 -1.50
N ILE C 693 9.77 -46.62 -0.37
CA ILE C 693 8.54 -47.42 -0.29
C ILE C 693 7.41 -46.48 0.09
N ALA C 694 6.20 -46.82 -0.38
CA ALA C 694 4.99 -46.09 -0.04
C ALA C 694 3.89 -47.05 0.36
N TYR C 695 3.11 -46.65 1.35
CA TYR C 695 2.23 -47.59 2.04
C TYR C 695 1.15 -46.83 2.80
N THR C 696 0.10 -47.56 3.15
CA THR C 696 -0.84 -47.12 4.15
C THR C 696 -0.28 -47.53 5.50
N MET C 697 -0.30 -46.62 6.48
CA MET C 697 0.35 -46.94 7.74
C MET C 697 -0.49 -47.95 8.52
N SER C 698 0.21 -48.75 9.33
CA SER C 698 -0.40 -49.35 10.51
C SER C 698 -0.47 -48.28 11.59
N LEU C 699 -1.66 -48.06 12.15
CA LEU C 699 -1.92 -46.91 13.01
C LEU C 699 -1.34 -47.06 14.41
N GLY C 700 -0.01 -47.14 14.46
CA GLY C 700 0.66 -47.65 15.63
C GLY C 700 0.46 -49.15 15.77
N ALA C 701 0.56 -49.60 17.02
CA ALA C 701 0.24 -50.99 17.32
C ALA C 701 -1.26 -51.18 17.29
N GLU C 702 -1.66 -52.44 17.20
CA GLU C 702 -3.02 -52.85 17.50
C GLU C 702 -2.96 -54.13 18.31
N ASN C 703 -3.95 -54.35 19.15
CA ASN C 703 -4.14 -55.63 19.82
C ASN C 703 -5.59 -55.72 20.25
N SER C 704 -5.89 -56.73 21.04
CA SER C 704 -7.01 -56.70 21.95
C SER C 704 -6.51 -56.98 23.36
N VAL C 705 -7.20 -56.43 24.34
CA VAL C 705 -6.95 -56.69 25.76
C VAL C 705 -8.12 -57.51 26.29
N ALA C 706 -7.80 -58.58 26.99
CA ALA C 706 -8.83 -59.41 27.59
C ALA C 706 -9.64 -58.61 28.60
N TYR C 707 -10.94 -58.85 28.59
CA TYR C 707 -11.87 -58.27 29.54
C TYR C 707 -12.79 -59.40 29.96
N SER C 708 -13.16 -59.41 31.23
CA SER C 708 -14.23 -60.27 31.70
C SER C 708 -14.72 -59.74 33.02
N ASN C 709 -15.96 -60.07 33.39
CA ASN C 709 -16.59 -59.55 34.62
C ASN C 709 -15.97 -59.90 35.98
N ASN C 710 -14.80 -60.53 35.97
CA ASN C 710 -14.11 -60.97 37.16
C ASN C 710 -12.61 -60.72 37.09
N SER C 711 -12.07 -60.24 35.96
CA SER C 711 -10.65 -60.24 35.69
C SER C 711 -10.07 -58.85 35.92
N ILE C 712 -9.00 -58.76 36.73
CA ILE C 712 -8.32 -57.50 37.03
C ILE C 712 -6.82 -57.74 37.03
N ALA C 713 -6.09 -56.67 36.74
CA ALA C 713 -4.64 -56.60 36.92
C ALA C 713 -4.28 -55.51 37.92
N ILE C 714 -3.24 -55.77 38.70
CA ILE C 714 -2.74 -54.86 39.74
C ILE C 714 -1.25 -54.63 39.48
N PRO C 715 -0.73 -53.41 39.59
CA PRO C 715 0.71 -53.20 39.38
C PRO C 715 1.58 -53.79 40.49
N THR C 716 2.53 -54.63 40.08
CA THR C 716 3.51 -55.20 40.97
C THR C 716 4.68 -54.26 41.26
N ASN C 717 5.10 -53.52 40.25
CA ASN C 717 6.26 -52.64 40.36
C ASN C 717 5.98 -51.29 39.70
N PHE C 718 6.86 -50.31 39.94
CA PHE C 718 6.65 -48.97 39.39
C PHE C 718 7.96 -48.31 39.06
N THR C 719 7.85 -47.30 38.21
CA THR C 719 8.96 -46.48 37.77
C THR C 719 8.66 -45.01 38.05
N ILE C 720 9.67 -44.31 38.54
CA ILE C 720 9.70 -42.85 38.54
C ILE C 720 10.42 -42.40 37.27
N SER C 721 9.71 -41.69 36.41
CA SER C 721 10.25 -41.18 35.16
C SER C 721 10.30 -39.68 35.23
N VAL C 722 11.12 -39.08 34.36
CA VAL C 722 11.20 -37.63 34.20
C VAL C 722 11.01 -37.28 32.73
N THR C 723 10.26 -36.21 32.48
CA THR C 723 9.92 -35.80 31.13
C THR C 723 9.87 -34.28 31.05
N THR C 724 9.82 -33.79 29.81
CA THR C 724 10.13 -32.42 29.47
C THR C 724 9.01 -31.83 28.64
N GLU C 725 8.82 -30.51 28.76
CA GLU C 725 8.22 -29.77 27.66
C GLU C 725 8.84 -28.39 27.60
N ILE C 726 8.79 -27.81 26.42
CA ILE C 726 9.42 -26.55 26.10
C ILE C 726 8.27 -25.64 25.73
N LEU C 727 8.16 -24.49 26.41
CA LEU C 727 7.11 -23.51 26.15
C LEU C 727 7.70 -22.13 25.88
N PRO C 728 7.18 -21.39 24.90
CA PRO C 728 7.64 -20.01 24.71
C PRO C 728 6.99 -19.09 25.72
N VAL C 729 7.78 -18.14 26.23
CA VAL C 729 7.34 -17.18 27.22
C VAL C 729 7.38 -15.76 26.69
N SER C 730 8.43 -15.39 25.96
CA SER C 730 8.44 -14.08 25.36
C SER C 730 9.41 -14.03 24.20
N MET C 731 9.12 -13.14 23.27
CA MET C 731 9.91 -12.87 22.09
C MET C 731 10.61 -11.53 22.22
N THR C 732 11.29 -11.16 21.14
CA THR C 732 12.00 -9.88 21.02
C THR C 732 11.05 -8.69 20.96
N LYS C 733 10.97 -7.94 22.05
CA LYS C 733 10.33 -6.64 22.04
C LYS C 733 10.99 -5.77 20.98
N THR C 734 10.19 -5.21 20.08
CA THR C 734 10.72 -4.60 18.85
C THR C 734 10.05 -3.26 18.58
N SER C 735 10.85 -2.29 18.09
CA SER C 735 10.43 -0.91 18.00
C SER C 735 10.99 -0.27 16.75
N VAL C 736 10.28 0.73 16.23
CA VAL C 736 10.54 1.28 14.89
C VAL C 736 10.51 2.80 14.90
N ASP C 737 11.56 3.43 14.33
CA ASP C 737 11.38 4.79 13.81
C ASP C 737 10.60 4.69 12.51
N CYS C 738 9.34 5.10 12.56
CA CYS C 738 8.43 4.94 11.43
C CYS C 738 8.91 5.61 10.16
N THR C 739 9.22 6.89 10.25
CA THR C 739 9.61 7.64 9.07
C THR C 739 10.87 7.18 8.42
N MET C 740 11.81 6.64 9.18
CA MET C 740 13.01 6.14 8.55
C MET C 740 12.64 4.95 7.67
N TYR C 741 11.86 4.00 8.18
CA TYR C 741 11.50 2.83 7.35
C TYR C 741 10.75 3.28 6.11
N ILE C 742 9.91 4.28 6.24
CA ILE C 742 9.18 4.76 5.08
C ILE C 742 10.17 5.57 4.24
N CYS C 743 10.64 6.69 4.77
CA CYS C 743 11.41 7.65 4.00
C CYS C 743 12.91 7.54 4.09
N GLY C 744 13.43 6.85 5.08
CA GLY C 744 14.82 6.98 5.45
C GLY C 744 15.11 8.36 5.98
N ASP C 745 15.60 9.22 5.09
CA ASP C 745 16.09 10.55 5.44
C ASP C 745 15.64 11.60 4.42
N SER C 746 14.80 11.26 3.46
CA SER C 746 14.15 12.27 2.63
C SER C 746 13.08 12.95 3.44
N THR C 747 13.33 14.20 3.80
CA THR C 747 12.29 14.99 4.40
C THR C 747 11.13 15.21 3.43
N GLU C 748 11.40 15.16 2.15
CA GLU C 748 10.43 15.41 1.10
C GLU C 748 9.41 14.31 1.10
N CYS C 749 9.90 13.07 1.21
CA CYS C 749 9.03 11.98 1.54
C CYS C 749 8.38 12.25 2.87
N SER C 750 9.13 12.73 3.85
CA SER C 750 8.54 12.95 5.17
C SER C 750 7.43 13.98 5.10
N ASN C 751 7.62 15.00 4.26
CA ASN C 751 6.55 15.95 3.97
C ASN C 751 5.32 15.26 3.43
N LEU C 752 5.49 14.46 2.38
CA LEU C 752 4.33 13.77 1.82
C LEU C 752 3.73 12.78 2.80
N LEU C 753 4.54 12.27 3.73
CA LEU C 753 4.04 11.39 4.77
C LEU C 753 3.16 12.12 5.75
N LEU C 754 3.41 13.42 5.98
CA LEU C 754 2.58 14.21 6.89
C LEU C 754 1.11 14.15 6.54
N GLN C 755 0.81 14.05 5.25
CA GLN C 755 -0.54 13.93 4.73
C GLN C 755 -1.37 12.80 5.34
N TYR C 756 -0.77 11.76 5.89
CA TYR C 756 -1.50 10.60 6.39
C TYR C 756 -1.86 10.64 7.86
N GLY C 757 -1.36 11.60 8.62
CA GLY C 757 -1.71 11.64 10.03
C GLY C 757 -1.22 10.46 10.83
N SER C 758 -2.10 9.90 11.66
CA SER C 758 -1.80 8.88 12.65
C SER C 758 -1.22 7.58 12.12
N PHE C 759 -1.14 7.39 10.78
CA PHE C 759 -0.64 6.17 10.17
C PHE C 759 0.68 5.70 10.75
N CYS C 760 1.55 6.62 11.14
CA CYS C 760 2.72 6.23 11.92
C CYS C 760 2.36 5.89 13.36
N THR C 761 1.74 6.84 14.07
CA THR C 761 1.67 6.77 15.53
C THR C 761 0.95 5.53 16.05
N GLN C 762 -0.14 5.15 15.39
CA GLN C 762 -0.90 3.97 15.80
C GLN C 762 -0.08 2.69 15.77
N LEU C 763 0.88 2.63 14.87
CA LEU C 763 1.81 1.52 14.80
C LEU C 763 2.61 1.44 16.08
N ASN C 764 3.15 2.58 16.48
CA ASN C 764 3.98 2.65 17.67
C ASN C 764 3.19 2.22 18.88
N ARG C 765 1.92 2.66 18.95
CA ARG C 765 1.02 2.22 20.00
C ARG C 765 0.90 0.71 20.02
N ALA C 766 0.69 0.13 18.84
CA ALA C 766 0.53 -1.31 18.72
C ALA C 766 1.77 -2.06 19.21
N LEU C 767 2.92 -1.72 18.65
CA LEU C 767 4.14 -2.44 18.99
C LEU C 767 4.49 -2.26 20.45
N THR C 768 4.38 -1.05 20.97
CA THR C 768 4.66 -0.84 22.37
C THR C 768 3.70 -1.62 23.26
N GLY C 769 2.45 -1.74 22.83
CA GLY C 769 1.52 -2.62 23.50
C GLY C 769 1.99 -4.06 23.57
N ILE C 770 2.50 -4.56 22.44
CA ILE C 770 3.15 -5.86 22.43
C ILE C 770 4.29 -5.88 23.43
N ALA C 771 5.14 -4.87 23.38
CA ALA C 771 6.37 -4.85 24.18
C ALA C 771 6.06 -4.96 25.66
N VAL C 772 5.11 -4.15 26.13
CA VAL C 772 4.78 -4.18 27.55
C VAL C 772 4.07 -5.46 27.91
N GLU C 773 3.30 -6.01 26.98
CA GLU C 773 2.72 -7.32 27.22
C GLU C 773 3.79 -8.38 27.37
N GLN C 774 4.79 -8.35 26.50
CA GLN C 774 5.90 -9.29 26.58
C GLN C 774 6.62 -9.20 27.91
N ASP C 775 6.81 -8.00 28.42
CA ASP C 775 7.30 -7.85 29.77
C ASP C 775 6.37 -8.49 30.78
N LYS C 776 5.10 -8.14 30.70
CA LYS C 776 4.09 -8.63 31.63
C LYS C 776 4.06 -10.16 31.67
N ASN C 777 4.19 -10.80 30.51
CA ASN C 777 4.26 -12.27 30.44
C ASN C 777 5.35 -12.84 31.33
N THR C 778 6.54 -12.23 31.24
CA THR C 778 7.65 -12.66 32.06
C THR C 778 7.31 -12.54 33.52
N GLN C 779 6.61 -11.46 33.86
CA GLN C 779 6.12 -11.33 35.24
C GLN C 779 5.16 -12.46 35.58
N GLU C 780 4.23 -12.75 34.68
CA GLU C 780 3.23 -13.79 34.93
C GLU C 780 3.84 -15.16 35.14
N VAL C 781 5.01 -15.43 34.57
CA VAL C 781 5.60 -16.75 34.70
C VAL C 781 6.59 -16.83 35.84
N PHE C 782 7.68 -16.07 35.74
CA PHE C 782 8.76 -16.27 36.68
C PHE C 782 8.57 -15.53 37.98
N ALA C 783 7.86 -14.40 37.97
CA ALA C 783 7.74 -13.59 39.18
C ALA C 783 6.55 -13.97 40.03
N GLN C 784 6.10 -15.22 40.00
CA GLN C 784 5.01 -15.61 40.86
C GLN C 784 5.37 -15.69 42.33
N VAL C 785 6.65 -15.70 42.71
CA VAL C 785 7.07 -15.43 44.07
C VAL C 785 8.14 -14.36 44.07
N LYS C 786 8.15 -13.58 45.15
CA LYS C 786 8.81 -12.29 45.17
C LYS C 786 10.15 -12.26 45.89
N GLN C 787 10.64 -13.39 46.40
CA GLN C 787 11.68 -13.37 47.43
C GLN C 787 12.72 -14.41 47.08
N ILE C 788 13.99 -14.09 47.38
CA ILE C 788 15.08 -15.03 47.10
C ILE C 788 15.12 -16.01 48.26
N TYR C 789 14.56 -17.19 48.06
CA TYR C 789 14.76 -18.29 48.98
C TYR C 789 16.16 -18.85 48.82
N LYS C 790 16.96 -18.71 49.88
CA LYS C 790 18.31 -19.24 49.96
C LYS C 790 18.39 -20.69 49.52
N THR C 791 19.35 -20.97 48.68
CA THR C 791 19.64 -22.35 48.35
C THR C 791 20.10 -23.09 49.61
N PRO C 792 19.53 -24.24 49.95
CA PRO C 792 19.99 -24.93 51.15
C PRO C 792 21.33 -25.61 50.89
N PRO C 793 22.39 -25.23 51.60
CA PRO C 793 23.69 -25.82 51.24
C PRO C 793 23.81 -27.27 51.65
N ILE C 794 23.24 -27.62 52.80
CA ILE C 794 23.33 -28.98 53.33
C ILE C 794 22.50 -29.91 52.45
N LYS C 795 23.17 -30.85 51.80
CA LYS C 795 22.59 -31.67 50.74
C LYS C 795 21.88 -32.92 51.25
N ASP C 796 21.44 -32.94 52.50
CA ASP C 796 20.92 -34.18 53.08
C ASP C 796 19.50 -34.42 52.60
N PHE C 797 19.40 -34.82 51.34
CA PHE C 797 18.14 -34.99 50.62
C PHE C 797 17.92 -36.44 50.23
N GLY C 798 18.29 -37.36 51.11
CA GLY C 798 18.11 -38.78 50.87
C GLY C 798 18.71 -39.27 49.57
N GLY C 799 19.89 -38.77 49.24
CA GLY C 799 20.56 -39.17 48.03
C GLY C 799 20.03 -38.58 46.75
N PHE C 800 19.01 -37.75 46.80
CA PHE C 800 18.57 -37.04 45.61
C PHE C 800 19.64 -36.04 45.22
N ASN C 801 20.52 -36.47 44.32
CA ASN C 801 21.55 -35.63 43.82
C ASN C 801 20.93 -34.70 42.79
N PHE C 802 20.40 -33.57 43.27
CA PHE C 802 19.86 -32.52 42.39
C PHE C 802 20.90 -31.63 41.70
N SER C 803 22.20 -31.75 42.01
CA SER C 803 23.23 -30.80 41.64
C SER C 803 23.24 -30.40 40.17
N GLN C 804 22.81 -31.29 39.28
CA GLN C 804 22.73 -30.96 37.87
C GLN C 804 21.82 -29.76 37.61
N ILE C 805 20.73 -29.65 38.39
CA ILE C 805 19.67 -28.66 38.16
C ILE C 805 19.61 -27.59 39.21
N LEU C 806 20.35 -27.70 40.30
CA LEU C 806 20.49 -26.63 41.26
C LEU C 806 21.40 -25.54 40.74
N PRO C 807 21.42 -24.37 41.39
CA PRO C 807 22.32 -23.30 40.94
C PRO C 807 23.76 -23.71 41.14
N ASP C 808 24.57 -23.48 40.13
CA ASP C 808 25.97 -23.87 40.24
C ASP C 808 26.71 -22.93 41.20
N PRO C 809 27.02 -23.35 42.44
CA PRO C 809 27.24 -22.38 43.51
C PRO C 809 28.57 -21.66 43.42
N SER C 810 29.53 -22.24 42.70
CA SER C 810 30.81 -21.60 42.43
C SER C 810 30.80 -20.77 41.15
N LYS C 811 29.78 -20.90 40.31
CA LYS C 811 29.72 -20.18 39.06
C LYS C 811 29.16 -18.79 39.31
N PRO C 812 29.42 -17.83 38.42
CA PRO C 812 28.87 -16.48 38.66
C PRO C 812 27.37 -16.42 38.55
N SER C 813 26.80 -16.97 37.49
CA SER C 813 25.36 -16.97 37.36
C SER C 813 24.79 -18.04 38.25
N LYS C 814 23.57 -17.83 38.69
CA LYS C 814 22.79 -18.83 39.42
C LYS C 814 22.20 -19.91 38.51
N ARG C 815 22.67 -20.08 37.28
CA ARG C 815 22.14 -21.12 36.44
C ARG C 815 22.64 -22.47 36.91
N SER C 816 21.85 -23.48 36.63
CA SER C 816 22.29 -24.85 36.72
C SER C 816 23.09 -25.26 35.49
N PHE C 817 23.79 -26.37 35.67
CA PHE C 817 24.45 -27.07 34.58
C PHE C 817 23.49 -27.35 33.43
N ILE C 818 22.29 -27.80 33.74
CA ILE C 818 21.33 -28.08 32.69
C ILE C 818 20.80 -26.80 32.09
N GLU C 819 20.61 -25.78 32.92
CA GLU C 819 20.29 -24.47 32.39
C GLU C 819 21.38 -23.94 31.48
N ASP C 820 22.64 -24.23 31.79
CA ASP C 820 23.72 -23.86 30.89
C ASP C 820 23.67 -24.64 29.58
N LEU C 821 23.47 -25.96 29.67
CA LEU C 821 23.37 -26.80 28.48
C LEU C 821 22.26 -26.31 27.55
N LEU C 822 21.07 -26.08 28.11
CA LEU C 822 19.97 -25.47 27.39
C LEU C 822 20.36 -24.15 26.78
N PHE C 823 20.95 -23.28 27.58
CA PHE C 823 21.29 -21.95 27.11
C PHE C 823 22.28 -21.99 25.96
N ASN C 824 23.21 -22.93 26.01
CA ASN C 824 24.15 -23.10 24.91
C ASN C 824 23.48 -23.69 23.68
N LYS C 825 22.44 -24.48 23.85
CA LYS C 825 21.88 -25.24 22.74
C LYS C 825 20.99 -24.42 21.80
N VAL C 826 20.96 -23.09 21.89
CA VAL C 826 20.13 -22.25 21.04
C VAL C 826 21.02 -21.22 20.35
N THR C 827 20.67 -20.89 19.11
CA THR C 827 21.49 -20.03 18.26
C THR C 827 21.59 -18.63 18.84
N CYS C 851 21.75 -10.38 22.30
CA CYS C 851 21.68 -9.38 21.24
C CYS C 851 21.27 -10.00 19.90
N ALA C 852 20.78 -9.14 19.03
CA ALA C 852 20.53 -9.41 17.62
C ALA C 852 20.95 -8.16 16.84
N GLN C 853 20.67 -8.14 15.55
CA GLN C 853 21.06 -7.00 14.72
C GLN C 853 20.24 -5.77 15.08
N LYS C 854 20.89 -4.58 15.08
CA LYS C 854 20.38 -3.35 15.71
C LYS C 854 20.36 -2.13 14.79
N PHE C 855 20.68 -2.29 13.51
CA PHE C 855 21.31 -1.23 12.74
C PHE C 855 20.43 -0.34 11.85
N ASN C 856 19.13 -0.57 11.68
CA ASN C 856 18.35 0.18 10.69
C ASN C 856 16.98 0.59 11.19
N GLY C 857 16.94 1.22 12.36
CA GLY C 857 15.72 1.85 12.82
C GLY C 857 14.64 0.90 13.23
N LEU C 858 14.95 -0.37 13.38
CA LEU C 858 13.99 -1.44 13.58
C LEU C 858 14.19 -2.08 14.95
N THR C 859 14.78 -1.33 15.87
CA THR C 859 15.49 -1.93 16.98
C THR C 859 14.61 -2.72 17.93
N VAL C 860 15.24 -3.77 18.41
CA VAL C 860 14.98 -4.46 19.65
C VAL C 860 15.01 -3.46 20.79
N LEU C 861 14.23 -3.74 21.82
CA LEU C 861 14.47 -3.24 23.16
C LEU C 861 14.87 -4.43 24.03
N PRO C 862 15.81 -4.29 24.97
CA PRO C 862 16.16 -5.43 25.82
C PRO C 862 14.99 -5.87 26.68
N PRO C 863 15.01 -7.09 27.19
CA PRO C 863 13.99 -7.46 28.16
C PRO C 863 14.23 -6.70 29.42
N LEU C 864 13.17 -6.38 30.13
CA LEU C 864 13.35 -5.70 31.39
C LEU C 864 14.03 -6.60 32.40
N LEU C 865 13.56 -7.83 32.51
CA LEU C 865 14.27 -8.82 33.32
C LEU C 865 15.49 -9.32 32.56
N THR C 866 16.66 -9.19 33.16
CA THR C 866 17.82 -9.87 32.61
C THR C 866 17.73 -11.35 32.85
N ASP C 867 18.52 -12.09 32.08
CA ASP C 867 18.69 -13.51 32.30
C ASP C 867 19.17 -13.83 33.70
N GLU C 868 20.10 -13.04 34.24
CA GLU C 868 20.60 -13.30 35.58
C GLU C 868 19.52 -13.19 36.65
N MET C 869 18.67 -12.17 36.57
CA MET C 869 17.53 -12.14 37.47
C MET C 869 16.65 -13.36 37.26
N ILE C 870 16.41 -13.71 36.00
CA ILE C 870 15.51 -14.82 35.70
C ILE C 870 16.07 -16.10 36.26
N ALA C 871 17.38 -16.26 36.21
CA ALA C 871 18.01 -17.37 36.89
C ALA C 871 17.84 -17.29 38.39
N GLN C 872 17.95 -16.08 38.95
CA GLN C 872 17.74 -15.91 40.38
C GLN C 872 16.31 -16.25 40.80
N TYR C 873 15.35 -15.95 39.94
CA TYR C 873 13.98 -16.41 40.15
C TYR C 873 13.88 -17.92 40.12
N THR C 874 14.35 -18.54 39.04
CA THR C 874 14.19 -19.98 38.88
C THR C 874 14.85 -20.74 40.03
N SER C 875 16.06 -20.32 40.40
CA SER C 875 16.72 -20.85 41.59
C SER C 875 15.87 -20.72 42.84
N ALA C 876 15.39 -19.51 43.12
CA ALA C 876 14.56 -19.29 44.31
C ALA C 876 13.36 -20.21 44.30
N LEU C 877 12.70 -20.33 43.16
CA LEU C 877 11.53 -21.18 43.03
C LEU C 877 11.89 -22.63 43.26
N LEU C 878 13.02 -23.07 42.70
CA LEU C 878 13.52 -24.41 42.94
C LEU C 878 13.73 -24.67 44.42
N ALA C 879 14.44 -23.77 45.10
CA ALA C 879 14.67 -23.88 46.53
C ALA C 879 13.37 -23.96 47.33
N GLY C 880 12.41 -23.12 46.95
CA GLY C 880 11.06 -23.10 47.49
C GLY C 880 10.43 -24.46 47.44
N THR C 881 10.42 -25.02 46.24
CA THR C 881 9.90 -26.37 46.07
C THR C 881 10.65 -27.35 46.98
N ILE C 882 11.98 -27.39 46.86
CA ILE C 882 12.74 -28.43 47.56
C ILE C 882 12.93 -28.17 49.05
N THR C 883 12.17 -27.25 49.64
CA THR C 883 12.21 -27.04 51.07
C THR C 883 10.86 -26.77 51.68
N SER C 884 9.83 -26.48 50.89
CA SER C 884 8.56 -26.02 51.45
C SER C 884 7.40 -26.38 50.56
N GLY C 885 7.52 -27.47 49.77
CA GLY C 885 6.46 -28.16 49.08
C GLY C 885 5.48 -27.27 48.36
N TRP C 886 4.21 -27.45 48.67
CA TRP C 886 3.19 -26.57 48.13
C TRP C 886 3.13 -25.25 48.88
N THR C 887 3.70 -25.17 50.08
CA THR C 887 3.32 -24.13 51.02
C THR C 887 3.86 -22.76 50.60
N PHE C 888 5.06 -22.75 50.03
CA PHE C 888 5.75 -21.50 49.72
C PHE C 888 5.08 -20.71 48.62
N GLY C 889 4.25 -21.33 47.81
CA GLY C 889 3.40 -20.60 46.90
C GLY C 889 2.22 -19.96 47.60
N ALA C 890 1.66 -20.65 48.57
CA ALA C 890 0.49 -20.12 49.26
C ALA C 890 0.87 -18.90 50.09
N GLY C 891 2.02 -18.95 50.76
CA GLY C 891 2.34 -17.96 51.76
C GLY C 891 3.75 -18.16 52.24
N ALA C 892 3.95 -18.42 53.53
CA ALA C 892 5.29 -18.68 54.02
C ALA C 892 5.83 -19.99 53.46
N ALA C 893 7.09 -19.96 53.09
CA ALA C 893 7.85 -21.19 53.03
C ALA C 893 7.92 -21.78 54.43
N LEU C 894 7.52 -23.04 54.55
CA LEU C 894 7.59 -23.80 55.78
C LEU C 894 8.64 -24.90 55.64
N GLN C 895 9.55 -24.97 56.61
CA GLN C 895 10.54 -26.03 56.65
C GLN C 895 9.84 -27.37 56.67
N ILE C 896 10.16 -28.24 55.71
CA ILE C 896 9.75 -29.63 55.75
C ILE C 896 10.84 -30.55 55.19
N PRO C 897 11.16 -31.69 55.80
CA PRO C 897 12.16 -32.57 55.18
C PRO C 897 11.62 -33.21 53.92
N PHE C 898 12.51 -33.33 52.94
CA PHE C 898 12.12 -33.61 51.57
C PHE C 898 11.43 -34.96 51.42
N ALA C 899 11.93 -35.98 52.11
CA ALA C 899 11.36 -37.31 52.03
C ALA C 899 9.89 -37.31 52.41
N MET C 900 9.53 -36.57 53.44
CA MET C 900 8.14 -36.46 53.80
C MET C 900 7.34 -35.79 52.70
N GLN C 901 7.93 -34.78 52.05
CA GLN C 901 7.28 -34.11 50.93
C GLN C 901 6.95 -35.08 49.82
N MET C 902 7.87 -36.00 49.53
CA MET C 902 7.56 -37.07 48.60
C MET C 902 6.49 -37.98 49.14
N ALA C 903 6.57 -38.34 50.42
CA ALA C 903 5.59 -39.24 51.01
C ALA C 903 4.17 -38.70 50.87
N TYR C 904 4.01 -37.42 51.13
CA TYR C 904 2.69 -36.83 50.98
C TYR C 904 2.29 -36.65 49.53
N ARG C 905 3.23 -36.39 48.63
CA ARG C 905 2.86 -36.43 47.21
C ARG C 905 2.41 -37.83 46.78
N PHE C 906 3.02 -38.88 47.34
CA PHE C 906 2.54 -40.23 47.08
C PHE C 906 1.14 -40.39 47.60
N ASN C 907 0.90 -39.90 48.80
CA ASN C 907 -0.46 -39.89 49.30
C ASN C 907 -1.38 -39.10 48.38
N GLY C 908 -0.84 -38.06 47.72
CA GLY C 908 -1.58 -37.32 46.72
C GLY C 908 -2.01 -38.12 45.51
N ILE C 909 -1.27 -39.18 45.17
CA ILE C 909 -1.66 -40.08 44.07
C ILE C 909 -2.28 -41.37 44.58
N GLY C 910 -2.72 -41.40 45.84
CA GLY C 910 -3.36 -42.57 46.39
C GLY C 910 -2.44 -43.70 46.76
N VAL C 911 -1.15 -43.49 46.72
CA VAL C 911 -0.17 -44.47 47.15
C VAL C 911 0.11 -44.22 48.63
N THR C 912 0.05 -45.27 49.44
CA THR C 912 0.20 -45.07 50.88
C THR C 912 1.66 -44.80 51.22
N GLN C 913 1.84 -43.98 52.26
CA GLN C 913 3.11 -43.31 52.56
C GLN C 913 4.27 -44.28 52.67
N ASN C 914 4.00 -45.42 53.30
CA ASN C 914 5.01 -46.44 53.50
C ASN C 914 5.64 -46.91 52.19
N VAL C 915 4.91 -46.85 51.08
CA VAL C 915 5.43 -47.25 49.79
C VAL C 915 6.66 -46.44 49.38
N LEU C 916 6.77 -45.19 49.82
CA LEU C 916 8.02 -44.46 49.60
C LEU C 916 9.18 -45.14 50.31
N TYR C 917 9.05 -45.33 51.61
CA TYR C 917 10.14 -45.86 52.41
C TYR C 917 10.51 -47.27 51.98
N GLU C 918 9.51 -48.06 51.66
CA GLU C 918 9.71 -49.41 51.17
C GLU C 918 10.37 -49.49 49.79
N ASN C 919 10.68 -48.37 49.13
CA ASN C 919 11.40 -48.37 47.87
C ASN C 919 12.48 -47.30 47.85
N GLN C 920 12.91 -46.83 49.02
CA GLN C 920 13.64 -45.59 49.24
C GLN C 920 14.83 -45.37 48.32
N LYS C 921 15.86 -46.21 48.47
CA LYS C 921 17.06 -46.06 47.67
C LYS C 921 16.76 -46.29 46.21
N LEU C 922 15.90 -47.28 45.92
CA LEU C 922 15.51 -47.59 44.56
C LEU C 922 14.90 -46.37 43.89
N ILE C 923 14.03 -45.69 44.61
CA ILE C 923 13.44 -44.45 44.14
C ILE C 923 14.53 -43.44 43.82
N ALA C 924 15.46 -43.26 44.74
CA ALA C 924 16.54 -42.31 44.50
C ALA C 924 17.35 -42.66 43.26
N ASN C 925 17.70 -43.94 43.11
CA ASN C 925 18.47 -44.39 41.96
C ASN C 925 17.73 -44.13 40.66
N GLN C 926 16.45 -44.49 40.64
CA GLN C 926 15.61 -44.22 39.49
C GLN C 926 15.58 -42.75 39.15
N PHE C 927 15.37 -41.91 40.15
CA PHE C 927 15.35 -40.47 39.93
C PHE C 927 16.65 -39.96 39.35
N ASN C 928 17.76 -40.32 39.98
CA ASN C 928 19.07 -39.87 39.52
C ASN C 928 19.35 -40.33 38.11
N SER C 929 19.01 -41.57 37.79
CA SER C 929 19.22 -42.06 36.44
C SER C 929 18.33 -41.35 35.45
N ALA C 930 17.11 -41.05 35.85
CA ALA C 930 16.21 -40.32 35.00
C ALA C 930 16.75 -38.95 34.64
N ILE C 931 17.19 -38.19 35.65
CA ILE C 931 17.87 -36.92 35.40
C ILE C 931 19.07 -37.09 34.49
N GLY C 932 19.80 -38.19 34.65
CA GLY C 932 20.88 -38.52 33.74
C GLY C 932 20.49 -38.62 32.29
N LYS C 933 19.53 -39.50 32.02
CA LYS C 933 19.06 -39.64 30.65
C LYS C 933 18.44 -38.37 30.12
N ILE C 934 17.84 -37.57 31.00
CA ILE C 934 17.30 -36.29 30.59
C ILE C 934 18.40 -35.41 30.04
N GLN C 935 19.48 -35.25 30.81
CA GLN C 935 20.54 -34.38 30.32
C GLN C 935 21.26 -34.98 29.13
N ASP C 936 21.27 -36.30 29.00
CA ASP C 936 21.78 -36.91 27.78
C ASP C 936 20.92 -36.53 26.59
N SER C 937 19.60 -36.57 26.75
CA SER C 937 18.69 -36.16 25.69
C SER C 937 18.93 -34.71 25.31
N LEU C 938 19.14 -33.86 26.30
CA LEU C 938 19.44 -32.48 26.00
C LEU C 938 20.77 -32.34 25.28
N SER C 939 21.70 -33.27 25.50
CA SER C 939 22.94 -33.28 24.74
C SER C 939 22.77 -33.82 23.31
N SER C 940 21.56 -34.20 22.90
CA SER C 940 21.31 -34.60 21.52
C SER C 940 21.63 -33.50 20.53
N ALA C 944 13.33 -31.65 20.96
CA ALA C 944 12.17 -30.76 20.83
C ALA C 944 12.52 -29.27 20.91
N LEU C 945 13.80 -28.94 21.07
CA LEU C 945 14.21 -27.57 21.34
C LEU C 945 13.92 -26.62 20.18
N GLY C 946 13.66 -27.16 18.98
CA GLY C 946 13.13 -26.37 17.88
C GLY C 946 11.92 -25.51 18.21
N LYS C 947 11.11 -25.93 19.19
CA LYS C 947 9.96 -25.15 19.66
C LYS C 947 10.27 -23.79 20.25
N LEU C 948 11.53 -23.40 20.38
CA LEU C 948 11.92 -22.05 20.67
C LEU C 948 12.78 -21.45 19.58
N GLN C 949 13.70 -22.23 19.02
CA GLN C 949 14.56 -21.74 17.94
C GLN C 949 13.75 -21.26 16.74
N ASP C 950 12.59 -21.87 16.52
CA ASP C 950 11.61 -21.37 15.56
C ASP C 950 11.25 -19.91 15.79
N VAL C 951 10.96 -19.54 17.04
CA VAL C 951 10.56 -18.17 17.38
C VAL C 951 11.60 -17.17 16.94
N VAL C 952 12.85 -17.48 17.23
CA VAL C 952 13.97 -16.66 16.79
C VAL C 952 13.96 -16.52 15.29
N ASN C 953 13.86 -17.66 14.60
CA ASN C 953 13.83 -17.69 13.15
C ASN C 953 12.74 -16.80 12.62
N GLN C 954 11.55 -16.90 13.20
CA GLN C 954 10.40 -16.13 12.76
C GLN C 954 10.68 -14.64 12.89
N ASN C 955 11.18 -14.25 14.05
CA ASN C 955 11.47 -12.85 14.32
C ASN C 955 12.47 -12.33 13.31
N ALA C 956 13.58 -13.04 13.19
CA ALA C 956 14.63 -12.68 12.27
C ALA C 956 14.09 -12.56 10.86
N GLN C 957 13.35 -13.56 10.42
CA GLN C 957 12.90 -13.62 9.04
C GLN C 957 11.94 -12.49 8.75
N ALA C 958 11.05 -12.20 9.69
CA ALA C 958 10.12 -11.10 9.47
C ALA C 958 10.87 -9.79 9.33
N LEU C 959 11.89 -9.60 10.16
CA LEU C 959 12.71 -8.41 10.02
C LEU C 959 13.43 -8.39 8.68
N ASN C 960 13.98 -9.52 8.29
CA ASN C 960 14.58 -9.67 6.97
C ASN C 960 13.59 -9.32 5.89
N THR C 961 12.34 -9.69 6.11
CA THR C 961 11.31 -9.40 5.13
C THR C 961 11.06 -7.91 5.04
N LEU C 962 11.02 -7.24 6.18
CA LEU C 962 10.90 -5.78 6.20
C LEU C 962 12.00 -5.11 5.41
N VAL C 963 13.25 -5.42 5.74
CA VAL C 963 14.36 -4.73 5.09
C VAL C 963 14.42 -5.08 3.62
N LYS C 964 14.19 -6.34 3.26
CA LYS C 964 14.15 -6.69 1.86
C LYS C 964 13.02 -5.99 1.16
N GLN C 965 11.89 -5.83 1.83
CA GLN C 965 10.82 -5.07 1.23
C GLN C 965 11.23 -3.62 1.02
N LEU C 966 12.18 -3.11 1.81
CA LEU C 966 12.73 -1.80 1.45
C LEU C 966 13.47 -1.87 0.13
N SER C 967 13.96 -3.04 -0.25
CA SER C 967 14.57 -3.25 -1.54
C SER C 967 13.54 -3.46 -2.64
N SER C 968 12.26 -3.63 -2.32
CA SER C 968 11.29 -3.88 -3.37
C SER C 968 11.04 -2.57 -4.07
N ASN C 969 10.90 -2.64 -5.38
CA ASN C 969 10.89 -1.43 -6.20
C ASN C 969 9.53 -0.83 -6.45
N PHE C 970 8.44 -1.59 -6.31
CA PHE C 970 7.07 -1.10 -6.45
C PHE C 970 6.79 -0.33 -7.74
N GLY C 971 7.44 -0.69 -8.83
CA GLY C 971 7.30 0.07 -10.06
C GLY C 971 8.01 1.40 -10.12
N ALA C 972 8.59 1.87 -9.04
CA ALA C 972 9.43 3.05 -9.13
C ALA C 972 10.72 2.71 -9.84
N ILE C 973 11.31 3.71 -10.49
CA ILE C 973 12.58 3.48 -11.16
C ILE C 973 13.73 3.14 -10.20
N SER C 974 13.56 3.36 -8.90
CA SER C 974 14.50 2.94 -7.87
C SER C 974 13.71 2.60 -6.63
N SER C 975 14.21 1.62 -5.89
CA SER C 975 13.71 1.42 -4.54
C SER C 975 14.34 2.39 -3.56
N VAL C 976 15.51 2.93 -3.89
CA VAL C 976 16.15 3.95 -3.08
C VAL C 976 15.71 5.33 -3.55
N LEU C 977 15.15 6.10 -2.61
CA LEU C 977 14.47 7.37 -2.90
C LEU C 977 15.38 8.34 -3.62
N ASN C 978 16.66 8.34 -3.24
CA ASN C 978 17.59 9.38 -3.61
C ASN C 978 17.79 9.45 -5.11
N ASP C 979 17.58 8.34 -5.82
CA ASP C 979 17.54 8.40 -7.28
C ASP C 979 16.46 9.36 -7.76
N ILE C 980 15.23 9.14 -7.29
CA ILE C 980 14.10 9.99 -7.67
C ILE C 980 14.44 11.43 -7.34
N LEU C 981 14.96 11.64 -6.15
CA LEU C 981 15.29 12.98 -5.74
C LEU C 981 16.49 13.54 -6.48
N SER C 982 17.34 12.68 -7.04
CA SER C 982 18.41 13.13 -7.91
C SER C 982 17.95 13.37 -9.34
N ARG C 983 16.77 12.90 -9.73
CA ARG C 983 16.48 12.71 -11.14
C ARG C 983 15.18 13.36 -11.56
N LEU C 984 14.09 13.07 -10.86
CA LEU C 984 12.81 13.49 -11.35
C LEU C 984 12.51 14.94 -10.98
N ASP C 985 11.71 15.58 -11.83
CA ASP C 985 10.96 16.76 -11.45
C ASP C 985 10.07 16.44 -10.25
N PRO C 986 9.75 17.42 -9.39
CA PRO C 986 8.96 17.15 -8.16
C PRO C 986 7.60 16.47 -8.39
N PRO C 987 6.78 16.89 -9.38
CA PRO C 987 5.47 16.21 -9.52
C PRO C 987 5.50 14.73 -9.88
N GLU C 988 6.29 14.31 -10.85
CA GLU C 988 6.42 12.87 -11.11
C GLU C 988 7.34 12.22 -10.10
N ALA C 989 8.28 12.98 -9.54
CA ALA C 989 8.98 12.48 -8.36
C ALA C 989 8.00 12.13 -7.26
N GLU C 990 7.03 13.03 -7.01
CA GLU C 990 6.02 12.79 -5.99
C GLU C 990 5.24 11.50 -6.22
N VAL C 991 4.67 11.30 -7.41
CA VAL C 991 3.84 10.11 -7.64
C VAL C 991 4.66 8.83 -7.50
N GLN C 992 5.90 8.85 -7.99
CA GLN C 992 6.74 7.67 -7.84
C GLN C 992 7.04 7.45 -6.37
N ILE C 993 7.39 8.54 -5.69
CA ILE C 993 7.56 8.53 -4.25
C ILE C 993 6.28 8.12 -3.56
N ASP C 994 5.14 8.55 -4.07
CA ASP C 994 3.87 8.18 -3.45
C ASP C 994 3.64 6.68 -3.53
N ARG C 995 3.93 6.10 -4.68
CA ARG C 995 3.89 4.65 -4.82
C ARG C 995 4.81 3.98 -3.81
N LEU C 996 6.04 4.47 -3.71
CA LEU C 996 7.01 3.88 -2.80
C LEU C 996 6.53 3.94 -1.35
N ILE C 997 5.97 5.08 -0.97
CA ILE C 997 5.41 5.22 0.38
C ILE C 997 4.29 4.23 0.60
N THR C 998 3.41 4.10 -0.38
CA THR C 998 2.33 3.11 -0.27
C THR C 998 2.87 1.71 -0.09
N GLY C 999 3.92 1.38 -0.83
CA GLY C 999 4.56 0.08 -0.68
C GLY C 999 5.12 -0.16 0.71
N ARG C 1000 5.97 0.74 1.17
CA ARG C 1000 6.58 0.59 2.48
C ARG C 1000 5.57 0.64 3.60
N LEU C 1001 4.46 1.32 3.38
CA LEU C 1001 3.34 1.23 4.30
C LEU C 1001 2.76 -0.16 4.31
N GLN C 1002 2.37 -0.64 3.12
CA GLN C 1002 1.76 -1.95 2.93
C GLN C 1002 2.57 -3.02 3.61
N SER C 1003 3.88 -2.96 3.39
CA SER C 1003 4.82 -3.88 4.01
C SER C 1003 4.76 -3.79 5.51
N LEU C 1004 4.87 -2.58 6.04
CA LEU C 1004 5.00 -2.45 7.46
C LEU C 1004 3.73 -2.85 8.18
N GLN C 1005 2.57 -2.46 7.66
CA GLN C 1005 1.33 -2.93 8.24
C GLN C 1005 1.23 -4.43 8.25
N THR C 1006 1.61 -5.08 7.15
CA THR C 1006 1.56 -6.53 7.12
C THR C 1006 2.45 -7.13 8.19
N TYR C 1007 3.63 -6.54 8.37
CA TYR C 1007 4.52 -6.94 9.45
C TYR C 1007 3.86 -6.78 10.80
N VAL C 1008 3.32 -5.60 11.05
CA VAL C 1008 2.75 -5.25 12.35
C VAL C 1008 1.62 -6.20 12.70
N THR C 1009 0.73 -6.41 11.75
CA THR C 1009 -0.38 -7.32 11.97
C THR C 1009 0.10 -8.73 12.28
N GLN C 1010 1.13 -9.20 11.58
CA GLN C 1010 1.66 -10.51 11.92
C GLN C 1010 2.23 -10.53 13.33
N GLN C 1011 2.90 -9.45 13.73
CA GLN C 1011 3.38 -9.33 15.10
C GLN C 1011 2.25 -9.45 16.09
N LEU C 1012 1.14 -8.75 15.83
CA LEU C 1012 -0.03 -8.86 16.68
C LEU C 1012 -0.48 -10.30 16.82
N ILE C 1013 -0.61 -10.99 15.69
CA ILE C 1013 -1.12 -12.36 15.71
C ILE C 1013 -0.19 -13.25 16.54
N ARG C 1014 1.09 -13.18 16.24
CA ARG C 1014 2.06 -13.99 16.96
C ARG C 1014 2.10 -13.61 18.43
N ALA C 1015 1.92 -12.33 18.71
CA ALA C 1015 1.86 -11.89 20.10
C ALA C 1015 0.70 -12.53 20.82
N ALA C 1016 -0.47 -12.57 20.19
CA ALA C 1016 -1.59 -13.30 20.79
C ALA C 1016 -1.28 -14.77 20.98
N GLU C 1017 -0.54 -15.36 20.05
CA GLU C 1017 -0.10 -16.74 20.21
C GLU C 1017 0.77 -16.89 21.46
N ILE C 1018 1.73 -15.99 21.61
CA ILE C 1018 2.56 -16.02 22.80
C ILE C 1018 1.74 -15.71 24.03
N ARG C 1019 0.72 -14.86 23.92
CA ARG C 1019 -0.13 -14.52 25.05
C ARG C 1019 -0.81 -15.77 25.61
N ALA C 1020 -1.42 -16.54 24.72
CA ALA C 1020 -1.99 -17.82 25.10
C ALA C 1020 -0.93 -18.73 25.69
N SER C 1021 0.23 -18.79 25.03
CA SER C 1021 1.33 -19.59 25.54
C SER C 1021 1.74 -19.16 26.93
N ALA C 1022 1.72 -17.87 27.18
CA ALA C 1022 2.14 -17.33 28.46
C ALA C 1022 1.20 -17.78 29.57
N ASN C 1023 -0.08 -17.53 29.38
CA ASN C 1023 -1.07 -17.92 30.38
C ASN C 1023 -1.03 -19.41 30.65
N LEU C 1024 -0.86 -20.20 29.59
CA LEU C 1024 -0.66 -21.62 29.73
C LEU C 1024 0.54 -21.92 30.60
N ALA C 1025 1.66 -21.29 30.30
CA ALA C 1025 2.87 -21.48 31.09
C ALA C 1025 2.66 -21.09 32.54
N ALA C 1026 1.99 -19.97 32.78
CA ALA C 1026 1.79 -19.49 34.14
C ALA C 1026 0.97 -20.48 34.96
N THR C 1027 -0.09 -21.00 34.36
CA THR C 1027 -0.90 -21.96 35.07
C THR C 1027 -0.17 -23.26 35.28
N LYS C 1028 0.51 -23.76 34.24
CA LYS C 1028 1.38 -24.91 34.40
C LYS C 1028 2.36 -24.72 35.54
N MET C 1029 2.95 -23.53 35.62
CA MET C 1029 3.91 -23.22 36.66
C MET C 1029 3.26 -23.35 38.03
N SER C 1030 2.16 -22.65 38.23
CA SER C 1030 1.48 -22.67 39.52
C SER C 1030 0.98 -24.06 39.88
N GLU C 1031 0.23 -24.69 38.98
CA GLU C 1031 -0.36 -25.98 39.29
C GLU C 1031 0.68 -27.09 39.45
N CYS C 1032 1.69 -27.13 38.60
CA CYS C 1032 2.60 -28.27 38.50
C CYS C 1032 3.89 -28.09 39.27
N VAL C 1033 4.45 -26.87 39.34
CA VAL C 1033 5.66 -26.62 40.10
C VAL C 1033 5.31 -26.19 41.52
N LEU C 1034 4.50 -25.14 41.67
CA LEU C 1034 4.27 -24.60 43.00
C LEU C 1034 3.41 -25.50 43.87
N GLY C 1035 2.86 -26.57 43.35
CA GLY C 1035 2.07 -27.47 44.15
C GLY C 1035 2.00 -28.83 43.51
N GLN C 1036 0.86 -29.49 43.64
CA GLN C 1036 0.55 -30.73 42.95
C GLN C 1036 -0.84 -30.61 42.36
N SER C 1037 -1.03 -31.16 41.15
CA SER C 1037 -2.30 -31.05 40.44
C SER C 1037 -2.73 -32.39 39.88
N LYS C 1038 -4.00 -32.71 40.10
CA LYS C 1038 -4.57 -33.99 39.74
C LYS C 1038 -5.09 -34.04 38.32
N ARG C 1039 -5.02 -32.94 37.57
CA ARG C 1039 -5.51 -32.93 36.19
C ARG C 1039 -4.75 -33.95 35.37
N VAL C 1040 -5.43 -35.05 35.05
CA VAL C 1040 -4.80 -36.23 34.48
C VAL C 1040 -4.10 -35.88 33.18
N ASP C 1041 -2.80 -36.15 33.16
CA ASP C 1041 -1.93 -35.81 32.05
C ASP C 1041 -1.95 -34.33 31.67
N PHE C 1042 -2.29 -33.45 32.60
CA PHE C 1042 -2.00 -32.03 32.41
C PHE C 1042 -0.54 -31.74 32.67
N CYS C 1043 -0.11 -32.02 33.89
CA CYS C 1043 1.27 -31.82 34.31
C CYS C 1043 2.08 -33.03 33.90
N GLY C 1044 2.57 -33.02 32.67
CA GLY C 1044 3.28 -34.15 32.11
C GLY C 1044 2.35 -35.30 31.75
N LYS C 1045 2.97 -36.47 31.61
CA LYS C 1045 2.29 -37.73 31.34
C LYS C 1045 2.34 -38.62 32.57
N GLY C 1046 1.23 -39.25 32.89
CA GLY C 1046 1.13 -40.03 34.11
C GLY C 1046 0.89 -39.14 35.30
N TYR C 1047 0.60 -39.78 36.43
CA TYR C 1047 0.28 -39.08 37.67
C TYR C 1047 1.40 -38.12 38.05
N HIS C 1048 1.04 -36.87 38.30
CA HIS C 1048 2.04 -35.83 38.56
C HIS C 1048 2.56 -35.96 39.99
N LEU C 1049 3.88 -36.07 40.13
CA LEU C 1049 4.51 -36.07 41.46
C LEU C 1049 4.94 -34.67 41.85
N MET C 1050 5.77 -34.03 41.04
CA MET C 1050 6.17 -32.66 41.32
C MET C 1050 6.76 -32.15 40.03
N SER C 1051 7.08 -30.85 39.98
CA SER C 1051 7.77 -30.28 38.84
C SER C 1051 8.80 -29.23 39.24
N PHE C 1052 9.75 -28.99 38.33
CA PHE C 1052 10.80 -27.98 38.45
C PHE C 1052 10.87 -27.07 37.23
N PRO C 1053 11.13 -25.77 37.42
CA PRO C 1053 11.37 -24.89 36.28
C PRO C 1053 12.84 -24.84 35.89
N GLN C 1054 13.10 -24.67 34.61
CA GLN C 1054 14.42 -24.26 34.15
C GLN C 1054 14.28 -23.16 33.12
N SER C 1055 15.14 -22.15 33.23
CA SER C 1055 15.10 -20.99 32.35
C SER C 1055 15.74 -21.28 31.00
N ALA C 1056 15.23 -20.61 29.99
CA ALA C 1056 15.70 -20.77 28.62
C ALA C 1056 15.45 -19.47 27.89
N PRO C 1057 16.17 -19.22 26.78
CA PRO C 1057 16.35 -17.83 26.29
C PRO C 1057 15.10 -17.07 25.94
N HIS C 1058 14.06 -17.74 25.47
CA HIS C 1058 12.79 -17.11 25.15
C HIS C 1058 11.63 -17.81 25.83
N GLY C 1059 11.88 -18.66 26.81
CA GLY C 1059 10.86 -19.56 27.28
C GLY C 1059 11.27 -20.18 28.59
N VAL C 1060 10.54 -21.21 28.99
CA VAL C 1060 10.84 -21.99 30.18
C VAL C 1060 10.86 -23.45 29.77
N VAL C 1061 11.74 -24.20 30.40
CA VAL C 1061 11.76 -25.65 30.35
C VAL C 1061 11.23 -26.16 31.66
N PHE C 1062 10.19 -26.95 31.60
CA PHE C 1062 9.74 -27.73 32.74
C PHE C 1062 10.45 -29.06 32.78
N LEU C 1063 10.70 -29.52 34.00
CA LEU C 1063 10.84 -30.93 34.30
C LEU C 1063 9.59 -31.40 35.02
N HIS C 1064 9.03 -32.50 34.55
CA HIS C 1064 7.96 -33.20 35.24
C HIS C 1064 8.47 -34.47 35.89
N VAL C 1065 8.12 -34.68 37.14
CA VAL C 1065 8.40 -35.90 37.88
C VAL C 1065 7.09 -36.67 37.95
N THR C 1066 7.07 -37.89 37.42
CA THR C 1066 5.81 -38.57 37.09
C THR C 1066 5.90 -40.04 37.43
N TYR C 1067 4.80 -40.56 37.94
CA TYR C 1067 4.67 -41.94 38.35
C TYR C 1067 4.20 -42.79 37.18
N VAL C 1068 4.74 -44.02 37.09
CA VAL C 1068 4.42 -44.95 36.03
C VAL C 1068 4.18 -46.33 36.62
N PRO C 1069 2.97 -46.94 36.48
CA PRO C 1069 2.77 -48.30 37.00
C PRO C 1069 3.40 -49.34 36.08
N ALA C 1070 4.57 -49.85 36.43
CA ALA C 1070 5.45 -50.41 35.43
C ALA C 1070 5.12 -51.85 35.05
N GLN C 1071 4.86 -52.71 36.04
CA GLN C 1071 4.71 -54.13 35.80
C GLN C 1071 3.63 -54.70 36.71
N GLU C 1072 2.81 -55.60 36.16
CA GLU C 1072 1.54 -56.03 36.76
C GLU C 1072 1.41 -57.53 36.67
N LYS C 1073 0.43 -58.04 37.43
CA LYS C 1073 -0.02 -59.42 37.34
C LYS C 1073 -1.54 -59.46 37.24
N ASN C 1074 -2.06 -60.49 36.58
CA ASN C 1074 -3.48 -60.65 36.44
C ASN C 1074 -3.98 -61.41 37.66
N PHE C 1075 -5.15 -61.03 38.17
CA PHE C 1075 -5.79 -61.67 39.31
C PHE C 1075 -7.28 -61.72 39.06
N THR C 1076 -7.92 -62.68 39.68
CA THR C 1076 -9.37 -62.68 39.81
C THR C 1076 -9.82 -61.71 40.88
N THR C 1077 -11.00 -61.12 40.66
CA THR C 1077 -11.59 -60.15 41.59
C THR C 1077 -13.08 -60.37 41.73
N ALA C 1078 -13.59 -59.87 42.84
CA ALA C 1078 -15.02 -59.84 43.14
C ALA C 1078 -15.29 -58.56 43.89
N PRO C 1079 -16.49 -57.99 43.74
CA PRO C 1079 -16.71 -56.66 44.31
C PRO C 1079 -16.86 -56.65 45.81
N ALA C 1080 -17.30 -57.74 46.42
CA ALA C 1080 -17.67 -57.70 47.82
C ALA C 1080 -17.67 -59.10 48.38
N ILE C 1081 -17.65 -59.19 49.71
CA ILE C 1081 -17.72 -60.46 50.42
C ILE C 1081 -18.89 -60.40 51.38
N CYS C 1082 -19.63 -61.51 51.44
CA CYS C 1082 -20.65 -61.76 52.46
C CYS C 1082 -20.04 -62.71 53.45
N HIS C 1083 -20.11 -62.37 54.74
CA HIS C 1083 -19.51 -63.16 55.80
C HIS C 1083 -20.56 -63.59 56.81
N ASP C 1084 -21.08 -62.65 57.59
CA ASP C 1084 -21.94 -62.97 58.72
C ASP C 1084 -23.40 -63.09 58.31
N GLY C 1085 -23.67 -63.54 57.08
CA GLY C 1085 -24.98 -63.35 56.53
C GLY C 1085 -25.28 -61.91 56.19
N LYS C 1086 -24.25 -61.09 56.04
CA LYS C 1086 -24.42 -59.69 55.71
C LYS C 1086 -23.22 -59.29 54.87
N ALA C 1087 -23.42 -58.27 54.06
CA ALA C 1087 -22.48 -57.89 53.04
C ALA C 1087 -21.40 -56.98 53.60
N HIS C 1088 -20.21 -57.08 53.02
CA HIS C 1088 -19.08 -56.25 53.34
C HIS C 1088 -18.51 -55.70 52.04
N PHE C 1089 -18.12 -54.44 52.06
CA PHE C 1089 -17.47 -53.74 50.97
C PHE C 1089 -16.09 -53.25 51.39
N PRO C 1090 -15.14 -53.16 50.47
CA PRO C 1090 -13.81 -52.65 50.84
C PRO C 1090 -13.86 -51.21 51.32
N ARG C 1091 -13.08 -50.92 52.37
CA ARG C 1091 -12.94 -49.55 52.82
C ARG C 1091 -12.40 -48.68 51.70
N GLU C 1092 -11.49 -49.22 50.92
CA GLU C 1092 -10.98 -48.58 49.72
C GLU C 1092 -10.30 -49.66 48.90
N GLY C 1093 -10.00 -49.33 47.67
CA GLY C 1093 -9.30 -50.27 46.80
C GLY C 1093 -10.17 -51.34 46.19
N VAL C 1094 -9.74 -52.60 46.27
CA VAL C 1094 -10.37 -53.69 45.56
C VAL C 1094 -9.95 -54.97 46.24
N PHE C 1095 -10.74 -56.02 46.05
CA PHE C 1095 -10.39 -57.38 46.49
C PHE C 1095 -9.76 -58.19 45.36
N VAL C 1096 -8.66 -58.88 45.66
CA VAL C 1096 -7.98 -59.75 44.71
C VAL C 1096 -7.60 -61.02 45.45
N SER C 1097 -7.46 -62.10 44.69
CA SER C 1097 -7.01 -63.39 45.22
C SER C 1097 -6.06 -64.10 44.27
N ASN C 1098 -5.12 -64.86 44.78
CA ASN C 1098 -4.26 -65.60 43.89
C ASN C 1098 -4.83 -67.00 43.94
N GLY C 1099 -6.20 -67.16 43.73
CA GLY C 1099 -7.04 -68.33 43.85
C GLY C 1099 -7.43 -68.73 45.26
N THR C 1100 -6.83 -68.15 46.32
CA THR C 1100 -7.04 -68.51 47.74
C THR C 1100 -6.62 -67.29 48.60
N HIS C 1101 -6.81 -67.34 49.93
CA HIS C 1101 -6.37 -66.30 50.87
C HIS C 1101 -6.67 -64.89 50.41
N TRP C 1102 -7.95 -64.64 50.26
CA TRP C 1102 -8.51 -63.37 49.74
C TRP C 1102 -7.93 -62.13 50.43
N PHE C 1103 -7.36 -61.20 49.62
CA PHE C 1103 -6.73 -60.00 50.14
C PHE C 1103 -7.14 -58.69 49.44
N VAL C 1104 -7.56 -57.70 50.22
CA VAL C 1104 -7.86 -56.37 49.73
C VAL C 1104 -6.53 -55.65 49.55
N THR C 1105 -6.47 -54.73 48.59
CA THR C 1105 -5.25 -53.95 48.38
C THR C 1105 -5.61 -52.57 47.88
N GLN C 1106 -4.74 -51.63 48.19
CA GLN C 1106 -4.71 -50.35 47.49
C GLN C 1106 -4.48 -50.55 46.00
N ARG C 1107 -5.16 -49.76 45.19
CA ARG C 1107 -5.37 -50.10 43.79
C ARG C 1107 -4.15 -49.92 42.93
N ASN C 1108 -3.16 -49.15 43.35
CA ASN C 1108 -2.06 -48.78 42.48
C ASN C 1108 -0.73 -49.38 42.88
N PHE C 1109 -0.71 -50.32 43.82
CA PHE C 1109 0.52 -51.02 44.15
C PHE C 1109 0.15 -52.26 44.91
N TYR C 1110 0.59 -53.42 44.43
CA TYR C 1110 0.18 -54.70 45.00
C TYR C 1110 0.61 -54.79 46.45
N GLU C 1111 -0.34 -54.84 47.38
CA GLU C 1111 -0.03 -54.72 48.80
C GLU C 1111 -1.09 -55.44 49.63
N PRO C 1112 -1.17 -56.76 49.49
CA PRO C 1112 -2.27 -57.53 50.09
C PRO C 1112 -2.37 -57.42 51.61
N GLN C 1113 -3.57 -57.11 52.10
CA GLN C 1113 -3.88 -57.12 53.52
C GLN C 1113 -5.02 -58.08 53.74
N ILE C 1114 -5.05 -58.68 54.94
CA ILE C 1114 -6.16 -59.56 55.29
C ILE C 1114 -7.44 -58.75 55.30
N ILE C 1115 -8.45 -59.28 54.63
CA ILE C 1115 -9.74 -58.61 54.60
C ILE C 1115 -10.37 -58.77 55.97
N THR C 1116 -10.59 -57.65 56.65
CA THR C 1116 -11.12 -57.64 58.00
C THR C 1116 -12.10 -56.51 58.15
N THR C 1117 -12.85 -56.59 59.24
CA THR C 1117 -13.54 -55.46 59.85
C THR C 1117 -12.74 -54.16 59.85
N ASP C 1118 -11.43 -54.27 60.11
CA ASP C 1118 -10.58 -53.10 60.15
C ASP C 1118 -10.48 -52.38 58.82
N ASN C 1119 -10.74 -53.07 57.70
CA ASN C 1119 -10.55 -52.49 56.38
C ASN C 1119 -11.76 -52.72 55.47
N THR C 1120 -12.95 -52.92 56.04
CA THR C 1120 -14.17 -53.07 55.26
C THR C 1120 -15.26 -52.27 55.93
N PHE C 1121 -16.36 -52.05 55.21
CA PHE C 1121 -17.60 -51.55 55.80
C PHE C 1121 -18.75 -52.40 55.32
N VAL C 1122 -19.78 -52.51 56.17
CA VAL C 1122 -20.98 -53.27 55.84
C VAL C 1122 -21.92 -52.45 54.99
N SER C 1123 -22.78 -53.14 54.24
CA SER C 1123 -23.99 -52.53 53.69
C SER C 1123 -25.09 -53.58 53.46
N GLY C 1124 -25.54 -54.21 54.53
CA GLY C 1124 -26.77 -54.99 54.50
C GLY C 1124 -26.78 -56.36 53.84
N ASN C 1125 -27.95 -56.70 53.31
CA ASN C 1125 -28.27 -58.05 52.85
C ASN C 1125 -27.48 -58.51 51.64
N CYS C 1126 -27.14 -59.79 51.67
CA CYS C 1126 -26.39 -60.47 50.62
C CYS C 1126 -27.24 -60.89 49.43
N ASP C 1127 -27.82 -59.91 48.71
CA ASP C 1127 -28.53 -60.21 47.46
C ASP C 1127 -28.08 -59.34 46.31
N VAL C 1128 -28.28 -58.03 46.44
CA VAL C 1128 -28.14 -57.18 45.28
C VAL C 1128 -26.68 -57.00 44.88
N VAL C 1129 -25.74 -57.29 45.78
CA VAL C 1129 -24.34 -57.13 45.44
C VAL C 1129 -23.94 -58.31 44.56
N ILE C 1130 -24.10 -58.09 43.26
CA ILE C 1130 -23.84 -59.06 42.21
C ILE C 1130 -22.43 -59.63 42.33
N GLY C 1131 -22.32 -60.94 42.43
CA GLY C 1131 -21.03 -61.56 42.55
C GLY C 1131 -20.39 -61.47 43.91
N ILE C 1132 -21.13 -61.07 44.94
CA ILE C 1132 -20.63 -61.17 46.30
C ILE C 1132 -20.24 -62.61 46.59
N VAL C 1133 -19.16 -62.78 47.35
CA VAL C 1133 -18.53 -64.07 47.57
C VAL C 1133 -18.62 -64.48 49.03
N ASN C 1134 -18.96 -65.76 49.31
CA ASN C 1134 -19.00 -66.26 50.66
C ASN C 1134 -17.54 -66.45 51.09
N ASN C 1135 -17.03 -65.57 51.93
CA ASN C 1135 -15.66 -65.63 52.43
C ASN C 1135 -15.59 -64.97 53.80
N THR C 1136 -14.51 -65.25 54.52
CA THR C 1136 -14.32 -64.72 55.87
C THR C 1136 -13.87 -63.28 55.88
N VAL C 1137 -14.34 -62.56 56.88
CA VAL C 1137 -13.96 -61.17 57.16
C VAL C 1137 -13.54 -61.09 58.62
N TYR C 1138 -12.36 -61.62 58.92
CA TYR C 1138 -11.84 -61.83 60.28
C TYR C 1138 -11.78 -60.48 61.04
N ASP C 1139 -11.54 -60.53 62.38
CA ASP C 1139 -11.61 -59.39 63.31
C ASP C 1139 -10.69 -59.62 64.50
N PRO C 1140 -9.66 -58.79 64.73
CA PRO C 1140 -8.80 -58.99 65.91
C PRO C 1140 -9.49 -58.77 67.24
N LEU C 1141 -10.64 -58.09 67.26
CA LEU C 1141 -11.26 -57.67 68.50
C LEU C 1141 -11.56 -58.84 69.44
N GLN C 1142 -12.18 -59.90 68.93
CA GLN C 1142 -12.50 -61.06 69.76
C GLN C 1142 -11.24 -61.67 70.39
N PRO C 1143 -10.20 -62.04 69.64
CA PRO C 1143 -8.95 -62.49 70.29
C PRO C 1143 -8.41 -61.50 71.29
N GLU C 1144 -8.53 -60.22 70.97
CA GLU C 1144 -8.05 -59.18 71.87
C GLU C 1144 -8.84 -59.13 73.16
N LEU C 1145 -10.09 -59.60 73.18
CA LEU C 1145 -10.89 -59.59 74.41
C LEU C 1145 -10.21 -60.34 75.56
N ASP C 1146 -9.46 -61.41 75.27
CA ASP C 1146 -8.67 -62.10 76.28
C ASP C 1146 -7.40 -62.69 75.69
N GLN D 1 50.80 49.22 -49.52
CA GLN D 1 50.34 49.88 -50.79
C GLN D 1 50.04 48.82 -51.83
N VAL D 2 48.95 49.02 -52.55
CA VAL D 2 48.55 48.06 -53.57
C VAL D 2 49.35 48.29 -54.84
N GLN D 3 49.99 47.23 -55.31
CA GLN D 3 50.75 47.23 -56.55
C GLN D 3 50.88 45.80 -56.98
N LEU D 4 51.29 45.64 -58.24
CA LEU D 4 51.67 44.35 -58.78
C LEU D 4 52.82 44.54 -59.75
N VAL D 5 54.01 44.16 -59.31
CA VAL D 5 55.26 44.57 -59.94
C VAL D 5 55.81 43.42 -60.76
N GLN D 6 56.17 43.72 -61.99
CA GLN D 6 56.59 42.76 -62.99
C GLN D 6 58.02 42.32 -62.79
N SER D 7 58.36 41.21 -63.45
CA SER D 7 59.72 40.92 -63.83
C SER D 7 60.36 42.12 -64.52
N GLY D 8 61.66 42.27 -64.30
CA GLY D 8 62.44 43.27 -65.02
C GLY D 8 62.74 42.84 -66.43
N ALA D 9 63.88 43.33 -66.94
CA ALA D 9 64.22 43.25 -68.37
C ALA D 9 64.24 41.83 -68.89
N GLU D 10 63.69 41.65 -70.09
CA GLU D 10 64.03 40.54 -70.96
C GLU D 10 64.15 41.14 -72.36
N VAL D 11 65.17 40.72 -73.13
CA VAL D 11 65.70 41.55 -74.22
C VAL D 11 66.09 40.80 -75.50
N LYS D 12 66.22 39.48 -75.43
CA LYS D 12 66.96 38.74 -76.45
C LYS D 12 66.34 38.77 -77.84
N LYS D 13 67.21 38.57 -78.81
CA LYS D 13 66.83 38.31 -80.19
C LYS D 13 65.88 37.09 -80.27
N PRO D 14 65.02 37.01 -81.28
CA PRO D 14 63.96 35.98 -81.32
C PRO D 14 64.35 34.50 -81.29
N GLY D 15 63.30 33.69 -81.03
CA GLY D 15 63.26 32.24 -81.16
C GLY D 15 63.27 31.43 -79.87
N ALA D 16 63.94 31.90 -78.83
CA ALA D 16 63.81 31.27 -77.52
C ALA D 16 62.43 31.53 -76.93
N SER D 17 62.07 30.70 -75.96
CA SER D 17 60.86 30.88 -75.18
C SER D 17 61.09 31.95 -74.11
N VAL D 18 60.02 32.34 -73.43
CA VAL D 18 60.14 33.23 -72.28
C VAL D 18 59.08 32.93 -71.24
N LYS D 19 59.46 33.18 -69.99
CA LYS D 19 58.57 33.32 -68.86
C LYS D 19 58.65 34.71 -68.25
N VAL D 20 57.48 35.32 -68.08
CA VAL D 20 57.28 36.65 -67.53
C VAL D 20 56.45 36.48 -66.28
N SER D 21 56.67 37.35 -65.29
CA SER D 21 56.08 37.20 -63.97
C SER D 21 55.68 38.56 -63.43
N CYS D 22 54.80 38.53 -62.43
CA CYS D 22 54.35 39.76 -61.78
C CYS D 22 53.89 39.42 -60.37
N LYS D 23 54.42 40.16 -59.40
CA LYS D 23 54.22 39.94 -57.97
C LYS D 23 53.34 41.03 -57.41
N ALA D 24 52.29 40.60 -56.72
CA ALA D 24 51.33 41.50 -56.10
C ALA D 24 51.95 42.22 -54.90
N SER D 25 51.21 43.23 -54.42
CA SER D 25 51.48 43.85 -53.14
C SER D 25 50.19 44.40 -52.56
N GLY D 26 50.16 44.50 -51.23
CA GLY D 26 48.98 44.97 -50.54
C GLY D 26 47.83 43.98 -50.49
N TYR D 27 47.30 43.62 -51.64
CA TYR D 27 46.06 42.87 -51.71
C TYR D 27 46.24 41.37 -51.56
N THR D 28 45.17 40.74 -51.09
CA THR D 28 45.11 39.29 -51.03
C THR D 28 45.14 38.76 -52.46
N PHE D 29 46.19 38.01 -52.76
CA PHE D 29 46.44 37.54 -54.12
C PHE D 29 45.27 36.73 -54.64
N THR D 30 44.68 35.89 -53.79
CA THR D 30 43.48 35.16 -54.16
C THR D 30 42.25 36.06 -54.30
N GLY D 31 42.29 37.29 -53.78
CA GLY D 31 41.18 38.22 -53.96
C GLY D 31 41.05 38.80 -55.36
N TYR D 32 41.98 38.49 -56.26
CA TYR D 32 41.98 38.97 -57.63
C TYR D 32 42.43 37.84 -58.54
N TYR D 33 41.79 37.73 -59.70
CA TYR D 33 42.45 37.02 -60.78
C TYR D 33 43.52 37.95 -61.28
N MET D 34 44.62 37.39 -61.74
CA MET D 34 45.54 38.14 -62.58
C MET D 34 45.18 37.81 -64.01
N HIS D 35 45.22 38.82 -64.88
CA HIS D 35 45.06 38.69 -66.32
C HIS D 35 46.33 39.27 -66.92
N TRP D 36 46.71 38.82 -68.12
CA TRP D 36 47.88 39.36 -68.81
C TRP D 36 47.51 39.93 -70.17
N VAL D 37 48.00 41.14 -70.43
CA VAL D 37 47.59 41.97 -71.56
C VAL D 37 48.91 42.45 -72.16
N ARG D 38 48.90 42.83 -73.45
CA ARG D 38 50.06 43.48 -74.08
C ARG D 38 49.71 44.53 -75.11
N GLN D 39 50.67 45.43 -75.24
CA GLN D 39 50.72 46.45 -76.27
C GLN D 39 51.00 45.85 -77.64
N ALA D 40 50.39 46.44 -78.65
CA ALA D 40 50.70 46.26 -80.04
C ALA D 40 51.02 47.62 -80.64
N PRO D 41 52.02 47.76 -81.52
CA PRO D 41 52.28 49.08 -82.12
C PRO D 41 51.12 49.57 -82.96
N GLY D 42 50.35 48.65 -83.50
CA GLY D 42 49.03 48.96 -83.99
C GLY D 42 48.09 49.20 -82.84
N GLN D 43 47.28 48.20 -82.53
CA GLN D 43 46.08 48.38 -81.72
C GLN D 43 46.37 48.79 -80.29
N GLY D 44 47.59 48.59 -79.79
CA GLY D 44 47.83 48.68 -78.36
C GLY D 44 47.34 47.47 -77.58
N LEU D 45 46.28 47.68 -76.80
CA LEU D 45 45.80 46.70 -75.83
C LEU D 45 45.41 45.38 -76.49
N GLU D 46 46.02 44.29 -76.02
CA GLU D 46 45.69 42.94 -76.48
C GLU D 46 45.69 42.00 -75.28
N TRP D 47 44.65 41.16 -75.16
CA TRP D 47 44.48 40.24 -74.04
C TRP D 47 44.84 38.81 -74.38
N MET D 48 45.67 38.21 -73.54
CA MET D 48 46.06 36.80 -73.63
C MET D 48 45.30 35.84 -72.74
N GLY D 49 44.99 36.19 -71.50
CA GLY D 49 44.41 35.17 -70.64
C GLY D 49 44.23 35.63 -69.21
N ARG D 50 43.64 34.71 -68.43
CA ARG D 50 43.35 34.85 -67.02
C ARG D 50 43.78 33.64 -66.21
N ILE D 51 44.25 33.87 -64.97
CA ILE D 51 44.46 32.84 -63.94
C ILE D 51 43.40 33.04 -62.87
N ASN D 52 42.64 31.99 -62.61
CA ASN D 52 42.00 31.92 -61.31
C ASN D 52 43.11 31.39 -60.42
N PRO D 53 43.73 32.21 -59.59
CA PRO D 53 44.84 31.69 -58.80
C PRO D 53 44.42 30.72 -57.74
N ASN D 54 43.24 30.91 -57.15
CA ASN D 54 42.88 30.05 -56.05
C ASN D 54 42.57 28.65 -56.55
N SER D 55 41.90 28.57 -57.70
CA SER D 55 41.72 27.29 -58.37
C SER D 55 42.94 26.90 -59.20
N GLY D 56 43.75 27.84 -59.65
CA GLY D 56 44.68 27.57 -60.73
C GLY D 56 44.05 27.46 -62.11
N GLY D 57 42.75 27.66 -62.25
CA GLY D 57 42.12 27.47 -63.54
C GLY D 57 42.49 28.58 -64.49
N THR D 58 42.45 28.26 -65.80
CA THR D 58 42.85 29.21 -66.82
C THR D 58 41.94 29.10 -68.03
N ASN D 59 41.91 30.19 -68.79
CA ASN D 59 41.25 30.29 -70.08
C ASN D 59 42.11 31.19 -70.94
N TYR D 60 42.02 31.02 -72.26
CA TYR D 60 42.98 31.65 -73.16
C TYR D 60 42.33 32.06 -74.47
N ALA D 61 42.89 33.13 -75.03
CA ALA D 61 42.47 33.64 -76.33
C ALA D 61 43.00 32.73 -77.42
N GLN D 62 42.16 32.49 -78.43
CA GLN D 62 42.47 31.61 -79.56
C GLN D 62 43.80 31.88 -80.25
N LYS D 63 44.29 33.11 -80.23
CA LYS D 63 45.50 33.44 -80.97
C LYS D 63 46.75 32.75 -80.44
N PHE D 64 46.77 32.33 -79.18
CA PHE D 64 48.01 32.13 -78.46
C PHE D 64 48.26 30.73 -77.92
N GLN D 65 47.22 29.88 -77.82
CA GLN D 65 47.22 28.66 -77.00
C GLN D 65 48.48 27.80 -77.02
N GLY D 66 48.92 27.44 -78.22
CA GLY D 66 50.05 26.54 -78.36
C GLY D 66 51.33 27.05 -77.73
N ARG D 67 51.60 28.34 -77.86
CA ARG D 67 52.74 28.88 -77.16
C ARG D 67 52.44 29.09 -75.70
N VAL D 68 51.31 29.61 -75.41
CA VAL D 68 51.10 30.24 -74.12
C VAL D 68 50.66 29.23 -73.08
N THR D 69 51.05 29.54 -71.86
CA THR D 69 50.39 29.07 -70.66
C THR D 69 50.64 30.17 -69.65
N MET D 70 49.83 30.21 -68.62
CA MET D 70 50.10 31.05 -67.47
C MET D 70 49.69 30.34 -66.19
N THR D 71 50.41 30.68 -65.11
CA THR D 71 50.37 29.95 -63.86
C THR D 71 50.76 30.91 -62.73
N ARG D 72 50.60 30.45 -61.50
CA ARG D 72 50.82 31.29 -60.33
C ARG D 72 51.45 30.49 -59.21
N ASP D 73 52.00 31.23 -58.24
CA ASP D 73 52.23 30.76 -56.89
C ASP D 73 51.50 31.65 -55.91
N THR D 74 50.48 31.08 -55.27
CA THR D 74 49.71 31.78 -54.26
C THR D 74 50.51 31.96 -52.98
N SER D 75 51.31 30.97 -52.62
CA SER D 75 52.17 31.11 -51.45
C SER D 75 53.19 32.22 -51.63
N ILE D 76 53.65 32.45 -52.86
CA ILE D 76 54.52 33.59 -53.17
C ILE D 76 53.73 34.80 -53.66
N SER D 77 52.40 34.72 -53.74
CA SER D 77 51.52 35.84 -54.05
C SER D 77 51.91 36.47 -55.38
N THR D 78 52.29 35.62 -56.31
CA THR D 78 53.00 36.03 -57.51
C THR D 78 52.49 35.18 -58.66
N ALA D 79 52.39 35.81 -59.82
CA ALA D 79 51.78 35.23 -61.01
C ALA D 79 52.82 35.09 -62.10
N TYR D 80 52.56 34.15 -62.99
CA TYR D 80 53.45 33.81 -64.08
C TYR D 80 52.66 33.69 -65.37
N MET D 81 53.30 34.13 -66.44
CA MET D 81 52.92 33.86 -67.81
C MET D 81 54.13 33.43 -68.62
N GLU D 82 53.93 32.45 -69.49
CA GLU D 82 55.02 31.75 -70.13
C GLU D 82 54.65 31.49 -71.58
N LEU D 83 55.61 31.70 -72.47
CA LEU D 83 55.38 31.72 -73.91
C LEU D 83 56.47 30.90 -74.57
N SER D 84 56.08 29.97 -75.46
CA SER D 84 57.07 29.08 -76.08
C SER D 84 58.08 29.80 -76.94
N ARG D 85 57.79 30.99 -77.41
CA ARG D 85 58.60 31.59 -78.45
C ARG D 85 58.20 33.05 -78.57
N LEU D 86 59.18 33.95 -78.62
CA LEU D 86 58.97 35.38 -78.90
C LEU D 86 59.54 35.71 -80.26
N ARG D 87 58.72 36.33 -81.10
CA ARG D 87 59.19 37.06 -82.27
C ARG D 87 59.76 38.42 -81.86
N SER D 88 60.50 39.02 -82.79
CA SER D 88 60.88 40.42 -82.63
C SER D 88 59.67 41.31 -82.48
N ASP D 89 58.63 41.06 -83.26
CA ASP D 89 57.39 41.82 -83.21
C ASP D 89 56.39 41.28 -82.19
N ASP D 90 56.74 40.24 -81.44
CA ASP D 90 56.11 39.96 -80.16
C ASP D 90 56.77 40.68 -78.99
N THR D 91 57.83 41.45 -79.24
CA THR D 91 58.22 42.49 -78.30
C THR D 91 57.04 43.44 -78.08
N ALA D 92 56.68 43.64 -76.82
CA ALA D 92 55.56 44.51 -76.47
C ALA D 92 55.75 44.99 -75.05
N VAL D 93 55.04 46.07 -74.73
CA VAL D 93 54.79 46.39 -73.33
C VAL D 93 53.74 45.39 -72.87
N TYR D 94 54.22 44.30 -72.28
CA TYR D 94 53.35 43.33 -71.66
C TYR D 94 52.88 43.86 -70.33
N TYR D 95 51.61 43.60 -70.03
CA TYR D 95 50.97 43.99 -68.78
C TYR D 95 50.56 42.74 -68.00
N CYS D 96 50.85 42.74 -66.70
CA CYS D 96 50.03 42.00 -65.76
C CYS D 96 48.87 42.89 -65.42
N ALA D 97 47.67 42.33 -65.46
CA ALA D 97 46.43 43.01 -65.16
C ALA D 97 45.73 42.34 -64.00
N ARG D 98 45.07 43.16 -63.18
CA ARG D 98 44.42 42.76 -61.94
C ARG D 98 42.91 42.74 -62.11
N VAL D 99 42.26 41.67 -61.63
CA VAL D 99 40.83 41.42 -61.84
C VAL D 99 40.12 40.87 -60.58
N PRO D 100 39.34 41.64 -59.82
CA PRO D 100 38.77 41.11 -58.56
C PRO D 100 37.82 39.95 -58.73
N TYR D 101 37.94 39.02 -57.78
CA TYR D 101 36.99 37.95 -57.61
C TYR D 101 35.60 38.52 -57.33
N CYS D 102 34.59 37.66 -57.43
CA CYS D 102 33.20 38.04 -57.49
C CYS D 102 32.67 38.48 -56.12
N SER D 103 33.17 39.62 -55.63
CA SER D 103 32.57 40.23 -54.45
C SER D 103 31.12 40.64 -54.68
N SER D 104 30.80 41.12 -55.87
CA SER D 104 29.43 41.14 -56.34
C SER D 104 29.05 39.75 -56.80
N THR D 105 28.05 39.15 -56.15
CA THR D 105 27.45 37.97 -56.76
C THR D 105 26.89 38.35 -58.12
N SER D 106 26.89 37.38 -59.03
CA SER D 106 26.78 37.52 -60.49
C SER D 106 27.91 38.31 -61.18
N CYS D 107 28.80 38.95 -60.42
CA CYS D 107 30.19 39.28 -60.74
C CYS D 107 30.45 40.22 -61.90
N HIS D 108 29.40 40.68 -62.61
CA HIS D 108 29.58 41.56 -63.78
C HIS D 108 30.34 42.83 -63.42
N ARG D 109 30.05 43.41 -62.26
CA ARG D 109 30.74 44.62 -61.84
C ARG D 109 32.09 44.27 -61.23
N ASP D 110 32.17 43.10 -60.60
CA ASP D 110 33.45 42.47 -60.25
C ASP D 110 34.34 42.29 -61.46
N TRP D 111 33.76 41.99 -62.62
CA TRP D 111 34.50 41.97 -63.86
C TRP D 111 34.69 43.37 -64.48
N TYR D 112 34.65 44.48 -63.72
CA TYR D 112 35.44 45.61 -64.19
C TYR D 112 36.88 45.19 -64.00
N PHE D 113 37.74 45.72 -64.85
CA PHE D 113 39.16 45.42 -64.82
C PHE D 113 39.93 46.57 -64.18
N ASP D 114 40.77 46.22 -63.19
CA ASP D 114 41.87 47.05 -62.70
C ASP D 114 43.09 47.02 -63.66
N LEU D 115 42.85 47.43 -64.92
CA LEU D 115 43.85 47.51 -65.99
C LEU D 115 44.94 48.56 -65.75
N TRP D 116 44.96 49.21 -64.60
CA TRP D 116 46.13 49.96 -64.17
C TRP D 116 47.38 49.10 -64.18
N GLY D 117 47.30 47.87 -63.64
CA GLY D 117 48.33 46.84 -63.75
C GLY D 117 49.76 47.30 -63.53
N ARG D 118 50.67 46.83 -64.36
CA ARG D 118 51.90 47.54 -64.69
C ARG D 118 52.30 46.98 -66.04
N GLY D 119 52.88 47.82 -66.90
CA GLY D 119 53.41 47.36 -68.17
C GLY D 119 54.91 47.18 -68.10
N THR D 120 55.43 46.23 -68.89
CA THR D 120 56.87 46.06 -69.08
C THR D 120 57.18 45.74 -70.54
N LEU D 121 58.20 46.42 -71.06
CA LEU D 121 58.64 46.21 -72.43
C LEU D 121 59.55 45.00 -72.52
N VAL D 122 58.93 43.83 -72.33
CA VAL D 122 59.60 42.57 -72.56
C VAL D 122 60.02 42.53 -74.03
N THR D 123 61.30 42.26 -74.27
CA THR D 123 61.89 42.39 -75.60
C THR D 123 62.84 41.24 -75.94
N ASP E 1 34.46 36.59 -82.44
CA ASP E 1 34.17 37.35 -81.20
C ASP E 1 33.66 38.72 -81.61
N ILE E 2 33.02 39.42 -80.67
CA ILE E 2 32.38 40.72 -80.98
C ILE E 2 33.38 41.72 -81.55
N GLN E 3 33.05 42.27 -82.72
CA GLN E 3 33.78 43.37 -83.34
C GLN E 3 33.27 44.68 -82.76
N MET E 4 34.17 45.66 -82.65
CA MET E 4 33.96 46.79 -81.75
C MET E 4 34.40 48.12 -82.38
N THR E 5 33.74 48.47 -83.46
CA THR E 5 34.11 49.66 -84.25
C THR E 5 34.01 50.95 -83.45
N GLN E 6 35.15 51.64 -83.33
CA GLN E 6 35.29 52.91 -82.66
C GLN E 6 35.28 54.07 -83.64
N SER E 7 34.57 55.14 -83.28
CA SER E 7 34.47 56.33 -84.08
C SER E 7 34.50 57.56 -83.19
N PRO E 8 35.18 58.66 -83.59
CA PRO E 8 36.15 58.85 -84.67
C PRO E 8 37.42 58.08 -84.39
N LEU E 9 38.30 58.10 -85.38
CA LEU E 9 39.66 57.64 -85.17
C LEU E 9 40.42 58.49 -84.16
N SER E 10 40.02 59.74 -84.02
CA SER E 10 40.75 60.71 -83.22
C SER E 10 39.74 61.75 -82.79
N LEU E 11 39.50 61.86 -81.50
CA LEU E 11 38.62 62.92 -81.02
C LEU E 11 39.38 64.25 -81.10
N PRO E 12 39.01 65.18 -81.99
CA PRO E 12 39.84 66.37 -82.18
C PRO E 12 39.41 67.50 -81.27
N VAL E 13 39.08 67.19 -80.03
CA VAL E 13 38.52 68.20 -79.14
C VAL E 13 39.58 69.25 -78.81
N THR E 14 39.36 70.46 -79.28
CA THR E 14 40.04 71.62 -78.73
C THR E 14 39.59 71.75 -77.25
N PRO E 15 40.51 71.74 -76.27
CA PRO E 15 40.11 71.54 -74.85
C PRO E 15 39.16 72.55 -74.25
N GLY E 16 38.76 72.22 -73.03
CA GLY E 16 37.68 72.88 -72.33
C GLY E 16 36.33 72.37 -72.72
N GLU E 17 35.98 72.54 -73.98
CA GLU E 17 34.66 72.22 -74.50
C GLU E 17 34.26 70.76 -74.24
N PRO E 18 32.96 70.45 -74.23
CA PRO E 18 32.53 69.05 -74.22
C PRO E 18 32.70 68.33 -75.55
N ALA E 19 32.50 67.02 -75.53
CA ALA E 19 32.77 66.18 -76.69
C ALA E 19 32.07 64.84 -76.48
N SER E 20 32.12 63.96 -77.51
CA SER E 20 31.76 62.55 -77.38
C SER E 20 32.68 61.65 -78.17
N ILE E 21 33.00 60.49 -77.59
CA ILE E 21 33.49 59.33 -78.34
C ILE E 21 32.39 58.29 -78.43
N SER E 22 32.30 57.62 -79.57
CA SER E 22 31.36 56.56 -79.84
C SER E 22 32.10 55.29 -80.24
N CYS E 23 31.51 54.13 -79.91
CA CYS E 23 31.99 52.85 -80.42
C CYS E 23 30.75 52.02 -80.72
N ARG E 24 30.38 51.97 -81.99
CA ARG E 24 29.40 50.99 -82.40
C ARG E 24 29.99 49.62 -82.22
N SER E 25 29.16 48.66 -81.81
CA SER E 25 29.56 47.26 -81.77
C SER E 25 28.50 46.37 -82.40
N SER E 26 28.97 45.21 -82.86
CA SER E 26 28.12 44.30 -83.60
C SER E 26 27.11 43.59 -82.72
N GLN E 27 27.50 43.29 -81.48
CA GLN E 27 26.87 42.25 -80.70
C GLN E 27 26.73 42.65 -79.24
N SER E 28 25.98 41.82 -78.52
CA SER E 28 25.32 42.22 -77.28
C SER E 28 26.24 42.57 -76.13
N LEU E 29 25.90 43.69 -75.49
CA LEU E 29 26.31 44.07 -74.13
C LEU E 29 25.12 44.73 -73.43
N LEU E 30 23.98 44.04 -73.46
CA LEU E 30 22.92 44.16 -72.47
C LEU E 30 22.93 42.93 -71.60
N ASP E 31 23.07 43.14 -70.30
CA ASP E 31 23.00 42.07 -69.31
C ASP E 31 21.59 42.01 -68.75
N SER E 32 20.67 41.76 -69.67
CA SER E 32 19.30 41.46 -69.31
C SER E 32 19.16 40.16 -68.52
N ASP E 33 20.20 39.33 -68.44
CA ASP E 33 20.18 38.25 -67.46
C ASP E 33 20.17 38.85 -66.06
N ASP E 34 21.15 39.71 -65.77
CA ASP E 34 21.40 40.19 -64.41
C ASP E 34 21.18 41.68 -64.25
N GLY E 35 20.65 42.37 -65.26
CA GLY E 35 20.55 43.80 -65.20
C GLY E 35 21.88 44.46 -65.55
N ASN E 36 21.82 45.69 -66.04
CA ASN E 36 22.98 46.44 -66.56
C ASN E 36 23.56 45.71 -67.80
N THR E 37 24.89 45.77 -68.01
CA THR E 37 25.48 45.57 -69.34
C THR E 37 26.75 44.73 -69.46
N TYR E 38 27.50 44.39 -68.39
CA TYR E 38 28.90 43.90 -68.54
C TYR E 38 29.81 44.86 -69.35
N LEU E 39 29.45 46.13 -69.49
CA LEU E 39 30.08 47.05 -70.41
C LEU E 39 30.79 48.17 -69.65
N ASP E 40 32.07 48.34 -69.93
CA ASP E 40 32.86 49.46 -69.41
C ASP E 40 33.62 50.13 -70.54
N TRP E 41 34.01 51.38 -70.29
CA TRP E 41 35.00 52.11 -71.07
C TRP E 41 36.32 52.21 -70.33
N TYR E 42 37.42 52.22 -71.09
CA TYR E 42 38.76 52.32 -70.53
C TYR E 42 39.57 53.30 -71.37
N LEU E 43 40.48 54.04 -70.71
CA LEU E 43 41.35 55.02 -71.36
C LEU E 43 42.79 54.68 -71.00
N GLN E 44 43.54 54.22 -72.00
CA GLN E 44 45.01 54.06 -71.91
C GLN E 44 45.79 55.36 -71.69
N LYS E 45 46.56 55.50 -70.44
CA LYS E 45 47.26 56.73 -70.01
C LYS E 45 48.69 56.84 -70.53
N PRO E 46 49.14 58.09 -70.74
CA PRO E 46 50.43 58.32 -71.37
C PRO E 46 51.59 57.79 -70.56
N GLY E 47 51.90 56.53 -70.84
CA GLY E 47 52.89 55.78 -70.11
C GLY E 47 52.34 54.72 -69.21
N GLN E 48 51.03 54.49 -69.20
CA GLN E 48 50.51 53.63 -68.16
C GLN E 48 49.31 52.90 -68.70
N SER E 49 49.18 51.65 -68.26
CA SER E 49 48.04 50.85 -68.61
C SER E 49 46.74 51.50 -68.11
N PRO E 50 45.59 51.15 -68.71
CA PRO E 50 44.42 52.03 -68.61
C PRO E 50 43.81 52.14 -67.21
N GLN E 51 43.41 53.35 -66.86
CA GLN E 51 42.36 53.58 -65.86
C GLN E 51 40.99 53.29 -66.49
N LEU E 52 40.14 52.57 -65.76
CA LEU E 52 38.71 52.48 -66.08
C LEU E 52 38.07 53.84 -66.15
N LEU E 53 37.35 54.09 -67.24
CA LEU E 53 36.51 55.28 -67.33
C LEU E 53 35.17 55.15 -66.61
N ILE E 54 34.34 54.21 -67.03
CA ILE E 54 32.91 54.17 -66.69
C ILE E 54 32.50 52.73 -66.48
N TYR E 55 31.82 52.46 -65.37
CA TYR E 55 31.09 51.21 -65.24
C TYR E 55 29.83 51.18 -66.08
N THR E 56 29.49 49.98 -66.56
CA THR E 56 28.13 49.52 -66.92
C THR E 56 27.50 50.48 -67.92
N LEU E 57 28.31 50.97 -68.85
CA LEU E 57 27.85 51.86 -69.91
C LEU E 57 27.22 53.16 -69.40
N SER E 58 27.39 53.49 -68.11
CA SER E 58 26.84 54.71 -67.56
C SER E 58 27.51 55.25 -66.31
N TYR E 59 27.70 54.45 -65.23
CA TYR E 59 28.03 55.08 -63.95
C TYR E 59 29.54 55.15 -63.84
N ARG E 60 29.95 56.27 -63.34
CA ARG E 60 31.33 56.71 -63.31
C ARG E 60 32.26 55.78 -62.52
N ALA E 61 33.54 55.83 -62.91
CA ALA E 61 34.63 55.19 -62.16
C ALA E 61 34.91 55.91 -60.83
N SER E 62 35.57 55.18 -59.94
CA SER E 62 36.00 55.75 -58.68
C SER E 62 37.07 56.84 -58.80
N GLY E 63 37.71 57.02 -59.96
CA GLY E 63 38.57 58.18 -60.16
C GLY E 63 37.98 59.53 -60.39
N VAL E 64 36.66 59.71 -60.36
CA VAL E 64 35.94 61.00 -60.37
C VAL E 64 36.26 61.87 -61.61
N PRO E 65 36.55 61.35 -62.87
CA PRO E 65 36.69 62.35 -63.98
C PRO E 65 35.30 62.79 -64.45
N ASP E 66 34.60 63.57 -63.62
CA ASP E 66 33.25 64.01 -63.90
C ASP E 66 33.11 64.91 -65.10
N ARG E 67 34.21 65.38 -65.64
CA ARG E 67 34.27 65.84 -67.02
C ARG E 67 33.73 64.82 -68.06
N PHE E 68 33.66 63.52 -67.73
CA PHE E 68 33.16 62.44 -68.59
C PHE E 68 31.88 61.83 -68.03
N SER E 69 31.05 61.31 -68.93
CA SER E 69 29.78 60.69 -68.57
C SER E 69 29.43 59.73 -69.71
N GLY E 70 28.55 58.75 -69.44
CA GLY E 70 28.24 57.76 -70.46
C GLY E 70 26.82 57.23 -70.41
N SER E 71 26.45 56.60 -71.52
CA SER E 71 25.13 56.01 -71.70
C SER E 71 25.15 55.03 -72.87
N GLY E 72 24.09 54.25 -72.97
CA GLY E 72 23.87 53.37 -74.09
C GLY E 72 22.98 52.20 -73.70
N SER E 73 22.81 51.28 -74.66
CA SER E 73 22.14 50.01 -74.41
C SER E 73 22.40 49.09 -75.58
N GLY E 74 22.20 47.79 -75.34
CA GLY E 74 22.35 46.79 -76.38
C GLY E 74 23.77 46.76 -76.86
N THR E 75 24.00 47.43 -77.99
CA THR E 75 25.29 47.53 -78.65
C THR E 75 25.73 48.97 -78.90
N ASP E 76 24.99 49.96 -78.39
CA ASP E 76 25.45 51.34 -78.41
C ASP E 76 26.46 51.47 -77.28
N PHE E 77 27.69 51.87 -77.62
CA PHE E 77 28.59 52.52 -76.68
C PHE E 77 28.56 53.97 -77.07
N THR E 78 28.15 54.82 -76.15
CA THR E 78 28.33 56.25 -76.30
C THR E 78 29.23 56.71 -75.16
N LEU E 79 30.31 57.42 -75.49
CA LEU E 79 31.09 58.16 -74.52
C LEU E 79 30.77 59.63 -74.76
N LYS E 80 30.39 60.34 -73.70
CA LYS E 80 30.16 61.77 -73.75
C LYS E 80 31.02 62.47 -72.71
N ILE E 81 31.62 63.55 -73.15
CA ILE E 81 32.67 64.24 -72.46
C ILE E 81 32.11 65.61 -72.20
N SER E 82 31.82 65.92 -70.94
CA SER E 82 31.23 67.21 -70.60
C SER E 82 32.24 68.34 -70.52
N ARG E 83 33.51 68.04 -70.31
CA ARG E 83 34.55 69.05 -70.17
C ARG E 83 35.82 68.39 -70.68
N VAL E 84 36.77 69.18 -71.20
CA VAL E 84 38.10 68.66 -71.55
C VAL E 84 39.19 69.47 -70.89
N GLU E 85 40.02 68.77 -70.12
CA GLU E 85 41.31 69.20 -69.64
C GLU E 85 42.35 68.79 -70.68
N ALA E 86 43.41 69.60 -70.79
CA ALA E 86 44.47 69.33 -71.76
C ALA E 86 45.17 67.99 -71.55
N GLU E 87 45.09 67.40 -70.35
CA GLU E 87 45.61 66.06 -70.11
C GLU E 87 44.79 64.95 -70.75
N ASP E 88 43.58 65.24 -71.24
CA ASP E 88 42.72 64.20 -71.80
C ASP E 88 43.18 63.66 -73.15
N VAL E 89 44.23 64.23 -73.74
CA VAL E 89 45.00 63.57 -74.78
C VAL E 89 45.27 62.15 -74.33
N GLY E 90 44.74 61.19 -75.07
CA GLY E 90 44.83 59.79 -74.69
C GLY E 90 43.99 58.96 -75.64
N VAL E 91 44.06 57.64 -75.42
CA VAL E 91 43.45 56.64 -76.28
C VAL E 91 42.36 55.94 -75.50
N TYR E 92 41.15 56.00 -75.99
CA TYR E 92 39.96 55.62 -75.24
C TYR E 92 39.45 54.32 -75.83
N TYR E 93 39.04 53.39 -74.97
CA TYR E 93 38.67 52.04 -75.38
C TYR E 93 37.33 51.58 -74.83
N CYS E 94 36.46 51.12 -75.72
CA CYS E 94 35.44 50.13 -75.46
C CYS E 94 36.08 48.75 -75.41
N MET E 95 35.51 47.82 -74.64
CA MET E 95 36.02 46.46 -74.68
C MET E 95 34.88 45.58 -74.23
N GLN E 96 34.98 44.30 -74.57
CA GLN E 96 34.01 43.29 -74.16
C GLN E 96 34.63 42.32 -73.18
N ARG E 97 33.91 42.05 -72.07
CA ARG E 97 34.12 40.85 -71.27
C ARG E 97 32.81 40.12 -70.98
N ILE E 98 31.74 40.38 -71.74
CA ILE E 98 30.52 39.58 -71.61
C ILE E 98 30.74 38.13 -72.00
N GLU E 99 31.76 37.84 -72.79
CA GLU E 99 32.09 36.49 -73.19
C GLU E 99 33.60 36.39 -73.10
N PHE E 100 34.07 35.16 -72.99
CA PHE E 100 35.47 34.84 -72.93
C PHE E 100 35.80 33.97 -74.14
N PRO E 101 36.89 34.24 -74.89
CA PRO E 101 37.89 35.31 -74.89
C PRO E 101 37.38 36.75 -74.97
N LEU E 102 38.25 37.63 -74.50
CA LEU E 102 38.09 39.07 -74.49
C LEU E 102 38.48 39.65 -75.85
N THR E 103 38.08 40.90 -76.07
CA THR E 103 38.61 41.73 -77.16
C THR E 103 38.79 43.16 -76.67
N PHE E 104 39.86 43.81 -77.14
CA PHE E 104 40.04 45.23 -76.96
C PHE E 104 39.59 45.97 -78.20
N GLY E 105 39.12 47.19 -78.00
CA GLY E 105 38.69 48.05 -79.08
C GLY E 105 39.77 48.72 -79.90
N GLY E 106 39.32 49.35 -80.98
CA GLY E 106 40.18 50.02 -81.93
C GLY E 106 40.84 51.29 -81.44
N GLY E 107 40.48 51.77 -80.25
CA GLY E 107 41.07 52.99 -79.73
C GLY E 107 40.57 54.26 -80.42
N THR E 108 40.42 55.35 -79.65
CA THR E 108 40.24 56.70 -80.20
C THR E 108 41.22 57.63 -79.50
N LYS E 109 42.04 58.35 -80.27
CA LYS E 109 42.97 59.30 -79.68
C LYS E 109 42.31 60.66 -79.45
N VAL E 110 42.94 61.46 -78.57
CA VAL E 110 42.47 62.79 -78.20
C VAL E 110 43.55 63.84 -78.40
N GLU E 111 43.15 64.98 -78.96
CA GLU E 111 44.02 66.11 -79.29
C GLU E 111 43.10 67.30 -79.52
N ILE E 112 43.70 68.50 -79.57
CA ILE E 112 43.03 69.78 -79.90
C ILE E 112 41.96 69.71 -80.96
C1 NAG F . -36.19 -43.79 41.59
C2 NAG F . -36.92 -44.94 42.32
C3 NAG F . -37.24 -46.06 41.35
C4 NAG F . -38.07 -45.52 40.20
C5 NAG F . -37.34 -44.38 39.51
C6 NAG F . -38.20 -43.77 38.42
C7 NAG F . -36.11 -45.03 44.62
C8 NAG F . -35.82 -45.98 45.75
N2 NAG F . -36.15 -45.57 43.41
O3 NAG F . -37.99 -47.07 42.05
O4 NAG F . -38.29 -46.57 39.25
O5 NAG F . -37.03 -43.39 40.49
O6 NAG F . -39.54 -43.62 38.92
O7 NAG F . -36.30 -43.84 44.79
C1 NAG F . -39.69 -46.83 39.13
C2 NAG F . -40.03 -47.21 37.70
C3 NAG F . -41.52 -47.50 37.59
C4 NAG F . -41.88 -48.60 38.57
C5 NAG F . -41.48 -48.18 39.97
C6 NAG F . -41.78 -49.28 40.98
C7 NAG F . -38.54 -46.21 36.07
C8 NAG F . -38.50 -45.38 34.82
N2 NAG F . -39.67 -46.15 36.77
O3 NAG F . -41.83 -47.93 36.26
O4 NAG F . -43.29 -48.84 38.50
O5 NAG F . -40.09 -47.88 40.01
O6 NAG F . -40.81 -50.32 40.82
O7 NAG F . -37.61 -46.90 36.42
C1 NAG G . -28.49 -30.19 76.94
C2 NAG G . -28.39 -30.57 78.41
C3 NAG G . -28.70 -29.40 79.31
C4 NAG G . -27.72 -28.26 79.00
C5 NAG G . -27.84 -27.91 77.53
C6 NAG G . -26.84 -26.82 77.16
C7 NAG G . -28.65 -32.86 79.11
C8 NAG G . -29.59 -33.98 79.48
N2 NAG G . -29.22 -31.70 78.78
O3 NAG G . -28.57 -29.85 80.67
O4 NAG G . -28.04 -27.09 79.77
O5 NAG G . -27.58 -29.09 76.73
O6 NAG G . -25.54 -27.40 77.10
O7 NAG G . -27.44 -33.01 79.12
C1 NAG G . -27.15 -26.97 80.90
C2 NAG G . -27.20 -25.56 81.46
C3 NAG G . -26.29 -25.46 82.68
C4 NAG G . -26.73 -26.49 83.70
C5 NAG G . -26.69 -27.87 83.07
C6 NAG G . -27.19 -28.91 84.06
C7 NAG G . -27.64 -23.90 79.74
C8 NAG G . -27.10 -23.27 78.49
N2 NAG G . -26.76 -24.62 80.45
O3 NAG G . -26.38 -24.15 83.24
O4 NAG G . -25.85 -26.46 84.83
O5 NAG G . -27.54 -27.89 81.93
O6 NAG G . -28.54 -28.61 84.42
O7 NAG G . -28.80 -23.77 80.10
C1 NAG H . 13.84 -47.57 70.50
C2 NAG H . 14.23 -48.94 71.08
C3 NAG H . 15.70 -49.24 70.82
C4 NAG H . 15.98 -49.21 69.32
C5 NAG H . 15.56 -47.86 68.78
C6 NAG H . 15.75 -47.78 67.27
C7 NAG H . 13.37 -50.20 72.95
C8 NAG H . 13.99 -50.85 74.15
N2 NAG H . 13.98 -49.11 72.51
O3 NAG H . 15.97 -50.50 71.42
O4 NAG H . 17.38 -49.36 69.06
O5 NAG H . 14.17 -47.61 69.09
O6 NAG H . 14.77 -48.61 66.63
O7 NAG H . 12.37 -50.66 72.41
C1 NAG H . 17.71 -50.72 68.74
C2 NAG H . 18.85 -50.76 67.73
C3 NAG H . 19.25 -52.20 67.48
C4 NAG H . 19.62 -52.86 68.79
C5 NAG H . 18.46 -52.76 69.76
C6 NAG H . 18.85 -53.33 71.12
C7 NAG H . 18.78 -48.88 66.20
C8 NAG H . 18.17 -48.32 64.95
N2 NAG H . 18.46 -50.14 66.48
O3 NAG H . 20.37 -52.26 66.59
O4 NAG H . 19.94 -54.24 68.57
O5 NAG H . 18.11 -51.38 69.93
O6 NAG H . 19.91 -52.53 71.66
O7 NAG H . 19.52 -48.23 66.92
C1 NAG I . 11.20 -53.29 40.40
C2 NAG I . 11.82 -54.46 41.24
C3 NAG I . 13.23 -54.08 41.65
C4 NAG I . 14.08 -53.76 40.43
C5 NAG I . 13.43 -52.64 39.64
C6 NAG I . 14.21 -52.36 38.36
C7 NAG I . 9.97 -55.41 42.49
C8 NAG I . 9.26 -55.45 43.80
N2 NAG I . 11.14 -54.78 42.49
O3 NAG I . 13.83 -55.19 42.35
O4 NAG I . 15.36 -53.34 40.87
O5 NAG I . 12.09 -53.04 39.29
O6 NAG I . 14.48 -53.61 37.71
O7 NAG I . 9.52 -55.92 41.48
C1 NAG I . 16.35 -54.19 40.26
C2 NAG I . 17.64 -53.37 40.13
C3 NAG I . 18.70 -54.23 39.46
C4 NAG I . 18.89 -55.49 40.28
C5 NAG I . 17.56 -56.22 40.40
C6 NAG I . 17.72 -57.48 41.25
C7 NAG I . 18.35 -51.37 38.97
C8 NAG I . 18.52 -51.24 37.49
N2 NAG I . 17.37 -52.17 39.36
O3 NAG I . 19.93 -53.51 39.41
O4 NAG I . 19.85 -56.34 39.65
O5 NAG I . 16.59 -55.37 41.01
O6 NAG I . 18.04 -57.10 42.60
O7 NAG I . 19.05 -50.77 39.77
C1 NAG J . -34.21 -28.39 -16.96
C2 NAG J . -34.08 -29.33 -18.17
C3 NAG J . -34.42 -30.76 -17.78
C4 NAG J . -33.67 -31.19 -16.52
C5 NAG J . -33.89 -30.14 -15.43
C6 NAG J . -33.18 -30.52 -14.14
C7 NAG J . -34.55 -28.09 -20.23
C8 NAG J . -35.61 -27.60 -21.18
N2 NAG J . -34.95 -28.89 -19.25
O3 NAG J . -34.12 -31.63 -18.89
O4 NAG J . -34.20 -32.40 -15.97
O5 NAG J . -33.41 -28.88 -15.89
O6 NAG J . -31.78 -30.49 -14.39
O7 NAG J . -33.38 -27.74 -20.36
C1 NAG K . -28.71 42.68 1.29
C2 NAG K . -29.04 43.94 2.11
C3 NAG K . -30.51 43.97 2.53
C4 NAG K . -31.38 43.91 1.30
C5 NAG K . -31.04 42.66 0.49
C6 NAG K . -31.84 42.60 -0.80
C7 NAG K . -28.54 43.58 4.46
C8 NAG K . -29.08 44.55 5.47
N2 NAG K . -28.20 44.12 3.28
O3 NAG K . -30.77 45.17 3.26
O4 NAG K . -32.76 43.87 1.68
O5 NAG K . -29.63 42.68 0.17
O6 NAG K . -31.48 41.42 -1.53
O7 NAG K . -28.42 42.39 4.69
C1 NAG L . -10.69 43.93 -25.55
C2 NAG L . -11.84 44.58 -26.36
C3 NAG L . -12.66 43.49 -27.06
C4 NAG L . -11.77 42.66 -27.96
C5 NAG L . -10.63 42.05 -27.14
C6 NAG L . -9.67 41.25 -28.01
C7 NAG L . -12.94 46.68 -25.83
C8 NAG L . -13.97 46.98 -26.89
N2 NAG L . -12.76 45.40 -25.56
O3 NAG L . -13.69 44.11 -27.84
O4 NAG L . -12.55 41.62 -28.56
O5 NAG L . -9.93 43.11 -26.46
O6 NAG L . -8.72 40.59 -27.18
O7 NAG L . -12.32 47.55 -25.27
C1 NAG M . -41.21 -25.30 8.05
C2 NAG M . -41.14 -26.45 7.01
C3 NAG M . -41.74 -27.72 7.61
C4 NAG M . -41.03 -28.09 8.90
C5 NAG M . -41.11 -26.93 9.88
C6 NAG M . -40.30 -27.22 11.15
C7 NAG M . -41.21 -25.58 4.75
C8 NAG M . -41.95 -24.47 4.08
N2 NAG M . -41.83 -26.17 5.76
O3 NAG M . -41.60 -28.78 6.66
O4 NAG M . -41.65 -29.24 9.47
O5 NAG M . -40.57 -25.76 9.25
O6 NAG M . -38.91 -27.02 10.88
O7 NAG M . -40.09 -25.93 4.40
C1 NAG N . -43.13 11.58 18.76
C2 NAG N . -43.34 11.80 20.26
C3 NAG N . -44.82 12.07 20.56
C4 NAG N . -45.39 13.14 19.63
C5 NAG N . -45.07 12.77 18.20
C6 NAG N . -45.64 13.78 17.22
C7 NAG N . -41.65 10.56 21.54
C8 NAG N . -41.29 9.25 22.16
N2 NAG N . -42.89 10.66 21.03
O3 NAG N . -44.95 12.45 21.94
O4 NAG N . -46.83 13.17 19.70
O5 NAG N . -43.66 12.68 18.03
O6 NAG N . -44.97 15.01 17.43
O7 NAG N . -40.85 11.50 21.51
C1 NAG O . -49.59 -1.81 30.47
C2 NAG O . -51.13 -1.78 30.36
C3 NAG O . -51.67 -0.39 30.67
C4 NAG O . -51.21 0.04 32.05
C5 NAG O . -49.69 -0.02 32.12
C6 NAG O . -49.21 0.32 33.53
C7 NAG O . -51.93 -3.42 28.75
C8 NAG O . -52.72 -3.64 27.49
N2 NAG O . -51.67 -2.17 29.06
O3 NAG O . -53.10 -0.42 30.64
O4 NAG O . -51.66 1.37 32.31
O5 NAG O . -49.26 -1.34 31.79
O6 NAG O . -49.76 -0.64 34.44
O7 NAG O . -51.56 -4.36 29.46
C1 NAG P . -31.44 -19.93 64.93
C2 NAG P . -30.75 -20.11 66.30
C3 NAG P . -31.80 -20.11 67.41
C4 NAG P . -32.60 -18.82 67.37
C5 NAG P . -33.24 -18.67 65.99
C6 NAG P . -33.99 -17.35 65.89
C7 NAG P . -28.67 -21.33 66.20
C8 NAG P . -27.80 -22.02 67.22
N2 NAG P . -29.97 -21.33 66.47
O3 NAG P . -31.14 -20.22 68.67
O4 NAG P . -33.61 -18.86 68.37
O5 NAG P . -32.21 -18.71 64.99
O6 NAG P . -33.07 -16.28 66.10
O7 NAG P . -28.22 -20.83 65.19
C1 NAG Q . -28.90 -53.09 22.56
C2 NAG Q . -29.21 -54.62 22.55
C3 NAG Q . -29.28 -55.10 21.12
C4 NAG Q . -30.32 -54.31 20.34
C5 NAG Q . -29.98 -52.83 20.40
C6 NAG Q . -31.02 -52.01 19.64
C7 NAG Q . -28.22 -55.57 24.57
C8 NAG Q . -27.45 -56.72 25.14
N2 NAG Q . -28.26 -55.49 23.24
O3 NAG Q . -29.63 -56.49 21.09
O4 NAG Q . -30.36 -54.75 18.98
O5 NAG Q . -29.90 -52.42 21.77
O6 NAG Q . -32.28 -52.66 19.71
O7 NAG Q . -28.79 -54.75 25.27
C1 NAG R . -39.20 -27.31 51.77
C2 NAG R . -40.45 -27.76 50.99
C3 NAG R . -40.95 -26.62 50.12
C4 NAG R . -41.26 -25.41 50.99
C5 NAG R . -40.03 -25.02 51.77
C6 NAG R . -40.37 -23.88 52.72
C7 NAG R . -40.30 -30.18 50.55
C8 NAG R . -40.52 -31.23 49.50
N2 NAG R . -40.25 -28.91 50.11
O3 NAG R . -42.15 -27.03 49.46
O4 NAG R . -41.69 -24.32 50.18
O5 NAG R . -39.57 -26.14 52.53
O6 NAG R . -41.60 -24.21 53.38
O7 NAG R . -40.17 -30.45 51.73
C1 NAG S . -37.92 -41.43 61.95
C2 NAG S . -39.34 -42.01 61.92
C3 NAG S . -39.47 -43.08 63.01
C4 NAG S . -38.42 -44.16 62.82
C5 NAG S . -37.03 -43.53 62.83
C6 NAG S . -35.98 -44.60 62.59
C7 NAG S . -40.87 -40.28 61.15
C8 NAG S . -41.93 -39.29 61.53
N2 NAG S . -40.44 -41.07 62.12
O3 NAG S . -40.77 -43.66 62.96
O4 NAG S . -38.52 -45.11 63.88
O5 NAG S . -36.97 -42.52 61.81
O6 NAG S . -36.44 -45.51 61.59
O7 NAG S . -40.41 -40.34 60.01
C1 NAG T . -54.27 3.44 -7.43
C2 NAG T . -55.12 2.49 -6.61
C3 NAG T . -56.51 3.07 -6.42
C4 NAG T . -56.39 4.43 -5.77
C5 NAG T . -55.50 5.33 -6.62
C6 NAG T . -55.30 6.68 -5.95
C7 NAG T . -54.42 0.17 -6.88
C8 NAG T . -54.93 -1.20 -7.19
N2 NAG T . -55.21 1.18 -7.24
O3 NAG T . -57.29 2.20 -5.61
O4 NAG T . -57.68 5.02 -5.66
O5 NAG T . -54.22 4.71 -6.78
O6 NAG T . -54.34 6.55 -4.90
O7 NAG T . -53.35 0.37 -6.33
C1 NAG U . 18.83 35.82 29.68
C2 NAG U . 19.64 34.66 29.13
C3 NAG U . 20.76 34.26 30.10
C4 NAG U . 21.55 35.48 30.55
C5 NAG U . 20.60 36.55 31.04
C6 NAG U . 21.33 37.79 31.53
C7 NAG U . 18.22 33.26 27.70
C8 NAG U . 17.24 32.13 27.64
N2 NAG U . 18.79 33.51 28.88
O3 NAG U . 21.60 33.29 29.48
O4 NAG U . 22.39 35.19 31.68
O5 NAG U . 19.69 36.90 30.00
O6 NAG U . 21.97 38.38 30.41
O7 NAG U . 18.48 33.93 26.69
C1 NAG V . -18.83 31.08 29.92
C2 NAG V . -19.96 30.14 30.38
C3 NAG V . -20.86 30.87 31.37
C4 NAG V . -20.07 31.41 32.54
C5 NAG V . -18.96 32.32 32.04
C6 NAG V . -18.07 32.79 33.18
C7 NAG V . -20.45 28.63 28.53
C8 NAG V . -21.52 27.66 28.15
N2 NAG V . -20.81 29.63 29.31
O3 NAG V . -21.87 29.98 31.83
O4 NAG V . -20.94 32.16 33.40
O5 NAG V . -18.17 31.58 31.09
O6 NAG V . -17.23 31.71 33.61
O7 NAG V . -19.30 28.52 28.14
C1 NAG W . 48.76 26.08 -25.46
C2 NAG W . 50.15 26.17 -24.79
C3 NAG W . 50.19 27.32 -23.78
C4 NAG W . 49.84 28.63 -24.47
C5 NAG W . 48.48 28.50 -25.13
C6 NAG W . 48.02 29.78 -25.83
C7 NAG W . 51.26 24.02 -24.72
C8 NAG W . 52.47 23.51 -23.99
N2 NAG W . 50.56 24.95 -24.10
O3 NAG W . 51.48 27.40 -23.19
O4 NAG W . 49.84 29.68 -23.50
O5 NAG W . 48.50 27.38 -26.04
O6 NAG W . 46.61 29.91 -25.64
O7 NAG W . 50.94 23.59 -25.83
C1 NAG X . -2.96 15.49 43.61
C2 NAG X . -4.10 16.45 43.19
C3 NAG X . -5.02 16.75 44.37
C4 NAG X . -5.58 15.44 44.92
C5 NAG X . -4.44 14.51 45.32
C6 NAG X . -4.98 13.17 45.77
C7 NAG X . -3.47 17.88 41.32
C8 NAG X . -3.69 19.26 40.80
N2 NAG X . -3.63 17.72 42.63
O3 NAG X . -6.09 17.58 43.94
O4 NAG X . -6.39 15.72 46.07
O5 NAG X . -3.59 14.31 44.16
O6 NAG X . -5.66 12.54 44.68
O7 NAG X . -3.16 16.95 40.60
C1 NAG Y . 28.20 2.91 45.93
C2 NAG Y . 28.97 3.51 47.13
C3 NAG Y . 30.38 3.91 46.69
C4 NAG Y . 31.10 2.70 46.11
C5 NAG Y . 30.29 2.13 44.95
C6 NAG Y . 30.96 0.88 44.40
C7 NAG Y . 27.45 4.56 48.74
C8 NAG Y . 27.58 5.54 49.87
N2 NAG Y . 28.35 4.67 47.77
O3 NAG Y . 31.11 4.40 47.81
O4 NAG Y . 32.39 3.08 45.65
O5 NAG Y . 28.97 1.82 45.42
O6 NAG Y . 31.26 0.01 45.50
O7 NAG Y . 26.59 3.71 48.71
C1 NAG Z . 19.90 -36.31 59.69
C2 NAG Z . 20.43 -37.70 59.27
C3 NAG Z . 21.21 -38.34 60.41
C4 NAG Z . 22.34 -37.44 60.85
C5 NAG Z . 21.79 -36.08 61.24
C6 NAG Z . 22.93 -35.12 61.60
C7 NAG Z . 19.00 -38.74 57.62
C8 NAG Z . 18.47 -40.09 57.21
N2 NAG Z . 19.40 -38.64 58.88
O3 NAG Z . 21.76 -39.58 59.97
O4 NAG Z . 23.04 -38.02 61.96
O5 NAG Z . 21.03 -35.55 60.12
O6 NAG Z . 23.96 -35.21 60.61
O7 NAG Z . 19.08 -37.81 56.85
C1 NAG AA . -4.64 -15.26 66.68
C2 NAG AA . -4.91 -15.37 68.21
C3 NAG AA . -6.10 -14.50 68.57
C4 NAG AA . -5.87 -13.06 68.14
C5 NAG AA . -5.60 -13.03 66.65
C6 NAG AA . -5.33 -11.59 66.22
C7 NAG AA . -4.33 -17.65 68.87
C8 NAG AA . -4.88 -19.02 69.17
N2 NAG AA . -5.24 -16.70 68.70
O3 NAG AA . -6.27 -14.54 70.00
O4 NAG AA . -7.02 -12.27 68.44
O5 NAG AA . -4.48 -13.87 66.35
O6 NAG AA . -6.34 -10.75 66.81
O7 NAG AA . -3.15 -17.42 68.77
C1 NAG BA . -23.41 -4.69 59.32
C2 NAG BA . -24.44 -4.34 60.41
C3 NAG BA . -25.01 -2.95 60.16
C4 NAG BA . -23.89 -1.93 60.13
C5 NAG BA . -22.89 -2.33 59.06
C6 NAG BA . -21.71 -1.36 59.07
C7 NAG BA . -25.51 -6.40 61.17
C8 NAG BA . -26.82 -6.99 61.60
N2 NAG BA . -25.60 -5.24 60.52
O3 NAG BA . -25.91 -2.61 61.22
O4 NAG BA . -24.42 -0.64 59.85
O5 NAG BA . -22.42 -3.66 59.32
O6 NAG BA . -21.29 -1.20 60.43
O7 NAG BA . -24.44 -6.93 61.39
C1 NAG CA . 12.88 -21.04 63.89
C2 NAG CA . 13.52 -20.40 65.14
C3 NAG CA . 14.18 -19.08 64.78
C4 NAG CA . 15.21 -19.31 63.69
C5 NAG CA . 14.54 -19.95 62.49
C6 NAG CA . 15.58 -20.24 61.42
C7 NAG CA . 12.41 -21.09 67.20
C8 NAG CA . 11.03 -21.12 67.78
N2 NAG CA . 12.62 -20.16 66.27
O3 NAG CA . 14.84 -18.54 65.94
O4 NAG CA . 15.80 -18.06 63.30
O5 NAG CA . 13.91 -21.17 62.90
O6 NAG CA . 16.77 -20.75 62.05
O7 NAG CA . 13.28 -21.86 67.57
C1 NAG DA . 4.75 -31.38 77.17
C2 NAG DA . 5.20 -30.36 78.25
C3 NAG DA . 4.97 -30.94 79.63
C4 NAG DA . 3.51 -31.35 79.81
C5 NAG DA . 3.14 -32.34 78.72
C6 NAG DA . 1.68 -32.73 78.83
C7 NAG DA . 7.00 -28.95 77.35
C8 NAG DA . 8.30 -28.29 77.71
N2 NAG DA . 6.58 -29.90 78.19
O3 NAG DA . 5.29 -29.97 80.64
O4 NAG DA . 3.33 -31.96 81.10
O5 NAG DA . 3.39 -31.75 77.43
O6 NAG DA . 1.48 -33.99 78.19
O7 NAG DA . 6.37 -28.66 76.36
C1 NAG EA . 23.47 -32.72 -27.56
C2 NAG EA . 22.21 -33.24 -28.30
C3 NAG EA . 22.64 -33.82 -29.64
C4 NAG EA . 23.41 -32.80 -30.48
C5 NAG EA . 24.62 -32.31 -29.69
C6 NAG EA . 25.34 -31.18 -30.41
C7 NAG EA . 20.80 -34.21 -26.45
C8 NAG EA . 19.31 -34.41 -26.48
N2 NAG EA . 21.44 -34.28 -27.62
O3 NAG EA . 21.50 -34.28 -30.38
O4 NAG EA . 23.85 -33.41 -31.70
O5 NAG EA . 24.15 -31.80 -28.43
O6 NAG EA . 24.49 -30.03 -30.49
O7 NAG EA . 21.41 -34.02 -25.40
C1 NAG FA . 32.54 4.60 -42.89
C2 NAG FA . 31.46 5.68 -42.73
C3 NAG FA . 30.87 6.03 -44.08
C4 NAG FA . 31.97 6.51 -45.02
C5 NAG FA . 33.03 5.43 -45.15
C6 NAG FA . 34.20 5.92 -45.99
C7 NAG FA . 30.45 5.66 -40.52
C8 NAG FA . 29.31 6.47 -40.00
N2 NAG FA . 30.38 5.33 -41.81
O3 NAG FA . 29.89 7.07 -43.92
O4 NAG FA . 31.40 6.77 -46.32
O5 NAG FA . 33.52 5.11 -43.83
O6 NAG FA . 34.98 6.83 -45.20
O7 NAG FA . 31.40 5.34 -39.82
C1 NAG GA . 41.47 -17.51 3.44
C2 NAG GA . 42.81 -17.64 2.68
C3 NAG GA . 43.76 -18.56 3.44
C4 NAG GA . 43.99 -17.99 4.83
C5 NAG GA . 42.65 -17.86 5.53
C6 NAG GA . 42.82 -17.29 6.93
C7 NAG GA . 42.79 -17.13 0.32
C8 NAG GA . 42.14 -17.51 -0.98
N2 NAG GA . 42.76 -18.05 1.27
O3 NAG GA . 45.00 -18.64 2.75
O4 NAG GA . 44.83 -18.89 5.55
O5 NAG GA . 41.79 -17.01 4.75
O6 NAG GA . 43.48 -16.03 6.86
O7 NAG GA . 43.32 -16.04 0.49
C1 NAG HA . -18.98 -21.02 -43.18
C2 NAG HA . -20.18 -21.94 -42.88
C3 NAG HA . -19.82 -23.40 -43.16
C4 NAG HA . -19.36 -23.54 -44.61
C5 NAG HA . -18.20 -22.59 -44.87
C6 NAG HA . -17.78 -22.63 -46.34
C7 NAG HA . -21.92 -21.27 -41.36
C8 NAG HA . -22.01 -20.24 -40.26
N2 NAG HA . -20.74 -21.84 -41.54
O3 NAG HA . -20.95 -24.23 -42.92
O4 NAG HA . -18.97 -24.89 -44.85
O5 NAG HA . -18.59 -21.25 -44.54
O6 NAG HA . -18.82 -22.04 -47.13
O7 NAG HA . -22.89 -21.58 -42.04
C1 NAG IA . 25.15 -37.58 8.32
C2 NAG IA . 26.56 -37.69 7.72
C3 NAG IA . 27.44 -38.53 8.63
C4 NAG IA . 27.47 -37.93 10.02
C5 NAG IA . 26.05 -37.83 10.57
C6 NAG IA . 26.07 -37.14 11.92
C7 NAG IA . 26.57 -37.39 5.29
C8 NAG IA . 27.46 -37.73 4.13
N2 NAG IA . 26.64 -38.20 6.35
O3 NAG IA . 28.77 -38.60 8.10
O4 NAG IA . 28.26 -38.76 10.89
O5 NAG IA . 25.26 -37.05 9.65
O6 NAG IA . 26.68 -35.85 11.78
O7 NAG IA . 25.80 -36.44 5.28
C1 NAG JA . -8.79 -42.42 -13.90
C2 NAG JA . -10.20 -42.22 -13.30
C3 NAG JA . -11.03 -43.49 -13.44
C4 NAG JA . -11.10 -43.90 -14.90
C5 NAG JA . -9.71 -44.08 -15.45
C6 NAG JA . -9.74 -44.43 -16.94
C7 NAG JA . -10.28 -40.51 -11.58
C8 NAG JA . -9.44 -40.09 -10.41
N2 NAG JA . -10.20 -41.79 -11.90
O3 NAG JA . -12.34 -43.26 -12.94
O4 NAG JA . -11.83 -45.13 -15.03
O5 NAG JA . -8.97 -42.86 -15.26
O6 NAG JA . -10.12 -43.26 -17.69
O7 NAG JA . -10.98 -39.72 -12.19
C1 NAG KA . 0.16 -57.35 -2.83
C2 NAG KA . 0.92 -58.58 -3.37
C3 NAG KA . 0.33 -59.00 -4.72
C4 NAG KA . -1.15 -59.29 -4.57
C5 NAG KA . -1.87 -58.07 -4.01
C6 NAG KA . -3.33 -58.36 -3.75
C7 NAG KA . 3.22 -58.58 -2.56
C8 NAG KA . 4.55 -59.17 -2.94
N2 NAG KA . 2.36 -58.40 -3.56
O3 NAG KA . 1.01 -60.17 -5.19
O4 NAG KA . -1.71 -59.64 -5.84
O5 NAG KA . -1.23 -57.70 -2.77
O6 NAG KA . -3.44 -59.20 -2.60
O7 NAG KA . 2.94 -58.27 -1.41
C1 NAG LA . -19.68 -63.46 34.96
C2 NAG LA . -21.19 -63.77 34.89
C3 NAG LA . -21.43 -65.26 35.12
C4 NAG LA . -20.66 -66.08 34.10
C5 NAG LA . -19.19 -65.75 34.18
C6 NAG LA . -18.42 -66.49 33.09
C7 NAG LA . -22.52 -61.85 35.54
C8 NAG LA . -23.69 -61.42 36.36
N2 NAG LA . -22.00 -63.04 35.85
O3 NAG LA . -22.83 -65.52 34.98
O4 NAG LA . -20.86 -67.47 34.36
O5 NAG LA . -19.03 -64.33 34.00
O6 NAG LA . -19.04 -66.23 31.84
O7 NAG LA . -22.05 -61.17 34.64
C1 NAG MA . 26.24 -35.88 42.06
C2 NAG MA . 27.40 -36.69 42.72
C3 NAG MA . 28.74 -36.19 42.21
C4 NAG MA . 28.80 -36.27 40.68
C5 NAG MA . 27.64 -35.48 40.10
C6 NAG MA . 27.61 -35.56 38.59
C7 NAG MA . 26.58 -36.82 45.03
C8 NAG MA . 26.47 -35.89 46.20
N2 NAG MA . 27.54 -36.54 44.16
O3 NAG MA . 29.78 -37.00 42.76
O4 NAG MA . 30.04 -35.72 40.23
O5 NAG MA . 26.41 -35.96 40.64
O6 NAG MA . 27.03 -36.81 38.20
O7 NAG MA . 25.83 -37.76 44.86
C1 NAG NA . -2.81 -61.81 31.57
C2 NAG NA . -3.48 -62.85 30.66
C3 NAG NA . -2.84 -62.83 29.28
C4 NAG NA . -2.96 -61.44 28.68
C5 NAG NA . -2.31 -60.42 29.61
C6 NAG NA . -2.49 -59.01 29.09
C7 NAG NA . -4.52 -64.70 31.82
C8 NAG NA . -4.69 -66.19 31.73
N2 NAG NA . -3.45 -64.20 31.19
O3 NAG NA . -3.51 -63.77 28.42
O4 NAG NA . -2.31 -61.41 27.40
O5 NAG NA . -2.93 -60.53 30.92
O6 NAG NA . -3.87 -58.65 29.14
O7 NAG NA . -5.31 -63.99 32.42
C1 NAG OA . -1.23 -67.08 47.53
C2 NAG OA . -0.65 -68.53 47.52
C3 NAG OA . -0.68 -69.07 48.94
C4 NAG OA . 0.07 -68.16 49.90
C5 NAG OA . -0.52 -66.76 49.84
C6 NAG OA . 0.24 -65.82 50.77
C7 NAG OA . -1.48 -69.53 45.43
C8 NAG OA . -2.38 -70.59 44.85
N2 NAG OA . -1.42 -69.50 46.76
O3 NAG OA . -0.08 -70.37 48.98
O4 NAG OA . -0.05 -68.68 51.23
O5 NAG OA . -0.50 -66.29 48.48
O6 NAG OA . 1.65 -66.07 50.67
O7 NAG OA . -0.86 -68.74 44.74
C1 NAG PA . -23.36 -68.71 50.48
C2 NAG PA . -23.82 -69.71 49.38
C3 NAG PA . -25.33 -69.83 49.39
C4 NAG PA . -25.82 -70.26 50.76
C5 NAG PA . -25.34 -69.26 51.81
C6 NAG PA . -25.73 -69.72 53.20
C7 NAG PA . -22.22 -69.67 47.56
C8 NAG PA . -22.11 -69.88 46.08
N2 NAG PA . -23.42 -69.38 48.01
O3 NAG PA . -25.73 -70.82 48.44
O4 NAG PA . -27.25 -70.28 50.76
O5 NAG PA . -23.90 -69.17 51.73
O6 NAG PA . -25.03 -70.93 53.52
O7 NAG PA . -21.26 -69.75 48.30
#